data_2JYB
#
_entry.id   2JYB
#
_entity_poly.entity_id   1
_entity_poly.type   'polypeptide(L)'
_entity_poly.pdbx_seq_one_letter_code
;MELVSVAALAENRVIGRDGELPWPSIPADKKQYRSRVADDPVVLGRTTFESMRDDLPGSAQIVMSRSERSFSVDTAHRAA
SVEEAVDIAASLDAETAYVIGGAAIYALFQPHLDRMVLSRVPGEYEGDTYYPEWDAAEWELDAETDHEGFTLQEWVRSAS
SR
;
_entity_poly.pdbx_strand_id   A
#
# COMPACT_ATOMS: atom_id res chain seq x y z
N MET A 1 9.21 -0.58 -13.15
CA MET A 1 7.72 -0.44 -13.24
C MET A 1 6.83 -1.63 -12.73
N GLU A 2 7.29 -2.51 -11.81
CA GLU A 2 6.42 -3.55 -11.16
C GLU A 2 5.49 -2.97 -10.01
N LEU A 3 4.53 -3.74 -9.49
CA LEU A 3 3.45 -3.21 -8.60
C LEU A 3 3.29 -4.06 -7.29
N VAL A 4 3.39 -3.41 -6.11
CA VAL A 4 3.53 -4.14 -4.80
C VAL A 4 2.62 -3.55 -3.66
N SER A 5 1.88 -4.40 -2.92
CA SER A 5 0.85 -3.93 -1.92
C SER A 5 1.42 -3.77 -0.47
N VAL A 6 1.27 -2.61 0.18
CA VAL A 6 2.07 -2.23 1.40
C VAL A 6 1.09 -1.89 2.59
N ALA A 7 0.84 -2.88 3.45
CA ALA A 7 -0.12 -2.76 4.59
C ALA A 7 0.52 -2.97 6.00
N ALA A 8 -0.24 -2.67 7.07
CA ALA A 8 0.16 -2.97 8.47
C ALA A 8 -1.06 -3.53 9.28
N LEU A 9 -0.99 -4.81 9.68
CA LEU A 9 -2.04 -5.45 10.53
C LEU A 9 -1.89 -5.13 12.06
N ALA A 10 -3.00 -5.14 12.80
CA ALA A 10 -3.03 -4.92 14.28
C ALA A 10 -3.69 -6.12 15.06
N GLU A 11 -3.25 -7.37 14.82
CA GLU A 11 -4.12 -8.60 14.94
C GLU A 11 -5.36 -8.66 13.98
N ASN A 12 -6.22 -7.62 14.08
CA ASN A 12 -7.67 -7.73 13.81
C ASN A 12 -8.07 -7.45 12.31
N ARG A 13 -7.45 -8.19 11.37
CA ARG A 13 -7.69 -8.11 9.88
C ARG A 13 -7.70 -6.70 9.15
N VAL A 14 -7.10 -5.64 9.71
CA VAL A 14 -7.18 -4.23 9.19
C VAL A 14 -6.00 -3.79 8.26
N ILE A 15 -6.30 -3.35 7.01
CA ILE A 15 -5.27 -2.76 6.08
C ILE A 15 -5.48 -1.20 5.88
N GLY A 16 -5.22 -0.41 6.93
CA GLY A 16 -5.50 1.06 6.95
C GLY A 16 -6.97 1.45 7.19
N ARG A 17 -7.25 2.09 8.33
CA ARG A 17 -8.62 2.35 8.84
C ARG A 17 -9.38 3.55 8.12
N ASP A 18 -10.04 3.22 6.99
CA ASP A 18 -10.29 4.10 5.80
C ASP A 18 -9.07 4.93 5.24
N GLY A 19 -8.52 5.83 6.06
CA GLY A 19 -7.21 6.45 5.75
C GLY A 19 -6.51 7.20 6.89
N GLU A 20 -6.16 6.47 7.95
CA GLU A 20 -5.20 6.95 8.96
C GLU A 20 -4.38 5.76 9.56
N LEU A 21 -3.13 6.06 9.95
CA LEU A 21 -2.30 5.14 10.79
C LEU A 21 -1.88 5.89 12.11
N PRO A 22 -2.70 6.01 13.19
CA PRO A 22 -2.32 6.83 14.39
C PRO A 22 -1.54 6.10 15.55
N TRP A 23 -0.63 5.15 15.25
CA TRP A 23 0.00 4.26 16.26
C TRP A 23 1.54 4.52 16.50
N PRO A 24 1.99 5.46 17.39
CA PRO A 24 3.43 5.67 17.72
C PRO A 24 4.02 4.66 18.76
N SER A 25 5.26 4.94 19.21
CA SER A 25 6.16 3.92 19.89
C SER A 25 6.75 2.76 19.01
N ILE A 26 6.14 2.40 17.86
CA ILE A 26 6.71 1.48 16.83
C ILE A 26 7.23 2.24 15.55
N PRO A 27 8.45 2.85 15.49
CA PRO A 27 9.07 3.30 14.21
C PRO A 27 9.79 2.21 13.34
N ALA A 28 9.84 0.93 13.77
CA ALA A 28 10.40 -0.20 12.98
C ALA A 28 9.51 -0.71 11.80
N ASP A 29 8.18 -0.90 12.01
CA ASP A 29 7.16 -0.86 10.92
C ASP A 29 7.40 0.31 9.86
N LYS A 30 7.40 1.58 10.30
CA LYS A 30 7.81 2.75 9.46
C LYS A 30 9.37 2.90 9.17
N LYS A 31 10.21 1.86 9.40
CA LYS A 31 11.51 1.66 8.69
C LYS A 31 11.43 0.73 7.42
N GLN A 32 10.56 -0.30 7.39
CA GLN A 32 10.33 -1.14 6.18
C GLN A 32 9.24 -0.58 5.22
N TYR A 33 8.06 -0.17 5.76
CA TYR A 33 7.11 0.76 5.08
C TYR A 33 7.72 2.08 4.45
N ARG A 34 8.78 2.67 5.06
CA ARG A 34 9.56 3.79 4.43
C ARG A 34 11.06 3.42 4.04
N SER A 35 11.37 2.14 3.73
CA SER A 35 12.52 1.75 2.86
C SER A 35 12.10 1.06 1.51
N ARG A 36 10.92 0.40 1.41
CA ARG A 36 10.15 0.36 0.13
C ARG A 36 9.72 1.80 -0.34
N VAL A 37 8.85 2.52 0.42
CA VAL A 37 8.41 3.90 0.06
C VAL A 37 9.50 4.97 0.49
N ALA A 38 10.55 5.13 -0.32
CA ALA A 38 11.69 6.05 -0.04
C ALA A 38 11.64 7.35 -0.91
N ASP A 39 12.12 7.33 -2.17
CA ASP A 39 12.01 8.49 -3.12
C ASP A 39 11.46 7.99 -4.52
N ASP A 40 10.26 7.35 -4.55
CA ASP A 40 9.64 6.85 -5.81
C ASP A 40 8.04 6.83 -5.73
N PRO A 41 7.23 6.65 -6.84
CA PRO A 41 5.76 6.87 -6.83
C PRO A 41 4.85 6.00 -5.89
N VAL A 42 3.93 6.66 -5.18
CA VAL A 42 3.10 6.03 -4.10
C VAL A 42 1.57 6.02 -4.46
N VAL A 43 1.01 4.83 -4.72
CA VAL A 43 -0.46 4.63 -4.97
C VAL A 43 -1.27 4.59 -3.63
N LEU A 44 -2.18 5.55 -3.39
CA LEU A 44 -3.01 5.60 -2.14
C LEU A 44 -4.43 6.21 -2.37
N GLY A 45 -5.32 6.20 -1.37
CA GLY A 45 -6.68 6.79 -1.50
C GLY A 45 -6.92 8.22 -0.99
N ARG A 46 -8.04 8.80 -1.43
CA ARG A 46 -8.46 10.18 -1.02
C ARG A 46 -8.75 10.51 0.49
N THR A 47 -8.93 9.52 1.40
CA THR A 47 -8.89 9.78 2.88
C THR A 47 -7.45 10.07 3.40
N THR A 48 -6.51 9.11 3.28
CA THR A 48 -5.09 9.29 3.73
C THR A 48 -4.29 10.47 3.06
N PHE A 49 -4.66 10.93 1.85
CA PHE A 49 -4.31 12.29 1.34
C PHE A 49 -4.63 13.51 2.28
N GLU A 50 -5.81 13.60 2.92
CA GLU A 50 -6.08 14.69 3.91
C GLU A 50 -5.27 14.60 5.28
N SER A 51 -4.60 13.47 5.59
CA SER A 51 -3.31 13.46 6.36
C SER A 51 -2.02 13.79 5.52
N MET A 52 -1.73 13.11 4.37
CA MET A 52 -0.59 13.43 3.45
C MET A 52 -0.74 14.75 2.59
N ARG A 53 -0.83 15.88 3.30
CA ARG A 53 -0.71 17.27 2.74
C ARG A 53 0.56 18.08 3.23
N ASP A 54 1.16 17.75 4.38
CA ASP A 54 2.37 18.42 4.95
C ASP A 54 3.72 17.88 4.33
N ASP A 55 3.99 16.57 4.48
CA ASP A 55 5.12 15.84 3.82
C ASP A 55 4.53 14.75 2.83
N LEU A 56 5.14 14.58 1.64
CA LEU A 56 4.77 13.46 0.71
C LEU A 56 5.61 12.16 1.02
N PRO A 57 5.04 10.92 1.18
CA PRO A 57 5.86 9.68 1.40
C PRO A 57 7.03 9.32 0.42
N GLY A 58 6.86 9.59 -0.87
CA GLY A 58 7.96 9.55 -1.87
C GLY A 58 7.68 10.45 -3.09
N SER A 59 8.39 10.20 -4.20
CA SER A 59 8.53 11.19 -5.31
C SER A 59 7.40 11.31 -6.39
N ALA A 60 6.23 10.64 -6.26
CA ALA A 60 4.98 11.02 -7.00
C ALA A 60 3.69 10.59 -6.25
N GLN A 61 2.83 11.56 -5.85
CA GLN A 61 1.61 11.28 -5.05
C GLN A 61 0.40 10.85 -5.93
N ILE A 62 0.23 9.52 -6.11
CA ILE A 62 -0.85 8.92 -6.93
C ILE A 62 -2.10 8.70 -6.00
N VAL A 63 -3.25 9.35 -6.31
CA VAL A 63 -4.38 9.51 -5.34
C VAL A 63 -5.76 9.08 -5.97
N MET A 64 -6.27 7.92 -5.53
CA MET A 64 -7.58 7.35 -5.97
C MET A 64 -8.83 8.17 -5.51
N SER A 65 -9.67 8.66 -6.44
CA SER A 65 -10.82 9.56 -6.10
C SER A 65 -12.11 9.33 -6.95
N ARG A 66 -13.18 8.81 -6.33
CA ARG A 66 -14.55 8.83 -6.94
C ARG A 66 -15.31 10.23 -6.98
N SER A 67 -14.59 11.36 -6.89
CA SER A 67 -15.02 12.68 -7.45
C SER A 67 -13.72 13.42 -7.96
N GLU A 68 -13.12 12.81 -9.01
CA GLU A 68 -12.01 13.31 -9.88
C GLU A 68 -11.58 14.82 -9.86
N ARG A 69 -10.72 15.18 -8.90
CA ARG A 69 -10.27 16.58 -8.67
C ARG A 69 -8.80 16.83 -9.12
N SER A 70 -8.54 18.01 -9.69
CA SER A 70 -7.16 18.51 -9.93
C SER A 70 -6.51 19.04 -8.60
N PHE A 71 -5.57 18.28 -8.02
CA PHE A 71 -4.83 18.70 -6.79
C PHE A 71 -3.56 19.55 -7.16
N SER A 72 -3.46 20.80 -6.69
CA SER A 72 -2.22 21.62 -6.86
C SER A 72 -1.11 21.25 -5.81
N VAL A 73 -0.15 20.44 -6.26
CA VAL A 73 1.08 20.07 -5.48
C VAL A 73 2.30 20.10 -6.49
N ASP A 74 3.45 19.51 -6.15
CA ASP A 74 4.65 19.46 -7.05
C ASP A 74 4.47 18.40 -8.20
N THR A 75 4.49 17.09 -7.91
CA THR A 75 4.18 16.01 -8.92
C THR A 75 3.08 14.98 -8.46
N ALA A 76 1.89 15.51 -8.09
CA ALA A 76 0.71 14.69 -7.73
C ALA A 76 -0.26 14.39 -8.93
N HIS A 77 -0.88 13.19 -8.94
CA HIS A 77 -1.77 12.75 -10.05
C HIS A 77 -2.97 11.95 -9.45
N ARG A 78 -4.24 12.27 -9.77
CA ARG A 78 -5.39 11.41 -9.33
C ARG A 78 -5.58 10.12 -10.22
N ALA A 79 -6.31 9.11 -9.71
CA ALA A 79 -6.61 7.85 -10.46
C ALA A 79 -8.11 7.41 -10.38
N ALA A 80 -8.67 6.91 -11.49
CA ALA A 80 -10.06 6.32 -11.52
C ALA A 80 -10.15 4.76 -11.36
N SER A 81 -9.43 3.96 -12.18
CA SER A 81 -9.51 2.47 -12.18
C SER A 81 -8.11 1.78 -11.93
N VAL A 82 -7.99 0.50 -12.31
CA VAL A 82 -6.68 -0.17 -12.55
C VAL A 82 -5.87 0.48 -13.74
N GLU A 83 -6.45 0.67 -14.95
CA GLU A 83 -5.72 1.33 -16.10
C GLU A 83 -5.21 2.80 -15.87
N GLU A 84 -6.03 3.68 -15.27
CA GLU A 84 -5.63 5.07 -14.90
C GLU A 84 -4.37 5.23 -13.96
N ALA A 85 -4.14 4.32 -12.98
CA ALA A 85 -2.83 4.21 -12.25
C ALA A 85 -1.71 3.31 -12.92
N VAL A 86 -2.00 2.31 -13.77
CA VAL A 86 -0.95 1.55 -14.53
C VAL A 86 -0.19 2.40 -15.59
N ASP A 87 -0.87 3.09 -16.52
CA ASP A 87 -0.18 3.93 -17.56
C ASP A 87 0.70 5.13 -17.04
N ILE A 88 0.37 5.83 -15.94
CA ILE A 88 1.34 6.68 -15.18
C ILE A 88 2.52 5.93 -14.47
N ALA A 89 2.36 4.74 -13.87
CA ALA A 89 3.53 3.88 -13.49
C ALA A 89 4.47 3.40 -14.66
N ALA A 90 3.91 3.04 -15.84
CA ALA A 90 4.68 2.93 -17.12
C ALA A 90 5.40 4.26 -17.61
N SER A 91 4.72 5.42 -17.61
CA SER A 91 5.31 6.75 -17.98
C SER A 91 6.29 7.42 -16.95
N LEU A 92 6.25 7.06 -15.66
CA LEU A 92 7.24 7.52 -14.64
C LEU A 92 8.58 6.68 -14.48
N ASP A 93 8.72 5.48 -15.10
CA ASP A 93 10.03 4.76 -15.28
C ASP A 93 10.60 3.96 -14.04
N ALA A 94 10.61 4.61 -12.85
CA ALA A 94 10.70 4.00 -11.48
C ALA A 94 10.79 2.45 -11.22
N GLU A 95 11.52 1.99 -10.18
CA GLU A 95 11.59 0.52 -9.84
C GLU A 95 10.21 -0.19 -9.66
N THR A 96 9.42 0.22 -8.65
CA THR A 96 8.08 -0.35 -8.37
C THR A 96 7.13 0.71 -7.70
N ALA A 97 5.95 0.94 -8.30
CA ALA A 97 4.86 1.71 -7.62
C ALA A 97 4.09 0.84 -6.56
N TYR A 98 3.54 1.47 -5.51
CA TYR A 98 3.15 0.71 -4.27
C TYR A 98 1.77 1.11 -3.67
N VAL A 99 0.86 0.13 -3.49
CA VAL A 99 -0.52 0.36 -2.97
C VAL A 99 -0.57 0.40 -1.40
N ILE A 100 -0.80 1.57 -0.79
CA ILE A 100 -0.97 1.71 0.70
C ILE A 100 -2.29 1.06 1.26
N GLY A 101 -3.44 1.48 0.72
CA GLY A 101 -4.73 1.49 1.46
C GLY A 101 -5.52 2.84 1.41
N GLY A 102 -6.73 2.95 1.97
CA GLY A 102 -7.41 1.86 2.69
C GLY A 102 -8.19 0.83 1.84
N ALA A 103 -9.26 0.30 2.43
CA ALA A 103 -9.87 -1.00 1.99
C ALA A 103 -10.50 -1.07 0.56
N ALA A 104 -11.34 -0.12 0.10
CA ALA A 104 -11.83 -0.08 -1.32
C ALA A 104 -10.78 0.21 -2.45
N ILE A 105 -9.66 0.86 -2.13
CA ILE A 105 -8.42 0.88 -2.97
C ILE A 105 -7.75 -0.55 -3.04
N TYR A 106 -7.43 -1.18 -1.91
CA TYR A 106 -7.01 -2.63 -1.85
C TYR A 106 -7.90 -3.67 -2.63
N ALA A 107 -9.25 -3.60 -2.50
CA ALA A 107 -10.21 -4.48 -3.26
C ALA A 107 -10.08 -4.51 -4.81
N LEU A 108 -10.20 -3.36 -5.52
CA LEU A 108 -9.98 -3.33 -7.00
C LEU A 108 -8.54 -3.63 -7.53
N PHE A 109 -7.49 -3.30 -6.76
CA PHE A 109 -6.08 -3.50 -7.17
C PHE A 109 -5.45 -4.92 -6.94
N GLN A 110 -5.75 -5.71 -5.86
CA GLN A 110 -5.19 -7.09 -5.67
C GLN A 110 -5.21 -8.07 -6.92
N PRO A 111 -6.24 -8.18 -7.81
CA PRO A 111 -6.07 -8.77 -9.19
C PRO A 111 -4.91 -8.27 -10.14
N HIS A 112 -4.26 -7.13 -9.86
CA HIS A 112 -3.01 -6.67 -10.55
C HIS A 112 -1.75 -6.43 -9.62
N LEU A 113 -1.75 -6.58 -8.28
CA LEU A 113 -0.46 -6.58 -7.51
C LEU A 113 0.20 -7.98 -7.60
N ASP A 114 1.24 -8.11 -8.44
CA ASP A 114 1.99 -9.37 -8.57
C ASP A 114 3.05 -9.65 -7.42
N ARG A 115 3.41 -8.66 -6.56
CA ARG A 115 4.03 -8.89 -5.22
C ARG A 115 3.21 -8.27 -4.03
N MET A 116 3.55 -8.66 -2.78
CA MET A 116 2.86 -8.19 -1.53
C MET A 116 3.90 -7.95 -0.38
N VAL A 117 3.87 -6.80 0.30
CA VAL A 117 4.81 -6.46 1.42
C VAL A 117 4.08 -5.88 2.67
N LEU A 118 3.34 -6.71 3.42
CA LEU A 118 2.66 -6.28 4.68
C LEU A 118 3.53 -6.49 5.97
N SER A 119 3.54 -5.48 6.85
CA SER A 119 4.19 -5.55 8.18
C SER A 119 3.15 -5.90 9.31
N ARG A 120 3.08 -7.18 9.69
CA ARG A 120 2.17 -7.67 10.75
C ARG A 120 2.61 -7.22 12.17
N VAL A 121 1.86 -6.33 12.84
CA VAL A 121 2.27 -5.70 14.14
C VAL A 121 1.68 -6.53 15.34
N PRO A 122 2.45 -7.35 16.13
CA PRO A 122 1.89 -8.19 17.22
C PRO A 122 1.70 -7.43 18.58
N GLY A 123 0.52 -7.57 19.21
CA GLY A 123 0.27 -7.01 20.58
C GLY A 123 -1.22 -6.71 20.87
N GLU A 124 -1.48 -5.55 21.47
CA GLU A 124 -2.87 -5.06 21.72
C GLU A 124 -3.08 -3.75 20.89
N TYR A 125 -3.51 -3.90 19.61
CA TYR A 125 -3.64 -2.77 18.64
C TYR A 125 -5.08 -2.73 17.99
N GLU A 126 -5.60 -1.52 17.68
CA GLU A 126 -7.01 -1.33 17.21
C GLU A 126 -7.28 -1.56 15.67
N GLY A 127 -8.57 -1.57 15.28
CA GLY A 127 -8.98 -1.74 13.85
C GLY A 127 -10.45 -1.38 13.51
N ASP A 128 -10.67 -1.00 12.24
CA ASP A 128 -11.98 -0.44 11.76
C ASP A 128 -12.41 -1.11 10.40
N THR A 129 -11.68 -0.85 9.30
CA THR A 129 -11.83 -1.57 7.99
C THR A 129 -11.22 -3.02 8.00
N TYR A 130 -11.55 -3.84 6.98
CA TYR A 130 -11.10 -5.26 6.90
C TYR A 130 -10.48 -5.63 5.52
N TYR A 131 -9.74 -6.75 5.46
CA TYR A 131 -9.38 -7.40 4.16
C TYR A 131 -10.62 -7.75 3.26
N PRO A 132 -10.68 -7.52 1.91
CA PRO A 132 -11.87 -7.85 1.09
C PRO A 132 -11.87 -9.38 0.69
N GLU A 133 -11.67 -9.70 -0.60
CA GLU A 133 -11.53 -11.10 -1.09
C GLU A 133 -10.07 -11.39 -1.56
N TRP A 134 -9.12 -11.62 -0.60
CA TRP A 134 -7.70 -11.95 -0.89
C TRP A 134 -7.36 -13.50 -0.90
N ASP A 135 -6.26 -13.89 -1.54
CA ASP A 135 -6.03 -15.30 -1.98
C ASP A 135 -5.32 -16.18 -0.89
N ALA A 136 -6.09 -16.92 -0.07
CA ALA A 136 -5.53 -17.64 1.13
C ALA A 136 -4.70 -18.94 0.94
N ALA A 137 -4.90 -19.74 -0.12
CA ALA A 137 -3.87 -20.74 -0.57
C ALA A 137 -2.95 -20.29 -1.76
N GLU A 138 -3.42 -19.43 -2.68
CA GLU A 138 -2.70 -19.08 -3.94
C GLU A 138 -1.91 -17.70 -3.94
N TRP A 139 -1.56 -17.16 -2.76
CA TRP A 139 -0.40 -16.25 -2.57
C TRP A 139 0.84 -17.07 -2.03
N GLU A 140 1.90 -17.26 -2.83
CA GLU A 140 3.16 -17.94 -2.37
C GLU A 140 4.16 -16.98 -1.66
N LEU A 141 5.02 -17.54 -0.79
CA LEU A 141 5.93 -16.74 0.09
C LEU A 141 7.41 -16.73 -0.43
N ASP A 142 8.00 -15.53 -0.56
CA ASP A 142 9.44 -15.33 -0.97
C ASP A 142 10.39 -15.19 0.29
N ALA A 143 10.14 -14.21 1.19
CA ALA A 143 10.99 -13.98 2.40
C ALA A 143 10.19 -13.45 3.66
N GLU A 144 10.47 -13.97 4.86
CA GLU A 144 9.98 -13.37 6.14
C GLU A 144 11.17 -12.82 7.01
N THR A 145 11.00 -11.65 7.66
CA THR A 145 12.02 -11.06 8.58
C THR A 145 11.43 -10.79 10.01
N ASP A 146 11.74 -11.64 11.01
CA ASP A 146 11.28 -11.44 12.43
C ASP A 146 11.95 -10.23 13.17
N HIS A 147 11.13 -9.50 13.94
CA HIS A 147 11.59 -8.34 14.76
C HIS A 147 10.80 -8.21 16.10
N GLU A 148 11.44 -7.59 17.10
CA GLU A 148 10.82 -7.18 18.41
C GLU A 148 9.34 -6.63 18.47
N GLY A 149 8.88 -5.84 17.49
CA GLY A 149 7.40 -5.67 17.26
C GLY A 149 6.92 -5.44 15.80
N PHE A 150 7.43 -6.21 14.81
CA PHE A 150 6.80 -6.31 13.46
C PHE A 150 7.29 -7.60 12.71
N THR A 151 6.40 -8.30 11.99
CA THR A 151 6.80 -9.38 11.04
C THR A 151 6.59 -8.88 9.58
N LEU A 152 7.67 -8.55 8.82
CA LEU A 152 7.57 -8.37 7.35
C LEU A 152 7.47 -9.75 6.64
N GLN A 153 6.46 -9.90 5.78
CA GLN A 153 6.36 -11.02 4.81
C GLN A 153 6.41 -10.46 3.34
N GLU A 154 7.48 -10.77 2.58
CA GLU A 154 7.57 -10.52 1.11
C GLU A 154 6.94 -11.73 0.34
N TRP A 155 5.89 -11.51 -0.47
CA TRP A 155 5.14 -12.59 -1.19
C TRP A 155 5.22 -12.44 -2.75
N VAL A 156 5.13 -13.56 -3.49
CA VAL A 156 5.33 -13.61 -4.98
C VAL A 156 4.14 -14.17 -5.86
N ARG A 157 3.00 -14.64 -5.29
CA ARG A 157 1.84 -15.24 -6.04
C ARG A 157 2.05 -16.72 -6.50
N SER A 158 0.95 -17.49 -6.65
CA SER A 158 0.96 -18.85 -7.27
C SER A 158 1.66 -19.01 -8.67
N ALA A 159 1.60 -18.00 -9.56
CA ALA A 159 2.22 -18.04 -10.94
C ALA A 159 1.62 -19.06 -12.00
N SER A 160 0.80 -20.02 -11.53
CA SER A 160 0.18 -21.10 -12.35
C SER A 160 -0.96 -20.60 -13.30
N SER A 161 -1.51 -21.52 -14.13
CA SER A 161 -2.63 -21.22 -15.09
C SER A 161 -2.39 -20.10 -16.18
N ARG A 162 -1.12 -19.79 -16.54
CA ARG A 162 -0.78 -18.68 -17.46
C ARG A 162 -0.46 -19.17 -18.90
N MET A 1 8.62 -0.75 -13.31
CA MET A 1 7.20 -0.72 -13.81
C MET A 1 6.23 -1.90 -13.42
N GLU A 2 6.59 -2.86 -12.55
CA GLU A 2 5.61 -3.81 -11.93
C GLU A 2 4.65 -3.13 -10.85
N LEU A 3 3.79 -3.91 -10.16
CA LEU A 3 2.87 -3.36 -9.12
C LEU A 3 2.82 -4.21 -7.80
N VAL A 4 2.75 -3.54 -6.64
CA VAL A 4 2.84 -4.19 -5.28
C VAL A 4 1.86 -3.52 -4.25
N SER A 5 1.41 -4.23 -3.20
CA SER A 5 0.60 -3.64 -2.10
C SER A 5 1.21 -3.76 -0.68
N VAL A 6 1.10 -2.69 0.14
CA VAL A 6 2.00 -2.45 1.31
C VAL A 6 1.11 -2.01 2.54
N ALA A 7 0.57 -2.96 3.32
CA ALA A 7 -0.27 -2.66 4.51
C ALA A 7 0.49 -2.75 5.89
N ALA A 8 -0.13 -2.20 6.95
CA ALA A 8 0.17 -2.65 8.35
C ALA A 8 -1.04 -3.46 8.95
N LEU A 9 -0.76 -4.64 9.52
CA LEU A 9 -1.75 -5.38 10.36
C LEU A 9 -1.43 -5.24 11.88
N ALA A 10 -2.45 -4.99 12.72
CA ALA A 10 -2.51 -5.54 14.10
C ALA A 10 -3.01 -7.04 14.14
N GLU A 11 -3.72 -7.45 15.20
CA GLU A 11 -4.01 -8.90 15.53
C GLU A 11 -5.47 -9.40 15.13
N ASN A 12 -6.16 -8.78 14.15
CA ASN A 12 -7.52 -9.23 13.69
C ASN A 12 -7.80 -8.88 12.19
N ARG A 13 -6.94 -9.34 11.24
CA ARG A 13 -7.03 -9.02 9.76
C ARG A 13 -7.65 -7.64 9.29
N VAL A 14 -7.08 -6.54 9.84
CA VAL A 14 -7.65 -5.16 9.83
C VAL A 14 -6.56 -4.12 9.37
N ILE A 15 -6.93 -3.23 8.45
CA ILE A 15 -5.97 -2.36 7.69
C ILE A 15 -6.50 -0.86 7.70
N GLY A 16 -5.99 -0.02 8.61
CA GLY A 16 -6.56 1.35 8.87
C GLY A 16 -6.49 2.44 7.75
N ARG A 17 -7.50 3.33 7.63
CA ARG A 17 -7.60 4.26 6.45
C ARG A 17 -8.58 5.49 6.48
N ASP A 18 -9.90 5.40 6.81
CA ASP A 18 -10.82 6.58 6.76
C ASP A 18 -10.40 7.75 7.74
N GLY A 19 -9.99 7.48 8.99
CA GLY A 19 -8.99 8.31 9.73
C GLY A 19 -7.61 7.64 10.00
N GLU A 20 -6.83 7.29 8.94
CA GLU A 20 -5.54 6.54 9.06
C GLU A 20 -5.56 5.24 9.98
N LEU A 21 -4.42 4.78 10.55
CA LEU A 21 -4.40 3.72 11.61
C LEU A 21 -4.43 4.32 13.07
N PRO A 22 -5.49 4.16 13.93
CA PRO A 22 -5.49 4.76 15.31
C PRO A 22 -4.41 4.37 16.39
N TRP A 23 -3.73 3.24 16.20
CA TRP A 23 -2.76 2.66 17.18
C TRP A 23 -1.27 3.21 17.04
N PRO A 24 -0.27 2.92 17.94
CA PRO A 24 1.08 3.54 17.88
C PRO A 24 1.99 3.14 16.66
N SER A 25 2.17 4.06 15.70
CA SER A 25 3.11 3.86 14.55
C SER A 25 4.62 3.74 14.97
N ILE A 26 5.09 2.49 15.12
CA ILE A 26 6.50 2.18 15.52
C ILE A 26 7.54 2.63 14.42
N PRO A 27 8.67 3.34 14.75
CA PRO A 27 9.78 3.57 13.78
C PRO A 27 10.42 2.39 12.97
N ALA A 28 10.32 1.14 13.45
CA ALA A 28 10.81 -0.07 12.71
C ALA A 28 9.93 -0.60 11.52
N ASP A 29 8.60 -0.75 11.69
CA ASP A 29 7.60 -0.73 10.57
C ASP A 29 7.86 0.40 9.50
N LYS A 30 7.86 1.67 9.93
CA LYS A 30 8.19 2.83 9.05
C LYS A 30 9.73 3.05 8.75
N LYS A 31 10.61 2.06 8.99
CA LYS A 31 11.86 1.86 8.19
C LYS A 31 11.73 0.92 6.96
N GLN A 32 11.00 -0.20 7.01
CA GLN A 32 10.70 -1.03 5.80
C GLN A 32 9.54 -0.47 4.90
N TYR A 33 8.39 -0.13 5.50
CA TYR A 33 7.36 0.76 4.88
C TYR A 33 7.91 2.12 4.30
N ARG A 34 8.97 2.74 4.89
CA ARG A 34 9.78 3.78 4.18
C ARG A 34 11.27 3.32 3.90
N SER A 35 11.44 2.18 3.21
CA SER A 35 12.64 1.82 2.38
C SER A 35 12.25 1.05 1.07
N ARG A 36 11.16 0.25 1.03
CA ARG A 36 10.30 0.11 -0.20
C ARG A 36 9.80 1.51 -0.71
N VAL A 37 9.00 2.26 0.09
CA VAL A 37 8.54 3.63 -0.29
C VAL A 37 9.65 4.71 0.09
N ALA A 38 10.67 4.91 -0.78
CA ALA A 38 11.79 5.84 -0.53
C ALA A 38 11.70 7.18 -1.34
N ASP A 39 12.19 7.23 -2.60
CA ASP A 39 12.08 8.44 -3.48
C ASP A 39 11.45 8.13 -4.90
N ASP A 40 10.40 7.29 -4.95
CA ASP A 40 9.73 6.83 -6.21
C ASP A 40 8.15 6.82 -6.08
N PRO A 41 7.31 6.74 -7.15
CA PRO A 41 5.84 6.91 -7.06
C PRO A 41 5.01 5.96 -6.13
N VAL A 42 4.10 6.56 -5.35
CA VAL A 42 3.31 5.86 -4.29
C VAL A 42 1.78 5.88 -4.61
N VAL A 43 1.13 4.70 -4.72
CA VAL A 43 -0.36 4.59 -4.91
C VAL A 43 -1.10 4.68 -3.52
N LEU A 44 -1.99 5.67 -3.34
CA LEU A 44 -2.74 5.86 -2.05
C LEU A 44 -4.16 6.48 -2.26
N GLY A 45 -5.07 6.29 -1.28
CA GLY A 45 -6.44 6.85 -1.36
C GLY A 45 -6.61 8.30 -0.83
N ARG A 46 -7.64 9.00 -1.32
CA ARG A 46 -7.95 10.40 -0.85
C ARG A 46 -8.27 10.67 0.68
N THR A 47 -8.59 9.64 1.49
CA THR A 47 -8.74 9.77 2.98
C THR A 47 -7.39 9.93 3.74
N THR A 48 -6.48 8.92 3.70
CA THR A 48 -5.07 9.07 4.18
C THR A 48 -4.24 10.30 3.64
N PHE A 49 -4.54 10.81 2.43
CA PHE A 49 -4.08 12.14 1.93
C PHE A 49 -4.26 13.40 2.85
N GLU A 50 -5.35 13.59 3.64
CA GLU A 50 -5.44 14.78 4.56
C GLU A 50 -4.46 14.84 5.80
N SER A 51 -3.70 13.76 6.07
CA SER A 51 -2.35 13.82 6.69
C SER A 51 -1.19 14.09 5.64
N MET A 52 -0.97 13.17 4.66
CA MET A 52 0.16 13.24 3.65
C MET A 52 0.20 14.41 2.60
N ARG A 53 -0.69 15.40 2.63
CA ARG A 53 -0.68 16.59 1.72
C ARG A 53 0.66 17.46 1.67
N ASP A 54 1.29 17.70 2.84
CA ASP A 54 2.56 18.45 2.99
C ASP A 54 3.79 17.46 2.85
N ASP A 55 4.03 16.56 3.82
CA ASP A 55 5.01 15.42 3.67
C ASP A 55 4.55 14.32 2.65
N LEU A 56 5.22 14.27 1.49
CA LEU A 56 5.06 13.15 0.50
C LEU A 56 5.90 11.88 0.91
N PRO A 57 5.38 10.62 0.97
CA PRO A 57 6.23 9.40 1.16
C PRO A 57 7.36 9.08 0.11
N GLY A 58 7.13 9.39 -1.17
CA GLY A 58 8.17 9.42 -2.23
C GLY A 58 7.81 10.38 -3.40
N SER A 59 8.51 10.22 -4.53
CA SER A 59 8.52 11.26 -5.62
C SER A 59 7.34 11.31 -6.67
N ALA A 60 6.19 10.64 -6.46
CA ALA A 60 4.91 11.05 -7.06
C ALA A 60 3.70 10.55 -6.21
N GLN A 61 2.96 11.44 -5.54
CA GLN A 61 1.76 11.03 -4.74
C GLN A 61 0.54 10.71 -5.64
N ILE A 62 0.31 9.41 -5.95
CA ILE A 62 -0.79 8.93 -6.82
C ILE A 62 -2.10 8.80 -5.97
N VAL A 63 -2.94 9.84 -5.98
CA VAL A 63 -4.12 9.98 -5.07
C VAL A 63 -5.46 9.52 -5.75
N MET A 64 -5.95 8.32 -5.41
CA MET A 64 -7.25 7.80 -5.91
C MET A 64 -8.50 8.62 -5.43
N SER A 65 -9.18 9.28 -6.38
CA SER A 65 -10.25 10.24 -6.07
C SER A 65 -11.51 9.98 -6.95
N ARG A 66 -12.44 9.12 -6.49
CA ARG A 66 -13.81 9.00 -7.08
C ARG A 66 -14.80 10.24 -6.86
N SER A 67 -14.31 11.35 -6.29
CA SER A 67 -14.88 12.72 -6.45
C SER A 67 -14.18 13.68 -7.49
N GLU A 68 -13.14 13.27 -8.25
CA GLU A 68 -12.53 14.06 -9.38
C GLU A 68 -12.00 15.48 -8.98
N ARG A 69 -10.75 15.53 -8.44
CA ARG A 69 -10.18 16.77 -7.85
C ARG A 69 -8.72 17.01 -8.37
N SER A 70 -8.47 18.15 -9.04
CA SER A 70 -7.09 18.65 -9.29
C SER A 70 -6.43 19.23 -7.97
N PHE A 71 -5.27 18.70 -7.58
CA PHE A 71 -4.57 19.07 -6.32
C PHE A 71 -3.26 19.87 -6.67
N SER A 72 -3.05 21.03 -6.04
CA SER A 72 -1.79 21.83 -6.23
C SER A 72 -0.66 21.40 -5.23
N VAL A 73 0.21 20.48 -5.67
CA VAL A 73 1.44 20.06 -4.91
C VAL A 73 2.64 20.13 -5.94
N ASP A 74 3.79 19.49 -5.65
CA ASP A 74 4.97 19.45 -6.55
C ASP A 74 4.74 18.47 -7.77
N THR A 75 4.74 17.14 -7.56
CA THR A 75 4.40 16.13 -8.62
C THR A 75 3.30 15.07 -8.20
N ALA A 76 2.15 15.55 -7.68
CA ALA A 76 0.99 14.68 -7.33
C ALA A 76 -0.02 14.50 -8.52
N HIS A 77 -0.41 13.24 -8.81
CA HIS A 77 -1.35 12.91 -9.92
C HIS A 77 -2.54 12.06 -9.36
N ARG A 78 -3.82 12.40 -9.63
CA ARG A 78 -4.98 11.55 -9.21
C ARG A 78 -5.20 10.24 -10.06
N ALA A 79 -6.09 9.34 -9.61
CA ALA A 79 -6.63 8.24 -10.47
C ALA A 79 -8.13 7.84 -10.17
N ALA A 80 -8.78 7.16 -11.14
CA ALA A 80 -10.17 6.62 -11.00
C ALA A 80 -10.33 5.06 -11.16
N SER A 81 -9.76 4.42 -12.22
CA SER A 81 -9.71 2.94 -12.38
C SER A 81 -8.31 2.31 -11.99
N VAL A 82 -8.17 0.96 -12.07
CA VAL A 82 -6.84 0.30 -12.31
C VAL A 82 -6.00 0.95 -13.47
N GLU A 83 -6.54 1.03 -14.71
CA GLU A 83 -5.87 1.65 -15.88
C GLU A 83 -5.38 3.13 -15.77
N GLU A 84 -6.14 4.08 -15.14
CA GLU A 84 -5.63 5.47 -14.86
C GLU A 84 -4.29 5.53 -14.05
N ALA A 85 -4.11 4.73 -12.98
CA ALA A 85 -2.80 4.57 -12.30
C ALA A 85 -1.72 3.64 -12.96
N VAL A 86 -2.08 2.68 -13.85
CA VAL A 86 -1.09 1.94 -14.72
C VAL A 86 -0.43 2.85 -15.82
N ASP A 87 -1.19 3.60 -16.65
CA ASP A 87 -0.61 4.52 -17.67
C ASP A 87 0.40 5.60 -17.12
N ILE A 88 0.11 6.29 -15.99
CA ILE A 88 1.13 7.12 -15.27
C ILE A 88 2.30 6.33 -14.59
N ALA A 89 2.13 5.14 -13.97
CA ALA A 89 3.30 4.28 -13.59
C ALA A 89 4.23 3.80 -14.75
N ALA A 90 3.67 3.39 -15.91
CA ALA A 90 4.44 3.27 -17.18
C ALA A 90 5.09 4.57 -17.77
N SER A 91 4.44 5.75 -17.67
CA SER A 91 5.08 7.07 -18.02
C SER A 91 6.17 7.62 -17.03
N LEU A 92 6.16 7.23 -15.75
CA LEU A 92 7.21 7.62 -14.74
C LEU A 92 8.49 6.70 -14.67
N ASP A 93 8.53 5.48 -15.26
CA ASP A 93 9.73 4.62 -15.41
C ASP A 93 10.12 3.74 -14.15
N ALA A 94 10.33 4.38 -12.97
CA ALA A 94 10.23 3.76 -11.60
C ALA A 94 10.27 2.20 -11.36
N GLU A 95 11.08 1.67 -10.40
CA GLU A 95 11.17 0.20 -10.12
C GLU A 95 9.80 -0.58 -9.93
N THR A 96 9.00 -0.24 -8.91
CA THR A 96 7.65 -0.83 -8.67
C THR A 96 6.69 0.20 -7.99
N ALA A 97 5.47 0.38 -8.52
CA ALA A 97 4.47 1.27 -7.90
C ALA A 97 3.75 0.62 -6.67
N TYR A 98 3.78 1.29 -5.51
CA TYR A 98 3.48 0.63 -4.20
C TYR A 98 2.15 1.14 -3.58
N VAL A 99 1.19 0.23 -3.37
CA VAL A 99 -0.17 0.55 -2.86
C VAL A 99 -0.14 0.59 -1.29
N ILE A 100 0.04 1.76 -0.69
CA ILE A 100 -0.33 2.06 0.75
C ILE A 100 -1.72 1.47 1.23
N GLY A 101 -2.75 1.64 0.38
CA GLY A 101 -4.13 1.23 0.68
C GLY A 101 -5.11 2.41 0.91
N GLY A 102 -6.21 2.34 1.66
CA GLY A 102 -6.70 1.11 2.34
C GLY A 102 -7.80 0.35 1.58
N ALA A 103 -8.73 -0.26 2.32
CA ALA A 103 -9.63 -1.31 1.76
C ALA A 103 -10.72 -1.01 0.67
N ALA A 104 -10.86 0.23 0.15
CA ALA A 104 -11.45 0.45 -1.22
C ALA A 104 -10.41 0.50 -2.41
N ILE A 105 -9.18 0.98 -2.16
CA ILE A 105 -8.04 0.97 -3.13
C ILE A 105 -7.40 -0.47 -3.24
N TYR A 106 -6.94 -1.07 -2.12
CA TYR A 106 -6.65 -2.55 -2.02
C TYR A 106 -7.67 -3.54 -2.72
N ALA A 107 -8.98 -3.35 -2.51
CA ALA A 107 -10.03 -4.12 -3.24
C ALA A 107 -10.06 -4.07 -4.80
N LEU A 108 -10.01 -2.87 -5.42
CA LEU A 108 -9.87 -2.76 -6.91
C LEU A 108 -8.45 -3.12 -7.49
N PHE A 109 -7.36 -2.85 -6.76
CA PHE A 109 -5.97 -3.20 -7.18
C PHE A 109 -5.49 -4.68 -6.99
N GLN A 110 -5.97 -5.45 -5.99
CA GLN A 110 -5.59 -6.90 -5.83
C GLN A 110 -5.66 -7.86 -7.07
N PRO A 111 -6.59 -7.82 -8.08
CA PRO A 111 -6.42 -8.57 -9.37
C PRO A 111 -5.16 -8.27 -10.26
N HIS A 112 -4.57 -7.07 -10.20
CA HIS A 112 -3.38 -6.67 -11.03
C HIS A 112 -1.96 -6.73 -10.35
N LEU A 113 -1.82 -6.79 -9.02
CA LEU A 113 -0.48 -6.73 -8.35
C LEU A 113 0.13 -8.13 -8.07
N ASP A 114 1.27 -8.37 -8.72
CA ASP A 114 1.98 -9.66 -8.68
C ASP A 114 2.85 -9.92 -7.39
N ARG A 115 3.28 -8.89 -6.62
CA ARG A 115 3.82 -9.05 -5.23
C ARG A 115 2.90 -8.43 -4.11
N MET A 116 3.06 -8.87 -2.84
CA MET A 116 2.50 -8.15 -1.63
C MET A 116 3.63 -7.96 -0.55
N VAL A 117 3.71 -6.80 0.11
CA VAL A 117 4.75 -6.51 1.16
C VAL A 117 4.14 -5.85 2.43
N LEU A 118 3.40 -6.61 3.26
CA LEU A 118 2.79 -6.06 4.51
C LEU A 118 3.68 -6.29 5.78
N SER A 119 3.74 -5.26 6.64
CA SER A 119 4.33 -5.37 8.00
C SER A 119 3.27 -5.81 9.06
N ARG A 120 3.34 -7.07 9.52
CA ARG A 120 2.45 -7.59 10.59
C ARG A 120 3.05 -7.23 12.00
N VAL A 121 2.39 -6.38 12.78
CA VAL A 121 2.99 -5.68 13.96
C VAL A 121 2.29 -6.21 15.27
N PRO A 122 2.78 -7.26 16.01
CA PRO A 122 1.98 -7.90 17.09
C PRO A 122 2.09 -7.25 18.51
N GLY A 123 0.96 -7.20 19.22
CA GLY A 123 0.89 -6.63 20.59
C GLY A 123 -0.54 -6.28 21.01
N GLU A 124 -1.00 -5.09 20.62
CA GLU A 124 -2.39 -4.62 20.85
C GLU A 124 -3.36 -4.93 19.65
N TYR A 125 -4.66 -4.66 19.83
CA TYR A 125 -5.71 -4.89 18.80
C TYR A 125 -6.04 -3.58 18.01
N GLU A 126 -7.15 -2.86 18.26
CA GLU A 126 -7.54 -1.60 17.54
C GLU A 126 -7.76 -1.70 15.97
N GLY A 127 -8.42 -0.69 15.38
CA GLY A 127 -8.46 -0.53 13.90
C GLY A 127 -9.81 -0.17 13.22
N ASP A 128 -9.72 0.65 12.17
CA ASP A 128 -10.89 0.99 11.29
C ASP A 128 -11.34 -0.21 10.37
N THR A 129 -10.66 -0.45 9.24
CA THR A 129 -11.30 -1.07 8.04
C THR A 129 -10.71 -2.48 7.71
N TYR A 130 -11.55 -3.49 7.47
CA TYR A 130 -11.08 -4.90 7.22
C TYR A 130 -10.43 -5.16 5.81
N TYR A 131 -9.72 -6.31 5.64
CA TYR A 131 -9.37 -6.83 4.28
C TYR A 131 -10.63 -7.16 3.38
N PRO A 132 -10.64 -7.01 2.02
CA PRO A 132 -11.83 -7.34 1.19
C PRO A 132 -11.97 -8.86 0.88
N GLU A 133 -11.34 -9.36 -0.19
CA GLU A 133 -11.45 -10.79 -0.62
C GLU A 133 -10.07 -11.39 -0.99
N TRP A 134 -9.08 -11.32 -0.05
CA TRP A 134 -7.64 -11.63 -0.32
C TRP A 134 -7.35 -13.16 -0.49
N ASP A 135 -6.31 -13.48 -1.26
CA ASP A 135 -6.27 -14.74 -2.06
C ASP A 135 -5.72 -15.94 -1.20
N ALA A 136 -6.56 -16.47 -0.30
CA ALA A 136 -6.07 -17.24 0.87
C ALA A 136 -5.31 -18.60 0.67
N ALA A 137 -5.64 -19.43 -0.34
CA ALA A 137 -4.65 -20.43 -0.87
C ALA A 137 -3.67 -19.92 -1.99
N GLU A 138 -4.02 -18.89 -2.78
CA GLU A 138 -3.26 -18.44 -3.97
C GLU A 138 -2.43 -17.11 -3.84
N TRP A 139 -1.91 -16.85 -2.63
CA TRP A 139 -0.71 -16.01 -2.38
C TRP A 139 0.45 -16.92 -1.86
N GLU A 140 1.47 -17.17 -2.69
CA GLU A 140 2.72 -17.88 -2.25
C GLU A 140 3.71 -16.93 -1.49
N LEU A 141 4.41 -17.46 -0.48
CA LEU A 141 5.37 -16.67 0.34
C LEU A 141 6.83 -16.73 -0.26
N ASP A 142 7.43 -15.56 -0.45
CA ASP A 142 8.86 -15.41 -0.85
C ASP A 142 9.82 -15.42 0.39
N ALA A 143 9.72 -14.41 1.28
CA ALA A 143 10.63 -14.26 2.44
C ALA A 143 9.94 -13.58 3.67
N GLU A 144 9.60 -14.35 4.73
CA GLU A 144 9.20 -13.75 6.04
C GLU A 144 10.43 -13.53 7.00
N THR A 145 10.63 -12.27 7.44
CA THR A 145 11.67 -11.90 8.46
C THR A 145 11.05 -11.26 9.75
N ASP A 146 11.21 -11.99 10.87
CA ASP A 146 10.88 -11.51 12.23
C ASP A 146 11.90 -10.46 12.82
N HIS A 147 11.39 -9.65 13.76
CA HIS A 147 12.12 -8.51 14.39
C HIS A 147 11.53 -8.23 15.82
N GLU A 148 12.29 -7.47 16.62
CA GLU A 148 11.86 -6.95 17.96
C GLU A 148 10.47 -6.22 18.14
N GLY A 149 9.86 -5.67 17.08
CA GLY A 149 8.38 -5.61 17.01
C GLY A 149 7.78 -5.34 15.61
N PHE A 150 8.13 -6.16 14.60
CA PHE A 150 7.42 -6.21 13.28
C PHE A 150 7.85 -7.45 12.43
N THR A 151 6.89 -8.18 11.85
CA THR A 151 7.16 -9.26 10.86
C THR A 151 6.87 -8.71 9.41
N LEU A 152 7.93 -8.36 8.66
CA LEU A 152 7.82 -8.19 7.18
C LEU A 152 7.59 -9.56 6.47
N GLN A 153 6.52 -9.66 5.69
CA GLN A 153 6.26 -10.80 4.79
C GLN A 153 6.42 -10.31 3.31
N GLU A 154 7.44 -10.76 2.56
CA GLU A 154 7.43 -10.66 1.07
C GLU A 154 6.66 -11.87 0.41
N TRP A 155 5.75 -11.56 -0.52
CA TRP A 155 4.86 -12.57 -1.19
C TRP A 155 5.02 -12.50 -2.75
N VAL A 156 5.08 -13.65 -3.44
CA VAL A 156 5.20 -13.72 -4.94
C VAL A 156 3.93 -14.17 -5.75
N ARG A 157 2.80 -14.58 -5.10
CA ARG A 157 1.49 -14.93 -5.77
C ARG A 157 1.43 -16.36 -6.42
N SER A 158 0.22 -16.88 -6.68
CA SER A 158 -0.01 -18.19 -7.36
C SER A 158 0.61 -18.29 -8.79
N ALA A 159 1.82 -18.90 -8.86
CA ALA A 159 2.62 -18.91 -10.10
C ALA A 159 2.12 -19.80 -11.30
N SER A 160 1.29 -20.84 -11.06
CA SER A 160 0.60 -21.62 -12.15
C SER A 160 1.50 -22.26 -13.30
N SER A 161 2.79 -22.54 -13.02
CA SER A 161 3.84 -22.70 -14.06
C SER A 161 4.88 -23.79 -13.60
N ARG A 162 4.85 -25.00 -14.18
CA ARG A 162 5.63 -26.16 -13.66
C ARG A 162 6.49 -26.75 -14.79
N MET A 1 8.88 -0.15 -13.20
CA MET A 1 7.41 -0.14 -13.00
C MET A 1 6.66 -1.47 -12.60
N GLU A 2 7.25 -2.43 -11.85
CA GLU A 2 6.45 -3.52 -11.17
C GLU A 2 5.50 -2.96 -10.03
N LEU A 3 4.55 -3.76 -9.53
CA LEU A 3 3.45 -3.27 -8.63
C LEU A 3 3.30 -4.10 -7.33
N VAL A 4 3.44 -3.46 -6.16
CA VAL A 4 3.59 -4.17 -4.85
C VAL A 4 2.57 -3.68 -3.75
N SER A 5 2.07 -4.59 -2.91
CA SER A 5 0.93 -4.31 -1.96
C SER A 5 1.42 -4.05 -0.49
N VAL A 6 1.26 -2.83 0.08
CA VAL A 6 2.01 -2.41 1.31
C VAL A 6 0.99 -2.00 2.45
N ALA A 7 0.48 -3.00 3.19
CA ALA A 7 -0.46 -2.79 4.33
C ALA A 7 0.20 -2.91 5.73
N ALA A 8 -0.44 -2.35 6.78
CA ALA A 8 -0.04 -2.57 8.19
C ALA A 8 -1.16 -3.31 9.01
N LEU A 9 -0.85 -4.48 9.61
CA LEU A 9 -1.88 -5.26 10.39
C LEU A 9 -1.77 -5.03 11.93
N ALA A 10 -2.88 -4.60 12.56
CA ALA A 10 -3.17 -4.95 13.99
C ALA A 10 -3.82 -6.36 14.18
N GLU A 11 -4.04 -6.81 15.44
CA GLU A 11 -4.69 -8.14 15.72
C GLU A 11 -6.27 -8.20 15.50
N ASN A 12 -6.77 -7.55 14.43
CA ASN A 12 -8.22 -7.50 14.08
C ASN A 12 -8.51 -7.34 12.54
N ARG A 13 -7.82 -8.14 11.68
CA ARG A 13 -7.91 -8.11 10.17
C ARG A 13 -8.25 -6.77 9.40
N VAL A 14 -7.27 -5.86 9.40
CA VAL A 14 -7.44 -4.44 8.95
C VAL A 14 -6.21 -3.99 8.07
N ILE A 15 -6.46 -3.23 6.99
CA ILE A 15 -5.37 -2.66 6.10
C ILE A 15 -4.67 -1.39 6.71
N GLY A 16 -5.47 -0.42 7.17
CA GLY A 16 -5.02 0.96 7.48
C GLY A 16 -6.15 1.98 7.25
N ARG A 17 -6.27 2.97 8.14
CA ARG A 17 -7.43 3.92 8.15
C ARG A 17 -7.01 5.36 8.60
N ASP A 18 -6.84 6.29 7.64
CA ASP A 18 -6.57 7.74 7.92
C ASP A 18 -5.17 8.07 8.59
N GLY A 19 -4.06 7.75 7.91
CA GLY A 19 -2.73 7.62 8.58
C GLY A 19 -2.48 6.31 9.37
N GLU A 20 -2.65 5.17 8.69
CA GLU A 20 -2.66 3.81 9.32
C GLU A 20 -3.67 3.65 10.54
N LEU A 21 -3.60 2.57 11.35
CA LEU A 21 -4.28 2.56 12.69
C LEU A 21 -3.42 3.29 13.80
N PRO A 22 -3.95 4.13 14.77
CA PRO A 22 -3.09 4.86 15.75
C PRO A 22 -2.15 4.06 16.75
N TRP A 23 -1.00 3.61 16.27
CA TRP A 23 0.02 2.88 17.08
C TRP A 23 1.46 3.52 17.08
N PRO A 24 1.71 4.72 17.70
CA PRO A 24 3.10 5.27 17.82
C PRO A 24 3.97 4.59 18.93
N SER A 25 5.29 4.75 18.76
CA SER A 25 6.36 3.94 19.45
C SER A 25 7.01 2.76 18.63
N ILE A 26 6.59 2.44 17.40
CA ILE A 26 7.33 1.47 16.51
C ILE A 26 8.00 2.17 15.25
N PRO A 27 9.17 2.89 15.34
CA PRO A 27 9.98 3.25 14.14
C PRO A 27 10.58 2.10 13.24
N ALA A 28 10.61 0.83 13.70
CA ALA A 28 11.13 -0.31 12.91
C ALA A 28 10.23 -0.82 11.73
N ASP A 29 8.91 -1.02 11.92
CA ASP A 29 7.90 -0.99 10.81
C ASP A 29 8.12 0.16 9.75
N LYS A 30 8.14 1.41 10.22
CA LYS A 30 8.50 2.59 9.38
C LYS A 30 10.05 2.80 9.07
N LYS A 31 10.87 1.73 9.19
CA LYS A 31 12.11 1.53 8.39
C LYS A 31 11.95 0.57 7.16
N GLN A 32 11.14 -0.50 7.20
CA GLN A 32 10.76 -1.28 5.98
C GLN A 32 9.71 -0.56 5.07
N TYR A 33 8.59 -0.11 5.65
CA TYR A 33 7.54 0.70 4.95
C TYR A 33 8.07 2.04 4.31
N ARG A 34 8.91 2.83 5.03
CA ARG A 34 9.74 3.91 4.40
C ARG A 34 11.26 3.50 4.15
N SER A 35 11.49 2.30 3.64
CA SER A 35 12.61 1.99 2.69
C SER A 35 12.15 1.26 1.38
N ARG A 36 10.96 0.63 1.31
CA ARG A 36 10.16 0.57 0.06
C ARG A 36 9.68 1.98 -0.43
N VAL A 37 8.81 2.68 0.33
CA VAL A 37 8.37 4.08 0.00
C VAL A 37 9.50 5.10 0.40
N ALA A 38 10.50 5.29 -0.47
CA ALA A 38 11.65 6.20 -0.21
C ALA A 38 11.55 7.54 -1.01
N ASP A 39 11.93 7.56 -2.32
CA ASP A 39 11.84 8.78 -3.17
C ASP A 39 11.22 8.47 -4.59
N ASP A 40 10.07 7.74 -4.64
CA ASP A 40 9.45 7.23 -5.92
C ASP A 40 7.86 7.09 -5.78
N PRO A 41 7.03 6.81 -6.83
CA PRO A 41 5.54 6.99 -6.79
C PRO A 41 4.70 6.08 -5.83
N VAL A 42 3.82 6.73 -5.05
CA VAL A 42 3.07 6.07 -3.93
C VAL A 42 1.53 6.05 -4.21
N VAL A 43 0.96 4.86 -4.49
CA VAL A 43 -0.50 4.68 -4.70
C VAL A 43 -1.26 4.54 -3.34
N LEU A 44 -2.21 5.44 -3.05
CA LEU A 44 -3.01 5.38 -1.81
C LEU A 44 -4.50 5.80 -2.03
N GLY A 45 -5.32 5.76 -0.97
CA GLY A 45 -6.72 6.27 -1.02
C GLY A 45 -6.93 7.69 -0.47
N ARG A 46 -7.93 8.41 -1.00
CA ARG A 46 -8.26 9.80 -0.55
C ARG A 46 -8.62 10.05 0.96
N THR A 47 -9.03 9.04 1.74
CA THR A 47 -9.19 9.17 3.23
C THR A 47 -7.83 9.48 3.99
N THR A 48 -6.76 8.67 3.80
CA THR A 48 -5.36 9.02 4.25
C THR A 48 -4.63 10.26 3.58
N PHE A 49 -5.13 10.79 2.45
CA PHE A 49 -4.62 12.06 1.81
C PHE A 49 -4.74 13.37 2.65
N GLU A 50 -5.82 13.59 3.43
CA GLU A 50 -5.89 14.73 4.39
C GLU A 50 -4.96 14.61 5.67
N SER A 51 -4.21 13.51 5.86
CA SER A 51 -2.85 13.53 6.50
C SER A 51 -1.67 13.86 5.50
N MET A 52 -1.51 13.14 4.37
CA MET A 52 -0.37 13.34 3.40
C MET A 52 -0.25 14.70 2.61
N ARG A 53 -1.21 15.63 2.70
CA ARG A 53 -1.09 17.03 2.18
C ARG A 53 0.19 17.87 2.58
N ASP A 54 0.64 17.77 3.84
CA ASP A 54 1.68 18.66 4.45
C ASP A 54 3.18 18.17 4.25
N ASP A 55 3.45 16.85 4.32
CA ASP A 55 4.71 16.20 3.81
C ASP A 55 4.30 14.98 2.87
N LEU A 56 4.95 14.82 1.69
CA LEU A 56 4.66 13.68 0.77
C LEU A 56 5.59 12.42 1.05
N PRO A 57 5.12 11.17 1.33
CA PRO A 57 6.01 9.97 1.46
C PRO A 57 7.07 9.59 0.37
N GLY A 58 6.81 9.92 -0.90
CA GLY A 58 7.87 9.92 -1.95
C GLY A 58 7.50 10.78 -3.19
N SER A 59 8.30 10.65 -4.25
CA SER A 59 8.28 11.61 -5.40
C SER A 59 7.13 11.52 -6.47
N ALA A 60 6.00 10.82 -6.23
CA ALA A 60 4.69 11.13 -6.89
C ALA A 60 3.48 10.66 -6.04
N GLN A 61 2.66 11.59 -5.54
CA GLN A 61 1.43 11.26 -4.75
C GLN A 61 0.24 10.78 -5.66
N ILE A 62 0.16 9.46 -5.89
CA ILE A 62 -0.92 8.79 -6.64
C ILE A 62 -2.10 8.53 -5.63
N VAL A 63 -3.31 9.02 -5.92
CA VAL A 63 -4.42 9.07 -4.93
C VAL A 63 -5.78 8.66 -5.58
N MET A 64 -6.35 7.48 -5.28
CA MET A 64 -7.68 7.07 -5.80
C MET A 64 -8.87 7.93 -5.29
N SER A 65 -9.64 8.52 -6.23
CA SER A 65 -10.86 9.30 -5.90
C SER A 65 -11.96 9.14 -7.01
N ARG A 66 -12.61 10.19 -7.54
CA ARG A 66 -13.71 10.06 -8.56
C ARG A 66 -14.02 11.45 -9.22
N SER A 67 -13.76 11.60 -10.55
CA SER A 67 -13.71 12.91 -11.29
C SER A 67 -12.23 13.40 -11.51
N GLU A 68 -11.88 13.76 -12.76
CA GLU A 68 -10.52 14.24 -13.13
C GLU A 68 -10.24 15.72 -12.63
N ARG A 69 -8.95 16.05 -12.52
CA ARG A 69 -8.44 17.43 -12.28
C ARG A 69 -8.82 18.21 -10.97
N SER A 70 -8.71 17.51 -9.82
CA SER A 70 -9.00 18.09 -8.46
C SER A 70 -7.78 18.74 -7.71
N PHE A 71 -6.73 17.97 -7.36
CA PHE A 71 -5.68 18.43 -6.41
C PHE A 71 -4.50 19.16 -7.13
N SER A 72 -4.31 20.45 -6.84
CA SER A 72 -3.12 21.22 -7.31
C SER A 72 -1.90 21.15 -6.33
N VAL A 73 -1.29 19.96 -6.22
CA VAL A 73 0.03 19.76 -5.53
C VAL A 73 1.17 19.68 -6.62
N ASP A 74 2.44 19.77 -6.19
CA ASP A 74 3.65 19.76 -7.06
C ASP A 74 3.72 18.63 -8.15
N THR A 75 3.83 17.35 -7.75
CA THR A 75 3.74 16.18 -8.69
C THR A 75 2.72 15.07 -8.22
N ALA A 76 1.47 15.48 -7.98
CA ALA A 76 0.36 14.54 -7.62
C ALA A 76 -0.58 14.22 -8.82
N HIS A 77 -1.08 12.97 -8.87
CA HIS A 77 -2.14 12.54 -9.83
C HIS A 77 -3.24 11.75 -9.06
N ARG A 78 -4.53 11.94 -9.36
CA ARG A 78 -5.62 11.05 -8.87
C ARG A 78 -6.02 9.96 -9.92
N ALA A 79 -6.49 8.78 -9.45
CA ALA A 79 -6.99 7.68 -10.33
C ALA A 79 -8.46 7.23 -10.03
N ALA A 80 -9.10 6.64 -11.04
CA ALA A 80 -10.43 5.98 -10.92
C ALA A 80 -10.38 4.40 -10.99
N SER A 81 -9.74 3.82 -12.03
CA SER A 81 -9.60 2.35 -12.22
C SER A 81 -8.14 1.80 -11.99
N VAL A 82 -7.98 0.45 -12.01
CA VAL A 82 -6.64 -0.21 -12.22
C VAL A 82 -5.79 0.38 -13.41
N GLU A 83 -6.34 0.45 -14.63
CA GLU A 83 -5.63 1.04 -15.81
C GLU A 83 -5.33 2.59 -15.83
N GLU A 84 -5.98 3.46 -15.02
CA GLU A 84 -5.44 4.84 -14.73
C GLU A 84 -4.06 4.84 -13.97
N ALA A 85 -3.96 4.23 -12.76
CA ALA A 85 -2.66 4.06 -12.05
C ALA A 85 -1.57 3.12 -12.68
N VAL A 86 -1.90 2.18 -13.58
CA VAL A 86 -0.90 1.51 -14.49
C VAL A 86 -0.31 2.47 -15.61
N ASP A 87 -1.13 3.20 -16.40
CA ASP A 87 -0.64 4.19 -17.42
C ASP A 87 0.41 5.24 -16.88
N ILE A 88 0.09 6.00 -15.83
CA ILE A 88 1.06 6.86 -15.08
C ILE A 88 2.27 6.14 -14.38
N ALA A 89 2.17 4.91 -13.84
CA ALA A 89 3.39 4.11 -13.49
C ALA A 89 4.36 3.71 -14.68
N ALA A 90 3.83 3.37 -15.87
CA ALA A 90 4.62 3.34 -17.13
C ALA A 90 5.19 4.72 -17.64
N SER A 91 4.42 5.83 -17.61
CA SER A 91 4.95 7.20 -17.91
C SER A 91 5.86 7.91 -16.85
N LEU A 92 5.89 7.47 -15.58
CA LEU A 92 6.93 7.86 -14.59
C LEU A 92 8.24 6.95 -14.55
N ASP A 93 8.19 5.71 -15.12
CA ASP A 93 9.38 4.81 -15.32
C ASP A 93 9.77 3.99 -14.05
N ALA A 94 10.28 4.67 -12.99
CA ALA A 94 10.25 4.25 -11.56
C ALA A 94 10.44 2.73 -11.16
N GLU A 95 11.39 2.35 -10.28
CA GLU A 95 11.61 0.89 -9.90
C GLU A 95 10.29 0.04 -9.66
N THR A 96 9.52 0.39 -8.61
CA THR A 96 8.16 -0.15 -8.37
C THR A 96 7.17 0.90 -7.75
N ALA A 97 5.95 1.00 -8.31
CA ALA A 97 4.84 1.71 -7.63
C ALA A 97 4.12 0.80 -6.56
N TYR A 98 3.51 1.40 -5.53
CA TYR A 98 3.13 0.63 -4.30
C TYR A 98 1.72 1.04 -3.76
N VAL A 99 0.77 0.09 -3.64
CA VAL A 99 -0.56 0.37 -3.00
C VAL A 99 -0.47 0.34 -1.44
N ILE A 100 -0.64 1.50 -0.77
CA ILE A 100 -0.92 1.58 0.70
C ILE A 100 -2.35 0.99 1.05
N GLY A 101 -3.41 1.64 0.52
CA GLY A 101 -4.81 1.52 1.03
C GLY A 101 -5.32 2.74 1.86
N GLY A 102 -6.46 2.63 2.56
CA GLY A 102 -7.75 2.39 1.86
C GLY A 102 -8.17 0.92 1.56
N ALA A 103 -9.07 0.34 2.36
CA ALA A 103 -9.65 -1.01 2.11
C ALA A 103 -10.37 -1.26 0.73
N ALA A 104 -11.35 -0.42 0.32
CA ALA A 104 -11.86 -0.39 -1.08
C ALA A 104 -10.83 -0.08 -2.23
N ILE A 105 -9.72 0.61 -1.91
CA ILE A 105 -8.52 0.73 -2.82
C ILE A 105 -7.73 -0.62 -2.96
N TYR A 106 -7.34 -1.27 -1.85
CA TYR A 106 -6.85 -2.69 -1.82
C TYR A 106 -7.79 -3.75 -2.52
N ALA A 107 -9.13 -3.66 -2.37
CA ALA A 107 -10.11 -4.52 -3.10
C ALA A 107 -9.99 -4.57 -4.66
N LEU A 108 -10.12 -3.43 -5.36
CA LEU A 108 -9.96 -3.38 -6.84
C LEU A 108 -8.50 -3.62 -7.39
N PHE A 109 -7.45 -3.23 -6.66
CA PHE A 109 -6.04 -3.53 -7.05
C PHE A 109 -5.48 -4.97 -6.75
N GLN A 110 -5.80 -5.69 -5.65
CA GLN A 110 -5.26 -7.08 -5.38
C GLN A 110 -5.20 -8.11 -6.58
N PRO A 111 -6.24 -8.35 -7.43
CA PRO A 111 -6.06 -9.04 -8.75
C PRO A 111 -4.94 -8.57 -9.74
N HIS A 112 -4.43 -7.33 -9.62
CA HIS A 112 -3.23 -6.82 -10.37
C HIS A 112 -2.03 -6.30 -9.47
N LEU A 113 -1.87 -6.65 -8.18
CA LEU A 113 -0.52 -6.60 -7.53
C LEU A 113 0.11 -8.01 -7.62
N ASP A 114 1.23 -8.14 -8.34
CA ASP A 114 1.91 -9.45 -8.50
C ASP A 114 3.06 -9.74 -7.45
N ARG A 115 3.41 -8.78 -6.59
CA ARG A 115 4.10 -9.04 -5.29
C ARG A 115 3.34 -8.35 -4.08
N MET A 116 3.60 -8.82 -2.84
CA MET A 116 3.00 -8.23 -1.60
C MET A 116 4.12 -7.92 -0.54
N VAL A 117 4.04 -6.78 0.15
CA VAL A 117 4.95 -6.44 1.29
C VAL A 117 4.16 -5.83 2.50
N LEU A 118 3.30 -6.62 3.18
CA LEU A 118 2.61 -6.18 4.42
C LEU A 118 3.46 -6.39 5.71
N SER A 119 3.39 -5.40 6.63
CA SER A 119 4.10 -5.43 7.92
C SER A 119 3.13 -5.67 9.11
N ARG A 120 3.15 -6.89 9.66
CA ARG A 120 2.25 -7.34 10.76
C ARG A 120 2.80 -6.89 12.15
N VAL A 121 2.06 -6.08 12.90
CA VAL A 121 2.55 -5.50 14.19
C VAL A 121 1.78 -6.22 15.37
N PRO A 122 2.34 -7.22 16.12
CA PRO A 122 1.58 -7.96 17.16
C PRO A 122 1.49 -7.24 18.56
N GLY A 123 0.28 -6.99 19.04
CA GLY A 123 0.08 -6.34 20.38
C GLY A 123 -1.24 -5.55 20.48
N GLU A 124 -1.24 -4.34 19.90
CA GLU A 124 -2.45 -3.48 19.83
C GLU A 124 -3.58 -4.04 18.88
N TYR A 125 -4.85 -3.86 19.30
CA TYR A 125 -6.02 -4.50 18.62
C TYR A 125 -6.71 -3.52 17.61
N GLU A 126 -7.40 -2.48 18.11
CA GLU A 126 -7.91 -1.35 17.27
C GLU A 126 -8.79 -1.75 16.01
N GLY A 127 -8.72 -0.95 14.94
CA GLY A 127 -9.46 -1.24 13.68
C GLY A 127 -10.40 -0.13 13.15
N ASP A 128 -10.95 -0.39 11.97
CA ASP A 128 -12.20 0.23 11.44
C ASP A 128 -12.58 -0.60 10.17
N THR A 129 -11.82 -0.39 9.07
CA THR A 129 -12.03 -1.11 7.78
C THR A 129 -11.59 -2.61 7.81
N TYR A 130 -12.15 -3.46 6.95
CA TYR A 130 -11.84 -4.93 6.91
C TYR A 130 -11.16 -5.36 5.57
N TYR A 131 -10.48 -6.54 5.57
CA TYR A 131 -10.04 -7.20 4.30
C TYR A 131 -11.21 -7.54 3.30
N PRO A 132 -11.08 -7.44 1.93
CA PRO A 132 -12.16 -7.82 0.99
C PRO A 132 -12.16 -9.37 0.70
N GLU A 133 -11.59 -9.80 -0.44
CA GLU A 133 -11.60 -11.21 -0.88
C GLU A 133 -10.15 -11.62 -1.36
N TRP A 134 -9.19 -11.68 -0.39
CA TRP A 134 -7.75 -11.93 -0.67
C TRP A 134 -7.35 -13.46 -0.77
N ASP A 135 -6.27 -13.76 -1.51
CA ASP A 135 -6.07 -15.10 -2.13
C ASP A 135 -5.44 -16.16 -1.15
N ALA A 136 -6.22 -16.66 -0.17
CA ALA A 136 -5.70 -17.53 0.94
C ALA A 136 -4.98 -18.90 0.63
N ALA A 137 -5.14 -19.50 -0.56
CA ALA A 137 -4.16 -20.51 -1.06
C ALA A 137 -3.23 -20.09 -2.27
N GLU A 138 -3.57 -19.02 -3.02
CA GLU A 138 -2.75 -18.56 -4.21
C GLU A 138 -1.88 -17.26 -4.03
N TRP A 139 -1.53 -16.89 -2.79
CA TRP A 139 -0.37 -16.02 -2.49
C TRP A 139 0.82 -16.92 -1.99
N GLU A 140 1.85 -17.14 -2.82
CA GLU A 140 3.09 -17.86 -2.40
C GLU A 140 4.10 -16.94 -1.66
N LEU A 141 4.79 -17.47 -0.64
CA LEU A 141 5.78 -16.71 0.18
C LEU A 141 7.22 -16.78 -0.43
N ASP A 142 7.82 -15.60 -0.62
CA ASP A 142 9.20 -15.44 -1.20
C ASP A 142 10.28 -15.30 -0.08
N ALA A 143 10.17 -14.28 0.79
CA ALA A 143 11.06 -14.09 1.97
C ALA A 143 10.29 -13.58 3.23
N GLU A 144 10.64 -14.02 4.44
CA GLU A 144 10.08 -13.46 5.71
C GLU A 144 11.20 -12.96 6.69
N THR A 145 11.00 -11.79 7.34
CA THR A 145 11.92 -11.25 8.37
C THR A 145 11.17 -10.92 9.71
N ASP A 146 11.28 -11.80 10.71
CA ASP A 146 10.80 -11.53 12.10
C ASP A 146 11.68 -10.48 12.88
N HIS A 147 11.04 -9.80 13.85
CA HIS A 147 11.62 -8.64 14.58
C HIS A 147 10.91 -8.45 15.96
N GLU A 148 11.64 -7.84 16.90
CA GLU A 148 11.14 -7.37 18.22
C GLU A 148 9.73 -6.69 18.40
N GLY A 149 9.22 -5.96 17.39
CA GLY A 149 7.75 -5.71 17.28
C GLY A 149 7.18 -5.49 15.86
N PHE A 150 7.61 -6.28 14.86
CA PHE A 150 6.94 -6.34 13.52
C PHE A 150 7.33 -7.65 12.74
N THR A 151 6.49 -8.10 11.82
CA THR A 151 6.80 -9.25 10.90
C THR A 151 6.63 -8.76 9.43
N LEU A 152 7.74 -8.47 8.72
CA LEU A 152 7.71 -8.30 7.24
C LEU A 152 7.61 -9.70 6.56
N GLN A 153 6.60 -9.85 5.70
CA GLN A 153 6.49 -10.99 4.75
C GLN A 153 6.51 -10.41 3.28
N GLU A 154 7.56 -10.71 2.51
CA GLU A 154 7.61 -10.53 1.03
C GLU A 154 6.97 -11.76 0.30
N TRP A 155 6.02 -11.51 -0.61
CA TRP A 155 5.26 -12.57 -1.33
C TRP A 155 5.32 -12.39 -2.90
N VAL A 156 5.07 -13.47 -3.67
CA VAL A 156 5.17 -13.47 -5.17
C VAL A 156 3.89 -13.96 -5.98
N ARG A 157 2.80 -14.43 -5.34
CA ARG A 157 1.61 -15.04 -6.03
C ARG A 157 1.85 -16.47 -6.63
N SER A 158 0.81 -17.30 -6.76
CA SER A 158 0.87 -18.60 -7.53
C SER A 158 1.41 -18.57 -9.00
N ALA A 159 1.28 -17.42 -9.71
CA ALA A 159 1.68 -17.26 -11.14
C ALA A 159 0.86 -18.01 -12.25
N SER A 160 -0.04 -18.95 -11.88
CA SER A 160 -0.96 -19.67 -12.82
C SER A 160 -0.38 -20.21 -14.18
N SER A 161 0.77 -20.90 -14.08
CA SER A 161 1.54 -21.37 -15.25
C SER A 161 1.02 -22.71 -15.88
N ARG A 162 0.96 -23.80 -15.09
CA ARG A 162 0.39 -25.10 -15.55
C ARG A 162 -0.12 -25.86 -14.31
N MET A 1 8.66 -0.34 -13.56
CA MET A 1 7.21 -0.50 -13.27
C MET A 1 6.66 -1.97 -13.14
N GLU A 2 7.05 -2.74 -12.09
CA GLU A 2 6.14 -3.73 -11.42
C GLU A 2 5.19 -3.01 -10.36
N LEU A 3 4.12 -3.65 -9.85
CA LEU A 3 3.16 -3.02 -8.88
C LEU A 3 3.01 -3.85 -7.56
N VAL A 4 3.09 -3.18 -6.40
CA VAL A 4 3.34 -3.85 -5.09
C VAL A 4 2.40 -3.32 -3.94
N SER A 5 1.90 -4.21 -3.07
CA SER A 5 0.83 -3.88 -2.08
C SER A 5 1.33 -3.74 -0.61
N VAL A 6 1.26 -2.54 0.00
CA VAL A 6 2.09 -2.17 1.20
C VAL A 6 1.18 -1.70 2.39
N ALA A 7 0.63 -2.62 3.19
CA ALA A 7 -0.19 -2.32 4.39
C ALA A 7 0.56 -2.54 5.75
N ALA A 8 0.35 -1.69 6.77
CA ALA A 8 0.59 -2.09 8.18
C ALA A 8 -0.69 -2.69 8.88
N LEU A 9 -0.49 -3.70 9.74
CA LEU A 9 -1.59 -4.35 10.51
C LEU A 9 -1.70 -3.82 11.99
N ALA A 10 -2.73 -4.28 12.71
CA ALA A 10 -2.74 -4.28 14.20
C ALA A 10 -3.06 -5.75 14.66
N GLU A 11 -4.28 -6.05 15.13
CA GLU A 11 -4.80 -7.45 15.16
C GLU A 11 -5.93 -7.65 14.10
N ASN A 12 -7.05 -6.92 14.23
CA ASN A 12 -8.39 -7.41 13.79
C ASN A 12 -8.65 -7.24 12.26
N ARG A 13 -7.94 -8.07 11.49
CA ARG A 13 -7.65 -7.92 10.03
C ARG A 13 -7.91 -6.55 9.29
N VAL A 14 -7.04 -5.58 9.58
CA VAL A 14 -7.22 -4.14 9.20
C VAL A 14 -6.14 -3.63 8.18
N ILE A 15 -6.58 -2.96 7.10
CA ILE A 15 -5.66 -2.20 6.18
C ILE A 15 -5.49 -0.72 6.71
N GLY A 16 -4.24 -0.18 6.71
CA GLY A 16 -3.98 1.25 7.06
C GLY A 16 -4.78 2.34 6.28
N ARG A 17 -5.47 3.20 7.04
CA ARG A 17 -6.59 4.05 6.54
C ARG A 17 -6.75 5.38 7.35
N ASP A 18 -6.90 6.53 6.68
CA ASP A 18 -7.14 7.87 7.35
C ASP A 18 -5.82 8.36 8.05
N GLY A 19 -5.75 8.39 9.39
CA GLY A 19 -4.46 8.43 10.15
C GLY A 19 -3.80 7.04 10.45
N GLU A 20 -3.59 6.23 9.40
CA GLU A 20 -3.15 4.81 9.51
C GLU A 20 -4.04 3.81 10.33
N LEU A 21 -3.74 3.53 11.61
CA LEU A 21 -4.40 2.45 12.40
C LEU A 21 -4.58 2.86 13.91
N PRO A 22 -5.53 2.32 14.74
CA PRO A 22 -5.74 2.81 16.14
C PRO A 22 -4.59 2.75 17.21
N TRP A 23 -3.47 2.08 16.93
CA TRP A 23 -2.28 2.04 17.83
C TRP A 23 -1.08 2.96 17.31
N PRO A 24 -0.10 3.43 18.14
CA PRO A 24 0.96 4.36 17.65
C PRO A 24 2.06 3.71 16.75
N SER A 25 2.19 4.25 15.52
CA SER A 25 3.08 3.69 14.45
C SER A 25 4.60 3.49 14.84
N ILE A 26 5.09 2.23 14.88
CA ILE A 26 6.50 1.91 15.30
C ILE A 26 7.59 2.37 14.25
N PRO A 27 8.61 3.20 14.59
CA PRO A 27 9.76 3.50 13.67
C PRO A 27 10.59 2.37 12.98
N ALA A 28 10.53 1.11 13.44
CA ALA A 28 11.06 -0.06 12.69
C ALA A 28 10.19 -0.54 11.48
N ASP A 29 8.86 -0.71 11.60
CA ASP A 29 7.89 -0.71 10.44
C ASP A 29 8.10 0.47 9.44
N LYS A 30 8.03 1.70 9.96
CA LYS A 30 8.38 2.93 9.19
C LYS A 30 9.91 3.17 8.86
N LYS A 31 10.79 2.17 9.09
CA LYS A 31 12.00 1.95 8.25
C LYS A 31 11.85 1.02 7.01
N GLN A 32 11.02 -0.04 7.01
CA GLN A 32 10.75 -0.87 5.78
C GLN A 32 9.69 -0.24 4.81
N TYR A 33 8.59 0.32 5.34
CA TYR A 33 7.71 1.29 4.62
C TYR A 33 8.48 2.45 3.88
N ARG A 34 9.33 3.23 4.60
CA ARG A 34 10.28 4.21 3.97
C ARG A 34 11.73 3.64 3.69
N SER A 35 11.84 2.34 3.29
CA SER A 35 12.92 1.82 2.39
C SER A 35 12.39 1.19 1.06
N ARG A 36 11.13 0.68 0.97
CA ARG A 36 10.38 0.62 -0.32
C ARG A 36 10.07 2.06 -0.86
N VAL A 37 9.19 2.85 -0.21
CA VAL A 37 8.94 4.28 -0.58
C VAL A 37 10.12 5.22 -0.07
N ALA A 38 11.25 5.27 -0.82
CA ALA A 38 12.37 6.19 -0.50
C ALA A 38 12.22 7.60 -1.15
N ASP A 39 12.49 7.74 -2.46
CA ASP A 39 12.25 9.00 -3.24
C ASP A 39 11.61 8.68 -4.64
N ASP A 40 10.47 7.95 -4.66
CA ASP A 40 9.88 7.35 -5.90
C ASP A 40 8.29 7.24 -5.84
N PRO A 41 7.52 6.93 -6.93
CA PRO A 41 6.04 7.07 -6.95
C PRO A 41 5.17 6.15 -6.02
N VAL A 42 4.19 6.75 -5.35
CA VAL A 42 3.47 6.12 -4.21
C VAL A 42 1.93 6.17 -4.45
N VAL A 43 1.30 5.02 -4.73
CA VAL A 43 -0.18 4.90 -4.83
C VAL A 43 -0.81 4.85 -3.39
N LEU A 44 -1.76 5.74 -3.09
CA LEU A 44 -2.58 5.68 -1.85
C LEU A 44 -4.03 6.19 -2.12
N GLY A 45 -4.93 6.15 -1.13
CA GLY A 45 -6.34 6.60 -1.32
C GLY A 45 -6.69 8.00 -0.79
N ARG A 46 -7.81 8.55 -1.26
CA ARG A 46 -8.38 9.80 -0.68
C ARG A 46 -8.71 9.81 0.87
N THR A 47 -8.88 8.66 1.53
CA THR A 47 -8.93 8.55 3.02
C THR A 47 -7.58 8.99 3.71
N THR A 48 -6.44 8.29 3.53
CA THR A 48 -5.12 8.74 4.12
C THR A 48 -4.37 9.96 3.49
N PHE A 49 -4.82 10.47 2.32
CA PHE A 49 -4.52 11.85 1.85
C PHE A 49 -5.10 13.05 2.71
N GLU A 50 -5.81 12.85 3.84
CA GLU A 50 -5.93 13.89 4.92
C GLU A 50 -4.61 14.22 5.68
N SER A 51 -3.93 13.19 6.22
CA SER A 51 -2.55 13.30 6.76
C SER A 51 -1.42 13.52 5.70
N MET A 52 -1.46 12.91 4.50
CA MET A 52 -0.53 13.28 3.38
C MET A 52 -0.95 14.60 2.62
N ARG A 53 -0.93 15.73 3.34
CA ARG A 53 -1.01 17.10 2.75
C ARG A 53 0.33 17.90 2.87
N ASP A 54 1.05 17.83 4.00
CA ASP A 54 2.21 18.69 4.31
C ASP A 54 3.64 18.04 3.97
N ASP A 55 3.93 16.78 4.36
CA ASP A 55 5.05 15.95 3.77
C ASP A 55 4.45 14.90 2.76
N LEU A 56 5.16 14.67 1.64
CA LEU A 56 4.83 13.57 0.70
C LEU A 56 5.78 12.34 0.98
N PRO A 57 5.30 11.09 1.23
CA PRO A 57 6.21 9.89 1.34
C PRO A 57 7.28 9.59 0.23
N GLY A 58 7.01 9.94 -1.04
CA GLY A 58 8.03 9.92 -2.14
C GLY A 58 7.68 10.80 -3.37
N SER A 59 8.46 10.63 -4.45
CA SER A 59 8.59 11.65 -5.54
C SER A 59 7.56 11.64 -6.73
N ALA A 60 6.38 10.99 -6.57
CA ALA A 60 5.17 11.27 -7.36
C ALA A 60 3.94 10.76 -6.57
N GLN A 61 3.23 11.65 -5.84
CA GLN A 61 2.18 11.23 -4.88
C GLN A 61 0.85 10.89 -5.63
N ILE A 62 0.63 9.59 -5.89
CA ILE A 62 -0.53 9.08 -6.67
C ILE A 62 -1.74 8.88 -5.69
N VAL A 63 -2.90 9.48 -5.98
CA VAL A 63 -4.09 9.47 -5.06
C VAL A 63 -5.37 8.92 -5.78
N MET A 64 -5.76 7.66 -5.51
CA MET A 64 -7.05 7.09 -6.02
C MET A 64 -8.32 7.77 -5.39
N SER A 65 -9.18 8.31 -6.26
CA SER A 65 -10.34 9.14 -5.87
C SER A 65 -11.46 9.02 -6.95
N ARG A 66 -12.58 8.35 -6.61
CA ARG A 66 -13.87 8.49 -7.36
C ARG A 66 -14.64 9.78 -6.81
N SER A 67 -14.42 10.95 -7.43
CA SER A 67 -14.75 12.31 -6.88
C SER A 67 -14.32 13.51 -7.83
N GLU A 68 -13.11 13.47 -8.45
CA GLU A 68 -12.69 14.42 -9.52
C GLU A 68 -12.65 15.97 -9.20
N ARG A 69 -11.51 16.45 -8.66
CA ARG A 69 -11.14 17.90 -8.70
C ARG A 69 -9.71 18.17 -9.30
N SER A 70 -8.74 17.23 -9.20
CA SER A 70 -7.28 17.52 -9.27
C SER A 70 -6.75 18.19 -7.95
N PHE A 71 -5.42 18.18 -7.76
CA PHE A 71 -4.79 18.65 -6.48
C PHE A 71 -3.56 19.55 -6.82
N SER A 72 -3.55 20.80 -6.33
CA SER A 72 -2.39 21.72 -6.50
C SER A 72 -1.22 21.44 -5.47
N VAL A 73 -0.42 20.41 -5.74
CA VAL A 73 0.85 20.13 -5.00
C VAL A 73 2.03 20.13 -6.06
N ASP A 74 3.21 19.62 -5.71
CA ASP A 74 4.40 19.65 -6.60
C ASP A 74 4.31 18.60 -7.76
N THR A 75 4.27 17.29 -7.44
CA THR A 75 4.05 16.20 -8.44
C THR A 75 2.96 15.15 -8.00
N ALA A 76 1.73 15.64 -7.70
CA ALA A 76 0.60 14.77 -7.26
C ALA A 76 -0.38 14.42 -8.44
N HIS A 77 -0.66 13.12 -8.66
CA HIS A 77 -1.49 12.66 -9.83
C HIS A 77 -2.65 11.75 -9.33
N ARG A 78 -3.94 12.10 -9.52
CA ARG A 78 -5.06 11.18 -9.11
C ARG A 78 -5.27 9.96 -10.08
N ALA A 79 -6.05 8.96 -9.62
CA ALA A 79 -6.59 7.89 -10.51
C ALA A 79 -8.06 7.46 -10.14
N ALA A 80 -8.80 6.94 -11.13
CA ALA A 80 -10.17 6.39 -10.94
C ALA A 80 -10.30 4.83 -11.15
N SER A 81 -9.86 4.30 -12.30
CA SER A 81 -9.80 2.84 -12.57
C SER A 81 -8.45 2.16 -12.13
N VAL A 82 -8.37 0.82 -12.22
CA VAL A 82 -7.05 0.10 -12.33
C VAL A 82 -6.06 0.72 -13.40
N GLU A 83 -6.50 0.89 -14.65
CA GLU A 83 -5.66 1.42 -15.77
C GLU A 83 -5.18 2.91 -15.72
N GLU A 84 -5.94 3.88 -15.14
CA GLU A 84 -5.39 5.25 -14.85
C GLU A 84 -4.04 5.27 -14.04
N ALA A 85 -3.92 4.53 -12.93
CA ALA A 85 -2.63 4.31 -12.22
C ALA A 85 -1.57 3.32 -12.86
N VAL A 86 -1.89 2.52 -13.90
CA VAL A 86 -0.88 1.85 -14.77
C VAL A 86 -0.23 2.84 -15.80
N ASP A 87 -1.02 3.55 -16.63
CA ASP A 87 -0.49 4.54 -17.63
C ASP A 87 0.47 5.66 -17.06
N ILE A 88 0.15 6.33 -15.91
CA ILE A 88 1.15 7.18 -15.16
C ILE A 88 2.36 6.43 -14.51
N ALA A 89 2.30 5.16 -14.09
CA ALA A 89 3.52 4.36 -13.78
C ALA A 89 4.46 3.97 -14.99
N ALA A 90 3.93 3.65 -16.19
CA ALA A 90 4.73 3.63 -17.44
C ALA A 90 5.24 5.03 -17.98
N SER A 91 4.48 6.11 -17.81
CA SER A 91 4.96 7.51 -18.09
C SER A 91 5.98 8.13 -17.06
N LEU A 92 5.97 7.69 -15.79
CA LEU A 92 7.11 7.92 -14.83
C LEU A 92 8.27 6.84 -14.86
N ASP A 93 8.07 5.63 -15.44
CA ASP A 93 9.11 4.58 -15.69
C ASP A 93 9.53 3.74 -14.43
N ALA A 94 10.24 4.39 -13.47
CA ALA A 94 10.36 3.97 -12.03
C ALA A 94 10.28 2.47 -11.60
N GLU A 95 11.34 1.91 -10.97
CA GLU A 95 11.43 0.45 -10.56
C GLU A 95 10.10 -0.31 -10.21
N THR A 96 9.44 0.11 -9.10
CA THR A 96 8.04 -0.33 -8.77
C THR A 96 7.23 0.80 -8.05
N ALA A 97 5.92 0.93 -8.37
CA ALA A 97 5.00 1.87 -7.68
C ALA A 97 4.15 1.17 -6.56
N TYR A 98 3.92 1.88 -5.45
CA TYR A 98 3.66 1.21 -4.14
C TYR A 98 2.23 1.56 -3.56
N VAL A 99 1.28 0.60 -3.47
CA VAL A 99 -0.09 0.82 -2.91
C VAL A 99 -0.09 0.80 -1.34
N ILE A 100 -0.13 1.97 -0.66
CA ILE A 100 -0.32 2.04 0.83
C ILE A 100 -1.67 1.41 1.28
N GLY A 101 -2.83 1.96 0.84
CA GLY A 101 -4.11 1.28 1.03
C GLY A 101 -5.35 2.16 1.08
N GLY A 102 -6.04 2.10 2.22
CA GLY A 102 -7.47 2.51 2.29
C GLY A 102 -8.42 1.51 1.58
N ALA A 103 -9.18 0.70 2.35
CA ALA A 103 -9.78 -0.58 1.84
C ALA A 103 -10.53 -0.66 0.46
N ALA A 104 -11.28 0.37 -0.01
CA ALA A 104 -11.69 0.48 -1.44
C ALA A 104 -10.59 0.56 -2.56
N ILE A 105 -9.37 1.04 -2.24
CA ILE A 105 -8.17 0.96 -3.12
C ILE A 105 -7.49 -0.46 -3.08
N TYR A 106 -7.20 -1.01 -1.89
CA TYR A 106 -6.66 -2.40 -1.73
C TYR A 106 -7.56 -3.56 -2.31
N ALA A 107 -8.91 -3.46 -2.25
CA ALA A 107 -9.84 -4.35 -2.98
C ALA A 107 -9.64 -4.47 -4.54
N LEU A 108 -9.79 -3.39 -5.31
CA LEU A 108 -9.66 -3.44 -6.81
C LEU A 108 -8.23 -3.68 -7.40
N PHE A 109 -7.16 -3.35 -6.66
CA PHE A 109 -5.77 -3.58 -7.11
C PHE A 109 -5.17 -4.98 -6.80
N GLN A 110 -5.40 -5.63 -5.64
CA GLN A 110 -4.79 -6.96 -5.34
C GLN A 110 -4.97 -8.13 -6.39
N PRO A 111 -6.08 -8.34 -7.18
CA PRO A 111 -6.05 -9.21 -8.40
C PRO A 111 -5.14 -8.80 -9.62
N HIS A 112 -4.77 -7.51 -9.74
CA HIS A 112 -3.72 -7.02 -10.69
C HIS A 112 -2.29 -6.70 -10.06
N LEU A 113 -2.05 -6.84 -8.76
CA LEU A 113 -0.70 -6.60 -8.14
C LEU A 113 0.06 -7.96 -8.05
N ASP A 114 1.12 -8.09 -8.87
CA ASP A 114 1.95 -9.32 -8.91
C ASP A 114 3.04 -9.45 -7.77
N ARG A 115 3.21 -8.46 -6.86
CA ARG A 115 3.96 -8.61 -5.59
C ARG A 115 3.17 -8.01 -4.36
N MET A 116 3.43 -8.50 -3.13
CA MET A 116 2.84 -7.95 -1.87
C MET A 116 3.95 -7.69 -0.80
N VAL A 117 3.96 -6.51 -0.15
CA VAL A 117 4.92 -6.19 0.97
C VAL A 117 4.18 -5.60 2.23
N LEU A 118 3.35 -6.40 2.92
CA LEU A 118 2.70 -5.96 4.19
C LEU A 118 3.59 -6.19 5.46
N SER A 119 3.60 -5.19 6.35
CA SER A 119 4.28 -5.29 7.68
C SER A 119 3.29 -5.80 8.77
N ARG A 120 3.37 -7.11 9.07
CA ARG A 120 2.40 -7.79 9.97
C ARG A 120 2.77 -7.61 11.49
N VAL A 121 2.09 -6.67 12.13
CA VAL A 121 2.28 -6.31 13.56
C VAL A 121 1.70 -7.40 14.54
N PRO A 122 2.43 -7.94 15.56
CA PRO A 122 1.84 -8.87 16.57
C PRO A 122 1.18 -8.17 17.82
N GLY A 123 -0.14 -8.35 18.05
CA GLY A 123 -0.77 -7.92 19.33
C GLY A 123 -2.27 -8.22 19.56
N GLU A 124 -2.88 -7.40 20.43
CA GLU A 124 -4.33 -7.48 20.79
C GLU A 124 -4.93 -6.05 20.58
N TYR A 125 -5.27 -5.71 19.32
CA TYR A 125 -5.46 -4.29 18.88
C TYR A 125 -6.69 -4.08 17.94
N GLU A 126 -7.47 -3.02 18.19
CA GLU A 126 -8.73 -2.72 17.44
C GLU A 126 -8.57 -2.25 15.92
N GLY A 127 -9.71 -2.15 15.23
CA GLY A 127 -9.78 -1.69 13.80
C GLY A 127 -11.16 -1.14 13.34
N ASP A 128 -11.30 -0.92 12.01
CA ASP A 128 -12.57 -0.49 11.36
C ASP A 128 -12.72 -1.23 9.98
N THR A 129 -11.91 -0.89 8.94
CA THR A 129 -12.05 -1.49 7.58
C THR A 129 -11.39 -2.91 7.47
N TYR A 130 -12.20 -3.96 7.25
CA TYR A 130 -11.72 -5.37 7.17
C TYR A 130 -10.97 -5.73 5.83
N TYR A 131 -10.26 -6.87 5.75
CA TYR A 131 -9.74 -7.39 4.45
C TYR A 131 -10.87 -7.73 3.39
N PRO A 132 -10.79 -7.40 2.05
CA PRO A 132 -11.93 -7.60 1.11
C PRO A 132 -12.07 -9.07 0.61
N GLU A 133 -11.35 -9.45 -0.46
CA GLU A 133 -11.41 -10.81 -1.05
C GLU A 133 -9.95 -11.28 -1.42
N TRP A 134 -9.10 -11.54 -0.39
CA TRP A 134 -7.64 -11.82 -0.54
C TRP A 134 -7.29 -13.36 -0.51
N ASP A 135 -6.25 -13.76 -1.28
CA ASP A 135 -6.03 -15.19 -1.64
C ASP A 135 -5.21 -15.97 -0.56
N ALA A 136 -5.89 -16.75 0.30
CA ALA A 136 -5.20 -17.59 1.33
C ALA A 136 -4.46 -18.92 0.89
N ALA A 137 -4.57 -19.36 -0.38
CA ALA A 137 -3.60 -20.30 -1.00
C ALA A 137 -2.80 -19.73 -2.23
N GLU A 138 -3.41 -18.93 -3.12
CA GLU A 138 -2.76 -18.39 -4.35
C GLU A 138 -1.88 -17.07 -4.19
N TRP A 139 -1.55 -16.65 -2.97
CA TRP A 139 -0.35 -15.82 -2.68
C TRP A 139 0.84 -16.72 -2.20
N GLU A 140 1.85 -16.92 -3.07
CA GLU A 140 3.13 -17.61 -2.72
C GLU A 140 4.12 -16.68 -1.95
N LEU A 141 4.95 -17.26 -1.07
CA LEU A 141 5.92 -16.50 -0.23
C LEU A 141 7.36 -16.49 -0.85
N ASP A 142 7.90 -15.29 -1.09
CA ASP A 142 9.31 -15.06 -1.55
C ASP A 142 10.32 -14.92 -0.34
N ALA A 143 10.12 -13.95 0.55
CA ALA A 143 11.02 -13.71 1.72
C ALA A 143 10.25 -13.28 3.01
N GLU A 144 10.79 -13.59 4.19
CA GLU A 144 10.28 -13.05 5.50
C GLU A 144 11.44 -12.47 6.36
N THR A 145 11.23 -11.33 7.05
CA THR A 145 12.24 -10.74 8.00
C THR A 145 11.60 -10.43 9.40
N ASP A 146 11.90 -11.26 10.40
CA ASP A 146 11.37 -11.13 11.79
C ASP A 146 11.99 -9.97 12.65
N HIS A 147 11.16 -9.33 13.49
CA HIS A 147 11.58 -8.17 14.33
C HIS A 147 10.84 -8.08 15.71
N GLU A 148 11.48 -7.40 16.69
CA GLU A 148 10.87 -6.94 17.98
C GLU A 148 9.38 -6.45 18.08
N GLY A 149 8.87 -5.63 17.14
CA GLY A 149 7.40 -5.39 17.01
C GLY A 149 6.83 -5.22 15.57
N PHE A 150 7.39 -5.91 14.57
CA PHE A 150 6.79 -6.03 13.20
C PHE A 150 7.25 -7.35 12.48
N THR A 151 6.53 -7.80 11.46
CA THR A 151 6.94 -8.99 10.64
C THR A 151 6.81 -8.62 9.12
N LEU A 152 7.91 -8.34 8.40
CA LEU A 152 7.82 -8.14 6.90
C LEU A 152 7.68 -9.50 6.18
N GLN A 153 6.57 -9.69 5.47
CA GLN A 153 6.39 -10.81 4.50
C GLN A 153 6.43 -10.23 3.04
N GLU A 154 7.46 -10.57 2.24
CA GLU A 154 7.50 -10.31 0.77
C GLU A 154 6.87 -11.52 -0.02
N TRP A 155 5.82 -11.28 -0.80
CA TRP A 155 5.03 -12.35 -1.50
C TRP A 155 5.01 -12.16 -3.06
N VAL A 156 4.84 -13.24 -3.83
CA VAL A 156 4.95 -13.20 -5.34
C VAL A 156 3.70 -13.69 -6.18
N ARG A 157 2.63 -14.25 -5.58
CA ARG A 157 1.42 -14.76 -6.32
C ARG A 157 1.63 -16.12 -7.09
N SER A 158 0.53 -16.78 -7.48
CA SER A 158 0.57 -18.22 -7.87
C SER A 158 1.28 -18.52 -9.23
N ALA A 159 2.56 -18.89 -9.13
CA ALA A 159 3.37 -19.33 -10.29
C ALA A 159 3.09 -20.78 -10.86
N SER A 160 2.54 -21.70 -10.06
CA SER A 160 2.05 -23.02 -10.57
C SER A 160 0.51 -22.99 -10.84
N SER A 161 0.03 -23.34 -12.05
CA SER A 161 -1.42 -23.17 -12.42
C SER A 161 -2.53 -24.01 -11.66
N ARG A 162 -2.15 -25.11 -10.97
CA ARG A 162 -2.98 -25.69 -9.89
C ARG A 162 -1.96 -26.45 -9.00
N MET A 1 9.17 -0.94 -13.12
CA MET A 1 7.70 -0.87 -13.41
C MET A 1 6.91 -2.20 -13.12
N GLU A 2 6.86 -2.64 -11.84
CA GLU A 2 5.84 -3.61 -11.35
C GLU A 2 4.87 -2.93 -10.31
N LEU A 3 4.01 -3.69 -9.60
CA LEU A 3 3.00 -3.12 -8.66
C LEU A 3 2.86 -3.99 -7.36
N VAL A 4 2.94 -3.35 -6.18
CA VAL A 4 3.07 -4.08 -4.87
C VAL A 4 2.10 -3.55 -3.75
N SER A 5 1.56 -4.44 -2.90
CA SER A 5 0.48 -4.09 -1.90
C SER A 5 1.05 -3.88 -0.46
N VAL A 6 1.00 -2.66 0.12
CA VAL A 6 1.84 -2.26 1.30
C VAL A 6 0.93 -1.88 2.55
N ALA A 7 0.70 -2.84 3.46
CA ALA A 7 -0.24 -2.67 4.62
C ALA A 7 0.41 -2.98 6.01
N ALA A 8 0.03 -2.25 7.08
CA ALA A 8 0.39 -2.63 8.48
C ALA A 8 -0.83 -3.26 9.24
N LEU A 9 -0.68 -4.51 9.73
CA LEU A 9 -1.75 -5.19 10.53
C LEU A 9 -1.76 -4.79 12.04
N ALA A 10 -2.94 -5.00 12.65
CA ALA A 10 -3.10 -5.01 14.13
C ALA A 10 -3.45 -6.46 14.63
N GLU A 11 -4.29 -6.62 15.67
CA GLU A 11 -5.02 -7.91 15.92
C GLU A 11 -6.56 -7.78 15.63
N ASN A 12 -6.90 -7.47 14.36
CA ASN A 12 -8.31 -7.33 13.87
C ASN A 12 -8.45 -7.36 12.29
N ARG A 13 -7.57 -8.08 11.55
CA ARG A 13 -7.50 -8.13 10.06
C ARG A 13 -7.79 -6.81 9.23
N VAL A 14 -6.85 -5.86 9.29
CA VAL A 14 -7.11 -4.41 8.97
C VAL A 14 -6.03 -3.80 8.00
N ILE A 15 -6.44 -2.93 7.07
CA ILE A 15 -5.52 -2.21 6.12
C ILE A 15 -5.34 -0.72 6.60
N GLY A 16 -4.77 -0.51 7.80
CA GLY A 16 -4.87 0.80 8.53
C GLY A 16 -6.30 1.39 8.73
N ARG A 17 -6.41 2.72 8.79
CA ARG A 17 -7.73 3.43 8.76
C ARG A 17 -7.90 4.35 7.50
N ASP A 18 -9.12 4.89 7.28
CA ASP A 18 -9.29 6.12 6.45
C ASP A 18 -8.64 7.38 7.13
N GLY A 19 -7.39 7.68 6.71
CA GLY A 19 -6.54 8.71 7.34
C GLY A 19 -5.05 8.32 7.51
N GLU A 20 -4.77 7.35 8.37
CA GLU A 20 -3.39 7.00 8.83
C GLU A 20 -3.49 5.76 9.79
N LEU A 21 -3.41 5.95 11.12
CA LEU A 21 -3.35 4.83 12.11
C LEU A 21 -3.74 5.32 13.55
N PRO A 22 -4.75 4.78 14.31
CA PRO A 22 -4.95 5.15 15.76
C PRO A 22 -3.86 4.70 16.80
N TRP A 23 -3.11 3.63 16.49
CA TRP A 23 -2.09 3.01 17.37
C TRP A 23 -0.65 3.66 17.29
N PRO A 24 0.34 3.45 18.22
CA PRO A 24 1.64 4.18 18.19
C PRO A 24 2.65 3.74 17.08
N SER A 25 3.13 4.70 16.25
CA SER A 25 4.12 4.43 15.17
C SER A 25 5.53 3.89 15.60
N ILE A 26 5.69 2.56 15.61
CA ILE A 26 6.99 1.86 15.82
C ILE A 26 8.02 2.07 14.64
N PRO A 27 9.25 2.65 14.83
CA PRO A 27 10.29 2.74 13.76
C PRO A 27 10.93 1.45 13.11
N ALA A 28 10.52 0.24 13.53
CA ALA A 28 10.83 -1.04 12.84
C ALA A 28 9.91 -1.35 11.61
N ASP A 29 8.58 -1.31 11.79
CA ASP A 29 7.60 -1.16 10.68
C ASP A 29 7.87 0.06 9.74
N LYS A 30 7.88 1.31 10.28
CA LYS A 30 8.15 2.53 9.47
C LYS A 30 9.67 2.85 9.12
N LYS A 31 10.58 1.85 9.16
CA LYS A 31 11.82 1.80 8.31
C LYS A 31 11.68 0.92 7.00
N GLN A 32 10.99 -0.23 7.01
CA GLN A 32 10.71 -1.05 5.77
C GLN A 32 9.55 -0.47 4.91
N TYR A 33 8.39 -0.15 5.51
CA TYR A 33 7.35 0.73 4.92
C TYR A 33 7.84 2.14 4.36
N ARG A 34 8.98 2.68 4.85
CA ARG A 34 9.69 3.82 4.18
C ARG A 34 11.11 3.49 3.56
N SER A 35 11.39 2.22 3.22
CA SER A 35 12.51 1.80 2.33
C SER A 35 12.07 0.90 1.12
N ARG A 36 10.86 0.28 1.11
CA ARG A 36 10.02 0.27 -0.11
C ARG A 36 9.56 1.71 -0.56
N VAL A 37 8.78 2.44 0.26
CA VAL A 37 8.31 3.83 -0.07
C VAL A 37 9.40 4.90 0.28
N ALA A 38 10.40 5.10 -0.61
CA ALA A 38 11.52 6.06 -0.37
C ALA A 38 11.41 7.36 -1.25
N ASP A 39 11.98 7.37 -2.47
CA ASP A 39 11.92 8.54 -3.40
C ASP A 39 11.25 8.18 -4.79
N ASP A 40 10.15 7.40 -4.80
CA ASP A 40 9.48 6.92 -6.06
C ASP A 40 7.89 6.91 -5.94
N PRO A 41 7.05 6.63 -6.99
CA PRO A 41 5.57 6.80 -6.94
C PRO A 41 4.73 5.95 -5.92
N VAL A 42 3.87 6.64 -5.15
CA VAL A 42 3.11 6.05 -4.01
C VAL A 42 1.57 6.08 -4.29
N VAL A 43 0.95 4.91 -4.54
CA VAL A 43 -0.53 4.79 -4.71
C VAL A 43 -1.27 4.76 -3.32
N LEU A 44 -2.19 5.71 -3.09
CA LEU A 44 -3.05 5.73 -1.87
C LEU A 44 -4.48 6.28 -2.17
N GLY A 45 -5.35 6.46 -1.16
CA GLY A 45 -6.70 7.09 -1.36
C GLY A 45 -6.90 8.46 -0.72
N ARG A 46 -7.87 9.21 -1.27
CA ARG A 46 -8.19 10.60 -0.80
C ARG A 46 -8.51 10.87 0.72
N THR A 47 -8.88 9.84 1.48
CA THR A 47 -8.96 9.90 2.96
C THR A 47 -7.60 9.87 3.70
N THR A 48 -6.67 8.95 3.38
CA THR A 48 -5.25 9.06 3.88
C THR A 48 -4.36 10.26 3.39
N PHE A 49 -4.71 10.88 2.25
CA PHE A 49 -4.20 12.22 1.83
C PHE A 49 -4.34 13.44 2.82
N GLU A 50 -5.39 13.55 3.66
CA GLU A 50 -5.46 14.65 4.70
C GLU A 50 -4.41 14.58 5.89
N SER A 51 -3.81 13.41 6.18
CA SER A 51 -2.48 13.32 6.85
C SER A 51 -1.27 13.60 5.88
N MET A 52 -1.15 12.88 4.75
CA MET A 52 -0.04 13.06 3.75
C MET A 52 0.02 14.38 2.87
N ARG A 53 -0.75 15.44 3.19
CA ARG A 53 -0.64 16.78 2.49
C ARG A 53 0.50 17.74 2.98
N ASP A 54 0.95 17.66 4.24
CA ASP A 54 2.08 18.49 4.77
C ASP A 54 3.55 18.00 4.38
N ASP A 55 3.81 16.67 4.36
CA ASP A 55 5.03 16.05 3.76
C ASP A 55 4.59 14.82 2.86
N LEU A 56 5.21 14.65 1.68
CA LEU A 56 4.82 13.54 0.73
C LEU A 56 5.67 12.24 0.97
N PRO A 57 5.11 11.00 1.18
CA PRO A 57 5.94 9.75 1.34
C PRO A 57 7.05 9.37 0.29
N GLY A 58 6.84 9.69 -0.99
CA GLY A 58 7.92 9.65 -2.03
C GLY A 58 7.64 10.58 -3.22
N SER A 59 8.40 10.40 -4.31
CA SER A 59 8.47 11.42 -5.41
C SER A 59 7.26 11.55 -6.41
N ALA A 60 6.21 10.70 -6.39
CA ALA A 60 4.91 11.02 -7.03
C ALA A 60 3.68 10.57 -6.18
N GLN A 61 2.93 11.54 -5.61
CA GLN A 61 1.70 11.28 -4.82
C GLN A 61 0.48 10.85 -5.73
N ILE A 62 0.27 9.53 -5.86
CA ILE A 62 -0.86 8.94 -6.62
C ILE A 62 -2.07 8.75 -5.64
N VAL A 63 -3.26 9.27 -5.97
CA VAL A 63 -4.38 9.44 -4.99
C VAL A 63 -5.79 9.07 -5.59
N MET A 64 -6.36 7.90 -5.23
CA MET A 64 -7.72 7.45 -5.67
C MET A 64 -8.91 8.40 -5.25
N SER A 65 -9.64 8.95 -6.24
CA SER A 65 -10.72 9.97 -6.00
C SER A 65 -11.86 9.87 -7.08
N ARG A 66 -12.73 10.90 -7.19
CA ARG A 66 -13.61 11.07 -8.38
C ARG A 66 -13.42 12.48 -9.04
N SER A 67 -12.97 12.49 -10.31
CA SER A 67 -12.77 13.70 -11.20
C SER A 67 -11.27 14.04 -11.44
N GLU A 68 -10.93 14.41 -12.69
CA GLU A 68 -9.60 15.01 -13.06
C GLU A 68 -9.32 16.41 -12.39
N ARG A 69 -8.03 16.77 -12.35
CA ARG A 69 -7.53 18.12 -11.91
C ARG A 69 -8.04 18.80 -10.59
N SER A 70 -8.26 18.02 -9.50
CA SER A 70 -8.67 18.56 -8.17
C SER A 70 -7.50 19.07 -7.26
N PHE A 71 -6.53 18.24 -6.83
CA PHE A 71 -5.48 18.65 -5.85
C PHE A 71 -4.31 19.45 -6.52
N SER A 72 -4.09 20.71 -6.09
CA SER A 72 -2.92 21.54 -6.55
C SER A 72 -1.63 21.31 -5.70
N VAL A 73 -0.91 20.21 -6.00
CA VAL A 73 0.39 19.87 -5.34
C VAL A 73 1.53 19.87 -6.44
N ASP A 74 2.80 19.89 -5.99
CA ASP A 74 4.03 19.83 -6.84
C ASP A 74 4.02 18.77 -8.02
N THR A 75 4.03 17.46 -7.71
CA THR A 75 3.90 16.37 -8.73
C THR A 75 2.84 15.25 -8.38
N ALA A 76 1.65 15.64 -7.91
CA ALA A 76 0.55 14.68 -7.58
C ALA A 76 -0.39 14.34 -8.79
N HIS A 77 -0.91 13.12 -8.83
CA HIS A 77 -1.85 12.66 -9.91
C HIS A 77 -2.98 11.79 -9.27
N ARG A 78 -4.28 12.09 -9.46
CA ARG A 78 -5.37 11.20 -8.94
C ARG A 78 -5.63 9.92 -9.83
N ALA A 79 -6.40 8.94 -9.31
CA ALA A 79 -6.89 7.78 -10.12
C ALA A 79 -8.41 7.45 -9.92
N ALA A 80 -9.07 6.88 -10.94
CA ALA A 80 -10.46 6.35 -10.84
C ALA A 80 -10.59 4.78 -10.84
N SER A 81 -9.93 4.09 -11.79
CA SER A 81 -9.99 2.60 -11.92
C SER A 81 -8.60 1.92 -11.66
N VAL A 82 -8.48 0.59 -11.90
CA VAL A 82 -7.15 -0.09 -12.07
C VAL A 82 -6.28 0.53 -13.22
N GLU A 83 -6.78 0.59 -14.46
CA GLU A 83 -6.16 1.29 -15.61
C GLU A 83 -5.69 2.78 -15.46
N GLU A 84 -6.43 3.70 -14.78
CA GLU A 84 -5.92 5.09 -14.47
C GLU A 84 -4.53 5.13 -13.74
N ALA A 85 -4.33 4.39 -12.62
CA ALA A 85 -2.99 4.27 -11.98
C ALA A 85 -1.90 3.38 -12.66
N VAL A 86 -2.24 2.43 -13.56
CA VAL A 86 -1.25 1.72 -14.43
C VAL A 86 -0.61 2.64 -15.52
N ASP A 87 -1.39 3.30 -16.39
CA ASP A 87 -0.84 4.21 -17.45
C ASP A 87 0.05 5.41 -16.94
N ILE A 88 -0.26 6.07 -15.81
CA ILE A 88 0.73 6.97 -15.10
C ILE A 88 2.00 6.27 -14.48
N ALA A 89 1.94 5.07 -13.86
CA ALA A 89 3.17 4.27 -13.56
C ALA A 89 4.07 3.89 -14.80
N ALA A 90 3.48 3.42 -15.92
CA ALA A 90 4.17 3.38 -17.25
C ALA A 90 4.75 4.73 -17.82
N SER A 91 4.08 5.88 -17.65
CA SER A 91 4.67 7.22 -17.92
C SER A 91 5.67 7.82 -16.85
N LEU A 92 5.79 7.25 -15.65
CA LEU A 92 6.86 7.59 -14.67
C LEU A 92 8.09 6.61 -14.65
N ASP A 93 8.02 5.41 -15.25
CA ASP A 93 9.12 4.40 -15.32
C ASP A 93 9.28 3.65 -13.95
N ALA A 94 10.12 4.16 -13.03
CA ALA A 94 10.18 3.72 -11.60
C ALA A 94 10.67 2.24 -11.36
N GLU A 95 11.26 1.92 -10.18
CA GLU A 95 11.48 0.50 -9.76
C GLU A 95 10.13 -0.30 -9.60
N THR A 96 9.29 0.09 -8.61
CA THR A 96 7.92 -0.45 -8.44
C THR A 96 6.96 0.61 -7.80
N ALA A 97 5.68 0.65 -8.20
CA ALA A 97 4.65 1.51 -7.56
C ALA A 97 3.88 0.75 -6.42
N TYR A 98 3.48 1.46 -5.36
CA TYR A 98 3.17 0.80 -4.05
C TYR A 98 1.79 1.25 -3.46
N VAL A 99 0.81 0.33 -3.33
CA VAL A 99 -0.55 0.64 -2.79
C VAL A 99 -0.59 0.63 -1.23
N ILE A 100 -0.78 1.79 -0.57
CA ILE A 100 -0.98 1.88 0.91
C ILE A 100 -2.32 1.22 1.43
N GLY A 101 -3.46 1.72 0.93
CA GLY A 101 -4.74 1.70 1.67
C GLY A 101 -5.56 3.03 1.54
N GLY A 102 -6.74 3.20 2.14
CA GLY A 102 -7.45 2.16 2.92
C GLY A 102 -8.17 1.04 2.11
N ALA A 103 -9.13 0.36 2.74
CA ALA A 103 -9.61 -0.96 2.25
C ALA A 103 -10.32 -1.06 0.86
N ALA A 104 -11.26 -0.17 0.46
CA ALA A 104 -11.82 -0.17 -0.93
C ALA A 104 -10.84 0.14 -2.13
N ILE A 105 -9.78 0.94 -1.88
CA ILE A 105 -8.60 1.08 -2.77
C ILE A 105 -7.80 -0.27 -2.92
N TYR A 106 -7.38 -0.89 -1.79
CA TYR A 106 -6.84 -2.29 -1.74
C TYR A 106 -7.70 -3.42 -2.41
N ALA A 107 -9.05 -3.40 -2.28
CA ALA A 107 -9.98 -4.37 -2.94
C ALA A 107 -9.95 -4.48 -4.50
N LEU A 108 -10.14 -3.37 -5.24
CA LEU A 108 -9.94 -3.37 -6.72
C LEU A 108 -8.48 -3.64 -7.22
N PHE A 109 -7.44 -3.22 -6.47
CA PHE A 109 -6.02 -3.45 -6.84
C PHE A 109 -5.44 -4.88 -6.63
N GLN A 110 -5.66 -5.60 -5.51
CA GLN A 110 -5.13 -7.00 -5.31
C GLN A 110 -5.27 -8.01 -6.53
N PRO A 111 -6.42 -8.23 -7.26
CA PRO A 111 -6.44 -8.91 -8.60
C PRO A 111 -5.47 -8.47 -9.76
N HIS A 112 -4.99 -7.21 -9.76
CA HIS A 112 -3.88 -6.74 -10.63
C HIS A 112 -2.48 -6.49 -9.93
N LEU A 113 -2.28 -6.77 -8.62
CA LEU A 113 -0.97 -6.56 -7.94
C LEU A 113 -0.22 -7.91 -7.84
N ASP A 114 0.85 -8.04 -8.65
CA ASP A 114 1.63 -9.29 -8.74
C ASP A 114 2.67 -9.52 -7.57
N ARG A 115 3.09 -8.50 -6.78
CA ARG A 115 3.75 -8.69 -5.45
C ARG A 115 2.88 -8.20 -4.22
N MET A 116 3.21 -8.65 -2.99
CA MET A 116 2.66 -8.10 -1.71
C MET A 116 3.81 -7.83 -0.67
N VAL A 117 3.78 -6.71 0.06
CA VAL A 117 4.73 -6.41 1.18
C VAL A 117 3.97 -5.90 2.45
N LEU A 118 3.30 -6.78 3.23
CA LEU A 118 2.63 -6.36 4.48
C LEU A 118 3.55 -6.58 5.74
N SER A 119 3.61 -5.57 6.61
CA SER A 119 4.31 -5.65 7.91
C SER A 119 3.32 -6.03 9.06
N ARG A 120 3.40 -7.29 9.49
CA ARG A 120 2.50 -7.88 10.51
C ARG A 120 2.96 -7.45 11.95
N VAL A 121 2.17 -6.64 12.68
CA VAL A 121 2.63 -5.95 13.93
C VAL A 121 1.96 -6.64 15.19
N PRO A 122 2.57 -7.61 15.91
CA PRO A 122 1.84 -8.42 16.95
C PRO A 122 1.81 -7.80 18.37
N GLY A 123 0.64 -7.83 19.02
CA GLY A 123 0.52 -7.54 20.48
C GLY A 123 -0.91 -7.33 20.98
N GLU A 124 -1.26 -6.05 21.21
CA GLU A 124 -2.64 -5.64 21.61
C GLU A 124 -2.99 -4.35 20.79
N TYR A 125 -3.53 -4.53 19.58
CA TYR A 125 -3.67 -3.44 18.56
C TYR A 125 -5.11 -3.45 17.91
N GLU A 126 -5.78 -2.28 17.81
CA GLU A 126 -7.23 -2.20 17.44
C GLU A 126 -7.54 -2.15 15.88
N GLY A 127 -8.32 -1.20 15.35
CA GLY A 127 -8.70 -1.19 13.89
C GLY A 127 -9.80 -0.21 13.40
N ASP A 128 -10.11 -0.32 12.09
CA ASP A 128 -11.17 0.50 11.42
C ASP A 128 -11.85 -0.34 10.27
N THR A 129 -11.18 -0.55 9.11
CA THR A 129 -11.71 -1.39 7.98
C THR A 129 -11.25 -2.89 8.03
N TYR A 130 -11.88 -3.79 7.25
CA TYR A 130 -11.51 -5.25 7.19
C TYR A 130 -10.84 -5.65 5.83
N TYR A 131 -10.17 -6.82 5.76
CA TYR A 131 -9.76 -7.43 4.45
C TYR A 131 -10.96 -7.72 3.45
N PRO A 132 -10.85 -7.57 2.09
CA PRO A 132 -11.98 -7.84 1.16
C PRO A 132 -12.12 -9.37 0.83
N GLU A 133 -11.56 -9.82 -0.31
CA GLU A 133 -11.67 -11.23 -0.78
C GLU A 133 -10.26 -11.82 -1.20
N TRP A 134 -9.25 -11.69 -0.33
CA TRP A 134 -7.84 -12.04 -0.64
C TRP A 134 -7.50 -13.57 -0.73
N ASP A 135 -6.53 -13.90 -1.59
CA ASP A 135 -6.30 -15.29 -2.06
C ASP A 135 -5.55 -16.20 -1.03
N ALA A 136 -6.29 -17.02 -0.28
CA ALA A 136 -5.68 -17.92 0.75
C ALA A 136 -4.90 -19.21 0.29
N ALA A 137 -5.04 -19.66 -0.98
CA ALA A 137 -4.07 -20.59 -1.62
C ALA A 137 -3.21 -19.95 -2.77
N GLU A 138 -3.79 -19.12 -3.66
CA GLU A 138 -3.06 -18.51 -4.82
C GLU A 138 -2.11 -17.27 -4.53
N TRP A 139 -1.86 -16.87 -3.27
CA TRP A 139 -0.70 -16.02 -2.90
C TRP A 139 0.54 -16.90 -2.48
N GLU A 140 1.55 -17.02 -3.34
CA GLU A 140 2.87 -17.65 -2.99
C GLU A 140 3.80 -16.71 -2.16
N LEU A 141 4.55 -17.27 -1.22
CA LEU A 141 5.52 -16.51 -0.36
C LEU A 141 6.96 -16.47 -1.01
N ASP A 142 7.53 -15.27 -1.18
CA ASP A 142 8.94 -15.06 -1.61
C ASP A 142 9.90 -15.13 -0.37
N ALA A 143 9.83 -14.15 0.57
CA ALA A 143 10.76 -14.08 1.72
C ALA A 143 10.13 -13.46 3.02
N GLU A 144 9.79 -14.27 4.04
CA GLU A 144 9.44 -13.76 5.40
C GLU A 144 10.71 -13.49 6.28
N THR A 145 10.74 -12.32 6.93
CA THR A 145 11.90 -11.87 7.77
C THR A 145 11.36 -11.45 9.19
N ASP A 146 11.59 -12.31 10.20
CA ASP A 146 11.17 -12.06 11.61
C ASP A 146 11.99 -10.94 12.35
N HIS A 147 11.34 -10.24 13.30
CA HIS A 147 11.97 -9.13 14.07
C HIS A 147 11.33 -8.96 15.49
N GLU A 148 12.07 -8.31 16.39
CA GLU A 148 11.60 -7.84 17.73
C GLU A 148 10.19 -7.15 17.92
N GLY A 149 9.65 -6.45 16.92
CA GLY A 149 8.18 -6.17 16.86
C GLY A 149 7.57 -5.92 15.47
N PHE A 150 7.96 -6.69 14.43
CA PHE A 150 7.25 -6.73 13.12
C PHE A 150 7.68 -8.02 12.32
N THR A 151 6.74 -8.60 11.57
CA THR A 151 7.06 -9.64 10.55
C THR A 151 6.81 -9.03 9.13
N LEU A 152 7.87 -8.59 8.43
CA LEU A 152 7.79 -8.35 6.96
C LEU A 152 7.69 -9.71 6.22
N GLN A 153 6.58 -9.90 5.51
CA GLN A 153 6.40 -11.03 4.57
C GLN A 153 6.36 -10.48 3.10
N GLU A 154 7.35 -10.87 2.28
CA GLU A 154 7.33 -10.66 0.81
C GLU A 154 6.61 -11.84 0.07
N TRP A 155 5.79 -11.50 -0.94
CA TRP A 155 4.94 -12.48 -1.67
C TRP A 155 4.98 -12.22 -3.23
N VAL A 156 4.70 -13.28 -4.02
CA VAL A 156 4.80 -13.24 -5.53
C VAL A 156 3.55 -13.77 -6.35
N ARG A 157 2.48 -14.28 -5.70
CA ARG A 157 1.21 -14.70 -6.41
C ARG A 157 1.33 -16.06 -7.19
N SER A 158 0.26 -16.52 -7.88
CA SER A 158 0.22 -17.91 -8.44
C SER A 158 1.04 -18.12 -9.75
N ALA A 159 2.36 -18.22 -9.54
CA ALA A 159 3.39 -18.22 -10.61
C ALA A 159 4.23 -19.54 -10.74
N SER A 160 4.66 -20.18 -9.62
CA SER A 160 5.30 -21.54 -9.66
C SER A 160 4.32 -22.79 -9.81
N SER A 161 3.03 -22.57 -10.10
CA SER A 161 1.96 -23.59 -9.97
C SER A 161 1.54 -24.23 -11.35
N ARG A 162 2.30 -25.25 -11.83
CA ARG A 162 2.11 -25.83 -13.18
C ARG A 162 2.17 -27.38 -13.11
N MET A 1 8.41 -0.93 -13.50
CA MET A 1 6.96 -0.98 -13.87
C MET A 1 6.01 -2.08 -13.23
N GLU A 2 6.45 -3.04 -12.39
CA GLU A 2 5.50 -4.01 -11.71
C GLU A 2 4.65 -3.38 -10.54
N LEU A 3 3.72 -4.14 -9.93
CA LEU A 3 2.73 -3.59 -8.95
C LEU A 3 2.66 -4.41 -7.61
N VAL A 4 2.72 -3.74 -6.45
CA VAL A 4 2.86 -4.43 -5.12
C VAL A 4 2.13 -3.67 -3.94
N SER A 5 1.11 -4.26 -3.29
CA SER A 5 0.36 -3.60 -2.17
C SER A 5 1.01 -3.71 -0.74
N VAL A 6 1.00 -2.62 0.05
CA VAL A 6 1.92 -2.45 1.22
C VAL A 6 1.08 -2.08 2.51
N ALA A 7 0.64 -3.09 3.28
CA ALA A 7 -0.27 -2.91 4.43
C ALA A 7 0.43 -2.95 5.83
N ALA A 8 -0.05 -2.13 6.78
CA ALA A 8 0.27 -2.32 8.23
C ALA A 8 -0.92 -3.00 8.99
N LEU A 9 -0.64 -4.09 9.72
CA LEU A 9 -1.69 -4.88 10.45
C LEU A 9 -1.51 -4.83 12.00
N ALA A 10 -2.60 -4.57 12.74
CA ALA A 10 -2.80 -5.17 14.09
C ALA A 10 -3.50 -6.58 14.05
N GLU A 11 -3.78 -7.19 15.22
CA GLU A 11 -4.54 -8.49 15.33
C GLU A 11 -5.95 -8.58 14.62
N ASN A 12 -6.76 -7.50 14.65
CA ASN A 12 -8.17 -7.54 14.17
C ASN A 12 -8.45 -7.37 12.61
N ARG A 13 -7.54 -7.78 11.72
CA ARG A 13 -7.73 -7.77 10.22
C ARG A 13 -7.87 -6.38 9.48
N VAL A 14 -7.21 -5.32 9.97
CA VAL A 14 -7.37 -3.91 9.48
C VAL A 14 -6.15 -3.39 8.63
N ILE A 15 -6.38 -3.03 7.36
CA ILE A 15 -5.30 -2.62 6.39
C ILE A 15 -5.45 -1.13 5.94
N GLY A 16 -5.01 -0.18 6.78
CA GLY A 16 -5.34 1.27 6.62
C GLY A 16 -6.84 1.65 6.81
N ARG A 17 -7.11 2.58 7.73
CA ARG A 17 -8.47 3.15 7.93
C ARG A 17 -8.70 4.42 7.06
N ASP A 18 -8.79 5.63 7.66
CA ASP A 18 -8.78 6.91 6.91
C ASP A 18 -7.34 7.56 6.96
N GLY A 19 -7.08 8.60 7.78
CA GLY A 19 -5.75 9.29 7.85
C GLY A 19 -4.45 8.44 7.91
N GLU A 20 -4.27 7.65 8.99
CA GLU A 20 -3.46 6.39 8.90
C GLU A 20 -4.08 5.25 9.77
N LEU A 21 -3.68 5.12 11.04
CA LEU A 21 -3.97 3.91 11.88
C LEU A 21 -4.26 4.25 13.40
N PRO A 22 -5.10 3.53 14.21
CA PRO A 22 -5.24 3.81 15.68
C PRO A 22 -4.14 3.33 16.70
N TRP A 23 -3.23 2.42 16.33
CA TRP A 23 -2.19 1.83 17.24
C TRP A 23 -0.76 2.53 17.14
N PRO A 24 0.35 2.17 17.87
CA PRO A 24 1.63 2.94 17.78
C PRO A 24 2.54 2.62 16.54
N SER A 25 2.77 3.63 15.65
CA SER A 25 3.75 3.50 14.52
C SER A 25 5.26 3.29 14.97
N ILE A 26 5.71 2.01 14.99
CA ILE A 26 7.10 1.62 15.34
C ILE A 26 8.12 1.92 14.16
N PRO A 27 9.30 2.59 14.35
CA PRO A 27 10.32 2.74 13.26
C PRO A 27 11.18 1.48 12.81
N ALA A 28 10.69 0.27 13.13
CA ALA A 28 11.06 -1.00 12.43
C ALA A 28 10.06 -1.39 11.28
N ASP A 29 8.73 -1.34 11.49
CA ASP A 29 7.73 -1.21 10.39
C ASP A 29 8.08 -0.05 9.38
N LYS A 30 8.08 1.20 9.85
CA LYS A 30 8.36 2.40 9.00
C LYS A 30 9.86 2.59 8.53
N LYS A 31 10.76 1.59 8.66
CA LYS A 31 12.00 1.47 7.83
C LYS A 31 11.83 0.58 6.54
N GLN A 32 11.16 -0.60 6.57
CA GLN A 32 10.81 -1.36 5.32
C GLN A 32 9.64 -0.71 4.52
N TYR A 33 8.53 -0.33 5.16
CA TYR A 33 7.48 0.55 4.56
C TYR A 33 7.98 1.81 3.75
N ARG A 34 9.02 2.51 4.25
CA ARG A 34 9.72 3.58 3.47
C ARG A 34 11.13 3.21 2.86
N SER A 35 11.55 1.93 2.85
CA SER A 35 12.62 1.43 1.92
C SER A 35 12.09 0.59 0.72
N ARG A 36 10.88 0.00 0.78
CA ARG A 36 9.95 -0.06 -0.39
C ARG A 36 9.63 1.36 -0.97
N VAL A 37 8.89 2.22 -0.24
CA VAL A 37 8.56 3.61 -0.70
C VAL A 37 9.73 4.61 -0.33
N ALA A 38 10.81 4.63 -1.13
CA ALA A 38 11.98 5.53 -0.88
C ALA A 38 11.87 6.90 -1.63
N ASP A 39 12.26 6.97 -2.91
CA ASP A 39 12.10 8.18 -3.77
C ASP A 39 11.38 7.83 -5.14
N ASP A 40 10.22 7.15 -5.11
CA ASP A 40 9.52 6.63 -6.35
C ASP A 40 7.93 6.70 -6.27
N PRO A 41 7.13 6.50 -7.36
CA PRO A 41 5.65 6.64 -7.36
C PRO A 41 4.80 5.74 -6.40
N VAL A 42 3.89 6.36 -5.63
CA VAL A 42 3.14 5.68 -4.53
C VAL A 42 1.59 5.81 -4.70
N VAL A 43 0.92 4.69 -5.03
CA VAL A 43 -0.56 4.57 -5.13
C VAL A 43 -1.24 4.51 -3.72
N LEU A 44 -2.12 5.47 -3.42
CA LEU A 44 -2.82 5.58 -2.11
C LEU A 44 -4.25 6.18 -2.26
N GLY A 45 -5.05 6.21 -1.17
CA GLY A 45 -6.43 6.77 -1.23
C GLY A 45 -6.61 8.25 -0.83
N ARG A 46 -7.76 8.84 -1.21
CA ARG A 46 -8.13 10.19 -0.70
C ARG A 46 -8.39 10.33 0.86
N THR A 47 -8.81 9.30 1.60
CA THR A 47 -8.88 9.36 3.10
C THR A 47 -7.50 9.39 3.84
N THR A 48 -6.50 8.57 3.43
CA THR A 48 -5.09 8.71 3.91
C THR A 48 -4.33 10.02 3.48
N PHE A 49 -4.64 10.59 2.31
CA PHE A 49 -4.15 11.93 1.87
C PHE A 49 -4.29 13.14 2.87
N GLU A 50 -5.40 13.31 3.63
CA GLU A 50 -5.49 14.45 4.59
C GLU A 50 -4.59 14.42 5.88
N SER A 51 -4.10 13.23 6.31
CA SER A 51 -2.87 13.12 7.16
C SER A 51 -1.54 13.41 6.38
N MET A 52 -1.21 12.72 5.26
CA MET A 52 -0.02 13.08 4.41
C MET A 52 -0.26 14.29 3.43
N ARG A 53 -0.31 15.47 4.06
CA ARG A 53 -0.24 16.81 3.38
C ARG A 53 1.07 17.62 3.61
N ASP A 54 1.70 17.55 4.80
CA ASP A 54 2.92 18.31 5.17
C ASP A 54 4.26 17.76 4.53
N ASP A 55 4.55 16.45 4.68
CA ASP A 55 5.59 15.72 3.90
C ASP A 55 4.92 14.61 3.00
N LEU A 56 5.47 14.35 1.80
CA LEU A 56 5.03 13.22 0.93
C LEU A 56 5.93 11.93 1.15
N PRO A 57 5.44 10.65 1.21
CA PRO A 57 6.34 9.46 1.31
C PRO A 57 7.41 9.17 0.20
N GLY A 58 7.14 9.60 -1.05
CA GLY A 58 8.05 9.40 -2.21
C GLY A 58 7.68 10.28 -3.45
N SER A 59 8.38 10.04 -4.56
CA SER A 59 8.51 11.04 -5.67
C SER A 59 7.41 11.09 -6.80
N ALA A 60 6.25 10.40 -6.70
CA ALA A 60 5.03 10.78 -7.45
C ALA A 60 3.77 10.28 -6.69
N GLN A 61 3.10 11.14 -5.90
CA GLN A 61 1.99 10.69 -4.99
C GLN A 61 0.63 10.50 -5.73
N ILE A 62 0.22 9.24 -5.92
CA ILE A 62 -0.91 8.86 -6.81
C ILE A 62 -2.20 8.64 -5.93
N VAL A 63 -3.11 9.62 -5.92
CA VAL A 63 -4.31 9.62 -5.03
C VAL A 63 -5.63 9.12 -5.73
N MET A 64 -6.16 7.95 -5.33
CA MET A 64 -7.47 7.42 -5.82
C MET A 64 -8.71 8.26 -5.32
N SER A 65 -9.47 8.85 -6.26
CA SER A 65 -10.51 9.87 -5.95
C SER A 65 -11.66 9.93 -7.01
N ARG A 66 -12.90 10.20 -6.58
CA ARG A 66 -14.05 10.45 -7.49
C ARG A 66 -14.12 11.93 -8.01
N SER A 67 -13.06 12.38 -8.72
CA SER A 67 -12.84 13.81 -9.07
C SER A 67 -11.72 13.96 -10.14
N GLU A 68 -11.85 14.98 -10.99
CA GLU A 68 -10.81 15.39 -11.96
C GLU A 68 -9.89 16.55 -11.46
N ARG A 69 -8.56 16.39 -11.64
CA ARG A 69 -7.52 17.42 -11.24
C ARG A 69 -7.73 18.29 -9.92
N SER A 70 -8.20 17.71 -8.78
CA SER A 70 -8.56 18.51 -7.56
C SER A 70 -7.45 18.95 -6.53
N PHE A 71 -6.16 18.83 -6.84
CA PHE A 71 -5.04 19.01 -5.87
C PHE A 71 -3.86 19.75 -6.57
N SER A 72 -3.47 20.93 -6.05
CA SER A 72 -2.18 21.57 -6.43
C SER A 72 -1.01 21.13 -5.48
N VAL A 73 -0.26 20.08 -5.89
CA VAL A 73 1.03 19.68 -5.24
C VAL A 73 2.16 19.60 -6.35
N ASP A 74 3.43 19.44 -5.96
CA ASP A 74 4.61 19.46 -6.88
C ASP A 74 4.59 18.35 -8.01
N THR A 75 4.58 17.06 -7.64
CA THR A 75 4.38 15.92 -8.60
C THR A 75 3.32 14.85 -8.13
N ALA A 76 2.14 15.30 -7.64
CA ALA A 76 1.00 14.39 -7.33
C ALA A 76 0.04 14.18 -8.55
N HIS A 77 -0.49 12.95 -8.74
CA HIS A 77 -1.27 12.59 -9.97
C HIS A 77 -2.50 11.69 -9.58
N ARG A 78 -3.76 12.17 -9.58
CA ARG A 78 -4.95 11.36 -9.12
C ARG A 78 -5.30 10.11 -10.02
N ALA A 79 -6.22 9.24 -9.56
CA ALA A 79 -6.79 8.13 -10.38
C ALA A 79 -8.29 7.78 -10.07
N ALA A 80 -9.02 7.26 -11.07
CA ALA A 80 -10.41 6.72 -10.92
C ALA A 80 -10.58 5.16 -10.98
N SER A 81 -9.95 4.49 -11.97
CA SER A 81 -10.03 3.01 -12.15
C SER A 81 -8.60 2.33 -12.17
N VAL A 82 -8.53 1.00 -12.33
CA VAL A 82 -7.21 0.27 -12.48
C VAL A 82 -6.32 0.80 -13.66
N GLU A 83 -6.86 0.84 -14.88
CA GLU A 83 -6.22 1.47 -16.07
C GLU A 83 -5.71 2.97 -15.96
N GLU A 84 -6.36 3.90 -15.22
CA GLU A 84 -5.78 5.25 -14.91
C GLU A 84 -4.44 5.25 -14.08
N ALA A 85 -4.33 4.50 -12.96
CA ALA A 85 -3.01 4.31 -12.28
C ALA A 85 -1.95 3.38 -12.98
N VAL A 86 -2.34 2.43 -13.84
CA VAL A 86 -1.39 1.69 -14.74
C VAL A 86 -0.79 2.58 -15.89
N ASP A 87 -1.58 3.40 -16.63
CA ASP A 87 -1.07 4.38 -17.63
C ASP A 87 0.09 5.32 -17.12
N ILE A 88 -0.13 6.10 -16.05
CA ILE A 88 0.93 6.85 -15.32
C ILE A 88 2.09 6.01 -14.65
N ALA A 89 1.91 4.78 -14.14
CA ALA A 89 3.07 3.89 -13.79
C ALA A 89 4.01 3.42 -14.97
N ALA A 90 3.45 3.11 -16.16
CA ALA A 90 4.23 2.99 -17.42
C ALA A 90 4.82 4.34 -18.01
N SER A 91 4.10 5.48 -17.93
CA SER A 91 4.64 6.83 -18.31
C SER A 91 5.71 7.46 -17.34
N LEU A 92 5.71 7.10 -16.04
CA LEU A 92 6.82 7.39 -15.08
C LEU A 92 8.03 6.36 -15.03
N ASP A 93 7.90 5.13 -15.59
CA ASP A 93 9.03 4.17 -15.81
C ASP A 93 9.50 3.34 -14.56
N ALA A 94 10.01 4.02 -13.51
CA ALA A 94 10.11 3.54 -12.09
C ALA A 94 10.11 2.02 -11.72
N GLU A 95 11.05 1.52 -10.89
CA GLU A 95 11.16 0.06 -10.53
C GLU A 95 9.83 -0.73 -10.22
N THR A 96 9.05 -0.31 -9.20
CA THR A 96 7.69 -0.85 -8.94
C THR A 96 6.73 0.22 -8.30
N ALA A 97 5.49 0.34 -8.78
CA ALA A 97 4.44 1.16 -8.11
C ALA A 97 3.73 0.41 -6.93
N TYR A 98 3.35 1.14 -5.87
CA TYR A 98 3.02 0.50 -4.56
C TYR A 98 1.66 0.97 -3.96
N VAL A 99 0.77 0.03 -3.62
CA VAL A 99 -0.62 0.32 -3.14
C VAL A 99 -0.70 0.32 -1.58
N ILE A 100 -0.69 1.50 -0.94
CA ILE A 100 -0.80 1.64 0.56
C ILE A 100 -2.09 0.98 1.20
N GLY A 101 -3.28 1.49 0.81
CA GLY A 101 -4.50 1.46 1.66
C GLY A 101 -5.21 2.85 1.76
N GLY A 102 -6.39 3.04 2.37
CA GLY A 102 -7.11 1.99 3.12
C GLY A 102 -7.96 0.99 2.30
N ALA A 103 -8.82 0.22 2.97
CA ALA A 103 -9.48 -0.98 2.39
C ALA A 103 -10.25 -0.87 1.02
N ALA A 104 -11.02 0.20 0.73
CA ALA A 104 -11.56 0.44 -0.65
C ALA A 104 -10.52 0.58 -1.84
N ILE A 105 -9.29 1.02 -1.56
CA ILE A 105 -8.16 0.98 -2.54
C ILE A 105 -7.54 -0.45 -2.70
N TYR A 106 -7.23 -1.17 -1.59
CA TYR A 106 -6.90 -2.62 -1.57
C TYR A 106 -7.87 -3.56 -2.41
N ALA A 107 -9.19 -3.51 -2.17
CA ALA A 107 -10.22 -4.23 -2.98
C ALA A 107 -10.13 -4.15 -4.54
N LEU A 108 -10.16 -2.94 -5.14
CA LEU A 108 -10.06 -2.81 -6.62
C LEU A 108 -8.69 -3.20 -7.29
N PHE A 109 -7.56 -2.99 -6.60
CA PHE A 109 -6.21 -3.36 -7.08
C PHE A 109 -5.71 -4.84 -6.85
N GLN A 110 -6.13 -5.56 -5.79
CA GLN A 110 -5.74 -6.98 -5.56
C GLN A 110 -5.95 -8.04 -6.73
N PRO A 111 -6.96 -7.98 -7.66
CA PRO A 111 -6.91 -8.72 -8.97
C PRO A 111 -5.83 -8.36 -10.07
N HIS A 112 -5.03 -7.30 -9.88
CA HIS A 112 -4.01 -6.84 -10.87
C HIS A 112 -2.51 -6.76 -10.38
N LEU A 113 -2.24 -6.67 -9.07
CA LEU A 113 -0.87 -6.86 -8.50
C LEU A 113 -0.50 -8.37 -8.31
N ASP A 114 0.60 -8.77 -8.95
CA ASP A 114 1.16 -10.15 -8.81
C ASP A 114 2.10 -10.38 -7.55
N ARG A 115 2.41 -9.34 -6.73
CA ARG A 115 3.09 -9.47 -5.41
C ARG A 115 2.33 -8.73 -4.24
N MET A 116 2.55 -9.13 -2.96
CA MET A 116 2.06 -8.39 -1.75
C MET A 116 3.20 -8.22 -0.66
N VAL A 117 3.23 -7.10 0.09
CA VAL A 117 4.27 -6.87 1.17
C VAL A 117 3.65 -6.24 2.46
N LEU A 118 3.04 -7.04 3.35
CA LEU A 118 2.50 -6.53 4.65
C LEU A 118 3.57 -6.53 5.81
N SER A 119 3.84 -5.35 6.41
CA SER A 119 4.56 -5.25 7.70
C SER A 119 3.57 -5.45 8.90
N ARG A 120 3.60 -6.64 9.53
CA ARG A 120 2.60 -7.05 10.55
C ARG A 120 3.09 -6.72 12.00
N VAL A 121 2.27 -6.04 12.81
CA VAL A 121 2.69 -5.50 14.14
C VAL A 121 1.85 -6.26 15.26
N PRO A 122 2.24 -7.47 15.79
CA PRO A 122 1.46 -8.18 16.83
C PRO A 122 1.70 -7.66 18.29
N GLY A 123 0.66 -7.14 18.93
CA GLY A 123 0.78 -6.47 20.26
C GLY A 123 -0.53 -5.80 20.70
N GLU A 124 -0.81 -4.63 20.09
CA GLU A 124 -2.09 -3.91 20.27
C GLU A 124 -3.27 -4.47 19.38
N TYR A 125 -4.50 -3.98 19.62
CA TYR A 125 -5.76 -4.64 19.11
C TYR A 125 -6.42 -3.87 17.92
N GLU A 126 -7.27 -2.87 18.20
CA GLU A 126 -7.63 -1.77 17.25
C GLU A 126 -8.33 -2.11 15.88
N GLY A 127 -9.16 -1.18 15.39
CA GLY A 127 -9.71 -1.27 14.02
C GLY A 127 -10.71 -0.20 13.55
N ASP A 128 -10.92 -0.21 12.23
CA ASP A 128 -12.04 0.52 11.54
C ASP A 128 -12.43 -0.31 10.26
N THR A 129 -11.52 -0.42 9.28
CA THR A 129 -11.70 -1.21 8.04
C THR A 129 -11.36 -2.74 8.20
N TYR A 130 -11.86 -3.56 7.25
CA TYR A 130 -11.54 -5.02 7.17
C TYR A 130 -10.88 -5.39 5.81
N TYR A 131 -10.18 -6.54 5.72
CA TYR A 131 -9.84 -7.18 4.41
C TYR A 131 -11.10 -7.55 3.53
N PRO A 132 -11.16 -7.36 2.17
CA PRO A 132 -12.39 -7.57 1.37
C PRO A 132 -12.54 -9.06 0.89
N GLU A 133 -12.11 -9.37 -0.34
CA GLU A 133 -12.15 -10.73 -0.92
C GLU A 133 -10.69 -11.25 -1.19
N TRP A 134 -9.93 -11.56 -0.11
CA TRP A 134 -8.48 -11.88 -0.20
C TRP A 134 -8.17 -13.41 -0.40
N ASP A 135 -7.11 -13.73 -1.18
CA ASP A 135 -6.94 -15.08 -1.80
C ASP A 135 -6.28 -16.10 -0.82
N ALA A 136 -7.05 -16.70 0.14
CA ALA A 136 -6.48 -17.46 1.28
C ALA A 136 -5.72 -18.81 1.05
N ALA A 137 -6.02 -19.59 -0.01
CA ALA A 137 -5.05 -20.58 -0.56
C ALA A 137 -4.20 -20.10 -1.78
N GLU A 138 -4.72 -19.19 -2.64
CA GLU A 138 -4.05 -18.77 -3.92
C GLU A 138 -3.19 -17.44 -3.86
N TRP A 139 -2.71 -17.04 -2.68
CA TRP A 139 -1.49 -16.21 -2.49
C TRP A 139 -0.28 -17.13 -2.06
N GLU A 140 0.76 -17.22 -2.92
CA GLU A 140 2.02 -17.97 -2.60
C GLU A 140 3.06 -17.07 -1.86
N LEU A 141 3.87 -17.66 -0.97
CA LEU A 141 4.91 -16.93 -0.18
C LEU A 141 6.31 -16.93 -0.89
N ASP A 142 6.96 -15.76 -0.98
CA ASP A 142 8.36 -15.58 -1.49
C ASP A 142 9.41 -15.65 -0.32
N ALA A 143 9.38 -14.70 0.64
CA ALA A 143 10.32 -14.64 1.78
C ALA A 143 9.69 -14.06 3.09
N GLU A 144 9.88 -14.72 4.26
CA GLU A 144 9.42 -14.18 5.59
C GLU A 144 10.63 -13.76 6.49
N THR A 145 10.54 -12.58 7.17
CA THR A 145 11.64 -12.06 8.05
C THR A 145 11.10 -11.56 9.44
N ASP A 146 11.32 -12.34 10.52
CA ASP A 146 10.95 -11.95 11.92
C ASP A 146 11.87 -10.91 12.65
N HIS A 147 11.26 -10.14 13.56
CA HIS A 147 11.91 -9.02 14.30
C HIS A 147 11.36 -8.86 15.77
N GLU A 148 12.05 -8.02 16.55
CA GLU A 148 11.63 -7.54 17.91
C GLU A 148 10.20 -6.93 18.14
N GLY A 149 9.60 -6.24 17.15
CA GLY A 149 8.13 -5.94 17.19
C GLY A 149 7.40 -5.82 15.84
N PHE A 150 7.78 -6.65 14.84
CA PHE A 150 7.03 -6.80 13.56
C PHE A 150 7.53 -8.08 12.77
N THR A 151 6.70 -8.64 11.87
CA THR A 151 7.19 -9.56 10.79
C THR A 151 6.89 -8.97 9.37
N LEU A 152 7.86 -9.06 8.44
CA LEU A 152 7.66 -8.68 7.02
C LEU A 152 7.52 -9.97 6.14
N GLN A 153 6.34 -10.13 5.56
CA GLN A 153 6.05 -11.21 4.59
C GLN A 153 6.05 -10.65 3.13
N GLU A 154 7.02 -11.06 2.30
CA GLU A 154 7.01 -10.86 0.82
C GLU A 154 6.29 -12.06 0.11
N TRP A 155 5.33 -11.76 -0.79
CA TRP A 155 4.43 -12.78 -1.44
C TRP A 155 4.48 -12.68 -3.00
N VAL A 156 4.36 -13.81 -3.72
CA VAL A 156 4.39 -13.85 -5.23
C VAL A 156 3.12 -14.40 -5.99
N ARG A 157 1.98 -14.67 -5.31
CA ARG A 157 0.67 -15.01 -5.95
C ARG A 157 0.60 -16.42 -6.64
N SER A 158 -0.61 -16.92 -6.98
CA SER A 158 -0.81 -18.21 -7.70
C SER A 158 -0.22 -18.27 -9.16
N ALA A 159 1.12 -18.38 -9.22
CA ALA A 159 1.96 -17.92 -10.36
C ALA A 159 3.45 -18.39 -10.21
N SER A 160 4.13 -18.08 -9.07
CA SER A 160 5.57 -18.39 -8.85
C SER A 160 6.58 -17.72 -9.86
N SER A 161 6.84 -16.40 -9.69
CA SER A 161 7.73 -15.62 -10.60
C SER A 161 9.14 -15.30 -9.98
N ARG A 162 10.22 -15.87 -10.57
CA ARG A 162 11.61 -15.69 -10.07
C ARG A 162 12.43 -14.98 -11.17
N MET A 1 8.53 -0.45 -13.49
CA MET A 1 7.04 -0.44 -13.38
C MET A 1 6.29 -1.80 -13.07
N GLU A 2 6.83 -2.69 -12.20
CA GLU A 2 6.01 -3.74 -11.50
C GLU A 2 5.05 -3.14 -10.39
N LEU A 3 4.17 -3.93 -9.77
CA LEU A 3 3.13 -3.41 -8.83
C LEU A 3 3.00 -4.25 -7.51
N VAL A 4 3.18 -3.63 -6.33
CA VAL A 4 3.33 -4.34 -5.01
C VAL A 4 2.41 -3.75 -3.86
N SER A 5 1.82 -4.62 -3.01
CA SER A 5 0.75 -4.22 -2.03
C SER A 5 1.30 -3.97 -0.58
N VAL A 6 1.07 -2.79 0.04
CA VAL A 6 1.86 -2.36 1.26
C VAL A 6 0.90 -1.88 2.42
N ALA A 7 0.28 -2.82 3.14
CA ALA A 7 -0.51 -2.54 4.36
C ALA A 7 0.26 -2.79 5.70
N ALA A 8 -0.35 -2.40 6.84
CA ALA A 8 0.09 -2.85 8.19
C ALA A 8 -1.06 -3.59 8.94
N LEU A 9 -0.80 -4.81 9.47
CA LEU A 9 -1.81 -5.58 10.26
C LEU A 9 -1.81 -5.24 11.77
N ALA A 10 -3.01 -5.31 12.35
CA ALA A 10 -3.20 -5.44 13.83
C ALA A 10 -3.65 -6.86 14.33
N GLU A 11 -3.21 -8.00 13.72
CA GLU A 11 -3.76 -9.38 14.02
C GLU A 11 -5.22 -9.68 13.50
N ASN A 12 -6.15 -8.76 13.81
CA ASN A 12 -7.62 -8.92 13.66
C ASN A 12 -8.24 -8.56 12.25
N ARG A 13 -7.77 -9.15 11.12
CA ARG A 13 -8.24 -8.82 9.73
C ARG A 13 -8.57 -7.32 9.31
N VAL A 14 -7.73 -6.35 9.72
CA VAL A 14 -8.12 -4.91 9.73
C VAL A 14 -6.96 -3.93 9.32
N ILE A 15 -7.34 -2.78 8.72
CA ILE A 15 -6.42 -1.93 7.90
C ILE A 15 -6.15 -0.52 8.55
N GLY A 16 -7.20 0.28 8.82
CA GLY A 16 -7.07 1.71 9.23
C GLY A 16 -8.41 2.44 9.49
N ARG A 17 -8.33 3.68 9.97
CA ARG A 17 -9.52 4.56 10.24
C ARG A 17 -9.71 5.67 9.15
N ASP A 18 -10.42 5.33 8.06
CA ASP A 18 -10.47 6.11 6.77
C ASP A 18 -9.07 6.20 6.04
N GLY A 19 -8.07 6.86 6.67
CA GLY A 19 -6.67 6.94 6.17
C GLY A 19 -5.50 6.73 7.15
N GLU A 20 -5.60 7.22 8.39
CA GLU A 20 -4.61 6.97 9.48
C GLU A 20 -4.84 5.62 10.26
N LEU A 21 -4.08 5.34 11.35
CA LEU A 21 -4.24 4.08 12.17
C LEU A 21 -4.70 4.40 13.65
N PRO A 22 -5.62 3.67 14.35
CA PRO A 22 -5.78 3.82 15.83
C PRO A 22 -4.58 3.47 16.77
N TRP A 23 -3.80 2.44 16.40
CA TRP A 23 -2.60 1.97 17.14
C TRP A 23 -1.26 2.74 16.78
N PRO A 24 -0.19 2.80 17.64
CA PRO A 24 1.03 3.58 17.34
C PRO A 24 1.95 2.98 16.24
N SER A 25 2.43 3.82 15.31
CA SER A 25 3.38 3.37 14.26
C SER A 25 4.85 3.25 14.79
N ILE A 26 5.33 2.02 14.98
CA ILE A 26 6.73 1.74 15.42
C ILE A 26 7.80 2.18 14.34
N PRO A 27 8.88 2.96 14.65
CA PRO A 27 9.98 3.24 13.68
C PRO A 27 10.66 2.08 12.86
N ALA A 28 10.62 0.83 13.34
CA ALA A 28 11.03 -0.37 12.54
C ALA A 28 10.08 -0.76 11.36
N ASP A 29 8.75 -0.85 11.58
CA ASP A 29 7.70 -0.78 10.50
C ASP A 29 7.97 0.35 9.44
N LYS A 30 8.02 1.62 9.86
CA LYS A 30 8.37 2.76 8.97
C LYS A 30 9.92 2.94 8.64
N LYS A 31 10.77 1.90 8.83
CA LYS A 31 12.00 1.67 8.02
C LYS A 31 11.75 0.76 6.77
N GLN A 32 11.08 -0.40 6.86
CA GLN A 32 10.70 -1.22 5.66
C GLN A 32 9.61 -0.57 4.74
N TYR A 33 8.49 -0.13 5.34
CA TYR A 33 7.51 0.80 4.72
C TYR A 33 8.08 2.20 4.21
N ARG A 34 9.26 2.67 4.68
CA ARG A 34 10.06 3.72 3.96
C ARG A 34 11.51 3.25 3.50
N SER A 35 11.63 2.02 2.99
CA SER A 35 12.79 1.53 2.16
C SER A 35 12.32 0.73 0.89
N ARG A 36 11.13 0.09 0.87
CA ARG A 36 10.27 0.03 -0.34
C ARG A 36 9.80 1.45 -0.83
N VAL A 37 9.05 2.22 -0.02
CA VAL A 37 8.65 3.62 -0.38
C VAL A 37 9.82 4.63 -0.05
N ALA A 38 10.83 4.77 -0.93
CA ALA A 38 11.98 5.70 -0.71
C ALA A 38 11.88 7.02 -1.52
N ASP A 39 12.31 7.03 -2.80
CA ASP A 39 12.23 8.23 -3.69
C ASP A 39 11.50 7.90 -5.06
N ASP A 40 10.40 7.11 -5.03
CA ASP A 40 9.75 6.56 -6.28
C ASP A 40 8.16 6.50 -6.17
N PRO A 41 7.33 6.56 -7.27
CA PRO A 41 5.84 6.73 -7.21
C PRO A 41 4.95 5.85 -6.27
N VAL A 42 4.11 6.53 -5.47
CA VAL A 42 3.32 5.91 -4.37
C VAL A 42 1.77 5.96 -4.63
N VAL A 43 1.13 4.82 -4.90
CA VAL A 43 -0.37 4.70 -5.04
C VAL A 43 -1.08 4.67 -3.65
N LEU A 44 -1.92 5.67 -3.35
CA LEU A 44 -2.69 5.74 -2.07
C LEU A 44 -4.11 6.39 -2.27
N GLY A 45 -4.92 6.49 -1.20
CA GLY A 45 -6.29 7.10 -1.30
C GLY A 45 -6.40 8.59 -0.94
N ARG A 46 -7.50 9.20 -1.39
CA ARG A 46 -7.94 10.56 -0.90
C ARG A 46 -8.20 10.78 0.65
N THR A 47 -8.09 9.72 1.44
CA THR A 47 -8.23 9.71 2.92
C THR A 47 -6.85 9.98 3.59
N THR A 48 -5.89 9.07 3.44
CA THR A 48 -4.48 9.22 3.91
C THR A 48 -3.64 10.39 3.29
N PHE A 49 -3.99 10.89 2.09
CA PHE A 49 -3.60 12.25 1.59
C PHE A 49 -3.74 13.48 2.56
N GLU A 50 -4.74 13.51 3.47
CA GLU A 50 -4.79 14.52 4.57
C GLU A 50 -3.58 14.48 5.57
N SER A 51 -3.10 13.28 5.97
CA SER A 51 -1.72 13.11 6.54
C SER A 51 -0.51 13.21 5.54
N MET A 52 -0.68 13.17 4.20
CA MET A 52 0.38 13.54 3.22
C MET A 52 0.19 14.99 2.59
N ARG A 53 -0.11 15.98 3.45
CA ARG A 53 -0.08 17.44 3.10
C ARG A 53 1.33 18.12 3.32
N ASP A 54 2.00 17.85 4.46
CA ASP A 54 3.31 18.46 4.86
C ASP A 54 4.58 17.92 4.10
N ASP A 55 4.72 16.58 3.97
CA ASP A 55 5.82 15.90 3.22
C ASP A 55 5.21 14.74 2.34
N LEU A 56 5.77 14.50 1.15
CA LEU A 56 5.32 13.40 0.25
C LEU A 56 6.17 12.09 0.50
N PRO A 57 5.60 10.88 0.84
CA PRO A 57 6.43 9.64 1.01
C PRO A 57 7.50 9.20 -0.04
N GLY A 58 7.26 9.50 -1.33
CA GLY A 58 8.32 9.47 -2.37
C GLY A 58 8.00 10.35 -3.61
N SER A 59 8.75 10.15 -4.69
CA SER A 59 8.81 11.15 -5.81
C SER A 59 7.60 11.29 -6.80
N ALA A 60 6.48 10.54 -6.67
CA ALA A 60 5.19 10.95 -7.28
C ALA A 60 3.95 10.53 -6.43
N GLN A 61 3.20 11.50 -5.89
CA GLN A 61 1.98 11.23 -5.08
C GLN A 61 0.74 10.83 -5.96
N ILE A 62 0.58 9.52 -6.17
CA ILE A 62 -0.58 8.94 -6.92
C ILE A 62 -1.79 8.80 -5.91
N VAL A 63 -2.93 9.46 -6.19
CA VAL A 63 -4.04 9.65 -5.20
C VAL A 63 -5.43 9.24 -5.81
N MET A 64 -5.98 8.08 -5.40
CA MET A 64 -7.27 7.56 -5.93
C MET A 64 -8.53 8.28 -5.32
N SER A 65 -9.47 8.74 -6.17
CA SER A 65 -10.54 9.69 -5.75
C SER A 65 -11.89 9.52 -6.53
N ARG A 66 -13.01 9.31 -5.83
CA ARG A 66 -14.38 9.18 -6.44
C ARG A 66 -15.02 10.44 -7.16
N SER A 67 -14.58 11.68 -6.88
CA SER A 67 -15.03 12.90 -7.61
C SER A 67 -13.79 13.72 -8.09
N GLU A 68 -13.72 14.14 -9.36
CA GLU A 68 -12.49 14.76 -9.93
C GLU A 68 -12.17 16.20 -9.35
N ARG A 69 -10.97 16.31 -8.74
CA ARG A 69 -10.40 17.61 -8.29
C ARG A 69 -9.11 18.04 -9.07
N SER A 70 -8.10 17.16 -9.23
CA SER A 70 -6.72 17.54 -9.64
C SER A 70 -6.02 18.41 -8.54
N PHE A 71 -5.05 17.84 -7.82
CA PHE A 71 -4.42 18.52 -6.65
C PHE A 71 -3.20 19.38 -7.11
N SER A 72 -3.16 20.65 -6.69
CA SER A 72 -1.99 21.54 -6.93
C SER A 72 -0.78 21.21 -5.98
N VAL A 73 0.09 20.32 -6.45
CA VAL A 73 1.34 19.89 -5.75
C VAL A 73 2.49 19.73 -6.84
N ASP A 74 3.75 19.56 -6.41
CA ASP A 74 4.95 19.44 -7.31
C ASP A 74 4.83 18.40 -8.50
N THR A 75 4.74 17.07 -8.25
CA THR A 75 4.38 16.03 -9.28
C THR A 75 3.33 14.98 -8.79
N ALA A 76 2.17 15.45 -8.32
CA ALA A 76 1.04 14.58 -7.90
C ALA A 76 0.07 14.22 -9.08
N HIS A 77 -0.54 13.03 -9.06
CA HIS A 77 -1.43 12.55 -10.17
C HIS A 77 -2.66 11.77 -9.56
N ARG A 78 -3.91 12.19 -9.81
CA ARG A 78 -5.10 11.42 -9.32
C ARG A 78 -5.49 10.19 -10.20
N ALA A 79 -6.29 9.25 -9.65
CA ALA A 79 -6.80 8.08 -10.43
C ALA A 79 -8.26 7.64 -10.05
N ALA A 80 -8.98 7.04 -11.00
CA ALA A 80 -10.36 6.52 -10.80
C ALA A 80 -10.51 4.96 -10.92
N SER A 81 -10.07 4.36 -12.03
CA SER A 81 -9.99 2.88 -12.20
C SER A 81 -8.62 2.26 -11.74
N VAL A 82 -8.51 0.92 -11.77
CA VAL A 82 -7.18 0.20 -11.86
C VAL A 82 -6.24 0.76 -13.02
N GLU A 83 -6.75 0.83 -14.27
CA GLU A 83 -5.96 1.24 -15.47
C GLU A 83 -5.58 2.76 -15.63
N GLU A 84 -6.35 3.71 -15.05
CA GLU A 84 -5.85 5.10 -14.77
C GLU A 84 -4.49 5.19 -13.98
N ALA A 85 -4.31 4.43 -12.89
CA ALA A 85 -3.00 4.28 -12.21
C ALA A 85 -1.91 3.32 -12.86
N VAL A 86 -2.27 2.36 -13.74
CA VAL A 86 -1.28 1.62 -14.59
C VAL A 86 -0.63 2.50 -15.72
N ASP A 87 -1.39 3.20 -16.57
CA ASP A 87 -0.83 4.12 -17.61
C ASP A 87 0.16 5.23 -17.11
N ILE A 88 -0.12 5.94 -15.99
CA ILE A 88 0.91 6.78 -15.28
C ILE A 88 2.10 6.01 -14.62
N ALA A 89 1.95 4.81 -14.03
CA ALA A 89 3.11 3.96 -13.64
C ALA A 89 4.07 3.50 -14.82
N ALA A 90 3.53 3.06 -15.97
CA ALA A 90 4.30 2.91 -17.23
C ALA A 90 4.85 4.22 -17.91
N SER A 91 4.14 5.37 -17.83
CA SER A 91 4.68 6.70 -18.27
C SER A 91 5.76 7.37 -17.35
N LEU A 92 5.73 7.12 -16.04
CA LEU A 92 6.86 7.44 -15.10
C LEU A 92 8.08 6.45 -15.12
N ASP A 93 7.96 5.21 -15.64
CA ASP A 93 9.06 4.23 -15.87
C ASP A 93 9.52 3.48 -14.57
N ALA A 94 10.14 4.22 -13.61
CA ALA A 94 10.18 3.89 -12.15
C ALA A 94 10.26 2.41 -11.67
N GLU A 95 11.33 1.98 -10.98
CA GLU A 95 11.59 0.55 -10.57
C GLU A 95 10.32 -0.37 -10.28
N THR A 96 9.58 -0.08 -9.20
CA THR A 96 8.22 -0.67 -8.95
C THR A 96 7.25 0.33 -8.23
N ALA A 97 5.99 0.45 -8.69
CA ALA A 97 4.95 1.25 -7.99
C ALA A 97 4.18 0.42 -6.89
N TYR A 98 3.56 1.11 -5.92
CA TYR A 98 3.14 0.45 -4.63
C TYR A 98 1.82 1.00 -4.02
N VAL A 99 0.92 0.09 -3.60
CA VAL A 99 -0.44 0.42 -3.08
C VAL A 99 -0.47 0.41 -1.51
N ILE A 100 -0.64 1.59 -0.88
CA ILE A 100 -0.77 1.70 0.62
C ILE A 100 -2.11 1.09 1.20
N GLY A 101 -3.26 1.64 0.76
CA GLY A 101 -4.52 1.62 1.56
C GLY A 101 -5.20 3.03 1.69
N GLY A 102 -6.34 3.23 2.36
CA GLY A 102 -7.09 2.17 3.09
C GLY A 102 -7.99 1.23 2.25
N ALA A 103 -8.97 0.60 2.91
CA ALA A 103 -9.66 -0.59 2.34
C ALA A 103 -10.44 -0.46 0.99
N ALA A 104 -11.15 0.64 0.68
CA ALA A 104 -11.69 0.88 -0.71
C ALA A 104 -10.66 0.95 -1.90
N ILE A 105 -9.42 1.40 -1.65
CA ILE A 105 -8.28 1.30 -2.62
C ILE A 105 -7.73 -0.18 -2.73
N TYR A 106 -7.40 -0.82 -1.58
CA TYR A 106 -6.98 -2.25 -1.50
C TYR A 106 -7.95 -3.32 -2.15
N ALA A 107 -9.29 -3.17 -2.04
CA ALA A 107 -10.30 -4.00 -2.77
C ALA A 107 -10.18 -4.01 -4.33
N LEU A 108 -10.35 -2.86 -5.00
CA LEU A 108 -10.22 -2.77 -6.48
C LEU A 108 -8.84 -3.17 -7.12
N PHE A 109 -7.71 -2.84 -6.44
CA PHE A 109 -6.36 -3.22 -6.91
C PHE A 109 -5.89 -4.69 -6.67
N GLN A 110 -6.28 -5.41 -5.61
CA GLN A 110 -5.76 -6.79 -5.32
C GLN A 110 -5.85 -7.90 -6.45
N PRO A 111 -6.86 -7.99 -7.37
CA PRO A 111 -6.70 -8.71 -8.68
C PRO A 111 -5.59 -8.26 -9.71
N HIS A 112 -4.94 -7.10 -9.53
CA HIS A 112 -3.77 -6.65 -10.36
C HIS A 112 -2.41 -6.44 -9.60
N LEU A 113 -2.24 -6.60 -8.26
CA LEU A 113 -0.86 -6.62 -7.66
C LEU A 113 -0.22 -8.03 -7.77
N ASP A 114 0.87 -8.13 -8.53
CA ASP A 114 1.65 -9.39 -8.64
C ASP A 114 2.63 -9.70 -7.44
N ARG A 115 3.00 -8.70 -6.62
CA ARG A 115 3.61 -8.93 -5.27
C ARG A 115 2.78 -8.33 -4.06
N MET A 116 3.12 -8.77 -2.83
CA MET A 116 2.65 -8.15 -1.55
C MET A 116 3.88 -7.88 -0.61
N VAL A 117 4.03 -6.66 -0.07
CA VAL A 117 5.00 -6.32 1.03
C VAL A 117 4.27 -5.74 2.30
N LEU A 118 3.33 -6.49 2.91
CA LEU A 118 2.60 -6.02 4.12
C LEU A 118 3.36 -6.33 5.46
N SER A 119 3.46 -5.33 6.35
CA SER A 119 4.03 -5.51 7.72
C SER A 119 2.99 -6.17 8.70
N ARG A 120 3.18 -7.46 9.01
CA ARG A 120 2.40 -8.17 10.08
C ARG A 120 2.86 -7.70 11.50
N VAL A 121 2.10 -6.80 12.14
CA VAL A 121 2.46 -6.22 13.47
C VAL A 121 1.72 -7.05 14.59
N PRO A 122 2.36 -7.94 15.42
CA PRO A 122 1.63 -8.82 16.36
C PRO A 122 1.22 -8.14 17.72
N GLY A 123 0.02 -8.47 18.23
CA GLY A 123 -0.43 -8.01 19.58
C GLY A 123 -1.87 -7.45 19.69
N GLU A 124 -2.18 -6.88 20.87
CA GLU A 124 -3.52 -6.30 21.18
C GLU A 124 -3.82 -4.90 20.49
N TYR A 125 -4.15 -4.98 19.18
CA TYR A 125 -4.35 -3.78 18.32
C TYR A 125 -5.73 -3.84 17.57
N GLU A 126 -6.38 -2.67 17.38
CA GLU A 126 -7.73 -2.58 16.74
C GLU A 126 -7.80 -1.57 15.54
N GLY A 127 -8.84 -1.74 14.72
CA GLY A 127 -9.05 -0.92 13.51
C GLY A 127 -10.52 -0.82 13.05
N ASP A 128 -10.79 0.22 12.27
CA ASP A 128 -12.13 0.52 11.70
C ASP A 128 -12.45 -0.31 10.40
N THR A 129 -11.71 -0.06 9.29
CA THR A 129 -11.95 -0.70 7.97
C THR A 129 -11.33 -2.13 7.85
N TYR A 130 -12.17 -3.08 7.44
CA TYR A 130 -11.81 -4.52 7.36
C TYR A 130 -11.03 -4.92 6.04
N TYR A 131 -10.59 -6.18 5.93
CA TYR A 131 -10.21 -6.78 4.62
C TYR A 131 -11.42 -6.99 3.62
N PRO A 132 -11.28 -6.87 2.27
CA PRO A 132 -12.38 -7.20 1.31
C PRO A 132 -12.45 -8.75 1.01
N GLU A 133 -11.99 -9.20 -0.17
CA GLU A 133 -12.02 -10.63 -0.58
C GLU A 133 -10.59 -11.19 -0.93
N TRP A 134 -9.68 -11.25 0.07
CA TRP A 134 -8.26 -11.62 -0.14
C TRP A 134 -7.96 -13.17 -0.19
N ASP A 135 -6.98 -13.59 -1.01
CA ASP A 135 -6.80 -15.02 -1.38
C ASP A 135 -5.99 -15.87 -0.33
N ALA A 136 -6.68 -16.69 0.49
CA ALA A 136 -5.99 -17.58 1.51
C ALA A 136 -5.34 -18.94 1.04
N ALA A 137 -5.50 -19.37 -0.20
CA ALA A 137 -4.58 -20.37 -0.85
C ALA A 137 -3.83 -19.85 -2.12
N GLU A 138 -4.40 -18.94 -2.94
CA GLU A 138 -3.78 -18.45 -4.21
C GLU A 138 -2.87 -17.16 -4.10
N TRP A 139 -2.42 -16.79 -2.88
CA TRP A 139 -1.21 -15.96 -2.65
C TRP A 139 -0.03 -16.89 -2.19
N GLU A 140 1.00 -17.09 -3.03
CA GLU A 140 2.25 -17.81 -2.64
C GLU A 140 3.25 -16.89 -1.86
N LEU A 141 3.97 -17.46 -0.89
CA LEU A 141 4.97 -16.72 -0.06
C LEU A 141 6.40 -16.75 -0.72
N ASP A 142 7.04 -15.58 -0.90
CA ASP A 142 8.46 -15.47 -1.40
C ASP A 142 9.48 -15.48 -0.20
N ALA A 143 9.44 -14.49 0.72
CA ALA A 143 10.36 -14.45 1.89
C ALA A 143 9.79 -13.73 3.16
N GLU A 144 9.52 -14.47 4.26
CA GLU A 144 9.27 -13.85 5.61
C GLU A 144 10.57 -13.62 6.44
N THR A 145 10.66 -12.43 7.07
CA THR A 145 11.81 -12.02 7.94
C THR A 145 11.27 -11.45 9.30
N ASP A 146 11.57 -12.17 10.39
CA ASP A 146 11.13 -11.80 11.76
C ASP A 146 11.92 -10.60 12.40
N HIS A 147 11.25 -9.84 13.30
CA HIS A 147 11.85 -8.68 14.01
C HIS A 147 11.20 -8.47 15.42
N GLU A 148 11.94 -7.76 16.31
CA GLU A 148 11.48 -7.34 17.67
C GLU A 148 10.04 -6.74 17.89
N GLY A 149 9.48 -5.97 16.93
CA GLY A 149 8.01 -5.71 16.90
C GLY A 149 7.34 -5.57 15.51
N PHE A 150 7.75 -6.38 14.51
CA PHE A 150 7.06 -6.49 13.18
C PHE A 150 7.56 -7.73 12.38
N THR A 151 6.71 -8.25 11.49
CA THR A 151 7.07 -9.34 10.52
C THR A 151 6.91 -8.76 9.08
N LEU A 152 8.00 -8.55 8.33
CA LEU A 152 7.89 -8.38 6.84
C LEU A 152 7.74 -9.77 6.16
N GLN A 153 6.60 -9.99 5.51
CA GLN A 153 6.38 -11.13 4.58
C GLN A 153 6.31 -10.61 3.09
N GLU A 154 7.26 -11.00 2.21
CA GLU A 154 7.09 -10.87 0.73
C GLU A 154 6.32 -12.07 0.07
N TRP A 155 5.58 -11.77 -1.01
CA TRP A 155 4.63 -12.73 -1.66
C TRP A 155 4.62 -12.56 -3.22
N VAL A 156 4.14 -13.59 -3.95
CA VAL A 156 4.31 -13.68 -5.45
C VAL A 156 3.06 -14.20 -6.29
N ARG A 157 1.86 -14.36 -5.71
CA ARG A 157 0.63 -14.90 -6.40
C ARG A 157 0.69 -16.41 -6.81
N SER A 158 -0.46 -17.00 -7.20
CA SER A 158 -0.54 -18.39 -7.75
C SER A 158 0.18 -18.55 -9.13
N ALA A 159 1.48 -18.86 -9.01
CA ALA A 159 2.51 -18.52 -10.02
C ALA A 159 3.91 -19.09 -9.59
N SER A 160 4.43 -18.72 -8.40
CA SER A 160 5.80 -19.09 -7.90
C SER A 160 7.01 -18.65 -8.80
N SER A 161 6.97 -17.41 -9.35
CA SER A 161 7.87 -16.96 -10.46
C SER A 161 7.70 -17.77 -11.79
N ARG A 162 8.25 -19.00 -11.87
CA ARG A 162 7.93 -19.97 -12.95
C ARG A 162 8.08 -21.40 -12.36
N MET A 1 8.80 0.01 -13.71
CA MET A 1 7.42 -0.20 -13.18
C MET A 1 6.89 -1.68 -13.07
N GLU A 2 7.38 -2.51 -12.13
CA GLU A 2 6.50 -3.55 -11.47
C GLU A 2 5.57 -2.92 -10.37
N LEU A 3 4.62 -3.68 -9.79
CA LEU A 3 3.56 -3.12 -8.88
C LEU A 3 3.36 -3.97 -7.58
N VAL A 4 3.54 -3.35 -6.40
CA VAL A 4 3.62 -4.06 -5.09
C VAL A 4 2.58 -3.53 -4.01
N SER A 5 1.98 -4.46 -3.24
CA SER A 5 0.91 -4.17 -2.24
C SER A 5 1.49 -3.95 -0.79
N VAL A 6 1.48 -2.72 -0.24
CA VAL A 6 2.26 -2.36 1.00
C VAL A 6 1.26 -2.01 2.17
N ALA A 7 1.17 -2.85 3.21
CA ALA A 7 0.17 -2.66 4.30
C ALA A 7 0.69 -2.84 5.75
N ALA A 8 -0.03 -2.28 6.72
CA ALA A 8 0.21 -2.47 8.17
C ALA A 8 -1.03 -3.17 8.82
N LEU A 9 -0.85 -4.40 9.33
CA LEU A 9 -1.96 -5.18 9.98
C LEU A 9 -1.75 -5.30 11.53
N ALA A 10 -2.79 -4.97 12.31
CA ALA A 10 -2.87 -5.35 13.75
C ALA A 10 -3.47 -6.81 13.97
N GLU A 11 -4.20 -7.09 15.07
CA GLU A 11 -4.79 -8.45 15.36
C GLU A 11 -6.36 -8.60 15.16
N ASN A 12 -7.00 -7.78 14.30
CA ASN A 12 -8.45 -7.93 13.94
C ASN A 12 -8.70 -7.66 12.41
N ARG A 13 -8.00 -8.38 11.52
CA ARG A 13 -8.12 -8.21 10.02
C ARG A 13 -8.14 -6.76 9.38
N VAL A 14 -7.37 -5.82 9.96
CA VAL A 14 -7.52 -4.36 9.70
C VAL A 14 -6.34 -3.77 8.86
N ILE A 15 -6.63 -3.19 7.67
CA ILE A 15 -5.57 -2.69 6.72
C ILE A 15 -5.31 -1.16 6.98
N GLY A 16 -4.51 -0.82 8.02
CA GLY A 16 -4.37 0.58 8.52
C GLY A 16 -5.65 1.19 9.14
N ARG A 17 -6.03 2.38 8.64
CA ARG A 17 -7.35 3.00 8.94
C ARG A 17 -7.78 4.02 7.81
N ASP A 18 -8.89 4.77 7.99
CA ASP A 18 -9.26 5.89 7.08
C ASP A 18 -8.24 7.11 7.01
N GLY A 19 -7.51 7.43 8.10
CA GLY A 19 -6.44 8.49 8.10
C GLY A 19 -4.99 7.96 7.95
N GLU A 20 -4.43 7.29 8.95
CA GLU A 20 -3.15 6.53 8.80
C GLU A 20 -3.09 5.31 9.78
N LEU A 21 -2.63 5.49 11.02
CA LEU A 21 -2.46 4.38 12.01
C LEU A 21 -2.51 4.94 13.48
N PRO A 22 -3.49 4.61 14.37
CA PRO A 22 -3.41 4.98 15.83
C PRO A 22 -2.34 4.28 16.73
N TRP A 23 -1.43 3.49 16.15
CA TRP A 23 -0.38 2.71 16.88
C TRP A 23 1.07 3.31 16.66
N PRO A 24 1.50 4.44 17.32
CA PRO A 24 2.92 4.90 17.29
C PRO A 24 3.86 4.04 18.21
N SER A 25 5.05 4.57 18.58
CA SER A 25 6.15 3.77 19.24
C SER A 25 6.85 2.62 18.42
N ILE A 26 6.34 2.24 17.23
CA ILE A 26 6.99 1.26 16.29
C ILE A 26 7.55 1.96 14.99
N PRO A 27 8.67 2.76 15.01
CA PRO A 27 9.35 3.20 13.76
C PRO A 27 10.13 2.11 12.93
N ALA A 28 10.28 0.88 13.45
CA ALA A 28 10.82 -0.31 12.70
C ALA A 28 9.94 -0.85 11.52
N ASP A 29 8.60 -1.05 11.70
CA ASP A 29 7.61 -1.06 10.58
C ASP A 29 7.87 0.06 9.50
N LYS A 30 7.84 1.34 9.92
CA LYS A 30 8.11 2.50 9.05
C LYS A 30 9.63 2.67 8.56
N LYS A 31 10.56 1.76 8.91
CA LYS A 31 11.86 1.55 8.20
C LYS A 31 11.76 0.59 6.98
N GLN A 32 11.08 -0.58 7.04
CA GLN A 32 10.61 -1.30 5.81
C GLN A 32 9.67 -0.41 4.92
N TYR A 33 8.51 -0.01 5.45
CA TYR A 33 7.47 0.78 4.73
C TYR A 33 8.00 2.07 3.98
N ARG A 34 8.84 2.92 4.59
CA ARG A 34 9.55 4.02 3.87
C ARG A 34 11.02 3.76 3.35
N SER A 35 11.53 2.52 3.36
CA SER A 35 12.64 2.08 2.47
C SER A 35 12.20 1.27 1.20
N ARG A 36 10.97 0.68 1.14
CA ARG A 36 10.19 0.55 -0.12
C ARG A 36 9.72 1.94 -0.67
N VAL A 37 8.88 2.69 0.07
CA VAL A 37 8.44 4.07 -0.31
C VAL A 37 9.54 5.13 0.03
N ALA A 38 10.67 5.18 -0.73
CA ALA A 38 11.81 6.07 -0.42
C ALA A 38 11.79 7.45 -1.18
N ASP A 39 12.01 7.45 -2.51
CA ASP A 39 11.98 8.69 -3.36
C ASP A 39 11.33 8.40 -4.77
N ASP A 40 10.14 7.72 -4.82
CA ASP A 40 9.53 7.19 -6.10
C ASP A 40 7.93 7.09 -5.99
N PRO A 41 7.10 6.89 -7.07
CA PRO A 41 5.62 7.10 -7.02
C PRO A 41 4.73 6.19 -6.12
N VAL A 42 3.81 6.81 -5.37
CA VAL A 42 3.06 6.14 -4.26
C VAL A 42 1.50 6.17 -4.47
N VAL A 43 0.89 5.00 -4.71
CA VAL A 43 -0.58 4.83 -4.89
C VAL A 43 -1.32 4.69 -3.52
N LEU A 44 -2.19 5.64 -3.17
CA LEU A 44 -3.03 5.57 -1.95
C LEU A 44 -4.47 6.16 -2.18
N GLY A 45 -5.34 6.14 -1.15
CA GLY A 45 -6.71 6.71 -1.26
C GLY A 45 -6.87 8.19 -0.84
N ARG A 46 -7.88 8.85 -1.43
CA ARG A 46 -8.32 10.22 -1.02
C ARG A 46 -8.63 10.57 0.50
N THR A 47 -8.84 9.54 1.34
CA THR A 47 -8.97 9.70 2.83
C THR A 47 -7.60 9.77 3.56
N THR A 48 -6.71 8.76 3.44
CA THR A 48 -5.30 8.85 3.94
C THR A 48 -4.38 10.00 3.38
N PHE A 49 -4.67 10.51 2.17
CA PHE A 49 -4.26 11.87 1.73
C PHE A 49 -4.65 13.11 2.62
N GLU A 50 -5.67 13.09 3.52
CA GLU A 50 -5.83 14.17 4.57
C GLU A 50 -4.76 14.21 5.71
N SER A 51 -4.01 13.10 6.01
CA SER A 51 -2.70 13.20 6.72
C SER A 51 -1.50 13.63 5.79
N MET A 52 -1.35 13.03 4.58
CA MET A 52 -0.31 13.44 3.57
C MET A 52 -0.62 14.81 2.84
N ARG A 53 -0.59 15.91 3.62
CA ARG A 53 -0.75 17.31 3.14
C ARG A 53 0.46 18.26 3.49
N ASP A 54 1.22 18.06 4.59
CA ASP A 54 2.49 18.78 4.87
C ASP A 54 3.74 18.17 4.13
N ASP A 55 4.15 16.91 4.38
CA ASP A 55 5.24 16.21 3.61
C ASP A 55 4.69 14.98 2.80
N LEU A 56 5.17 14.78 1.55
CA LEU A 56 4.75 13.65 0.68
C LEU A 56 5.63 12.35 0.88
N PRO A 57 5.10 11.11 1.14
CA PRO A 57 5.95 9.88 1.29
C PRO A 57 7.03 9.50 0.20
N GLY A 58 6.76 9.82 -1.07
CA GLY A 58 7.80 9.80 -2.14
C GLY A 58 7.44 10.66 -3.38
N SER A 59 8.23 10.50 -4.45
CA SER A 59 8.34 11.54 -5.54
C SER A 59 7.19 11.67 -6.60
N ALA A 60 6.10 10.86 -6.55
CA ALA A 60 4.81 11.26 -7.17
C ALA A 60 3.59 10.76 -6.34
N GLN A 61 2.84 11.68 -5.72
CA GLN A 61 1.65 11.33 -4.89
C GLN A 61 0.42 10.94 -5.77
N ILE A 62 0.27 9.64 -6.03
CA ILE A 62 -0.86 9.05 -6.79
C ILE A 62 -2.07 8.84 -5.81
N VAL A 63 -3.23 9.43 -6.10
CA VAL A 63 -4.34 9.59 -5.11
C VAL A 63 -5.72 9.17 -5.74
N MET A 64 -6.22 7.97 -5.40
CA MET A 64 -7.50 7.41 -5.92
C MET A 64 -8.77 8.13 -5.34
N SER A 65 -9.66 8.65 -6.21
CA SER A 65 -10.89 9.36 -5.75
C SER A 65 -12.15 9.18 -6.67
N ARG A 66 -13.32 9.61 -6.14
CA ARG A 66 -14.48 10.00 -7.00
C ARG A 66 -14.61 11.56 -7.30
N SER A 67 -13.53 12.35 -7.15
CA SER A 67 -13.48 13.80 -7.50
C SER A 67 -12.45 14.03 -8.65
N GLU A 68 -12.87 14.62 -9.80
CA GLU A 68 -11.98 14.83 -10.98
C GLU A 68 -10.91 15.98 -10.76
N ARG A 69 -10.40 16.62 -11.81
CA ARG A 69 -9.37 17.69 -11.79
C ARG A 69 -7.88 17.29 -11.50
N SER A 70 -7.64 16.43 -10.50
CA SER A 70 -6.34 16.33 -9.77
C SER A 70 -6.09 17.49 -8.74
N PHE A 71 -5.20 17.22 -7.78
CA PHE A 71 -4.95 18.12 -6.62
C PHE A 71 -3.82 19.15 -6.95
N SER A 72 -3.97 20.42 -6.53
CA SER A 72 -2.89 21.45 -6.68
C SER A 72 -1.77 21.28 -5.62
N VAL A 73 -0.73 20.51 -5.96
CA VAL A 73 0.44 20.28 -5.06
C VAL A 73 1.75 20.57 -5.90
N ASP A 74 2.71 19.65 -5.97
CA ASP A 74 3.94 19.74 -6.79
C ASP A 74 3.82 18.80 -8.06
N THR A 75 3.79 17.48 -7.81
CA THR A 75 3.70 16.41 -8.86
C THR A 75 2.65 15.29 -8.49
N ALA A 76 1.46 15.70 -7.99
CA ALA A 76 0.40 14.78 -7.51
C ALA A 76 -0.69 14.47 -8.58
N HIS A 77 -0.98 13.18 -8.79
CA HIS A 77 -1.84 12.69 -9.91
C HIS A 77 -3.03 11.83 -9.37
N ARG A 78 -4.29 12.25 -9.58
CA ARG A 78 -5.49 11.43 -9.21
C ARG A 78 -5.75 10.22 -10.18
N ALA A 79 -6.20 9.06 -9.64
CA ALA A 79 -6.65 7.90 -10.45
C ALA A 79 -8.14 7.48 -10.16
N ALA A 80 -8.76 6.80 -11.14
CA ALA A 80 -10.15 6.29 -11.04
C ALA A 80 -10.28 4.73 -11.04
N SER A 81 -9.71 4.02 -12.04
CA SER A 81 -9.68 2.54 -12.10
C SER A 81 -8.22 1.96 -11.96
N VAL A 82 -8.03 0.64 -12.16
CA VAL A 82 -6.68 0.01 -12.38
C VAL A 82 -5.86 0.67 -13.55
N GLU A 83 -6.42 0.74 -14.76
CA GLU A 83 -5.78 1.37 -15.95
C GLU A 83 -5.37 2.89 -15.88
N GLU A 84 -6.11 3.76 -15.15
CA GLU A 84 -5.65 5.14 -14.82
C GLU A 84 -4.35 5.24 -13.93
N ALA A 85 -4.15 4.44 -12.86
CA ALA A 85 -2.83 4.37 -12.16
C ALA A 85 -1.69 3.54 -12.84
N VAL A 86 -1.98 2.56 -13.71
CA VAL A 86 -0.95 1.92 -14.60
C VAL A 86 -0.39 2.87 -15.73
N ASP A 87 -1.21 3.63 -16.47
CA ASP A 87 -0.75 4.61 -17.50
C ASP A 87 0.28 5.70 -16.99
N ILE A 88 -0.04 6.43 -15.90
CA ILE A 88 0.95 7.24 -15.12
C ILE A 88 2.19 6.49 -14.49
N ALA A 89 2.11 5.24 -14.01
CA ALA A 89 3.32 4.45 -13.67
C ALA A 89 4.28 4.05 -14.86
N ALA A 90 3.74 3.68 -16.05
CA ALA A 90 4.52 3.72 -17.33
C ALA A 90 5.04 5.12 -17.81
N SER A 91 4.27 6.22 -17.65
CA SER A 91 4.73 7.60 -17.96
C SER A 91 5.79 8.26 -16.99
N LEU A 92 5.78 7.90 -15.71
CA LEU A 92 6.86 8.23 -14.73
C LEU A 92 8.14 7.29 -14.72
N ASP A 93 8.09 6.11 -15.36
CA ASP A 93 9.23 5.13 -15.49
C ASP A 93 9.45 4.26 -14.20
N ALA A 94 10.15 4.80 -13.17
CA ALA A 94 10.26 4.21 -11.80
C ALA A 94 10.81 2.74 -11.63
N GLU A 95 11.34 2.40 -10.42
CA GLU A 95 11.64 0.97 -10.07
C GLU A 95 10.30 0.15 -9.91
N THR A 96 9.54 0.38 -8.83
CA THR A 96 8.19 -0.19 -8.62
C THR A 96 7.22 0.83 -7.93
N ALA A 97 6.02 1.04 -8.51
CA ALA A 97 4.94 1.79 -7.82
C ALA A 97 4.19 0.90 -6.76
N TYR A 98 3.61 1.53 -5.73
CA TYR A 98 3.24 0.79 -4.49
C TYR A 98 1.83 1.19 -3.95
N VAL A 99 0.95 0.20 -3.69
CA VAL A 99 -0.44 0.44 -3.17
C VAL A 99 -0.46 0.35 -1.62
N ILE A 100 -0.68 1.49 -0.94
CA ILE A 100 -0.85 1.55 0.55
C ILE A 100 -2.16 0.82 1.07
N GLY A 101 -3.34 1.27 0.61
CA GLY A 101 -4.60 1.21 1.40
C GLY A 101 -5.29 2.60 1.61
N GLY A 102 -6.41 2.76 2.31
CA GLY A 102 -7.13 1.64 2.99
C GLY A 102 -8.03 0.77 2.09
N ALA A 103 -8.96 0.03 2.73
CA ALA A 103 -9.60 -1.15 2.11
C ALA A 103 -10.41 -0.99 0.77
N ALA A 104 -11.15 0.10 0.49
CA ALA A 104 -11.74 0.33 -0.86
C ALA A 104 -10.76 0.51 -2.07
N ILE A 105 -9.52 0.98 -1.84
CA ILE A 105 -8.41 0.93 -2.83
C ILE A 105 -7.79 -0.51 -2.97
N TYR A 106 -7.40 -1.14 -1.83
CA TYR A 106 -6.92 -2.55 -1.78
C TYR A 106 -7.84 -3.65 -2.46
N ALA A 107 -9.18 -3.61 -2.26
CA ALA A 107 -10.16 -4.41 -3.05
C ALA A 107 -10.05 -4.41 -4.61
N LEU A 108 -10.20 -3.25 -5.27
CA LEU A 108 -10.08 -3.16 -6.76
C LEU A 108 -8.65 -3.39 -7.36
N PHE A 109 -7.56 -3.00 -6.66
CA PHE A 109 -6.17 -3.26 -7.12
C PHE A 109 -5.57 -4.70 -6.88
N GLN A 110 -5.85 -5.44 -5.77
CA GLN A 110 -5.33 -6.83 -5.53
C GLN A 110 -5.26 -7.83 -6.77
N PRO A 111 -6.29 -8.06 -7.63
CA PRO A 111 -6.11 -8.74 -8.96
C PRO A 111 -5.00 -8.26 -9.97
N HIS A 112 -4.42 -7.06 -9.78
CA HIS A 112 -3.21 -6.61 -10.52
C HIS A 112 -1.84 -6.65 -9.74
N LEU A 113 -1.72 -6.61 -8.39
CA LEU A 113 -0.36 -6.57 -7.74
C LEU A 113 0.35 -7.94 -7.81
N ASP A 114 1.44 -8.00 -8.57
CA ASP A 114 2.26 -9.23 -8.72
C ASP A 114 3.24 -9.53 -7.50
N ARG A 115 3.57 -8.55 -6.65
CA ARG A 115 4.16 -8.76 -5.29
C ARG A 115 3.26 -8.25 -4.11
N MET A 116 3.44 -8.80 -2.90
CA MET A 116 2.85 -8.26 -1.62
C MET A 116 3.98 -7.97 -0.58
N VAL A 117 3.97 -6.80 0.08
CA VAL A 117 4.95 -6.46 1.18
C VAL A 117 4.23 -5.84 2.42
N LEU A 118 3.52 -6.66 3.21
CA LEU A 118 2.85 -6.21 4.46
C LEU A 118 3.72 -6.44 5.74
N SER A 119 3.83 -5.39 6.57
CA SER A 119 4.23 -5.51 8.00
C SER A 119 3.03 -6.00 8.88
N ARG A 120 3.18 -7.10 9.61
CA ARG A 120 2.26 -7.45 10.74
C ARG A 120 2.80 -6.88 12.09
N VAL A 121 1.98 -6.16 12.87
CA VAL A 121 2.39 -5.52 14.16
C VAL A 121 1.65 -6.28 15.33
N PRO A 122 2.14 -7.42 15.91
CA PRO A 122 1.34 -8.24 16.86
C PRO A 122 1.42 -7.79 18.36
N GLY A 123 0.26 -7.56 18.97
CA GLY A 123 0.17 -6.97 20.34
C GLY A 123 -1.11 -6.14 20.59
N GLU A 124 -1.26 -5.06 19.82
CA GLU A 124 -2.43 -4.14 19.87
C GLU A 124 -3.52 -4.52 18.79
N TYR A 125 -4.82 -4.35 19.10
CA TYR A 125 -5.93 -4.92 18.27
C TYR A 125 -6.51 -3.95 17.18
N GLU A 126 -7.22 -2.88 17.60
CA GLU A 126 -7.90 -1.90 16.70
C GLU A 126 -8.99 -2.48 15.69
N GLY A 127 -9.69 -1.61 14.95
CA GLY A 127 -10.73 -2.06 13.99
C GLY A 127 -11.53 -0.98 13.24
N ASP A 128 -10.89 -0.36 12.23
CA ASP A 128 -11.57 0.59 11.29
C ASP A 128 -11.88 -0.12 9.93
N THR A 129 -10.89 -0.23 9.02
CA THR A 129 -11.03 -0.92 7.70
C THR A 129 -10.96 -2.49 7.80
N TYR A 130 -11.38 -3.22 6.75
CA TYR A 130 -11.47 -4.71 6.77
C TYR A 130 -10.84 -5.36 5.50
N TYR A 131 -10.35 -6.62 5.61
CA TYR A 131 -9.92 -7.42 4.43
C TYR A 131 -11.05 -7.75 3.39
N PRO A 132 -10.92 -7.57 2.03
CA PRO A 132 -12.04 -7.78 1.08
C PRO A 132 -12.17 -9.27 0.58
N GLU A 133 -11.55 -9.63 -0.55
CA GLU A 133 -11.63 -10.99 -1.15
C GLU A 133 -10.21 -11.46 -1.62
N TRP A 134 -9.25 -11.57 -0.66
CA TRP A 134 -7.82 -11.90 -0.94
C TRP A 134 -7.51 -13.43 -1.03
N ASP A 135 -6.45 -13.78 -1.77
CA ASP A 135 -6.29 -15.14 -2.34
C ASP A 135 -5.59 -16.16 -1.36
N ALA A 136 -6.34 -16.68 -0.36
CA ALA A 136 -5.80 -17.63 0.66
C ALA A 136 -5.12 -18.99 0.25
N ALA A 137 -5.20 -19.41 -1.03
CA ALA A 137 -4.21 -20.36 -1.62
C ALA A 137 -3.31 -19.78 -2.77
N GLU A 138 -3.83 -18.87 -3.64
CA GLU A 138 -3.10 -18.38 -4.85
C GLU A 138 -2.16 -17.12 -4.66
N TRP A 139 -1.77 -16.80 -3.41
CA TRP A 139 -0.57 -15.98 -3.07
C TRP A 139 0.60 -16.91 -2.58
N GLU A 140 1.70 -16.99 -3.35
CA GLU A 140 2.92 -17.74 -2.94
C GLU A 140 3.89 -16.85 -2.08
N LEU A 141 4.58 -17.46 -1.10
CA LEU A 141 5.55 -16.74 -0.21
C LEU A 141 7.00 -16.73 -0.82
N ASP A 142 7.66 -15.56 -0.87
CA ASP A 142 9.08 -15.39 -1.29
C ASP A 142 10.04 -15.43 -0.04
N ALA A 143 9.96 -14.42 0.86
CA ALA A 143 10.86 -14.29 2.03
C ALA A 143 10.16 -13.65 3.29
N GLU A 144 9.85 -14.44 4.35
CA GLU A 144 9.47 -13.86 5.69
C GLU A 144 10.71 -13.48 6.56
N THR A 145 10.62 -12.33 7.28
CA THR A 145 11.70 -11.85 8.21
C THR A 145 11.11 -11.34 9.58
N ASP A 146 11.26 -12.14 10.66
CA ASP A 146 10.94 -11.73 12.06
C ASP A 146 11.75 -10.49 12.62
N HIS A 147 11.13 -9.74 13.54
CA HIS A 147 11.73 -8.54 14.21
C HIS A 147 11.28 -8.38 15.71
N GLU A 148 11.95 -7.49 16.45
CA GLU A 148 11.55 -7.08 17.84
C GLU A 148 10.10 -6.51 18.10
N GLY A 149 9.43 -5.91 17.10
CA GLY A 149 7.95 -5.69 17.17
C GLY A 149 7.17 -5.67 15.82
N PHE A 150 7.58 -6.48 14.82
CA PHE A 150 6.82 -6.68 13.55
C PHE A 150 7.28 -7.98 12.79
N THR A 151 6.51 -8.49 11.83
CA THR A 151 7.05 -9.40 10.77
C THR A 151 6.80 -8.81 9.33
N LEU A 152 7.87 -8.61 8.53
CA LEU A 152 7.76 -8.42 7.05
C LEU A 152 7.56 -9.79 6.33
N GLN A 153 6.46 -9.94 5.58
CA GLN A 153 6.34 -11.05 4.58
C GLN A 153 6.49 -10.47 3.14
N GLU A 154 7.50 -10.91 2.36
CA GLU A 154 7.53 -10.72 0.89
C GLU A 154 6.81 -11.89 0.15
N TRP A 155 5.88 -11.59 -0.77
CA TRP A 155 5.07 -12.60 -1.53
C TRP A 155 5.11 -12.33 -3.09
N VAL A 156 4.66 -13.30 -3.92
CA VAL A 156 4.88 -13.29 -5.41
C VAL A 156 3.70 -13.74 -6.36
N ARG A 157 2.48 -14.07 -5.85
CA ARG A 157 1.32 -14.59 -6.66
C ARG A 157 1.47 -16.07 -7.19
N SER A 158 0.37 -16.68 -7.70
CA SER A 158 0.38 -18.08 -8.21
C SER A 158 1.18 -18.33 -9.52
N ALA A 159 2.50 -18.48 -9.34
CA ALA A 159 3.45 -18.78 -10.43
C ALA A 159 3.68 -20.31 -10.69
N SER A 160 3.83 -21.16 -9.66
CA SER A 160 3.96 -22.64 -9.82
C SER A 160 2.65 -23.47 -10.09
N SER A 161 1.78 -22.99 -11.00
CA SER A 161 0.48 -23.64 -11.38
C SER A 161 0.61 -25.05 -12.07
N ARG A 162 0.83 -26.11 -11.28
CA ARG A 162 1.07 -27.49 -11.78
C ARG A 162 0.70 -28.55 -10.70
N MET A 1 8.48 -0.22 -13.12
CA MET A 1 7.00 -0.13 -13.36
C MET A 1 6.06 -1.34 -12.96
N GLU A 2 6.51 -2.32 -12.15
CA GLU A 2 5.63 -3.39 -11.56
C GLU A 2 4.89 -2.95 -10.24
N LEU A 3 3.70 -3.50 -9.95
CA LEU A 3 2.78 -2.95 -8.91
C LEU A 3 2.69 -3.82 -7.61
N VAL A 4 2.77 -3.19 -6.42
CA VAL A 4 2.85 -3.91 -5.11
C VAL A 4 1.83 -3.38 -4.02
N SER A 5 1.30 -4.28 -3.18
CA SER A 5 0.23 -3.95 -2.18
C SER A 5 0.82 -3.70 -0.75
N VAL A 6 0.73 -2.50 -0.14
CA VAL A 6 1.55 -2.12 1.06
C VAL A 6 0.65 -1.77 2.31
N ALA A 7 0.33 -2.79 3.11
CA ALA A 7 -0.48 -2.67 4.35
C ALA A 7 0.32 -2.89 5.68
N ALA A 8 -0.37 -2.75 6.82
CA ALA A 8 0.13 -3.26 8.14
C ALA A 8 -1.07 -3.78 8.99
N LEU A 9 -0.95 -5.00 9.52
CA LEU A 9 -1.99 -5.60 10.39
C LEU A 9 -1.85 -5.21 11.91
N ALA A 10 -2.94 -5.42 12.67
CA ALA A 10 -2.94 -5.37 14.15
C ALA A 10 -3.50 -6.67 14.86
N GLU A 11 -3.37 -7.85 14.22
CA GLU A 11 -4.27 -9.03 14.44
C GLU A 11 -5.75 -8.87 13.95
N ASN A 12 -6.41 -7.78 14.37
CA ASN A 12 -7.77 -7.37 13.95
C ASN A 12 -8.01 -6.98 12.44
N ARG A 13 -7.65 -7.86 11.48
CA ARG A 13 -8.06 -7.78 10.03
C ARG A 13 -8.04 -6.39 9.28
N VAL A 14 -7.08 -5.52 9.63
CA VAL A 14 -7.06 -4.09 9.22
C VAL A 14 -5.87 -3.77 8.26
N ILE A 15 -6.16 -3.11 7.13
CA ILE A 15 -5.16 -2.83 6.06
C ILE A 15 -4.95 -1.28 5.83
N GLY A 16 -4.33 -0.61 6.83
CA GLY A 16 -4.13 0.88 6.81
C GLY A 16 -5.40 1.76 6.85
N ARG A 17 -5.95 2.08 8.03
CA ARG A 17 -7.12 3.02 8.14
C ARG A 17 -6.75 4.52 7.85
N ASP A 18 -6.89 4.96 6.59
CA ASP A 18 -6.76 6.40 6.18
C ASP A 18 -5.51 7.26 6.63
N GLY A 19 -4.31 6.64 6.76
CA GLY A 19 -3.08 7.34 7.23
C GLY A 19 -2.65 7.22 8.72
N GLU A 20 -3.60 7.25 9.66
CA GLU A 20 -3.31 7.43 11.11
C GLU A 20 -2.52 6.27 11.84
N LEU A 21 -2.98 5.01 11.68
CA LEU A 21 -2.44 3.82 12.40
C LEU A 21 -2.77 3.81 13.94
N PRO A 22 -3.88 3.18 14.49
CA PRO A 22 -4.00 2.94 15.97
C PRO A 22 -3.04 1.89 16.65
N TRP A 23 -1.85 1.68 16.06
CA TRP A 23 -0.71 0.94 16.66
C TRP A 23 0.63 1.79 16.70
N PRO A 24 0.74 2.97 17.40
CA PRO A 24 2.03 3.73 17.49
C PRO A 24 3.05 3.17 18.54
N SER A 25 4.13 3.93 18.84
CA SER A 25 5.32 3.45 19.62
C SER A 25 6.31 2.44 18.91
N ILE A 26 5.90 1.76 17.83
CA ILE A 26 6.74 0.80 17.05
C ILE A 26 7.16 1.45 15.66
N PRO A 27 8.20 2.33 15.50
CA PRO A 27 8.63 2.81 14.14
C PRO A 27 9.44 1.84 13.21
N ALA A 28 9.43 0.52 13.49
CA ALA A 28 10.06 -0.51 12.64
C ALA A 28 9.22 -1.00 11.40
N ASP A 29 7.87 -1.10 11.45
CA ASP A 29 7.01 -1.10 10.22
C ASP A 29 7.22 0.18 9.32
N LYS A 30 7.09 1.38 9.88
CA LYS A 30 7.62 2.65 9.29
C LYS A 30 9.19 2.76 9.09
N LYS A 31 9.98 1.67 9.21
CA LYS A 31 11.28 1.51 8.51
C LYS A 31 11.24 0.66 7.20
N GLN A 32 10.50 -0.46 7.11
CA GLN A 32 10.29 -1.19 5.83
C GLN A 32 9.21 -0.59 4.87
N TYR A 33 8.02 -0.28 5.41
CA TYR A 33 7.02 0.62 4.78
C TYR A 33 7.56 2.06 4.41
N ARG A 34 8.54 2.65 5.14
CA ARG A 34 9.40 3.75 4.59
C ARG A 34 10.89 3.29 4.29
N SER A 35 11.01 2.26 3.43
CA SER A 35 12.25 1.88 2.68
C SER A 35 11.93 1.14 1.32
N ARG A 36 10.81 0.38 1.17
CA ARG A 36 10.03 0.37 -0.10
C ARG A 36 9.58 1.80 -0.54
N VAL A 37 8.70 2.48 0.22
CA VAL A 37 8.31 3.91 -0.04
C VAL A 37 9.47 4.87 0.42
N ALA A 38 10.41 5.17 -0.49
CA ALA A 38 11.57 6.06 -0.22
C ALA A 38 11.52 7.37 -1.08
N ASP A 39 12.05 7.39 -2.31
CA ASP A 39 11.96 8.57 -3.23
C ASP A 39 11.43 8.14 -4.65
N ASP A 40 10.24 7.49 -4.72
CA ASP A 40 9.62 7.00 -5.99
C ASP A 40 8.02 6.95 -5.89
N PRO A 41 7.20 6.69 -6.97
CA PRO A 41 5.72 6.86 -6.96
C PRO A 41 4.83 6.01 -5.99
N VAL A 42 3.96 6.68 -5.23
CA VAL A 42 3.15 6.06 -4.13
C VAL A 42 1.61 6.16 -4.39
N VAL A 43 0.93 5.02 -4.55
CA VAL A 43 -0.55 4.94 -4.77
C VAL A 43 -1.33 4.94 -3.42
N LEU A 44 -2.26 5.88 -3.20
CA LEU A 44 -3.01 6.01 -1.92
C LEU A 44 -4.47 6.57 -2.12
N GLY A 45 -5.28 6.67 -1.06
CA GLY A 45 -6.66 7.23 -1.18
C GLY A 45 -6.81 8.73 -0.92
N ARG A 46 -7.89 9.30 -1.45
CA ARG A 46 -8.29 10.72 -1.15
C ARG A 46 -8.53 11.14 0.35
N THR A 47 -8.80 10.18 1.25
CA THR A 47 -8.81 10.37 2.73
C THR A 47 -7.37 10.45 3.35
N THR A 48 -6.54 9.41 3.18
CA THR A 48 -5.05 9.42 3.39
C THR A 48 -4.26 10.72 2.97
N PHE A 49 -4.56 11.30 1.79
CA PHE A 49 -4.10 12.66 1.35
C PHE A 49 -4.16 13.85 2.38
N GLU A 50 -5.27 14.01 3.13
CA GLU A 50 -5.37 15.07 4.17
C GLU A 50 -4.43 14.89 5.43
N SER A 51 -3.97 13.67 5.78
CA SER A 51 -2.67 13.46 6.49
C SER A 51 -1.37 13.91 5.70
N MET A 52 -1.15 13.38 4.49
CA MET A 52 0.08 13.64 3.65
C MET A 52 0.29 15.06 3.02
N ARG A 53 -0.58 16.07 3.25
CA ARG A 53 -0.35 17.47 2.76
C ARG A 53 0.87 18.28 3.34
N ASP A 54 1.48 17.87 4.46
CA ASP A 54 2.74 18.47 5.01
C ASP A 54 4.04 17.68 4.58
N ASP A 55 4.09 16.35 4.81
CA ASP A 55 5.19 15.44 4.37
C ASP A 55 4.66 14.53 3.19
N LEU A 56 5.18 14.67 1.95
CA LEU A 56 4.89 13.72 0.84
C LEU A 56 5.75 12.39 0.95
N PRO A 57 5.19 11.15 1.10
CA PRO A 57 6.02 9.91 1.29
C PRO A 57 7.14 9.49 0.28
N GLY A 58 6.95 9.78 -1.01
CA GLY A 58 8.02 9.66 -2.05
C GLY A 58 7.80 10.63 -3.23
N SER A 59 8.52 10.37 -4.33
CA SER A 59 8.66 11.36 -5.45
C SER A 59 7.53 11.46 -6.54
N ALA A 60 6.41 10.73 -6.46
CA ALA A 60 5.17 11.07 -7.23
C ALA A 60 3.88 10.60 -6.51
N GLN A 61 3.15 11.51 -5.85
CA GLN A 61 2.04 11.14 -4.93
C GLN A 61 0.70 10.87 -5.70
N ILE A 62 0.43 9.58 -5.96
CA ILE A 62 -0.73 9.12 -6.77
C ILE A 62 -1.97 8.96 -5.81
N VAL A 63 -3.11 9.58 -6.15
CA VAL A 63 -4.26 9.72 -5.22
C VAL A 63 -5.62 9.31 -5.89
N MET A 64 -6.13 8.10 -5.63
CA MET A 64 -7.45 7.64 -6.14
C MET A 64 -8.69 8.34 -5.47
N SER A 65 -9.61 8.85 -6.30
CA SER A 65 -10.70 9.75 -5.85
C SER A 65 -12.02 9.58 -6.66
N ARG A 66 -13.15 9.30 -5.98
CA ARG A 66 -14.50 9.19 -6.63
C ARG A 66 -15.14 10.47 -7.30
N SER A 67 -14.50 11.65 -7.22
CA SER A 67 -14.92 12.89 -7.95
C SER A 67 -13.80 13.35 -8.96
N GLU A 68 -14.11 13.65 -10.23
CA GLU A 68 -13.12 14.31 -11.14
C GLU A 68 -12.80 15.78 -10.69
N ARG A 69 -11.50 16.14 -10.66
CA ARG A 69 -11.00 17.42 -10.09
C ARG A 69 -9.46 17.65 -10.28
N SER A 70 -8.58 16.68 -9.95
CA SER A 70 -7.10 16.90 -9.82
C SER A 70 -6.66 17.79 -8.60
N PHE A 71 -5.39 17.71 -8.22
CA PHE A 71 -4.85 18.42 -7.02
C PHE A 71 -3.59 19.26 -7.44
N SER A 72 -3.59 20.58 -7.20
CA SER A 72 -2.41 21.45 -7.50
C SER A 72 -1.27 21.39 -6.42
N VAL A 73 -0.42 20.38 -6.52
CA VAL A 73 0.82 20.22 -5.69
C VAL A 73 2.06 20.17 -6.66
N ASP A 74 3.24 19.74 -6.17
CA ASP A 74 4.51 19.72 -6.95
C ASP A 74 4.58 18.59 -8.04
N THR A 75 4.38 17.32 -7.62
CA THR A 75 4.31 16.12 -8.53
C THR A 75 3.22 15.08 -8.09
N ALA A 76 1.99 15.54 -7.79
CA ALA A 76 0.85 14.65 -7.44
C ALA A 76 -0.11 14.37 -8.65
N HIS A 77 -0.67 13.15 -8.72
CA HIS A 77 -1.59 12.76 -9.83
C HIS A 77 -2.84 11.97 -9.30
N ARG A 78 -4.07 12.41 -9.60
CA ARG A 78 -5.29 11.59 -9.35
C ARG A 78 -5.43 10.34 -10.32
N ALA A 79 -6.01 9.23 -9.83
CA ALA A 79 -6.60 8.17 -10.71
C ALA A 79 -8.10 7.80 -10.39
N ALA A 80 -8.79 7.15 -11.35
CA ALA A 80 -10.19 6.66 -11.20
C ALA A 80 -10.34 5.11 -11.39
N SER A 81 -9.87 4.56 -12.53
CA SER A 81 -9.89 3.11 -12.82
C SER A 81 -8.57 2.36 -12.43
N VAL A 82 -8.54 1.02 -12.60
CA VAL A 82 -7.25 0.24 -12.62
C VAL A 82 -6.24 0.74 -13.73
N GLU A 83 -6.67 0.91 -14.99
CA GLU A 83 -5.87 1.56 -16.08
C GLU A 83 -5.33 3.02 -15.87
N GLU A 84 -6.06 3.97 -15.23
CA GLU A 84 -5.49 5.34 -14.90
C GLU A 84 -4.15 5.33 -14.07
N ALA A 85 -4.06 4.56 -12.97
CA ALA A 85 -2.77 4.36 -12.25
C ALA A 85 -1.75 3.27 -12.79
N VAL A 86 -2.06 2.50 -13.84
CA VAL A 86 -1.04 1.72 -14.62
C VAL A 86 -0.26 2.63 -15.64
N ASP A 87 -0.95 3.32 -16.57
CA ASP A 87 -0.31 4.18 -17.61
C ASP A 87 0.58 5.38 -17.11
N ILE A 88 0.27 6.07 -15.98
CA ILE A 88 1.25 6.91 -15.23
C ILE A 88 2.43 6.16 -14.53
N ALA A 89 2.26 4.97 -13.92
CA ALA A 89 3.41 4.13 -13.49
C ALA A 89 4.39 3.63 -14.64
N ALA A 90 3.87 3.26 -15.83
CA ALA A 90 4.69 3.12 -17.07
C ALA A 90 5.29 4.43 -17.70
N SER A 91 4.61 5.58 -17.60
CA SER A 91 5.19 6.93 -17.94
C SER A 91 6.26 7.52 -16.97
N LEU A 92 6.19 7.21 -15.66
CA LEU A 92 7.24 7.52 -14.65
C LEU A 92 8.45 6.51 -14.54
N ASP A 93 8.35 5.26 -15.08
CA ASP A 93 9.46 4.28 -15.20
C ASP A 93 9.78 3.49 -13.89
N ALA A 94 10.40 4.15 -12.88
CA ALA A 94 10.29 3.79 -11.42
C ALA A 94 10.28 2.29 -10.96
N GLU A 95 11.26 1.75 -10.19
CA GLU A 95 11.37 0.27 -9.86
C GLU A 95 10.02 -0.52 -9.67
N THR A 96 9.29 -0.25 -8.58
CA THR A 96 7.89 -0.74 -8.35
C THR A 96 6.98 0.35 -7.70
N ALA A 97 5.71 0.49 -8.14
CA ALA A 97 4.75 1.49 -7.57
C ALA A 97 3.81 0.85 -6.47
N TYR A 98 3.41 1.59 -5.41
CA TYR A 98 3.03 0.95 -4.10
C TYR A 98 1.66 1.44 -3.50
N VAL A 99 0.65 0.53 -3.39
CA VAL A 99 -0.72 0.86 -2.87
C VAL A 99 -0.79 0.84 -1.30
N ILE A 100 -0.95 2.01 -0.66
CA ILE A 100 -1.05 2.13 0.84
C ILE A 100 -2.35 1.51 1.50
N GLY A 101 -3.55 1.89 1.01
CA GLY A 101 -4.78 1.90 1.83
C GLY A 101 -5.49 3.31 1.92
N GLY A 102 -6.75 3.46 2.35
CA GLY A 102 -7.56 2.37 2.97
C GLY A 102 -8.36 1.43 2.02
N ALA A 103 -9.23 0.61 2.63
CA ALA A 103 -9.76 -0.62 1.99
C ALA A 103 -10.53 -0.54 0.63
N ALA A 104 -11.31 0.51 0.30
CA ALA A 104 -11.83 0.71 -1.09
C ALA A 104 -10.78 0.90 -2.25
N ILE A 105 -9.60 1.47 -1.97
CA ILE A 105 -8.43 1.46 -2.93
C ILE A 105 -7.77 0.03 -3.08
N TYR A 106 -7.50 -0.65 -1.96
CA TYR A 106 -6.99 -2.05 -1.95
C TYR A 106 -7.92 -3.14 -2.62
N ALA A 107 -9.23 -3.19 -2.32
CA ALA A 107 -10.23 -4.05 -3.03
C ALA A 107 -10.16 -4.09 -4.60
N LEU A 108 -10.25 -2.94 -5.27
CA LEU A 108 -10.16 -2.86 -6.76
C LEU A 108 -8.75 -3.17 -7.40
N PHE A 109 -7.64 -2.98 -6.65
CA PHE A 109 -6.26 -3.28 -7.12
C PHE A 109 -5.71 -4.71 -6.78
N GLN A 110 -6.00 -5.32 -5.61
CA GLN A 110 -5.48 -6.70 -5.27
C GLN A 110 -5.65 -7.85 -6.36
N PRO A 111 -6.74 -8.02 -7.18
CA PRO A 111 -6.71 -8.90 -8.40
C PRO A 111 -5.73 -8.57 -9.58
N HIS A 112 -5.18 -7.35 -9.65
CA HIS A 112 -4.11 -6.94 -10.61
C HIS A 112 -2.65 -6.78 -10.02
N LEU A 113 -2.42 -6.62 -8.71
CA LEU A 113 -1.05 -6.41 -8.14
C LEU A 113 -0.29 -7.74 -7.91
N ASP A 114 0.77 -7.98 -8.69
CA ASP A 114 1.50 -9.29 -8.66
C ASP A 114 2.63 -9.46 -7.57
N ARG A 115 2.83 -8.47 -6.68
CA ARG A 115 3.43 -8.68 -5.34
C ARG A 115 2.52 -8.11 -4.17
N MET A 116 2.73 -8.61 -2.94
CA MET A 116 2.24 -7.97 -1.69
C MET A 116 3.43 -7.66 -0.72
N VAL A 117 3.45 -6.51 -0.03
CA VAL A 117 4.44 -6.23 1.06
C VAL A 117 3.72 -5.65 2.34
N LEU A 118 3.06 -6.50 3.14
CA LEU A 118 2.41 -6.08 4.40
C LEU A 118 3.25 -6.41 5.69
N SER A 119 3.23 -5.50 6.67
CA SER A 119 3.81 -5.77 8.01
C SER A 119 2.81 -6.50 8.96
N ARG A 120 3.07 -7.78 9.25
CA ARG A 120 2.26 -8.60 10.19
C ARG A 120 2.75 -8.34 11.64
N VAL A 121 2.02 -7.50 12.38
CA VAL A 121 2.43 -7.04 13.75
C VAL A 121 1.99 -8.10 14.81
N PRO A 122 2.89 -8.83 15.56
CA PRO A 122 2.45 -9.84 16.57
C PRO A 122 2.04 -9.29 17.99
N GLY A 123 1.18 -8.26 18.00
CA GLY A 123 0.57 -7.71 19.22
C GLY A 123 -0.91 -7.31 19.03
N GLU A 124 -1.69 -7.45 20.11
CA GLU A 124 -3.15 -7.13 20.12
C GLU A 124 -3.43 -5.59 20.01
N TYR A 125 -4.03 -5.15 18.90
CA TYR A 125 -4.32 -3.70 18.63
C TYR A 125 -5.67 -3.53 17.85
N GLU A 126 -6.26 -2.32 17.91
CA GLU A 126 -7.58 -2.03 17.24
C GLU A 126 -7.44 -1.72 15.69
N GLY A 127 -8.33 -0.90 15.09
CA GLY A 127 -8.34 -0.67 13.62
C GLY A 127 -9.42 0.28 13.07
N ASP A 128 -10.21 -0.22 12.10
CA ASP A 128 -11.40 0.47 11.47
C ASP A 128 -11.79 -0.27 10.15
N THR A 129 -10.90 -0.21 9.12
CA THR A 129 -11.13 -0.84 7.79
C THR A 129 -10.85 -2.38 7.80
N TYR A 130 -11.46 -3.12 6.86
CA TYR A 130 -11.40 -4.61 6.83
C TYR A 130 -10.72 -5.17 5.54
N TYR A 131 -10.23 -6.42 5.60
CA TYR A 131 -9.93 -7.21 4.36
C TYR A 131 -11.19 -7.43 3.44
N PRO A 132 -11.25 -7.04 2.14
CA PRO A 132 -12.43 -7.29 1.27
C PRO A 132 -12.50 -8.78 0.77
N GLU A 133 -12.01 -9.08 -0.44
CA GLU A 133 -11.97 -10.46 -0.99
C GLU A 133 -10.50 -10.78 -1.44
N TRP A 134 -9.66 -11.23 -0.47
CA TRP A 134 -8.23 -11.53 -0.70
C TRP A 134 -7.94 -13.06 -0.91
N ASP A 135 -6.84 -13.39 -1.60
CA ASP A 135 -6.61 -14.76 -2.14
C ASP A 135 -5.94 -15.68 -1.07
N ALA A 136 -6.73 -16.24 -0.12
CA ALA A 136 -6.17 -16.92 1.09
C ALA A 136 -5.38 -18.27 0.95
N ALA A 137 -5.71 -19.17 0.00
CA ALA A 137 -4.71 -20.16 -0.50
C ALA A 137 -3.82 -19.66 -1.71
N GLU A 138 -4.40 -18.90 -2.66
CA GLU A 138 -3.72 -18.48 -3.92
C GLU A 138 -2.84 -17.16 -3.91
N TRP A 139 -2.42 -16.64 -2.74
CA TRP A 139 -1.20 -15.81 -2.57
C TRP A 139 0.00 -16.73 -2.12
N GLU A 140 1.01 -16.94 -2.99
CA GLU A 140 2.25 -17.69 -2.62
C GLU A 140 3.29 -16.77 -1.87
N LEU A 141 4.03 -17.33 -0.90
CA LEU A 141 5.08 -16.60 -0.13
C LEU A 141 6.50 -16.77 -0.79
N ASP A 142 7.20 -15.66 -1.08
CA ASP A 142 8.61 -15.69 -1.58
C ASP A 142 9.65 -15.43 -0.43
N ALA A 143 9.59 -14.29 0.29
CA ALA A 143 10.57 -13.94 1.36
C ALA A 143 9.92 -13.45 2.70
N GLU A 144 10.50 -13.82 3.86
CA GLU A 144 10.03 -13.37 5.21
C GLU A 144 11.20 -12.77 6.07
N THR A 145 11.00 -11.63 6.77
CA THR A 145 12.03 -11.04 7.69
C THR A 145 11.39 -10.64 9.06
N ASP A 146 11.57 -11.47 10.11
CA ASP A 146 11.04 -11.21 11.47
C ASP A 146 11.91 -10.20 12.32
N HIS A 147 11.25 -9.48 13.24
CA HIS A 147 11.87 -8.37 14.03
C HIS A 147 11.24 -8.21 15.47
N GLU A 148 11.95 -7.46 16.32
CA GLU A 148 11.46 -6.91 17.62
C GLU A 148 9.96 -6.45 17.87
N GLY A 149 9.23 -5.98 16.85
CA GLY A 149 7.74 -5.96 16.91
C GLY A 149 6.98 -5.90 15.55
N PHE A 150 7.50 -6.54 14.49
CA PHE A 150 6.81 -6.63 13.16
C PHE A 150 7.41 -7.79 12.30
N THR A 151 6.59 -8.41 11.44
CA THR A 151 7.08 -9.45 10.48
C THR A 151 6.79 -8.94 9.02
N LEU A 152 7.83 -8.65 8.21
CA LEU A 152 7.63 -8.40 6.74
C LEU A 152 7.45 -9.75 5.98
N GLN A 153 6.36 -9.84 5.21
CA GLN A 153 6.12 -10.97 4.26
C GLN A 153 6.08 -10.40 2.79
N GLU A 154 7.05 -10.80 1.95
CA GLU A 154 7.08 -10.46 0.49
C GLU A 154 6.40 -11.62 -0.31
N TRP A 155 5.22 -11.37 -0.90
CA TRP A 155 4.40 -12.43 -1.57
C TRP A 155 4.42 -12.29 -3.13
N VAL A 156 4.22 -13.38 -3.88
CA VAL A 156 4.30 -13.38 -5.38
C VAL A 156 3.01 -13.82 -6.18
N ARG A 157 1.86 -14.10 -5.53
CA ARG A 157 0.61 -14.62 -6.18
C ARG A 157 0.70 -16.08 -6.74
N SER A 158 -0.39 -16.69 -7.25
CA SER A 158 -0.41 -18.15 -7.63
C SER A 158 0.39 -18.54 -8.92
N ALA A 159 1.72 -18.38 -8.87
CA ALA A 159 2.63 -18.62 -10.03
C ALA A 159 2.87 -20.11 -10.44
N SER A 160 2.80 -21.08 -9.51
CA SER A 160 2.73 -22.55 -9.80
C SER A 160 3.89 -23.19 -10.63
N SER A 161 5.14 -22.72 -10.40
CA SER A 161 6.28 -23.00 -11.31
C SER A 161 7.20 -24.14 -10.75
N ARG A 162 8.05 -23.84 -9.74
CA ARG A 162 8.92 -24.87 -9.11
C ARG A 162 9.23 -24.39 -7.66
N MET A 1 9.09 -0.03 -13.13
CA MET A 1 7.60 0.04 -13.03
C MET A 1 6.77 -1.27 -12.74
N GLU A 2 7.29 -2.27 -11.98
CA GLU A 2 6.42 -3.30 -11.33
C GLU A 2 5.53 -2.69 -10.16
N LEU A 3 4.48 -3.41 -9.71
CA LEU A 3 3.51 -2.89 -8.69
C LEU A 3 3.43 -3.78 -7.41
N VAL A 4 3.44 -3.14 -6.23
CA VAL A 4 3.59 -3.85 -4.91
C VAL A 4 2.59 -3.34 -3.81
N SER A 5 1.98 -4.25 -3.04
CA SER A 5 0.89 -3.92 -2.05
C SER A 5 1.42 -3.78 -0.57
N VAL A 6 1.30 -2.58 0.06
CA VAL A 6 2.08 -2.21 1.29
C VAL A 6 1.12 -1.85 2.49
N ALA A 7 0.55 -2.86 3.17
CA ALA A 7 -0.31 -2.68 4.38
C ALA A 7 0.43 -2.88 5.74
N ALA A 8 -0.05 -2.29 6.86
CA ALA A 8 0.46 -2.64 8.23
C ALA A 8 -0.70 -3.06 9.20
N LEU A 9 -0.57 -4.24 9.84
CA LEU A 9 -1.72 -4.91 10.55
C LEU A 9 -1.97 -4.49 12.04
N ALA A 10 -3.18 -4.80 12.52
CA ALA A 10 -3.48 -4.96 13.96
C ALA A 10 -4.24 -6.32 14.27
N GLU A 11 -4.62 -6.58 15.54
CA GLU A 11 -5.64 -7.63 15.87
C GLU A 11 -7.14 -7.17 15.61
N ASN A 12 -7.36 -6.61 14.41
CA ASN A 12 -8.71 -6.27 13.88
C ASN A 12 -8.79 -6.35 12.30
N ARG A 13 -8.01 -7.22 11.63
CA ARG A 13 -8.04 -7.43 10.13
C ARG A 13 -8.02 -6.15 9.21
N VAL A 14 -7.05 -5.26 9.50
CA VAL A 14 -7.04 -3.85 9.03
C VAL A 14 -5.84 -3.52 8.09
N ILE A 15 -6.11 -2.65 7.10
CA ILE A 15 -5.10 -2.15 6.11
C ILE A 15 -4.42 -0.80 6.57
N GLY A 16 -5.25 0.19 6.95
CA GLY A 16 -4.80 1.58 7.27
C GLY A 16 -5.61 2.69 6.55
N ARG A 17 -6.82 3.06 7.01
CA ARG A 17 -7.59 4.21 6.46
C ARG A 17 -8.76 4.74 7.38
N ASP A 18 -9.16 6.02 7.18
CA ASP A 18 -10.32 6.65 7.89
C ASP A 18 -9.94 7.13 9.33
N GLY A 19 -9.97 6.26 10.37
CA GLY A 19 -9.01 6.37 11.52
C GLY A 19 -7.48 6.21 11.25
N GLU A 20 -7.11 5.89 9.99
CA GLU A 20 -5.73 5.81 9.45
C GLU A 20 -4.87 4.64 10.03
N LEU A 21 -3.67 4.91 10.59
CA LEU A 21 -2.97 3.95 11.49
C LEU A 21 -1.95 4.66 12.45
N PRO A 22 -2.35 5.46 13.50
CA PRO A 22 -1.40 6.34 14.25
C PRO A 22 -0.62 5.67 15.44
N TRP A 23 0.27 4.70 15.11
CA TRP A 23 1.08 3.96 16.12
C TRP A 23 2.60 4.33 16.10
N PRO A 24 3.11 5.32 16.92
CA PRO A 24 4.57 5.44 17.21
C PRO A 24 5.12 4.34 18.19
N SER A 25 6.32 4.54 18.75
CA SER A 25 7.11 3.46 19.44
C SER A 25 7.73 2.33 18.53
N ILE A 26 7.18 2.05 17.33
CA ILE A 26 7.72 1.07 16.33
C ILE A 26 8.36 1.73 15.03
N PRO A 27 9.59 2.35 15.02
CA PRO A 27 10.41 2.50 13.78
C PRO A 27 11.07 1.22 13.15
N ALA A 28 10.64 0.00 13.51
CA ALA A 28 10.97 -1.24 12.76
C ALA A 28 9.98 -1.58 11.59
N ASP A 29 8.64 -1.55 11.77
CA ASP A 29 7.66 -1.32 10.65
C ASP A 29 8.03 -0.06 9.79
N LYS A 30 7.99 1.14 10.39
CA LYS A 30 8.22 2.42 9.66
C LYS A 30 9.74 2.82 9.36
N LYS A 31 10.67 1.85 9.37
CA LYS A 31 11.92 1.85 8.51
C LYS A 31 11.82 0.99 7.19
N GLN A 32 11.11 -0.15 7.18
CA GLN A 32 10.93 -1.00 5.96
C GLN A 32 9.76 -0.51 5.03
N TYR A 33 8.57 -0.28 5.61
CA TYR A 33 7.51 0.59 5.03
C TYR A 33 7.98 2.00 4.49
N ARG A 34 8.98 2.65 5.12
CA ARG A 34 9.70 3.83 4.51
C ARG A 34 11.18 3.58 4.02
N SER A 35 11.48 2.39 3.50
CA SER A 35 12.60 2.14 2.55
C SER A 35 12.17 1.39 1.24
N ARG A 36 11.04 0.63 1.21
CA ARG A 36 10.17 0.57 0.00
C ARG A 36 9.57 1.96 -0.42
N VAL A 37 8.87 2.72 0.44
CA VAL A 37 8.49 4.15 0.14
C VAL A 37 9.64 5.12 0.58
N ALA A 38 10.54 5.55 -0.33
CA ALA A 38 11.59 6.56 -0.01
C ALA A 38 11.49 7.85 -0.89
N ASP A 39 12.05 7.86 -2.11
CA ASP A 39 11.96 9.01 -3.06
C ASP A 39 11.50 8.54 -4.50
N ASP A 40 10.34 7.85 -4.59
CA ASP A 40 9.74 7.36 -5.88
C ASP A 40 8.14 7.30 -5.75
N PRO A 41 7.30 7.07 -6.81
CA PRO A 41 5.82 7.24 -6.74
C PRO A 41 4.99 6.27 -5.82
N VAL A 42 4.03 6.86 -5.10
CA VAL A 42 3.28 6.16 -4.00
C VAL A 42 1.73 6.18 -4.28
N VAL A 43 1.15 5.00 -4.58
CA VAL A 43 -0.33 4.83 -4.74
C VAL A 43 -1.04 4.75 -3.35
N LEU A 44 -2.02 5.64 -3.10
CA LEU A 44 -2.81 5.62 -1.84
C LEU A 44 -4.33 5.94 -2.07
N GLY A 45 -5.13 5.85 -1.00
CA GLY A 45 -6.59 6.14 -1.06
C GLY A 45 -6.99 7.57 -0.64
N ARG A 46 -8.08 8.09 -1.20
CA ARG A 46 -8.53 9.50 -0.96
C ARG A 46 -9.14 9.90 0.45
N THR A 47 -8.68 9.27 1.53
CA THR A 47 -9.14 9.51 2.94
C THR A 47 -7.91 9.80 3.84
N THR A 48 -6.99 8.83 4.00
CA THR A 48 -5.54 9.05 4.33
C THR A 48 -4.78 10.25 3.63
N PHE A 49 -5.15 10.60 2.39
CA PHE A 49 -4.75 11.88 1.73
C PHE A 49 -5.01 13.24 2.48
N GLU A 50 -6.03 13.42 3.36
CA GLU A 50 -6.17 14.67 4.20
C GLU A 50 -5.31 14.77 5.52
N SER A 51 -4.75 13.66 6.08
CA SER A 51 -3.57 13.71 7.00
C SER A 51 -2.22 14.09 6.26
N MET A 52 -1.75 13.28 5.28
CA MET A 52 -0.51 13.59 4.48
C MET A 52 -0.72 14.58 3.27
N ARG A 53 -1.22 15.78 3.58
CA ARG A 53 -1.18 16.95 2.64
C ARG A 53 -0.10 18.04 2.94
N ASP A 54 0.36 18.24 4.19
CA ASP A 54 1.56 19.08 4.51
C ASP A 54 2.92 18.64 3.86
N ASP A 55 3.30 17.35 4.00
CA ASP A 55 4.46 16.74 3.29
C ASP A 55 4.05 15.38 2.60
N LEU A 56 4.80 14.96 1.56
CA LEU A 56 4.51 13.73 0.78
C LEU A 56 5.47 12.54 1.17
N PRO A 57 5.04 11.28 1.48
CA PRO A 57 5.99 10.13 1.65
C PRO A 57 7.08 9.75 0.58
N GLY A 58 6.86 10.12 -0.69
CA GLY A 58 7.86 10.00 -1.77
C GLY A 58 7.49 10.83 -3.02
N SER A 59 8.25 10.66 -4.13
CA SER A 59 8.26 11.63 -5.26
C SER A 59 7.13 11.58 -6.36
N ALA A 60 5.93 11.04 -6.05
CA ALA A 60 4.66 11.32 -6.79
C ALA A 60 3.46 10.69 -6.03
N GLN A 61 2.65 11.52 -5.34
CA GLN A 61 1.48 11.02 -4.57
C GLN A 61 0.27 10.68 -5.52
N ILE A 62 0.22 9.39 -5.91
CA ILE A 62 -0.85 8.82 -6.77
C ILE A 62 -2.09 8.53 -5.84
N VAL A 63 -3.29 9.04 -6.19
CA VAL A 63 -4.47 9.07 -5.26
C VAL A 63 -5.77 8.55 -5.96
N MET A 64 -6.22 7.33 -5.62
CA MET A 64 -7.48 6.74 -6.19
C MET A 64 -8.78 7.45 -5.67
N SER A 65 -9.55 8.05 -6.59
CA SER A 65 -10.65 9.00 -6.22
C SER A 65 -11.79 9.00 -7.28
N ARG A 66 -12.93 8.36 -6.98
CA ARG A 66 -14.11 8.32 -7.92
C ARG A 66 -14.92 9.65 -8.19
N SER A 67 -14.59 10.79 -7.57
CA SER A 67 -15.13 12.12 -7.96
C SER A 67 -13.97 12.99 -8.53
N GLU A 68 -14.10 13.50 -9.76
CA GLU A 68 -13.02 14.28 -10.41
C GLU A 68 -12.80 15.71 -9.79
N ARG A 69 -11.56 16.04 -9.43
CA ARG A 69 -11.20 17.37 -8.86
C ARG A 69 -9.87 18.04 -9.33
N SER A 70 -8.88 17.33 -9.89
CA SER A 70 -7.53 17.90 -10.22
C SER A 70 -6.78 18.53 -9.00
N PHE A 71 -6.10 17.69 -8.19
CA PHE A 71 -5.45 18.14 -6.93
C PHE A 71 -4.16 18.98 -7.18
N SER A 72 -4.19 20.27 -6.83
CA SER A 72 -3.03 21.19 -7.00
C SER A 72 -1.95 21.02 -5.87
N VAL A 73 -1.06 20.04 -6.05
CA VAL A 73 0.19 19.88 -5.26
C VAL A 73 1.40 19.83 -6.29
N ASP A 74 2.62 19.55 -5.84
CA ASP A 74 3.85 19.63 -6.70
C ASP A 74 3.94 18.54 -7.81
N THR A 75 3.85 17.24 -7.47
CA THR A 75 3.73 16.13 -8.48
C THR A 75 2.66 15.02 -8.11
N ALA A 76 1.47 15.45 -7.62
CA ALA A 76 0.35 14.53 -7.28
C ALA A 76 -0.62 14.25 -8.48
N HIS A 77 -0.95 12.97 -8.74
CA HIS A 77 -1.84 12.57 -9.89
C HIS A 77 -3.00 11.66 -9.36
N ARG A 78 -4.29 11.98 -9.59
CA ARG A 78 -5.41 11.05 -9.23
C ARG A 78 -5.56 9.82 -10.21
N ALA A 79 -6.10 8.70 -9.73
CA ALA A 79 -6.51 7.54 -10.60
C ALA A 79 -8.01 7.12 -10.41
N ALA A 80 -8.58 6.41 -11.41
CA ALA A 80 -9.97 5.85 -11.35
C ALA A 80 -10.05 4.29 -11.50
N SER A 81 -9.58 3.71 -12.62
CA SER A 81 -9.49 2.24 -12.81
C SER A 81 -8.05 1.65 -12.54
N VAL A 82 -7.89 0.31 -12.49
CA VAL A 82 -6.54 -0.36 -12.56
C VAL A 82 -5.54 0.26 -13.62
N GLU A 83 -5.96 0.38 -14.88
CA GLU A 83 -5.12 0.96 -15.98
C GLU A 83 -4.82 2.50 -15.98
N GLU A 84 -5.61 3.39 -15.33
CA GLU A 84 -5.17 4.79 -15.01
C GLU A 84 -3.82 4.89 -14.19
N ALA A 85 -3.71 4.19 -13.06
CA ALA A 85 -2.41 4.04 -12.33
C ALA A 85 -1.28 3.13 -12.93
N VAL A 86 -1.54 2.25 -13.91
CA VAL A 86 -0.47 1.64 -14.76
C VAL A 86 0.12 2.64 -15.82
N ASP A 87 -0.69 3.36 -16.62
CA ASP A 87 -0.24 4.45 -17.55
C ASP A 87 0.78 5.51 -16.96
N ILE A 88 0.44 6.14 -15.82
CA ILE A 88 1.38 6.98 -15.02
C ILE A 88 2.59 6.26 -14.34
N ALA A 89 2.51 5.00 -13.87
CA ALA A 89 3.73 4.21 -13.49
C ALA A 89 4.72 3.86 -14.66
N ALA A 90 4.24 3.41 -15.83
CA ALA A 90 5.02 3.43 -17.10
C ALA A 90 5.54 4.82 -17.63
N SER A 91 4.79 5.93 -17.46
CA SER A 91 5.27 7.32 -17.77
C SER A 91 6.27 7.98 -16.76
N LEU A 92 6.22 7.63 -15.47
CA LEU A 92 7.25 8.00 -14.46
C LEU A 92 8.55 7.08 -14.41
N ASP A 93 8.52 5.85 -14.95
CA ASP A 93 9.71 4.96 -15.17
C ASP A 93 10.10 4.11 -13.91
N ALA A 94 10.59 4.78 -12.83
CA ALA A 94 10.53 4.31 -11.40
C ALA A 94 10.71 2.79 -11.04
N GLU A 95 11.66 2.37 -10.18
CA GLU A 95 11.88 0.92 -9.82
C GLU A 95 10.56 0.06 -9.60
N THR A 96 9.78 0.41 -8.58
CA THR A 96 8.38 -0.08 -8.39
C THR A 96 7.44 1.04 -7.80
N ALA A 97 6.15 1.05 -8.17
CA ALA A 97 5.13 1.92 -7.52
C ALA A 97 4.29 1.13 -6.46
N TYR A 98 3.88 1.80 -5.36
CA TYR A 98 3.56 1.09 -4.08
C TYR A 98 2.14 1.45 -3.52
N VAL A 99 1.25 0.45 -3.38
CA VAL A 99 -0.16 0.65 -2.91
C VAL A 99 -0.24 0.61 -1.35
N ILE A 100 -0.32 1.77 -0.68
CA ILE A 100 -0.63 1.87 0.79
C ILE A 100 -2.01 1.20 1.18
N GLY A 101 -3.10 1.65 0.55
CA GLY A 101 -4.48 1.42 1.03
C GLY A 101 -5.11 2.57 1.88
N GLY A 102 -6.43 2.76 1.96
CA GLY A 102 -7.38 2.34 0.90
C GLY A 102 -7.83 0.86 0.85
N ALA A 103 -8.73 0.41 1.75
CA ALA A 103 -9.34 -0.96 1.66
C ALA A 103 -10.02 -1.39 0.30
N ALA A 104 -10.99 -0.61 -0.20
CA ALA A 104 -11.45 -0.71 -1.62
C ALA A 104 -10.44 -0.30 -2.77
N ILE A 105 -9.25 0.21 -2.43
CA ILE A 105 -8.11 0.45 -3.38
C ILE A 105 -7.17 -0.80 -3.49
N TYR A 106 -6.70 -1.35 -2.35
CA TYR A 106 -6.20 -2.75 -2.23
C TYR A 106 -7.09 -3.87 -2.89
N ALA A 107 -8.44 -3.81 -2.79
CA ALA A 107 -9.38 -4.72 -3.50
C ALA A 107 -9.20 -4.86 -5.05
N LEU A 108 -9.35 -3.76 -5.82
CA LEU A 108 -9.14 -3.78 -7.30
C LEU A 108 -7.66 -3.94 -7.79
N PHE A 109 -6.65 -3.57 -6.99
CA PHE A 109 -5.22 -3.83 -7.30
C PHE A 109 -4.70 -5.25 -6.96
N GLN A 110 -4.93 -5.82 -5.75
CA GLN A 110 -4.33 -7.12 -5.33
C GLN A 110 -4.38 -8.37 -6.34
N PRO A 111 -5.45 -8.69 -7.14
CA PRO A 111 -5.36 -9.64 -8.29
C PRO A 111 -4.38 -9.29 -9.47
N HIS A 112 -4.25 -8.00 -9.79
CA HIS A 112 -3.23 -7.48 -10.75
C HIS A 112 -1.90 -6.90 -10.10
N LEU A 113 -1.48 -7.32 -8.89
CA LEU A 113 -0.17 -6.91 -8.29
C LEU A 113 0.75 -8.14 -8.18
N ASP A 114 1.83 -8.15 -8.96
CA ASP A 114 2.79 -9.29 -8.98
C ASP A 114 3.71 -9.45 -7.70
N ARG A 115 3.77 -8.45 -6.78
CA ARG A 115 4.35 -8.61 -5.42
C ARG A 115 3.41 -8.05 -4.27
N MET A 116 3.63 -8.52 -3.02
CA MET A 116 3.06 -7.90 -1.78
C MET A 116 4.20 -7.61 -0.75
N VAL A 117 4.14 -6.51 0.03
CA VAL A 117 5.02 -6.29 1.21
C VAL A 117 4.25 -5.77 2.47
N LEU A 118 3.48 -6.63 3.18
CA LEU A 118 2.80 -6.22 4.44
C LEU A 118 3.68 -6.45 5.72
N SER A 119 3.76 -5.41 6.57
CA SER A 119 4.33 -5.51 7.94
C SER A 119 3.26 -6.04 8.95
N ARG A 120 3.35 -7.32 9.34
CA ARG A 120 2.37 -7.97 10.23
C ARG A 120 2.69 -7.68 11.74
N VAL A 121 2.06 -6.64 12.31
CA VAL A 121 2.44 -6.08 13.64
C VAL A 121 1.66 -6.80 14.80
N PRO A 122 2.26 -7.61 15.72
CA PRO A 122 1.51 -8.35 16.77
C PRO A 122 1.26 -7.54 18.09
N GLY A 123 0.03 -7.63 18.62
CA GLY A 123 -0.34 -6.97 19.92
C GLY A 123 -1.80 -6.46 20.00
N GLU A 124 -2.11 -5.81 21.12
CA GLU A 124 -3.49 -5.31 21.42
C GLU A 124 -3.76 -3.92 20.75
N TYR A 125 -4.10 -3.94 19.44
CA TYR A 125 -4.33 -2.73 18.60
C TYR A 125 -5.73 -2.79 17.87
N GLU A 126 -6.46 -1.65 17.83
CA GLU A 126 -7.81 -1.56 17.17
C GLU A 126 -7.77 -1.32 15.60
N GLY A 127 -8.90 -0.98 14.94
CA GLY A 127 -8.92 -0.72 13.47
C GLY A 127 -10.29 -0.59 12.74
N ASP A 128 -10.49 0.48 11.96
CA ASP A 128 -11.73 0.68 11.13
C ASP A 128 -12.04 -0.40 10.02
N THR A 129 -11.31 -0.40 8.88
CA THR A 129 -11.77 -1.07 7.63
C THR A 129 -11.23 -2.52 7.42
N TYR A 130 -12.12 -3.41 6.99
CA TYR A 130 -11.85 -4.88 6.92
C TYR A 130 -11.19 -5.30 5.55
N TYR A 131 -10.43 -6.41 5.55
CA TYR A 131 -9.97 -7.06 4.28
C TYR A 131 -11.12 -7.44 3.27
N PRO A 132 -11.04 -7.21 1.93
CA PRO A 132 -12.14 -7.58 1.00
C PRO A 132 -12.03 -9.10 0.60
N GLU A 133 -11.60 -9.42 -0.62
CA GLU A 133 -11.46 -10.82 -1.10
C GLU A 133 -9.98 -11.13 -1.49
N TRP A 134 -9.13 -11.40 -0.46
CA TRP A 134 -7.69 -11.70 -0.66
C TRP A 134 -7.38 -13.23 -0.80
N ASP A 135 -6.36 -13.59 -1.60
CA ASP A 135 -6.20 -14.98 -2.10
C ASP A 135 -5.46 -15.92 -1.10
N ALA A 136 -6.18 -16.50 -0.11
CA ALA A 136 -5.58 -17.40 0.93
C ALA A 136 -4.85 -18.72 0.51
N ALA A 137 -5.01 -19.22 -0.73
CA ALA A 137 -4.00 -20.12 -1.37
C ALA A 137 -3.23 -19.56 -2.61
N GLU A 138 -3.79 -18.60 -3.39
CA GLU A 138 -3.12 -18.07 -4.63
C GLU A 138 -2.32 -16.71 -4.47
N TRP A 139 -1.66 -16.56 -3.31
CA TRP A 139 -0.45 -15.72 -3.12
C TRP A 139 0.72 -16.68 -2.68
N GLU A 140 1.80 -16.78 -3.46
CA GLU A 140 3.03 -17.53 -3.06
C GLU A 140 4.02 -16.60 -2.29
N LEU A 141 4.65 -17.08 -1.21
CA LEU A 141 5.62 -16.29 -0.40
C LEU A 141 7.12 -16.49 -0.83
N ASP A 142 7.80 -15.37 -1.10
CA ASP A 142 9.23 -15.30 -1.52
C ASP A 142 10.22 -15.27 -0.30
N ALA A 143 10.07 -14.30 0.63
CA ALA A 143 10.96 -14.14 1.80
C ALA A 143 10.22 -13.58 3.05
N GLU A 144 10.42 -14.17 4.25
CA GLU A 144 9.92 -13.59 5.54
C GLU A 144 11.09 -13.11 6.47
N THR A 145 10.88 -12.00 7.19
CA THR A 145 11.83 -11.51 8.25
C THR A 145 11.10 -11.23 9.61
N ASP A 146 11.22 -12.19 10.54
CA ASP A 146 10.74 -12.07 11.94
C ASP A 146 11.60 -11.10 12.85
N HIS A 147 10.92 -10.43 13.79
CA HIS A 147 11.51 -9.37 14.64
C HIS A 147 10.80 -9.22 16.03
N GLU A 148 11.48 -8.55 16.97
CA GLU A 148 10.90 -8.01 18.24
C GLU A 148 9.48 -7.31 18.29
N GLY A 149 8.99 -6.70 17.20
CA GLY A 149 7.53 -6.38 17.06
C GLY A 149 7.00 -6.07 15.64
N PHE A 150 7.39 -6.87 14.63
CA PHE A 150 6.76 -6.87 13.27
C PHE A 150 7.22 -8.13 12.44
N THR A 151 6.31 -8.75 11.67
CA THR A 151 6.67 -9.82 10.67
C THR A 151 6.51 -9.25 9.22
N LEU A 152 7.62 -8.85 8.57
CA LEU A 152 7.60 -8.47 7.13
C LEU A 152 7.57 -9.72 6.22
N GLN A 153 6.53 -9.82 5.37
CA GLN A 153 6.38 -10.90 4.39
C GLN A 153 6.47 -10.31 2.94
N GLU A 154 7.54 -10.63 2.20
CA GLU A 154 7.61 -10.45 0.72
C GLU A 154 6.90 -11.63 -0.01
N TRP A 155 5.86 -11.34 -0.82
CA TRP A 155 5.10 -12.34 -1.61
C TRP A 155 5.19 -12.07 -3.16
N VAL A 156 4.84 -13.08 -3.99
CA VAL A 156 5.02 -13.03 -5.49
C VAL A 156 3.77 -13.44 -6.39
N ARG A 157 2.58 -13.77 -5.83
CA ARG A 157 1.40 -14.32 -6.58
C ARG A 157 1.46 -15.84 -7.01
N SER A 158 0.30 -16.46 -7.26
CA SER A 158 0.17 -17.84 -7.81
C SER A 158 0.94 -18.08 -9.15
N ALA A 159 2.10 -18.77 -9.07
CA ALA A 159 3.00 -18.88 -10.24
C ALA A 159 2.44 -19.62 -11.52
N SER A 160 1.64 -20.70 -11.41
CA SER A 160 0.76 -21.16 -12.52
C SER A 160 -0.48 -21.99 -12.03
N SER A 161 -1.73 -21.59 -12.38
CA SER A 161 -2.99 -22.30 -11.98
C SER A 161 -3.05 -23.87 -12.01
N ARG A 162 -2.57 -24.50 -13.09
CA ARG A 162 -2.32 -25.96 -13.13
C ARG A 162 -1.23 -26.16 -14.21
N MET A 1 8.79 0.11 -13.33
CA MET A 1 7.31 -0.08 -13.28
C MET A 1 6.75 -1.52 -12.89
N GLU A 2 7.36 -2.27 -11.93
CA GLU A 2 6.64 -3.37 -11.20
C GLU A 2 5.63 -2.78 -10.13
N LEU A 3 4.64 -3.55 -9.69
CA LEU A 3 3.62 -3.09 -8.69
C LEU A 3 3.60 -3.98 -7.40
N VAL A 4 3.54 -3.33 -6.23
CA VAL A 4 3.64 -4.04 -4.91
C VAL A 4 2.66 -3.44 -3.84
N SER A 5 2.10 -4.30 -2.95
CA SER A 5 1.05 -3.88 -1.95
C SER A 5 1.64 -3.71 -0.51
N VAL A 6 1.50 -2.54 0.13
CA VAL A 6 2.40 -2.15 1.28
C VAL A 6 1.51 -1.66 2.50
N ALA A 7 1.26 -2.55 3.48
CA ALA A 7 0.30 -2.30 4.61
C ALA A 7 0.89 -2.64 6.03
N ALA A 8 0.18 -2.27 7.11
CA ALA A 8 0.53 -2.69 8.50
C ALA A 8 -0.67 -3.43 9.20
N LEU A 9 -0.48 -4.68 9.61
CA LEU A 9 -1.54 -5.49 10.31
C LEU A 9 -1.33 -5.52 11.86
N ALA A 10 -2.32 -5.05 12.64
CA ALA A 10 -2.33 -5.19 14.13
C ALA A 10 -3.00 -6.51 14.67
N GLU A 11 -2.72 -7.70 14.08
CA GLU A 11 -3.48 -8.97 14.35
C GLU A 11 -5.00 -9.02 13.92
N ASN A 12 -5.76 -7.90 14.01
CA ASN A 12 -7.24 -7.88 13.80
C ASN A 12 -7.79 -7.83 12.32
N ARG A 13 -7.04 -8.30 11.31
CA ARG A 13 -7.40 -8.19 9.86
C ARG A 13 -7.58 -6.72 9.28
N VAL A 14 -6.68 -5.75 9.57
CA VAL A 14 -6.88 -4.31 9.20
C VAL A 14 -5.69 -3.71 8.36
N ILE A 15 -5.91 -3.37 7.07
CA ILE A 15 -4.85 -2.80 6.16
C ILE A 15 -4.82 -1.22 6.05
N GLY A 16 -4.77 -0.48 7.18
CA GLY A 16 -4.94 1.00 7.19
C GLY A 16 -6.42 1.50 7.07
N ARG A 17 -6.83 2.49 7.88
CA ARG A 17 -8.29 2.88 7.97
C ARG A 17 -8.86 3.91 6.92
N ASP A 18 -8.43 3.82 5.64
CA ASP A 18 -8.42 4.98 4.66
C ASP A 18 -8.26 6.41 5.30
N GLY A 19 -7.08 6.65 5.90
CA GLY A 19 -6.84 7.82 6.78
C GLY A 19 -5.49 7.72 7.52
N GLU A 20 -5.52 7.26 8.77
CA GLU A 20 -4.32 7.13 9.64
C GLU A 20 -4.20 5.69 10.27
N LEU A 21 -3.75 5.56 11.53
CA LEU A 21 -3.77 4.30 12.32
C LEU A 21 -4.29 4.58 13.78
N PRO A 22 -5.39 3.98 14.33
CA PRO A 22 -5.79 4.21 15.77
C PRO A 22 -4.80 3.81 16.92
N TRP A 23 -4.10 2.68 16.74
CA TRP A 23 -3.23 2.02 17.75
C TRP A 23 -1.72 2.55 17.82
N PRO A 24 -0.75 2.00 18.63
CA PRO A 24 0.65 2.53 18.67
C PRO A 24 1.52 2.34 17.37
N SER A 25 2.10 3.46 16.88
CA SER A 25 2.94 3.46 15.65
C SER A 25 4.44 3.11 15.92
N ILE A 26 4.87 1.90 15.54
CA ILE A 26 6.28 1.43 15.67
C ILE A 26 7.24 2.07 14.57
N PRO A 27 8.32 2.85 14.88
CA PRO A 27 9.26 3.35 13.83
C PRO A 27 10.18 2.30 13.10
N ALA A 28 10.21 1.02 13.51
CA ALA A 28 10.86 -0.09 12.77
C ALA A 28 10.08 -0.65 11.53
N ASP A 29 8.75 -0.91 11.60
CA ASP A 29 7.90 -1.12 10.37
C ASP A 29 8.00 0.06 9.32
N LYS A 30 7.84 1.31 9.79
CA LYS A 30 8.08 2.54 8.99
C LYS A 30 9.61 2.89 8.74
N LYS A 31 10.56 1.97 9.01
CA LYS A 31 11.79 1.81 8.20
C LYS A 31 11.64 0.97 6.90
N GLN A 32 11.14 -0.26 6.93
CA GLN A 32 10.97 -1.11 5.70
C GLN A 32 9.87 -0.62 4.69
N TYR A 33 8.65 -0.34 5.20
CA TYR A 33 7.61 0.47 4.50
C TYR A 33 8.11 1.88 3.98
N ARG A 34 8.91 2.65 4.78
CA ARG A 34 9.68 3.83 4.24
C ARG A 34 11.20 3.46 3.91
N SER A 35 11.37 2.47 3.02
CA SER A 35 12.65 2.10 2.34
C SER A 35 12.42 1.23 1.04
N ARG A 36 11.28 0.53 0.84
CA ARG A 36 10.56 0.60 -0.48
C ARG A 36 10.03 2.07 -0.76
N VAL A 37 9.13 2.68 0.07
CA VAL A 37 8.67 4.10 -0.15
C VAL A 37 9.76 5.16 0.31
N ALA A 38 10.74 5.39 -0.58
CA ALA A 38 11.88 6.31 -0.35
C ALA A 38 11.73 7.64 -1.18
N ASP A 39 12.09 7.65 -2.48
CA ASP A 39 12.00 8.84 -3.36
C ASP A 39 11.39 8.48 -4.79
N ASP A 40 10.26 7.74 -4.85
CA ASP A 40 9.63 7.25 -6.13
C ASP A 40 8.02 7.17 -6.01
N PRO A 41 7.20 6.90 -7.07
CA PRO A 41 5.72 7.10 -7.03
C PRO A 41 4.86 6.20 -6.10
N VAL A 42 3.93 6.84 -5.38
CA VAL A 42 3.18 6.23 -4.23
C VAL A 42 1.63 6.30 -4.44
N VAL A 43 0.97 5.14 -4.53
CA VAL A 43 -0.50 5.00 -4.75
C VAL A 43 -1.26 4.96 -3.39
N LEU A 44 -2.21 5.88 -3.18
CA LEU A 44 -2.98 5.97 -1.91
C LEU A 44 -4.42 6.57 -2.07
N GLY A 45 -5.24 6.43 -1.01
CA GLY A 45 -6.63 6.99 -0.98
C GLY A 45 -6.75 8.50 -0.70
N ARG A 46 -7.88 9.09 -1.11
CA ARG A 46 -8.13 10.55 -0.91
C ARG A 46 -8.48 11.03 0.54
N THR A 47 -9.00 10.19 1.45
CA THR A 47 -9.09 10.54 2.90
C THR A 47 -7.73 10.47 3.68
N THR A 48 -6.83 9.48 3.41
CA THR A 48 -5.37 9.57 3.83
C THR A 48 -4.54 10.78 3.26
N PHE A 49 -4.79 11.19 2.00
CA PHE A 49 -4.28 12.47 1.42
C PHE A 49 -4.48 13.80 2.23
N GLU A 50 -5.61 14.05 2.92
CA GLU A 50 -5.74 15.22 3.85
C GLU A 50 -4.77 15.27 5.12
N SER A 51 -4.13 14.15 5.53
CA SER A 51 -2.83 14.18 6.30
C SER A 51 -1.52 14.27 5.44
N MET A 52 -1.42 13.68 4.22
CA MET A 52 -0.27 13.89 3.27
C MET A 52 -0.25 15.26 2.46
N ARG A 53 -0.76 16.33 3.08
CA ARG A 53 -0.73 17.72 2.53
C ARG A 53 0.43 18.65 3.03
N ASP A 54 1.11 18.34 4.15
CA ASP A 54 2.32 19.06 4.64
C ASP A 54 3.69 18.48 4.11
N ASP A 55 3.91 17.15 4.16
CA ASP A 55 5.07 16.44 3.54
C ASP A 55 4.56 15.19 2.72
N LEU A 56 5.25 14.86 1.62
CA LEU A 56 4.90 13.72 0.75
C LEU A 56 5.69 12.42 1.16
N PRO A 57 5.10 11.18 1.26
CA PRO A 57 5.90 9.92 1.42
C PRO A 57 7.09 9.62 0.41
N GLY A 58 6.93 9.99 -0.87
CA GLY A 58 8.02 9.95 -1.89
C GLY A 58 7.77 10.87 -3.12
N SER A 59 8.47 10.61 -4.24
CA SER A 59 8.56 11.59 -5.38
C SER A 59 7.44 11.57 -6.49
N ALA A 60 6.29 10.86 -6.33
CA ALA A 60 5.04 11.24 -7.05
C ALA A 60 3.73 10.80 -6.31
N GLN A 61 2.94 11.77 -5.82
CA GLN A 61 1.73 11.49 -5.00
C GLN A 61 0.51 11.08 -5.89
N ILE A 62 0.36 9.77 -6.12
CA ILE A 62 -0.78 9.18 -6.87
C ILE A 62 -1.99 9.00 -5.86
N VAL A 63 -3.15 9.61 -6.18
CA VAL A 63 -4.29 9.77 -5.23
C VAL A 63 -5.63 9.33 -5.91
N MET A 64 -6.23 8.20 -5.49
CA MET A 64 -7.46 7.67 -6.12
C MET A 64 -8.76 8.40 -5.62
N SER A 65 -9.59 8.94 -6.55
CA SER A 65 -10.71 9.85 -6.19
C SER A 65 -11.86 9.80 -7.24
N ARG A 66 -12.95 9.05 -6.95
CA ARG A 66 -14.16 8.99 -7.85
C ARG A 66 -14.89 10.35 -8.19
N SER A 67 -14.83 11.34 -7.28
CA SER A 67 -14.90 12.77 -7.67
C SER A 67 -13.54 13.29 -8.26
N GLU A 68 -13.41 13.48 -9.59
CA GLU A 68 -12.30 14.31 -10.16
C GLU A 68 -12.47 15.84 -9.80
N ARG A 69 -11.48 16.32 -9.06
CA ARG A 69 -11.19 17.77 -8.91
C ARG A 69 -9.82 18.21 -9.55
N SER A 70 -8.83 17.29 -9.64
CA SER A 70 -7.38 17.61 -9.78
C SER A 70 -6.77 18.38 -8.55
N PHE A 71 -5.47 18.24 -8.31
CA PHE A 71 -4.82 18.73 -7.06
C PHE A 71 -3.57 19.60 -7.42
N SER A 72 -3.52 20.85 -6.93
CA SER A 72 -2.33 21.74 -7.11
C SER A 72 -1.21 21.43 -6.07
N VAL A 73 -0.36 20.44 -6.40
CA VAL A 73 0.90 20.13 -5.64
C VAL A 73 2.07 20.03 -6.71
N ASP A 74 3.30 19.75 -6.27
CA ASP A 74 4.51 19.78 -7.14
C ASP A 74 4.53 18.69 -8.28
N THR A 75 4.46 17.40 -7.91
CA THR A 75 4.22 16.28 -8.89
C THR A 75 3.13 15.24 -8.40
N ALA A 76 1.91 15.72 -8.11
CA ALA A 76 0.76 14.87 -7.73
C ALA A 76 -0.18 14.53 -8.94
N HIS A 77 -0.73 13.31 -8.99
CA HIS A 77 -1.67 12.86 -10.06
C HIS A 77 -2.89 12.09 -9.45
N ARG A 78 -4.13 12.24 -9.97
CA ARG A 78 -5.31 11.43 -9.50
C ARG A 78 -5.70 10.25 -10.44
N ALA A 79 -6.47 9.27 -9.93
CA ALA A 79 -7.00 8.14 -10.75
C ALA A 79 -8.39 7.59 -10.32
N ALA A 80 -9.12 6.99 -11.26
CA ALA A 80 -10.41 6.28 -10.97
C ALA A 80 -10.39 4.73 -11.14
N SER A 81 -9.76 4.19 -12.20
CA SER A 81 -9.64 2.73 -12.43
C SER A 81 -8.22 2.14 -12.11
N VAL A 82 -8.07 0.81 -12.20
CA VAL A 82 -6.73 0.11 -12.20
C VAL A 82 -5.85 0.58 -13.42
N GLU A 83 -6.38 0.51 -14.67
CA GLU A 83 -5.80 1.17 -15.88
C GLU A 83 -5.31 2.67 -15.82
N GLU A 84 -6.03 3.62 -15.15
CA GLU A 84 -5.50 5.00 -14.91
C GLU A 84 -4.14 5.05 -14.11
N ALA A 85 -4.04 4.46 -12.90
CA ALA A 85 -2.76 4.34 -12.16
C ALA A 85 -1.63 3.38 -12.73
N VAL A 86 -1.94 2.40 -13.60
CA VAL A 86 -0.93 1.69 -14.45
C VAL A 86 -0.32 2.59 -15.59
N ASP A 87 -1.11 3.34 -16.39
CA ASP A 87 -0.60 4.27 -17.44
C ASP A 87 0.45 5.33 -16.93
N ILE A 88 0.11 6.15 -15.92
CA ILE A 88 1.09 7.01 -15.17
C ILE A 88 2.29 6.31 -14.44
N ALA A 89 2.17 5.09 -13.88
CA ALA A 89 3.38 4.28 -13.50
C ALA A 89 4.37 3.85 -14.64
N ALA A 90 3.87 3.46 -15.83
CA ALA A 90 4.69 3.38 -17.07
C ALA A 90 5.24 4.75 -17.65
N SER A 91 4.47 5.85 -17.62
CA SER A 91 4.94 7.22 -18.02
C SER A 91 5.91 7.96 -17.05
N LEU A 92 5.89 7.69 -15.73
CA LEU A 92 6.97 8.07 -14.77
C LEU A 92 8.28 7.16 -14.74
N ASP A 93 8.31 6.00 -15.43
CA ASP A 93 9.48 5.08 -15.51
C ASP A 93 9.70 4.25 -14.21
N ALA A 94 10.43 4.79 -13.21
CA ALA A 94 10.49 4.28 -11.81
C ALA A 94 10.98 2.78 -11.59
N GLU A 95 11.53 2.44 -10.40
CA GLU A 95 11.70 0.99 -10.01
C GLU A 95 10.30 0.29 -9.82
N THR A 96 9.54 0.70 -8.79
CA THR A 96 8.18 0.17 -8.49
C THR A 96 7.20 1.26 -7.94
N ALA A 97 5.95 1.26 -8.46
CA ALA A 97 4.83 1.95 -7.76
C ALA A 97 4.21 1.06 -6.64
N TYR A 98 3.75 1.68 -5.55
CA TYR A 98 3.40 0.94 -4.29
C TYR A 98 2.03 1.38 -3.70
N VAL A 99 1.15 0.42 -3.41
CA VAL A 99 -0.19 0.69 -2.80
C VAL A 99 -0.07 0.70 -1.24
N ILE A 100 -0.07 1.90 -0.64
CA ILE A 100 -0.36 2.11 0.83
C ILE A 100 -1.67 1.40 1.35
N GLY A 101 -2.80 1.70 0.71
CA GLY A 101 -4.14 1.54 1.34
C GLY A 101 -5.05 2.80 1.31
N GLY A 102 -6.15 2.90 2.08
CA GLY A 102 -6.71 1.79 2.90
C GLY A 102 -7.68 0.83 2.17
N ALA A 103 -8.66 0.29 2.89
CA ALA A 103 -9.48 -0.84 2.39
C ALA A 103 -10.52 -0.61 1.25
N ALA A 104 -10.89 0.65 0.88
CA ALA A 104 -11.45 0.92 -0.47
C ALA A 104 -10.44 0.79 -1.67
N ILE A 105 -9.23 1.35 -1.55
CA ILE A 105 -8.14 1.25 -2.59
C ILE A 105 -7.51 -0.19 -2.70
N TYR A 106 -7.13 -0.78 -1.55
CA TYR A 106 -6.75 -2.23 -1.43
C TYR A 106 -7.80 -3.32 -1.87
N ALA A 107 -9.12 -3.01 -1.96
CA ALA A 107 -10.10 -3.89 -2.64
C ALA A 107 -9.96 -3.96 -4.20
N LEU A 108 -10.10 -2.82 -4.91
CA LEU A 108 -9.98 -2.75 -6.39
C LEU A 108 -8.60 -3.10 -7.03
N PHE A 109 -7.48 -2.69 -6.42
CA PHE A 109 -6.12 -3.00 -6.91
C PHE A 109 -5.56 -4.44 -6.66
N GLN A 110 -5.91 -5.12 -5.55
CA GLN A 110 -5.30 -6.43 -5.16
C GLN A 110 -5.32 -7.64 -6.19
N PRO A 111 -6.29 -7.88 -7.13
CA PRO A 111 -6.06 -8.72 -8.35
C PRO A 111 -4.91 -8.32 -9.36
N HIS A 112 -4.41 -7.08 -9.28
CA HIS A 112 -3.22 -6.60 -10.03
C HIS A 112 -2.05 -6.02 -9.14
N LEU A 113 -1.82 -6.47 -7.90
CA LEU A 113 -0.48 -6.39 -7.25
C LEU A 113 0.18 -7.78 -7.39
N ASP A 114 1.21 -7.90 -8.24
CA ASP A 114 1.92 -9.17 -8.49
C ASP A 114 2.82 -9.67 -7.29
N ARG A 115 3.42 -8.75 -6.51
CA ARG A 115 4.09 -9.06 -5.22
C ARG A 115 3.39 -8.33 -4.00
N MET A 116 3.55 -8.82 -2.76
CA MET A 116 2.99 -8.16 -1.53
C MET A 116 4.13 -7.85 -0.52
N VAL A 117 4.25 -6.62 0.01
CA VAL A 117 5.15 -6.32 1.18
C VAL A 117 4.39 -5.66 2.38
N LEU A 118 3.58 -6.45 3.12
CA LEU A 118 2.94 -5.99 4.38
C LEU A 118 3.81 -6.31 5.65
N SER A 119 3.91 -5.33 6.56
CA SER A 119 4.53 -5.51 7.89
C SER A 119 3.46 -6.00 8.92
N ARG A 120 3.52 -7.25 9.38
CA ARG A 120 2.60 -7.76 10.43
C ARG A 120 3.21 -7.49 11.85
N VAL A 121 2.52 -6.65 12.64
CA VAL A 121 3.02 -6.14 13.94
C VAL A 121 2.19 -6.84 15.09
N PRO A 122 2.66 -7.90 15.80
CA PRO A 122 1.84 -8.59 16.85
C PRO A 122 1.90 -7.98 18.29
N GLY A 123 0.81 -8.15 19.06
CA GLY A 123 0.70 -7.58 20.43
C GLY A 123 -0.71 -7.08 20.81
N GLU A 124 -1.07 -5.88 20.32
CA GLU A 124 -2.35 -5.19 20.67
C GLU A 124 -3.34 -5.13 19.45
N TYR A 125 -4.65 -5.21 19.72
CA TYR A 125 -5.65 -5.61 18.68
C TYR A 125 -6.38 -4.42 17.93
N GLU A 126 -7.18 -3.59 18.64
CA GLU A 126 -7.85 -2.35 18.08
C GLU A 126 -8.51 -2.46 16.64
N GLY A 127 -8.17 -1.57 15.70
CA GLY A 127 -8.71 -1.60 14.31
C GLY A 127 -9.89 -0.65 13.95
N ASP A 128 -10.30 -0.75 12.68
CA ASP A 128 -11.37 0.08 12.05
C ASP A 128 -12.02 -0.70 10.84
N THR A 129 -11.22 -1.07 9.81
CA THR A 129 -11.70 -1.79 8.57
C THR A 129 -11.21 -3.29 8.51
N TYR A 130 -11.68 -4.05 7.50
CA TYR A 130 -11.38 -5.51 7.33
C TYR A 130 -10.60 -5.82 5.99
N TYR A 131 -9.97 -7.00 5.86
CA TYR A 131 -9.48 -7.52 4.54
C TYR A 131 -10.63 -7.73 3.47
N PRO A 132 -10.60 -7.27 2.18
CA PRO A 132 -11.76 -7.40 1.26
C PRO A 132 -11.95 -8.84 0.68
N GLU A 133 -11.48 -9.13 -0.54
CA GLU A 133 -11.57 -10.48 -1.18
C GLU A 133 -10.16 -11.02 -1.63
N TRP A 134 -9.22 -11.19 -0.67
CA TRP A 134 -7.81 -11.60 -0.95
C TRP A 134 -7.64 -13.14 -1.17
N ASP A 135 -6.68 -13.50 -2.02
CA ASP A 135 -6.68 -14.82 -2.70
C ASP A 135 -6.10 -15.96 -1.79
N ALA A 136 -7.03 -16.64 -1.08
CA ALA A 136 -6.65 -17.59 0.02
C ALA A 136 -5.92 -18.93 -0.35
N ALA A 137 -6.07 -19.49 -1.56
CA ALA A 137 -5.05 -20.40 -2.15
C ALA A 137 -3.97 -19.69 -3.04
N GLU A 138 -4.36 -18.73 -3.90
CA GLU A 138 -3.44 -18.15 -4.94
C GLU A 138 -2.60 -16.85 -4.60
N TRP A 139 -2.19 -16.66 -3.34
CA TRP A 139 -0.99 -15.86 -2.96
C TRP A 139 0.13 -16.82 -2.40
N GLU A 140 1.24 -16.98 -3.12
CA GLU A 140 2.41 -17.79 -2.67
C GLU A 140 3.46 -16.93 -1.87
N LEU A 141 4.19 -17.56 -0.92
CA LEU A 141 5.21 -16.85 -0.08
C LEU A 141 6.65 -16.88 -0.72
N ASP A 142 7.29 -15.71 -0.81
CA ASP A 142 8.67 -15.52 -1.39
C ASP A 142 9.75 -15.50 -0.24
N ALA A 143 9.70 -14.51 0.67
CA ALA A 143 10.70 -14.35 1.78
C ALA A 143 10.11 -13.70 3.08
N GLU A 144 10.09 -14.40 4.24
CA GLU A 144 9.69 -13.78 5.56
C GLU A 144 10.93 -13.43 6.46
N THR A 145 10.92 -12.25 7.13
CA THR A 145 12.02 -11.79 8.04
C THR A 145 11.48 -11.32 9.45
N ASP A 146 11.63 -12.15 10.50
CA ASP A 146 11.34 -11.76 11.92
C ASP A 146 12.22 -10.59 12.51
N HIS A 147 11.61 -9.78 13.38
CA HIS A 147 12.30 -8.68 14.13
C HIS A 147 11.78 -8.56 15.61
N GLU A 148 12.48 -7.78 16.46
CA GLU A 148 12.05 -7.41 17.85
C GLU A 148 10.59 -6.95 18.17
N GLY A 149 9.84 -6.40 17.20
CA GLY A 149 8.35 -6.34 17.29
C GLY A 149 7.59 -6.18 15.94
N PHE A 150 8.02 -6.86 14.86
CA PHE A 150 7.31 -6.92 13.55
C PHE A 150 7.91 -8.04 12.63
N THR A 151 7.08 -8.70 11.82
CA THR A 151 7.55 -9.53 10.66
C THR A 151 7.25 -8.82 9.30
N LEU A 152 8.29 -8.56 8.48
CA LEU A 152 8.09 -8.32 7.01
C LEU A 152 7.90 -9.69 6.28
N GLN A 153 6.77 -9.86 5.59
CA GLN A 153 6.55 -11.01 4.67
C GLN A 153 6.49 -10.48 3.19
N GLU A 154 7.50 -10.85 2.37
CA GLU A 154 7.47 -10.70 0.89
C GLU A 154 6.69 -11.88 0.24
N TRP A 155 5.68 -11.56 -0.58
CA TRP A 155 4.84 -12.57 -1.29
C TRP A 155 4.94 -12.43 -2.86
N VAL A 156 4.42 -13.45 -3.57
CA VAL A 156 4.27 -13.44 -5.06
C VAL A 156 2.87 -14.05 -5.48
N ARG A 157 2.20 -13.56 -6.55
CA ARG A 157 0.94 -14.16 -7.06
C ARG A 157 1.14 -15.53 -7.83
N SER A 158 0.08 -16.34 -7.91
CA SER A 158 0.14 -17.75 -8.42
C SER A 158 0.61 -17.99 -9.89
N ALA A 159 1.92 -18.21 -10.06
CA ALA A 159 2.55 -18.52 -11.37
C ALA A 159 2.47 -20.01 -11.85
N SER A 160 2.60 -21.01 -10.95
CA SER A 160 2.49 -22.46 -11.32
C SER A 160 1.55 -23.31 -10.39
N SER A 161 1.62 -23.18 -9.04
CA SER A 161 0.83 -23.97 -8.05
C SER A 161 1.22 -25.50 -7.94
N ARG A 162 0.86 -26.35 -8.92
CA ARG A 162 1.30 -27.77 -8.94
C ARG A 162 1.31 -28.28 -10.40
N MET A 1 8.56 -0.56 -13.42
CA MET A 1 7.11 -0.34 -13.66
C MET A 1 6.08 -1.47 -13.26
N GLU A 2 6.46 -2.47 -12.44
CA GLU A 2 5.47 -3.43 -11.84
C GLU A 2 4.61 -2.79 -10.68
N LEU A 3 3.74 -3.57 -10.02
CA LEU A 3 2.82 -3.07 -8.96
C LEU A 3 2.90 -3.95 -7.67
N VAL A 4 3.03 -3.33 -6.48
CA VAL A 4 3.28 -4.06 -5.20
C VAL A 4 2.44 -3.49 -4.00
N SER A 5 1.65 -4.30 -3.25
CA SER A 5 0.72 -3.75 -2.19
C SER A 5 1.22 -3.82 -0.71
N VAL A 6 1.09 -2.71 0.02
CA VAL A 6 1.91 -2.40 1.25
C VAL A 6 0.94 -1.96 2.42
N ALA A 7 0.51 -2.91 3.27
CA ALA A 7 -0.38 -2.62 4.44
C ALA A 7 0.36 -2.67 5.83
N ALA A 8 -0.16 -1.96 6.84
CA ALA A 8 0.34 -2.07 8.24
C ALA A 8 -0.78 -2.66 9.18
N LEU A 9 -0.58 -3.87 9.69
CA LEU A 9 -1.58 -4.58 10.54
C LEU A 9 -1.61 -4.09 12.03
N ALA A 10 -2.77 -4.28 12.69
CA ALA A 10 -2.85 -4.37 14.18
C ALA A 10 -3.61 -5.66 14.67
N GLU A 11 -3.29 -6.84 14.10
CA GLU A 11 -3.98 -8.15 14.39
C GLU A 11 -5.47 -8.32 13.90
N ASN A 12 -6.40 -7.40 14.18
CA ASN A 12 -7.80 -7.44 13.65
C ASN A 12 -7.95 -7.18 12.10
N ARG A 13 -7.28 -8.03 11.29
CA ARG A 13 -7.30 -8.02 9.78
C ARG A 13 -7.56 -6.66 9.04
N VAL A 14 -6.73 -5.67 9.41
CA VAL A 14 -6.90 -4.23 9.06
C VAL A 14 -5.82 -3.77 8.02
N ILE A 15 -6.24 -2.93 7.04
CA ILE A 15 -5.30 -2.27 6.09
C ILE A 15 -4.67 -0.96 6.69
N GLY A 16 -5.51 -0.03 7.20
CA GLY A 16 -5.09 1.29 7.74
C GLY A 16 -5.62 2.47 6.89
N ARG A 17 -6.75 3.10 7.28
CA ARG A 17 -7.28 4.30 6.56
C ARG A 17 -8.16 5.36 7.31
N ASP A 18 -9.30 5.04 7.96
CA ASP A 18 -10.35 6.06 8.29
C ASP A 18 -9.95 7.16 9.34
N GLY A 19 -9.23 6.80 10.42
CA GLY A 19 -8.19 7.71 11.01
C GLY A 19 -6.73 7.18 10.92
N GLU A 20 -6.28 6.81 9.70
CA GLU A 20 -4.94 6.21 9.45
C GLU A 20 -4.59 4.83 10.12
N LEU A 21 -4.42 4.73 11.45
CA LEU A 21 -4.15 3.43 12.14
C LEU A 21 -4.49 3.49 13.68
N PRO A 22 -5.57 2.85 14.26
CA PRO A 22 -5.88 2.95 15.73
C PRO A 22 -4.87 2.49 16.85
N TRP A 23 -3.74 1.85 16.48
CA TRP A 23 -2.65 1.47 17.42
C TRP A 23 -1.43 2.50 17.44
N PRO A 24 -0.48 2.51 18.41
CA PRO A 24 0.68 3.45 18.37
C PRO A 24 1.78 3.12 17.30
N SER A 25 1.95 4.04 16.33
CA SER A 25 2.85 3.81 15.15
C SER A 25 4.37 3.49 15.45
N ILE A 26 4.79 2.23 15.26
CA ILE A 26 6.21 1.79 15.48
C ILE A 26 7.19 2.35 14.36
N PRO A 27 8.33 3.06 14.66
CA PRO A 27 9.33 3.46 13.61
C PRO A 27 10.22 2.34 12.93
N ALA A 28 10.08 1.06 13.31
CA ALA A 28 10.66 -0.09 12.57
C ALA A 28 9.82 -0.58 11.34
N ASP A 29 8.48 -0.73 11.46
CA ASP A 29 7.54 -0.66 10.29
C ASP A 29 7.84 0.56 9.36
N LYS A 30 7.74 1.80 9.87
CA LYS A 30 8.02 3.03 9.05
C LYS A 30 9.56 3.30 8.75
N LYS A 31 10.46 2.29 8.89
CA LYS A 31 11.68 2.13 8.06
C LYS A 31 11.57 1.14 6.86
N GLN A 32 11.05 -0.11 6.97
CA GLN A 32 10.71 -0.93 5.75
C GLN A 32 9.66 -0.27 4.80
N TYR A 33 8.50 0.11 5.35
CA TYR A 33 7.52 1.05 4.72
C TYR A 33 8.14 2.37 4.09
N ARG A 34 9.20 2.97 4.70
CA ARG A 34 10.03 4.02 4.03
C ARG A 34 11.49 3.56 3.66
N SER A 35 11.57 2.51 2.83
CA SER A 35 12.79 1.97 2.14
C SER A 35 12.42 1.04 0.91
N ARG A 36 11.26 0.33 0.90
CA ARG A 36 10.42 0.23 -0.34
C ARG A 36 9.96 1.65 -0.85
N VAL A 37 9.13 2.41 -0.09
CA VAL A 37 8.71 3.79 -0.48
C VAL A 37 9.82 4.85 -0.10
N ALA A 38 10.77 5.12 -1.01
CA ALA A 38 11.90 6.06 -0.77
C ALA A 38 11.79 7.39 -1.61
N ASP A 39 12.24 7.41 -2.88
CA ASP A 39 12.08 8.58 -3.79
C ASP A 39 11.44 8.17 -5.18
N ASP A 40 10.28 7.46 -5.15
CA ASP A 40 9.56 6.98 -6.38
C ASP A 40 7.97 7.03 -6.22
N PRO A 41 7.10 6.91 -7.26
CA PRO A 41 5.63 7.10 -7.14
C PRO A 41 4.80 6.14 -6.23
N VAL A 42 3.84 6.70 -5.48
CA VAL A 42 3.14 6.02 -4.35
C VAL A 42 1.58 6.05 -4.51
N VAL A 43 0.94 4.88 -4.65
CA VAL A 43 -0.54 4.74 -4.85
C VAL A 43 -1.31 4.69 -3.47
N LEU A 44 -2.10 5.72 -3.14
CA LEU A 44 -2.84 5.77 -1.84
C LEU A 44 -4.28 6.39 -1.99
N GLY A 45 -5.18 6.15 -1.01
CA GLY A 45 -6.52 6.78 -1.01
C GLY A 45 -6.63 8.15 -0.30
N ARG A 46 -7.63 8.96 -0.71
CA ARG A 46 -7.80 10.34 -0.16
C ARG A 46 -8.01 10.55 1.40
N THR A 47 -8.38 9.55 2.21
CA THR A 47 -8.43 9.69 3.72
C THR A 47 -7.04 9.84 4.43
N THR A 48 -6.03 8.99 4.13
CA THR A 48 -4.59 9.24 4.48
C THR A 48 -3.93 10.55 3.90
N PHE A 49 -4.33 11.00 2.69
CA PHE A 49 -3.86 12.29 2.09
C PHE A 49 -3.95 13.61 2.94
N GLU A 50 -5.00 13.77 3.75
CA GLU A 50 -5.11 14.92 4.70
C GLU A 50 -4.43 14.67 6.13
N SER A 51 -3.74 13.52 6.36
CA SER A 51 -2.41 13.47 7.07
C SER A 51 -1.16 13.84 6.17
N MET A 52 -1.00 13.28 4.95
CA MET A 52 0.17 13.54 4.04
C MET A 52 0.16 14.97 3.34
N ARG A 53 0.22 15.99 4.20
CA ARG A 53 0.36 17.43 3.81
C ARG A 53 1.76 18.09 4.10
N ASP A 54 2.53 17.59 5.08
CA ASP A 54 3.90 18.08 5.41
C ASP A 54 5.03 17.41 4.54
N ASP A 55 5.21 16.06 4.57
CA ASP A 55 6.01 15.31 3.56
C ASP A 55 5.11 14.45 2.57
N LEU A 56 5.60 14.28 1.34
CA LEU A 56 5.20 13.14 0.48
C LEU A 56 6.17 11.92 0.75
N PRO A 57 5.71 10.69 1.11
CA PRO A 57 6.62 9.49 1.21
C PRO A 57 7.58 9.09 0.03
N GLY A 58 7.24 9.44 -1.21
CA GLY A 58 8.20 9.45 -2.36
C GLY A 58 7.78 10.40 -3.51
N SER A 59 8.34 10.20 -4.70
CA SER A 59 8.38 11.24 -5.79
C SER A 59 7.17 11.33 -6.81
N ALA A 60 5.97 10.80 -6.48
CA ALA A 60 4.68 11.24 -7.09
C ALA A 60 3.47 10.64 -6.31
N GLN A 61 2.68 11.45 -5.57
CA GLN A 61 1.52 10.93 -4.79
C GLN A 61 0.25 10.68 -5.68
N ILE A 62 -0.01 9.39 -5.96
CA ILE A 62 -1.11 8.92 -6.85
C ILE A 62 -2.40 8.74 -5.97
N VAL A 63 -3.25 9.78 -5.88
CA VAL A 63 -4.36 9.86 -4.88
C VAL A 63 -5.75 9.41 -5.47
N MET A 64 -6.28 8.28 -5.00
CA MET A 64 -7.62 7.75 -5.39
C MET A 64 -8.81 8.62 -4.87
N SER A 65 -9.53 9.27 -5.81
CA SER A 65 -10.58 10.28 -5.52
C SER A 65 -11.73 10.18 -6.57
N ARG A 66 -12.98 9.86 -6.15
CA ARG A 66 -14.13 9.75 -7.10
C ARG A 66 -14.53 11.13 -7.76
N SER A 67 -14.48 11.21 -9.11
CA SER A 67 -14.64 12.47 -9.90
C SER A 67 -13.34 13.38 -9.96
N GLU A 68 -13.20 14.20 -11.02
CA GLU A 68 -11.91 14.88 -11.37
C GLU A 68 -11.44 15.95 -10.32
N ARG A 69 -10.13 15.95 -10.04
CA ARG A 69 -9.49 16.95 -9.14
C ARG A 69 -7.94 16.96 -9.31
N SER A 70 -7.42 17.97 -10.01
CA SER A 70 -5.98 18.33 -9.91
C SER A 70 -5.61 19.02 -8.55
N PHE A 71 -4.87 18.32 -7.69
CA PHE A 71 -4.44 18.85 -6.36
C PHE A 71 -3.13 19.72 -6.48
N SER A 72 -3.18 21.00 -6.08
CA SER A 72 -1.97 21.89 -6.03
C SER A 72 -0.93 21.48 -4.94
N VAL A 73 0.10 20.71 -5.35
CA VAL A 73 1.27 20.33 -4.49
C VAL A 73 2.55 20.48 -5.40
N ASP A 74 3.51 19.53 -5.39
CA ASP A 74 4.65 19.53 -6.34
C ASP A 74 4.35 18.57 -7.56
N THR A 75 4.53 17.24 -7.42
CA THR A 75 4.18 16.23 -8.48
C THR A 75 3.03 15.20 -8.09
N ALA A 76 1.93 15.70 -7.51
CA ALA A 76 0.75 14.87 -7.14
C ALA A 76 -0.34 14.73 -8.28
N HIS A 77 -0.81 13.50 -8.56
CA HIS A 77 -1.82 13.22 -9.62
C HIS A 77 -3.01 12.35 -9.04
N ARG A 78 -4.29 12.61 -9.38
CA ARG A 78 -5.43 11.76 -8.86
C ARG A 78 -5.73 10.46 -9.71
N ALA A 79 -6.54 9.52 -9.19
CA ALA A 79 -7.03 8.33 -9.93
C ALA A 79 -8.49 7.90 -9.57
N ALA A 80 -9.17 7.18 -10.47
CA ALA A 80 -10.54 6.63 -10.23
C ALA A 80 -10.72 5.10 -10.51
N SER A 81 -10.14 4.55 -11.59
CA SER A 81 -10.13 3.08 -11.87
C SER A 81 -8.68 2.45 -11.80
N VAL A 82 -8.58 1.19 -12.19
CA VAL A 82 -7.26 0.50 -12.40
C VAL A 82 -6.41 1.17 -13.55
N GLU A 83 -6.97 1.31 -14.77
CA GLU A 83 -6.37 2.12 -15.89
C GLU A 83 -5.86 3.58 -15.63
N GLU A 84 -6.63 4.46 -14.96
CA GLU A 84 -6.20 5.83 -14.53
C GLU A 84 -4.91 5.99 -13.63
N ALA A 85 -4.54 4.99 -12.81
CA ALA A 85 -3.21 4.93 -12.14
C ALA A 85 -2.10 4.05 -12.85
N VAL A 86 -2.44 3.02 -13.65
CA VAL A 86 -1.45 2.29 -14.51
C VAL A 86 -0.79 3.19 -15.62
N ASP A 87 -1.56 3.90 -16.47
CA ASP A 87 -1.00 4.76 -17.55
C ASP A 87 -0.06 5.93 -17.08
N ILE A 88 -0.31 6.60 -15.93
CA ILE A 88 0.71 7.46 -15.24
C ILE A 88 1.93 6.72 -14.60
N ALA A 89 1.81 5.54 -13.95
CA ALA A 89 2.99 4.68 -13.63
C ALA A 89 3.92 4.26 -14.84
N ALA A 90 3.34 3.81 -15.97
CA ALA A 90 4.07 3.63 -17.27
C ALA A 90 4.69 4.93 -17.91
N SER A 91 4.01 6.10 -17.83
CA SER A 91 4.63 7.41 -18.17
C SER A 91 5.61 8.07 -17.12
N LEU A 92 5.74 7.51 -15.90
CA LEU A 92 6.80 7.94 -14.93
C LEU A 92 8.12 7.06 -14.88
N ASP A 93 8.14 5.82 -15.47
CA ASP A 93 9.40 5.03 -15.74
C ASP A 93 10.06 4.23 -14.54
N ALA A 94 9.97 4.78 -13.32
CA ALA A 94 10.10 4.09 -11.98
C ALA A 94 10.29 2.53 -11.80
N GLU A 95 10.99 2.07 -10.75
CA GLU A 95 11.11 0.61 -10.41
C GLU A 95 9.77 -0.20 -10.23
N THR A 96 8.90 0.19 -9.28
CA THR A 96 7.66 -0.56 -8.92
C THR A 96 6.69 0.38 -8.13
N ALA A 97 5.50 0.65 -8.67
CA ALA A 97 4.49 1.50 -7.97
C ALA A 97 3.82 0.80 -6.74
N TYR A 98 3.72 1.50 -5.61
CA TYR A 98 3.46 0.83 -4.28
C TYR A 98 2.04 1.20 -3.73
N VAL A 99 1.13 0.22 -3.58
CA VAL A 99 -0.27 0.46 -3.09
C VAL A 99 -0.36 0.43 -1.52
N ILE A 100 -0.42 1.60 -0.88
CA ILE A 100 -0.63 1.71 0.62
C ILE A 100 -1.96 1.06 1.18
N GLY A 101 -3.08 1.27 0.47
CA GLY A 101 -4.45 1.14 1.02
C GLY A 101 -5.23 2.48 1.08
N GLY A 102 -6.35 2.62 1.79
CA GLY A 102 -7.00 1.52 2.56
C GLY A 102 -7.79 0.48 1.73
N ALA A 103 -8.76 -0.15 2.39
CA ALA A 103 -9.51 -1.32 1.84
C ALA A 103 -10.22 -1.24 0.45
N ALA A 104 -10.98 -0.17 0.12
CA ALA A 104 -11.53 0.00 -1.26
C ALA A 104 -10.52 0.33 -2.42
N ILE A 105 -9.37 0.95 -2.09
CA ILE A 105 -8.20 1.05 -3.01
C ILE A 105 -7.49 -0.34 -3.19
N TYR A 106 -7.13 -1.05 -2.10
CA TYR A 106 -6.67 -2.48 -2.14
C TYR A 106 -7.59 -3.50 -2.93
N ALA A 107 -8.92 -3.51 -2.72
CA ALA A 107 -9.89 -4.34 -3.49
C ALA A 107 -9.85 -4.28 -5.06
N LEU A 108 -9.93 -3.09 -5.67
CA LEU A 108 -9.75 -2.94 -7.14
C LEU A 108 -8.31 -3.24 -7.70
N PHE A 109 -7.23 -2.90 -6.97
CA PHE A 109 -5.83 -3.20 -7.37
C PHE A 109 -5.34 -4.67 -7.20
N GLN A 110 -5.74 -5.41 -6.14
CA GLN A 110 -5.32 -6.83 -5.93
C GLN A 110 -5.50 -7.87 -7.12
N PRO A 111 -6.51 -7.83 -8.06
CA PRO A 111 -6.43 -8.51 -9.39
C PRO A 111 -5.28 -8.17 -10.39
N HIS A 112 -4.62 -7.01 -10.27
CA HIS A 112 -3.56 -6.52 -11.22
C HIS A 112 -2.10 -6.31 -10.64
N LEU A 113 -1.87 -6.41 -9.32
CA LEU A 113 -0.49 -6.52 -8.75
C LEU A 113 -0.02 -8.00 -8.60
N ASP A 114 1.14 -8.30 -9.20
CA ASP A 114 1.76 -9.66 -9.09
C ASP A 114 2.92 -9.77 -8.00
N ARG A 115 2.91 -8.91 -6.96
CA ARG A 115 3.82 -8.95 -5.78
C ARG A 115 3.13 -8.29 -4.51
N MET A 116 3.55 -8.65 -3.28
CA MET A 116 2.99 -8.06 -2.02
C MET A 116 4.11 -7.76 -0.96
N VAL A 117 4.04 -6.64 -0.24
CA VAL A 117 5.06 -6.22 0.80
C VAL A 117 4.35 -5.62 2.08
N LEU A 118 3.58 -6.41 2.85
CA LEU A 118 2.87 -5.92 4.08
C LEU A 118 3.64 -6.27 5.41
N SER A 119 3.63 -5.31 6.35
CA SER A 119 4.23 -5.50 7.69
C SER A 119 3.16 -6.09 8.68
N ARG A 120 3.41 -7.32 9.17
CA ARG A 120 2.58 -7.91 10.27
C ARG A 120 3.07 -7.42 11.67
N VAL A 121 2.12 -7.20 12.60
CA VAL A 121 2.41 -6.63 13.95
C VAL A 121 2.03 -7.71 15.01
N PRO A 122 2.96 -8.44 15.71
CA PRO A 122 2.58 -9.34 16.84
C PRO A 122 2.16 -8.54 18.13
N GLY A 123 0.84 -8.44 18.36
CA GLY A 123 0.29 -7.38 19.27
C GLY A 123 -1.25 -7.20 19.20
N GLU A 124 -1.97 -7.63 20.25
CA GLU A 124 -3.47 -7.70 20.22
C GLU A 124 -4.18 -6.29 20.29
N TYR A 125 -4.74 -5.83 19.16
CA TYR A 125 -5.29 -4.44 19.03
C TYR A 125 -6.60 -4.33 18.14
N GLU A 126 -7.30 -3.18 18.26
CA GLU A 126 -8.50 -2.85 17.42
C GLU A 126 -8.15 -2.16 16.04
N GLY A 127 -9.16 -1.91 15.18
CA GLY A 127 -8.93 -1.34 13.81
C GLY A 127 -10.14 -0.72 13.08
N ASP A 128 -9.85 0.00 11.98
CA ASP A 128 -10.88 0.65 11.12
C ASP A 128 -11.59 -0.32 10.10
N THR A 129 -10.95 -0.55 8.94
CA THR A 129 -11.54 -1.30 7.78
C THR A 129 -11.02 -2.76 7.67
N TYR A 130 -11.68 -3.59 6.86
CA TYR A 130 -11.40 -5.07 6.79
C TYR A 130 -10.75 -5.50 5.43
N TYR A 131 -10.01 -6.62 5.40
CA TYR A 131 -9.58 -7.28 4.11
C TYR A 131 -10.79 -7.65 3.16
N PRO A 132 -10.82 -7.38 1.82
CA PRO A 132 -12.05 -7.51 1.00
C PRO A 132 -12.24 -8.95 0.42
N GLU A 133 -11.63 -9.24 -0.74
CA GLU A 133 -11.68 -10.60 -1.38
C GLU A 133 -10.25 -11.07 -1.82
N TRP A 134 -9.32 -11.30 -0.85
CA TRP A 134 -7.89 -11.61 -1.12
C TRP A 134 -7.53 -13.14 -1.14
N ASP A 135 -6.45 -13.50 -1.84
CA ASP A 135 -6.20 -14.92 -2.28
C ASP A 135 -5.58 -15.80 -1.14
N ALA A 136 -6.43 -16.53 -0.37
CA ALA A 136 -5.95 -17.30 0.83
C ALA A 136 -5.17 -18.65 0.60
N ALA A 137 -5.36 -19.37 -0.53
CA ALA A 137 -4.37 -20.36 -1.02
C ALA A 137 -3.45 -19.84 -2.18
N GLU A 138 -3.98 -19.07 -3.15
CA GLU A 138 -3.23 -18.64 -4.37
C GLU A 138 -2.42 -17.29 -4.30
N TRP A 139 -1.85 -16.98 -3.13
CA TRP A 139 -0.73 -16.04 -2.96
C TRP A 139 0.52 -16.87 -2.48
N GLU A 140 1.55 -17.02 -3.32
CA GLU A 140 2.82 -17.74 -2.93
C GLU A 140 3.80 -16.83 -2.12
N LEU A 141 4.50 -17.42 -1.13
CA LEU A 141 5.48 -16.68 -0.29
C LEU A 141 6.93 -16.72 -0.91
N ASP A 142 7.56 -15.54 -1.03
CA ASP A 142 8.98 -15.39 -1.49
C ASP A 142 9.98 -15.40 -0.26
N ALA A 143 9.84 -14.43 0.67
CA ALA A 143 10.77 -14.26 1.82
C ALA A 143 10.09 -13.65 3.09
N GLU A 144 10.30 -14.23 4.29
CA GLU A 144 9.85 -13.60 5.58
C GLU A 144 11.08 -13.18 6.46
N THR A 145 11.00 -12.02 7.13
CA THR A 145 12.10 -11.49 8.01
C THR A 145 11.54 -11.00 9.38
N ASP A 146 11.81 -11.76 10.44
CA ASP A 146 11.43 -11.41 11.83
C ASP A 146 12.19 -10.19 12.47
N HIS A 147 11.49 -9.49 13.38
CA HIS A 147 12.05 -8.34 14.16
C HIS A 147 11.44 -8.26 15.61
N GLU A 148 12.09 -7.45 16.46
CA GLU A 148 11.58 -7.04 17.80
C GLU A 148 10.11 -6.48 17.98
N GLY A 149 9.48 -5.95 16.92
CA GLY A 149 7.99 -5.89 16.85
C GLY A 149 7.39 -5.60 15.46
N PHE A 150 7.88 -6.27 14.40
CA PHE A 150 7.24 -6.28 13.06
C PHE A 150 7.76 -7.47 12.16
N THR A 151 6.89 -8.06 11.35
CA THR A 151 7.23 -9.18 10.44
C THR A 151 6.97 -8.75 8.96
N LEU A 152 8.01 -8.34 8.22
CA LEU A 152 7.90 -8.20 6.73
C LEU A 152 7.88 -9.59 6.03
N GLN A 153 6.78 -9.84 5.32
CA GLN A 153 6.62 -10.99 4.38
C GLN A 153 6.51 -10.47 2.91
N GLU A 154 7.49 -10.83 2.05
CA GLU A 154 7.37 -10.69 0.56
C GLU A 154 6.66 -11.90 -0.13
N TRP A 155 5.91 -11.61 -1.19
CA TRP A 155 5.02 -12.61 -1.87
C TRP A 155 5.09 -12.51 -3.42
N VAL A 156 4.99 -13.64 -4.13
CA VAL A 156 5.12 -13.71 -5.63
C VAL A 156 3.88 -14.28 -6.43
N ARG A 157 2.75 -14.66 -5.78
CA ARG A 157 1.43 -14.97 -6.45
C ARG A 157 1.32 -16.39 -7.11
N SER A 158 0.11 -16.78 -7.60
CA SER A 158 -0.20 -18.17 -8.07
C SER A 158 0.65 -18.67 -9.30
N ALA A 159 1.80 -19.29 -8.99
CA ALA A 159 2.85 -19.62 -9.98
C ALA A 159 3.55 -20.99 -9.64
N SER A 160 4.23 -21.12 -8.48
CA SER A 160 4.86 -22.41 -8.04
C SER A 160 3.86 -23.44 -7.42
N SER A 161 3.34 -24.36 -8.25
CA SER A 161 2.35 -25.39 -7.81
C SER A 161 2.91 -26.85 -8.03
N ARG A 162 3.33 -27.52 -6.94
CA ARG A 162 3.90 -28.89 -7.01
C ARG A 162 3.58 -29.63 -5.70
N MET A 1 8.64 -0.35 -13.40
CA MET A 1 7.15 -0.42 -13.25
C MET A 1 6.49 -1.85 -13.06
N GLU A 2 6.88 -2.63 -12.02
CA GLU A 2 5.97 -3.67 -11.42
C GLU A 2 5.07 -3.08 -10.26
N LEU A 3 4.11 -3.86 -9.71
CA LEU A 3 3.11 -3.34 -8.72
C LEU A 3 3.05 -4.16 -7.39
N VAL A 4 3.21 -3.49 -6.24
CA VAL A 4 3.47 -4.17 -4.94
C VAL A 4 2.59 -3.63 -3.74
N SER A 5 1.99 -4.51 -2.92
CA SER A 5 0.92 -4.12 -1.93
C SER A 5 1.42 -3.92 -0.46
N VAL A 6 1.27 -2.73 0.14
CA VAL A 6 2.01 -2.32 1.40
C VAL A 6 1.01 -1.93 2.57
N ALA A 7 0.47 -2.94 3.27
CA ALA A 7 -0.42 -2.75 4.46
C ALA A 7 0.31 -2.83 5.85
N ALA A 8 -0.18 -2.12 6.88
CA ALA A 8 0.25 -2.34 8.29
C ALA A 8 -0.87 -3.05 9.13
N LEU A 9 -0.59 -4.21 9.73
CA LEU A 9 -1.58 -4.93 10.58
C LEU A 9 -1.76 -4.33 12.02
N ALA A 10 -2.88 -4.71 12.67
CA ALA A 10 -2.95 -4.84 14.15
C ALA A 10 -3.24 -6.36 14.49
N GLU A 11 -4.22 -6.71 15.34
CA GLU A 11 -4.76 -8.11 15.40
C GLU A 11 -5.83 -8.41 14.29
N ASN A 12 -6.96 -7.69 14.32
CA ASN A 12 -8.25 -8.10 13.70
C ASN A 12 -8.40 -8.16 12.14
N ARG A 13 -7.37 -8.63 11.43
CA ARG A 13 -7.26 -8.70 9.93
C ARG A 13 -7.54 -7.36 9.17
N VAL A 14 -6.64 -6.38 9.36
CA VAL A 14 -6.86 -4.94 9.01
C VAL A 14 -5.74 -4.38 8.06
N ILE A 15 -6.13 -3.48 7.14
CA ILE A 15 -5.17 -2.70 6.28
C ILE A 15 -4.79 -1.31 6.93
N GLY A 16 -5.78 -0.50 7.35
CA GLY A 16 -5.56 0.89 7.84
C GLY A 16 -6.23 1.92 6.91
N ARG A 17 -7.36 2.52 7.33
CA ARG A 17 -8.18 3.39 6.45
C ARG A 17 -9.09 4.42 7.21
N ASP A 18 -9.64 5.38 6.44
CA ASP A 18 -10.44 6.53 6.96
C ASP A 18 -9.85 7.49 8.06
N GLY A 19 -9.46 7.00 9.24
CA GLY A 19 -8.43 7.69 10.08
C GLY A 19 -7.12 6.90 10.34
N GLU A 20 -6.43 6.50 9.26
CA GLU A 20 -5.08 5.87 9.28
C GLU A 20 -4.89 4.56 10.13
N LEU A 21 -4.44 4.58 11.39
CA LEU A 21 -4.41 3.35 12.24
C LEU A 21 -4.68 3.63 13.78
N PRO A 22 -5.61 2.95 14.53
CA PRO A 22 -5.85 3.25 15.98
C PRO A 22 -4.72 3.04 17.07
N TRP A 23 -3.60 2.39 16.73
CA TRP A 23 -2.43 2.19 17.64
C TRP A 23 -1.21 3.16 17.31
N PRO A 24 -0.18 3.38 18.18
CA PRO A 24 0.94 4.31 17.86
C PRO A 24 1.95 3.78 16.78
N SER A 25 2.18 4.56 15.70
CA SER A 25 3.10 4.16 14.60
C SER A 25 4.59 3.92 15.06
N ILE A 26 5.01 2.65 15.09
CA ILE A 26 6.40 2.24 15.47
C ILE A 26 7.47 2.66 14.38
N PRO A 27 8.56 3.41 14.71
CA PRO A 27 9.71 3.61 13.76
C PRO A 27 10.41 2.42 13.04
N ALA A 28 10.20 1.17 13.48
CA ALA A 28 10.69 -0.06 12.79
C ALA A 28 9.82 -0.55 11.58
N ASP A 29 8.48 -0.64 11.71
CA ASP A 29 7.53 -0.60 10.53
C ASP A 29 7.82 0.58 9.55
N LYS A 30 7.75 1.83 10.02
CA LYS A 30 8.19 3.02 9.22
C LYS A 30 9.76 3.13 8.97
N LYS A 31 10.56 2.05 9.19
CA LYS A 31 11.81 1.78 8.42
C LYS A 31 11.64 0.93 7.12
N GLN A 32 10.93 -0.22 7.12
CA GLN A 32 10.64 -0.98 5.87
C GLN A 32 9.53 -0.36 4.97
N TYR A 33 8.40 0.06 5.56
CA TYR A 33 7.40 0.96 4.93
C TYR A 33 7.95 2.32 4.33
N ARG A 34 9.00 2.96 4.91
CA ARG A 34 9.82 3.99 4.19
C ARG A 34 11.31 3.55 3.87
N SER A 35 11.51 2.30 3.42
CA SER A 35 12.66 1.86 2.57
C SER A 35 12.21 1.12 1.26
N ARG A 36 11.03 0.46 1.20
CA ARG A 36 10.22 0.39 -0.06
C ARG A 36 9.81 1.81 -0.55
N VAL A 37 8.98 2.57 0.21
CA VAL A 37 8.60 3.97 -0.17
C VAL A 37 9.74 4.99 0.21
N ALA A 38 10.85 4.98 -0.55
CA ALA A 38 12.03 5.85 -0.31
C ALA A 38 11.97 7.20 -1.11
N ASP A 39 12.22 7.16 -2.44
CA ASP A 39 12.13 8.35 -3.33
C ASP A 39 11.48 7.97 -4.73
N ASP A 40 10.32 7.27 -4.74
CA ASP A 40 9.65 6.78 -6.00
C ASP A 40 8.05 6.79 -5.89
N PRO A 41 7.22 6.56 -6.97
CA PRO A 41 5.75 6.79 -6.94
C PRO A 41 4.87 5.94 -5.96
N VAL A 42 3.99 6.62 -5.21
CA VAL A 42 3.21 6.01 -4.09
C VAL A 42 1.66 6.04 -4.37
N VAL A 43 1.04 4.87 -4.60
CA VAL A 43 -0.43 4.72 -4.81
C VAL A 43 -1.20 4.66 -3.45
N LEU A 44 -1.99 5.69 -3.12
CA LEU A 44 -2.80 5.75 -1.87
C LEU A 44 -4.21 6.39 -2.07
N GLY A 45 -5.09 6.31 -1.06
CA GLY A 45 -6.46 6.88 -1.15
C GLY A 45 -6.65 8.26 -0.49
N ARG A 46 -7.64 9.03 -0.96
CA ARG A 46 -7.91 10.41 -0.46
C ARG A 46 -8.23 10.71 1.07
N THR A 47 -8.29 9.71 1.97
CA THR A 47 -8.29 9.95 3.47
C THR A 47 -6.88 10.15 4.09
N THR A 48 -5.97 9.15 4.00
CA THR A 48 -4.54 9.27 4.42
C THR A 48 -3.69 10.37 3.68
N PHE A 49 -4.02 10.71 2.42
CA PHE A 49 -3.68 12.03 1.80
C PHE A 49 -3.98 13.34 2.63
N GLU A 50 -4.92 13.40 3.60
CA GLU A 50 -5.04 14.57 4.52
C GLU A 50 -4.01 14.74 5.68
N SER A 51 -3.39 13.64 6.13
CA SER A 51 -2.02 13.65 6.71
C SER A 51 -0.85 13.89 5.69
N MET A 52 -0.81 13.26 4.49
CA MET A 52 0.22 13.56 3.45
C MET A 52 -0.05 14.88 2.64
N ARG A 53 -0.11 16.01 3.36
CA ARG A 53 -0.01 17.39 2.78
C ARG A 53 1.35 18.12 3.12
N ASP A 54 2.06 17.81 4.22
CA ASP A 54 3.38 18.42 4.57
C ASP A 54 4.60 17.70 3.86
N ASP A 55 4.97 16.45 4.24
CA ASP A 55 5.89 15.59 3.42
C ASP A 55 5.09 14.64 2.44
N LEU A 56 5.59 14.51 1.21
CA LEU A 56 5.20 13.40 0.31
C LEU A 56 6.12 12.16 0.62
N PRO A 57 5.62 10.93 0.92
CA PRO A 57 6.50 9.74 1.16
C PRO A 57 7.60 9.36 0.11
N GLY A 58 7.35 9.53 -1.19
CA GLY A 58 8.42 9.58 -2.22
C GLY A 58 8.05 10.48 -3.43
N SER A 59 8.79 10.31 -4.54
CA SER A 59 8.77 11.26 -5.68
C SER A 59 7.62 11.14 -6.77
N ALA A 60 6.43 10.60 -6.46
CA ALA A 60 5.16 10.95 -7.16
C ALA A 60 3.90 10.54 -6.33
N GLN A 61 3.12 11.52 -5.83
CA GLN A 61 1.91 11.24 -5.00
C GLN A 61 0.66 10.81 -5.88
N ILE A 62 0.43 9.50 -6.02
CA ILE A 62 -0.69 8.93 -6.83
C ILE A 62 -1.94 8.79 -5.88
N VAL A 63 -3.00 9.59 -6.10
CA VAL A 63 -4.12 9.74 -5.13
C VAL A 63 -5.51 9.30 -5.74
N MET A 64 -6.02 8.11 -5.36
CA MET A 64 -7.37 7.63 -5.76
C MET A 64 -8.57 8.44 -5.15
N SER A 65 -9.54 8.85 -5.99
CA SER A 65 -10.73 9.64 -5.55
C SER A 65 -12.04 9.37 -6.40
N ARG A 66 -13.18 10.00 -6.03
CA ARG A 66 -14.44 9.93 -6.82
C ARG A 66 -14.65 11.24 -7.67
N SER A 67 -14.63 11.12 -9.02
CA SER A 67 -14.78 12.28 -9.97
C SER A 67 -13.48 13.12 -10.23
N GLU A 68 -13.30 13.66 -11.46
CA GLU A 68 -12.17 14.60 -11.78
C GLU A 68 -12.08 15.91 -10.89
N ARG A 69 -10.85 16.25 -10.50
CA ARG A 69 -10.49 17.52 -9.80
C ARG A 69 -8.96 17.88 -9.89
N SER A 70 -8.03 16.90 -9.80
CA SER A 70 -6.56 17.11 -9.66
C SER A 70 -6.09 17.86 -8.34
N PHE A 71 -4.77 17.87 -8.10
CA PHE A 71 -4.17 18.54 -6.91
C PHE A 71 -2.92 19.35 -7.38
N SER A 72 -2.88 20.67 -7.11
CA SER A 72 -1.70 21.53 -7.39
C SER A 72 -0.51 21.31 -6.38
N VAL A 73 0.25 20.24 -6.60
CA VAL A 73 1.54 19.96 -5.87
C VAL A 73 2.71 19.85 -6.93
N ASP A 74 3.90 19.41 -6.53
CA ASP A 74 5.11 19.34 -7.41
C ASP A 74 5.01 18.26 -8.56
N THR A 75 4.92 16.96 -8.22
CA THR A 75 4.53 15.86 -9.18
C THR A 75 3.42 14.89 -8.62
N ALA A 76 2.27 15.45 -8.17
CA ALA A 76 1.09 14.66 -7.76
C ALA A 76 0.10 14.34 -8.94
N HIS A 77 -0.55 13.16 -8.91
CA HIS A 77 -1.50 12.72 -9.98
C HIS A 77 -2.73 11.96 -9.35
N ARG A 78 -3.99 12.23 -9.73
CA ARG A 78 -5.16 11.40 -9.25
C ARG A 78 -5.32 10.05 -10.05
N ALA A 79 -6.03 9.07 -9.47
CA ALA A 79 -6.60 7.92 -10.23
C ALA A 79 -8.12 7.61 -9.94
N ALA A 80 -8.76 6.85 -10.83
CA ALA A 80 -10.18 6.38 -10.70
C ALA A 80 -10.36 4.83 -10.83
N SER A 81 -9.83 4.20 -11.88
CA SER A 81 -9.82 2.73 -12.11
C SER A 81 -8.38 2.08 -12.00
N VAL A 82 -8.27 0.74 -12.07
CA VAL A 82 -6.94 0.03 -12.21
C VAL A 82 -6.04 0.57 -13.38
N GLU A 83 -6.55 0.55 -14.62
CA GLU A 83 -6.01 1.30 -15.80
C GLU A 83 -5.55 2.80 -15.66
N GLU A 84 -6.26 3.70 -14.92
CA GLU A 84 -5.73 5.07 -14.60
C GLU A 84 -4.41 5.13 -13.77
N ALA A 85 -4.24 4.32 -12.70
CA ALA A 85 -2.92 4.19 -12.03
C ALA A 85 -1.82 3.29 -12.73
N VAL A 86 -2.16 2.28 -13.55
CA VAL A 86 -1.16 1.55 -14.41
C VAL A 86 -0.49 2.45 -15.50
N ASP A 87 -1.25 3.13 -16.38
CA ASP A 87 -0.68 3.97 -17.48
C ASP A 87 0.20 5.20 -17.02
N ILE A 88 -0.10 5.91 -15.90
CA ILE A 88 0.89 6.81 -15.22
C ILE A 88 2.13 6.11 -14.54
N ALA A 89 2.02 4.91 -13.94
CA ALA A 89 3.23 4.11 -13.57
C ALA A 89 4.17 3.67 -14.76
N ALA A 90 3.63 3.18 -15.89
CA ALA A 90 4.41 3.05 -17.17
C ALA A 90 4.92 4.38 -17.85
N SER A 91 4.19 5.51 -17.76
CA SER A 91 4.71 6.87 -18.14
C SER A 91 5.81 7.50 -17.21
N LEU A 92 5.78 7.23 -15.90
CA LEU A 92 6.91 7.53 -14.96
C LEU A 92 8.13 6.52 -14.96
N ASP A 93 8.01 5.29 -15.49
CA ASP A 93 9.12 4.32 -15.70
C ASP A 93 9.60 3.58 -14.41
N ALA A 94 10.18 4.33 -13.45
CA ALA A 94 10.25 4.00 -11.98
C ALA A 94 10.38 2.52 -11.51
N GLU A 95 11.44 2.13 -10.77
CA GLU A 95 11.70 0.70 -10.37
C GLU A 95 10.45 -0.23 -10.09
N THR A 96 9.69 0.02 -9.01
CA THR A 96 8.37 -0.64 -8.75
C THR A 96 7.37 0.30 -8.00
N ALA A 97 6.14 0.46 -8.50
CA ALA A 97 5.08 1.28 -7.84
C ALA A 97 4.27 0.50 -6.75
N TYR A 98 3.78 1.21 -5.73
CA TYR A 98 3.31 0.55 -4.46
C TYR A 98 1.90 1.04 -3.99
N VAL A 99 0.96 0.10 -3.72
CA VAL A 99 -0.38 0.42 -3.13
C VAL A 99 -0.33 0.35 -1.58
N ILE A 100 -0.40 1.50 -0.89
CA ILE A 100 -0.61 1.57 0.60
C ILE A 100 -1.95 0.89 1.10
N GLY A 101 -3.08 1.28 0.49
CA GLY A 101 -4.34 1.47 1.24
C GLY A 101 -4.89 2.93 1.18
N GLY A 102 -6.08 3.28 1.64
CA GLY A 102 -6.94 2.38 2.46
C GLY A 102 -7.80 1.33 1.71
N ALA A 103 -8.75 0.70 2.42
CA ALA A 103 -9.41 -0.54 1.93
C ALA A 103 -10.52 -0.46 0.81
N ALA A 104 -11.16 0.68 0.50
CA ALA A 104 -11.73 0.89 -0.88
C ALA A 104 -10.70 0.95 -2.07
N ILE A 105 -9.43 1.27 -1.81
CA ILE A 105 -8.30 1.14 -2.79
C ILE A 105 -7.79 -0.35 -2.85
N TYR A 106 -7.33 -0.92 -1.72
CA TYR A 106 -6.90 -2.35 -1.60
C TYR A 106 -7.90 -3.45 -2.15
N ALA A 107 -9.22 -3.32 -1.95
CA ALA A 107 -10.24 -4.16 -2.65
C ALA A 107 -10.22 -4.16 -4.21
N LEU A 108 -10.39 -3.00 -4.88
CA LEU A 108 -10.29 -2.93 -6.37
C LEU A 108 -8.88 -3.27 -7.01
N PHE A 109 -7.78 -2.98 -6.30
CA PHE A 109 -6.40 -3.27 -6.77
C PHE A 109 -5.85 -4.71 -6.51
N GLN A 110 -6.13 -5.44 -5.40
CA GLN A 110 -5.62 -6.84 -5.17
C GLN A 110 -5.66 -7.87 -6.36
N PRO A 111 -6.74 -8.04 -7.19
CA PRO A 111 -6.62 -8.68 -8.55
C PRO A 111 -5.48 -8.26 -9.55
N HIS A 112 -4.87 -7.07 -9.37
CA HIS A 112 -3.65 -6.63 -10.11
C HIS A 112 -2.44 -6.15 -9.20
N LEU A 113 -2.25 -6.59 -7.94
CA LEU A 113 -0.90 -6.57 -7.31
C LEU A 113 -0.25 -7.97 -7.52
N ASP A 114 0.79 -8.01 -8.34
CA ASP A 114 1.55 -9.25 -8.63
C ASP A 114 2.71 -9.59 -7.60
N ARG A 115 3.22 -8.61 -6.81
CA ARG A 115 3.94 -8.87 -5.53
C ARG A 115 3.17 -8.26 -4.28
N MET A 116 3.43 -8.78 -3.06
CA MET A 116 2.85 -8.27 -1.77
C MET A 116 3.96 -7.95 -0.72
N VAL A 117 3.93 -6.78 -0.05
CA VAL A 117 4.93 -6.38 1.01
C VAL A 117 4.27 -5.73 2.27
N LEU A 118 3.54 -6.54 3.04
CA LEU A 118 2.84 -6.09 4.27
C LEU A 118 3.64 -6.40 5.59
N SER A 119 3.58 -5.48 6.55
CA SER A 119 4.25 -5.64 7.88
C SER A 119 3.25 -6.14 8.96
N ARG A 120 3.51 -7.34 9.49
CA ARG A 120 2.59 -8.02 10.45
C ARG A 120 2.92 -7.65 11.93
N VAL A 121 2.10 -6.80 12.56
CA VAL A 121 2.37 -6.26 13.95
C VAL A 121 1.88 -7.27 15.05
N PRO A 122 2.72 -7.88 15.94
CA PRO A 122 2.23 -8.83 16.98
C PRO A 122 1.73 -8.14 18.29
N GLY A 123 0.41 -7.97 18.46
CA GLY A 123 -0.17 -7.51 19.76
C GLY A 123 -1.70 -7.48 19.94
N GLU A 124 -2.11 -7.16 21.17
CA GLU A 124 -3.55 -6.96 21.54
C GLU A 124 -4.09 -5.54 21.13
N TYR A 125 -4.49 -5.42 19.86
CA TYR A 125 -4.73 -4.10 19.19
C TYR A 125 -6.02 -4.11 18.30
N GLU A 126 -6.96 -3.17 18.56
CA GLU A 126 -8.15 -2.91 17.69
C GLU A 126 -7.85 -2.45 16.20
N GLY A 127 -8.92 -2.40 15.39
CA GLY A 127 -8.86 -1.88 13.99
C GLY A 127 -10.20 -1.33 13.48
N ASP A 128 -10.30 -1.09 12.16
CA ASP A 128 -11.58 -0.65 11.52
C ASP A 128 -12.03 -1.55 10.32
N THR A 129 -11.27 -1.59 9.22
CA THR A 129 -11.59 -2.45 8.03
C THR A 129 -11.19 -3.95 8.16
N TYR A 130 -11.88 -4.82 7.41
CA TYR A 130 -11.44 -6.22 7.18
C TYR A 130 -10.62 -6.34 5.84
N TYR A 131 -9.94 -7.47 5.60
CA TYR A 131 -9.47 -7.85 4.24
C TYR A 131 -10.63 -8.10 3.20
N PRO A 132 -10.50 -7.81 1.87
CA PRO A 132 -11.59 -8.03 0.90
C PRO A 132 -11.57 -9.51 0.35
N GLU A 133 -11.19 -9.74 -0.91
CA GLU A 133 -11.00 -11.10 -1.49
C GLU A 133 -9.50 -11.38 -1.80
N TRP A 134 -8.69 -11.67 -0.75
CA TRP A 134 -7.23 -11.96 -0.88
C TRP A 134 -6.87 -13.50 -0.96
N ASP A 135 -5.77 -13.84 -1.64
CA ASP A 135 -5.56 -15.21 -2.21
C ASP A 135 -4.91 -16.22 -1.19
N ALA A 136 -5.72 -16.78 -0.26
CA ALA A 136 -5.18 -17.62 0.88
C ALA A 136 -4.40 -18.96 0.64
N ALA A 137 -4.57 -19.68 -0.47
CA ALA A 137 -3.56 -20.68 -0.93
C ALA A 137 -2.67 -20.26 -2.15
N GLU A 138 -3.11 -19.32 -3.01
CA GLU A 138 -2.39 -18.92 -4.27
C GLU A 138 -1.59 -17.56 -4.21
N TRP A 139 -1.23 -17.06 -3.01
CA TRP A 139 -0.05 -16.17 -2.80
C TRP A 139 1.17 -17.03 -2.30
N GLU A 140 2.24 -17.16 -3.10
CA GLU A 140 3.50 -17.85 -2.68
C GLU A 140 4.46 -16.90 -1.88
N LEU A 141 5.23 -17.45 -0.92
CA LEU A 141 6.16 -16.65 -0.06
C LEU A 141 7.62 -16.65 -0.63
N ASP A 142 8.22 -15.46 -0.79
CA ASP A 142 9.61 -15.26 -1.30
C ASP A 142 10.66 -15.03 -0.13
N ALA A 143 10.43 -14.04 0.76
CA ALA A 143 11.30 -13.76 1.94
C ALA A 143 10.50 -13.30 3.22
N GLU A 144 11.03 -13.58 4.43
CA GLU A 144 10.52 -12.99 5.70
C GLU A 144 11.68 -12.32 6.55
N THR A 145 11.42 -11.17 7.20
CA THR A 145 12.41 -10.55 8.16
C THR A 145 11.76 -10.30 9.57
N ASP A 146 12.04 -11.18 10.55
CA ASP A 146 11.51 -11.07 11.94
C ASP A 146 12.16 -9.92 12.80
N HIS A 147 11.36 -9.25 13.64
CA HIS A 147 11.84 -8.12 14.49
C HIS A 147 11.19 -8.06 15.92
N GLU A 148 11.78 -7.25 16.80
CA GLU A 148 11.20 -6.86 18.13
C GLU A 148 9.71 -6.34 18.23
N GLY A 149 9.13 -5.71 17.18
CA GLY A 149 7.66 -5.53 17.09
C GLY A 149 7.05 -5.30 15.69
N PHE A 150 7.59 -6.00 14.66
CA PHE A 150 6.98 -6.07 13.30
C PHE A 150 7.47 -7.37 12.56
N THR A 151 6.70 -7.88 11.59
CA THR A 151 7.10 -9.08 10.79
C THR A 151 6.89 -8.76 9.28
N LEU A 152 7.93 -8.37 8.53
CA LEU A 152 7.83 -8.22 7.04
C LEU A 152 7.73 -9.60 6.34
N GLN A 153 6.66 -9.83 5.57
CA GLN A 153 6.61 -10.93 4.56
C GLN A 153 6.61 -10.34 3.11
N GLU A 154 7.62 -10.70 2.31
CA GLU A 154 7.69 -10.40 0.85
C GLU A 154 7.12 -11.62 0.01
N TRP A 155 6.00 -11.45 -0.71
CA TRP A 155 5.27 -12.58 -1.38
C TRP A 155 5.27 -12.44 -2.94
N VAL A 156 5.54 -13.52 -3.70
CA VAL A 156 5.67 -13.48 -5.20
C VAL A 156 4.43 -13.92 -6.09
N ARG A 157 3.33 -14.48 -5.52
CA ARG A 157 2.11 -14.93 -6.27
C ARG A 157 2.27 -16.32 -6.97
N SER A 158 1.16 -17.06 -7.13
CA SER A 158 1.16 -18.43 -7.71
C SER A 158 1.75 -18.59 -9.14
N ALA A 159 2.58 -19.64 -9.32
CA ALA A 159 3.19 -19.98 -10.63
C ALA A 159 2.27 -20.54 -11.79
N SER A 160 0.96 -20.62 -11.56
CA SER A 160 -0.10 -20.73 -12.61
C SER A 160 -1.09 -19.49 -12.63
N SER A 161 -1.58 -19.05 -11.45
CA SER A 161 -2.59 -17.96 -11.29
C SER A 161 -1.98 -16.59 -10.83
N ARG A 162 -1.47 -15.79 -11.79
CA ARG A 162 -0.75 -14.50 -11.51
C ARG A 162 -1.26 -13.33 -12.40
N MET A 1 8.42 -0.28 -13.61
CA MET A 1 6.93 -0.26 -13.46
C MET A 1 6.16 -1.61 -13.24
N GLU A 2 6.66 -2.57 -12.41
CA GLU A 2 5.79 -3.64 -11.81
C GLU A 2 4.90 -3.09 -10.63
N LEU A 3 3.94 -3.88 -10.11
CA LEU A 3 2.90 -3.36 -9.15
C LEU A 3 2.81 -4.20 -7.83
N VAL A 4 2.73 -3.52 -6.68
CA VAL A 4 2.78 -4.14 -5.32
C VAL A 4 1.80 -3.43 -4.31
N SER A 5 1.28 -4.15 -3.29
CA SER A 5 0.49 -3.52 -2.16
C SER A 5 1.17 -3.69 -0.77
N VAL A 6 1.04 -2.69 0.12
CA VAL A 6 1.98 -2.49 1.27
C VAL A 6 1.12 -2.05 2.51
N ALA A 7 0.80 -2.97 3.45
CA ALA A 7 -0.20 -2.72 4.54
C ALA A 7 0.39 -2.77 5.99
N ALA A 8 -0.38 -2.30 6.98
CA ALA A 8 -0.08 -2.47 8.43
C ALA A 8 -1.29 -3.10 9.22
N LEU A 9 -1.07 -4.25 9.86
CA LEU A 9 -2.13 -5.03 10.56
C LEU A 9 -2.08 -4.75 12.09
N ALA A 10 -3.16 -4.20 12.67
CA ALA A 10 -3.38 -4.21 14.14
C ALA A 10 -4.14 -5.50 14.65
N GLU A 11 -3.51 -6.70 14.46
CA GLU A 11 -4.11 -8.07 14.68
C GLU A 11 -5.48 -8.50 14.05
N ASN A 12 -6.40 -7.57 13.75
CA ASN A 12 -7.84 -7.90 13.50
C ASN A 12 -8.26 -7.72 12.00
N ARG A 13 -7.58 -8.41 11.08
CA ARG A 13 -7.79 -8.29 9.60
C ARG A 13 -7.82 -6.85 8.90
N VAL A 14 -7.23 -5.81 9.51
CA VAL A 14 -7.31 -4.39 9.05
C VAL A 14 -6.07 -3.91 8.21
N ILE A 15 -6.28 -3.15 7.11
CA ILE A 15 -5.18 -2.69 6.20
C ILE A 15 -5.06 -1.12 6.07
N GLY A 16 -4.71 -0.42 7.18
CA GLY A 16 -4.75 1.08 7.23
C GLY A 16 -6.15 1.66 7.56
N ARG A 17 -6.28 2.40 8.67
CA ARG A 17 -7.60 2.62 9.35
C ARG A 17 -8.20 4.06 9.08
N ASP A 18 -9.35 4.10 8.36
CA ASP A 18 -9.76 5.23 7.46
C ASP A 18 -8.72 5.49 6.31
N GLY A 19 -7.68 6.29 6.58
CA GLY A 19 -6.40 6.22 5.82
C GLY A 19 -5.07 6.52 6.55
N GLU A 20 -5.01 6.40 7.89
CA GLU A 20 -3.79 6.72 8.71
C GLU A 20 -3.39 5.53 9.68
N LEU A 21 -2.42 5.79 10.57
CA LEU A 21 -1.88 4.78 11.54
C LEU A 21 -1.67 5.39 12.98
N PRO A 22 -2.68 5.52 13.89
CA PRO A 22 -2.44 5.98 15.30
C PRO A 22 -1.86 4.91 16.30
N TRP A 23 -0.85 4.16 15.85
CA TRP A 23 -0.01 3.27 16.69
C TRP A 23 1.50 3.74 16.61
N PRO A 24 1.94 4.85 17.27
CA PRO A 24 3.39 5.23 17.35
C PRO A 24 4.21 4.36 18.37
N SER A 25 5.43 4.79 18.71
CA SER A 25 6.45 3.94 19.41
C SER A 25 7.15 2.77 18.61
N ILE A 26 6.64 2.39 17.42
CA ILE A 26 7.31 1.42 16.48
C ILE A 26 7.87 2.09 15.15
N PRO A 27 8.99 2.88 15.13
CA PRO A 27 9.68 3.24 13.85
C PRO A 27 10.26 2.13 12.91
N ALA A 28 10.38 0.87 13.36
CA ALA A 28 10.87 -0.26 12.52
C ALA A 28 9.94 -0.75 11.37
N ASP A 29 8.62 -0.94 11.64
CA ASP A 29 7.55 -0.96 10.61
C ASP A 29 7.66 0.17 9.53
N LYS A 30 7.70 1.44 9.97
CA LYS A 30 7.98 2.60 9.06
C LYS A 30 9.51 2.92 8.81
N LYS A 31 10.38 1.89 8.93
CA LYS A 31 11.64 1.76 8.16
C LYS A 31 11.47 0.86 6.90
N GLN A 32 10.99 -0.40 7.00
CA GLN A 32 10.75 -1.29 5.82
C GLN A 32 9.65 -0.78 4.83
N TYR A 33 8.45 -0.46 5.34
CA TYR A 33 7.42 0.33 4.61
C TYR A 33 7.90 1.70 4.01
N ARG A 34 8.92 2.40 4.58
CA ARG A 34 9.60 3.56 3.91
C ARG A 34 11.06 3.34 3.34
N SER A 35 11.50 2.08 3.12
CA SER A 35 12.64 1.71 2.24
C SER A 35 12.21 0.94 0.94
N ARG A 36 11.07 0.20 0.94
CA ARG A 36 10.19 0.15 -0.27
C ARG A 36 9.67 1.56 -0.71
N VAL A 37 8.86 2.28 0.10
CA VAL A 37 8.37 3.65 -0.29
C VAL A 37 9.42 4.75 0.08
N ALA A 38 10.42 4.99 -0.80
CA ALA A 38 11.56 5.92 -0.52
C ALA A 38 11.49 7.27 -1.33
N ASP A 39 12.02 7.31 -2.57
CA ASP A 39 11.92 8.50 -3.47
C ASP A 39 11.35 8.09 -4.89
N ASP A 40 10.18 7.39 -4.94
CA ASP A 40 9.51 6.95 -6.21
C ASP A 40 7.93 6.90 -6.04
N PRO A 41 7.07 6.80 -7.10
CA PRO A 41 5.59 7.03 -6.99
C PRO A 41 4.73 6.11 -6.08
N VAL A 42 3.81 6.75 -5.33
CA VAL A 42 3.06 6.10 -4.23
C VAL A 42 1.51 6.08 -4.50
N VAL A 43 0.89 4.90 -4.62
CA VAL A 43 -0.59 4.73 -4.80
C VAL A 43 -1.33 4.72 -3.42
N LEU A 44 -2.35 5.58 -3.25
CA LEU A 44 -3.08 5.76 -1.96
C LEU A 44 -4.48 6.44 -2.17
N GLY A 45 -5.38 6.39 -1.18
CA GLY A 45 -6.72 7.04 -1.28
C GLY A 45 -6.79 8.52 -0.86
N ARG A 46 -7.87 9.23 -1.28
CA ARG A 46 -8.11 10.63 -0.79
C ARG A 46 -8.21 10.81 0.77
N THR A 47 -8.77 9.87 1.54
CA THR A 47 -8.61 9.84 3.04
C THR A 47 -7.15 9.84 3.62
N THR A 48 -6.20 9.06 3.07
CA THR A 48 -4.73 9.21 3.37
C THR A 48 -4.09 10.62 3.07
N PHE A 49 -4.51 11.32 1.98
CA PHE A 49 -4.04 12.69 1.62
C PHE A 49 -4.10 13.80 2.74
N GLU A 50 -5.14 13.81 3.60
CA GLU A 50 -5.21 14.74 4.76
C GLU A 50 -4.26 14.44 5.99
N SER A 51 -3.57 13.26 6.08
CA SER A 51 -2.18 13.17 6.64
C SER A 51 -1.05 13.65 5.66
N MET A 52 -0.85 13.02 4.48
CA MET A 52 0.27 13.35 3.53
C MET A 52 0.18 14.70 2.71
N ARG A 53 -0.37 15.77 3.31
CA ARG A 53 -0.32 17.17 2.74
C ARG A 53 0.95 18.04 3.12
N ASP A 54 1.81 17.60 4.06
CA ASP A 54 3.00 18.38 4.54
C ASP A 54 4.37 17.77 4.05
N ASP A 55 4.68 16.47 4.31
CA ASP A 55 5.62 15.67 3.45
C ASP A 55 4.87 14.57 2.60
N LEU A 56 5.36 14.31 1.37
CA LEU A 56 4.94 13.13 0.57
C LEU A 56 5.84 11.86 0.90
N PRO A 57 5.31 10.62 1.13
CA PRO A 57 6.17 9.40 1.25
C PRO A 57 7.23 9.03 0.15
N GLY A 58 6.95 9.34 -1.12
CA GLY A 58 7.98 9.35 -2.19
C GLY A 58 7.65 10.32 -3.36
N SER A 59 8.29 10.12 -4.52
CA SER A 59 8.37 11.17 -5.58
C SER A 59 7.19 11.31 -6.62
N ALA A 60 5.97 10.81 -6.34
CA ALA A 60 4.71 11.23 -7.04
C ALA A 60 3.45 10.72 -6.30
N GLN A 61 2.61 11.60 -5.72
CA GLN A 61 1.38 11.17 -4.99
C GLN A 61 0.21 10.77 -5.94
N ILE A 62 0.00 9.44 -6.12
CA ILE A 62 -1.09 8.88 -6.97
C ILE A 62 -2.39 8.73 -6.09
N VAL A 63 -3.22 9.79 -6.06
CA VAL A 63 -4.34 9.93 -5.08
C VAL A 63 -5.74 9.54 -5.67
N MET A 64 -6.25 8.34 -5.34
CA MET A 64 -7.58 7.85 -5.78
C MET A 64 -8.79 8.65 -5.20
N SER A 65 -9.67 9.13 -6.09
CA SER A 65 -10.67 10.17 -5.76
C SER A 65 -12.00 9.97 -6.55
N ARG A 66 -13.06 9.49 -5.88
CA ARG A 66 -14.46 9.57 -6.42
C ARG A 66 -15.11 11.01 -6.63
N SER A 67 -14.42 12.09 -6.24
CA SER A 67 -14.67 13.46 -6.77
C SER A 67 -13.50 14.07 -7.65
N GLU A 68 -12.75 13.22 -8.39
CA GLU A 68 -11.92 13.56 -9.59
C GLU A 68 -11.12 14.92 -9.66
N ARG A 69 -10.35 15.27 -8.61
CA ARG A 69 -9.88 16.68 -8.44
C ARG A 69 -8.48 16.98 -9.06
N SER A 70 -8.26 18.25 -9.43
CA SER A 70 -6.90 18.85 -9.52
C SER A 70 -6.39 19.29 -8.10
N PHE A 71 -5.27 18.73 -7.64
CA PHE A 71 -4.61 19.12 -6.37
C PHE A 71 -3.29 19.90 -6.69
N SER A 72 -3.13 21.12 -6.17
CA SER A 72 -1.89 21.94 -6.38
C SER A 72 -0.72 21.52 -5.44
N VAL A 73 0.13 20.61 -5.93
CA VAL A 73 1.33 20.10 -5.18
C VAL A 73 2.54 20.01 -6.20
N ASP A 74 3.65 19.38 -5.82
CA ASP A 74 4.91 19.33 -6.64
C ASP A 74 4.81 18.41 -7.90
N THR A 75 4.70 17.09 -7.74
CA THR A 75 4.38 16.13 -8.85
C THR A 75 3.22 15.12 -8.50
N ALA A 76 2.08 15.65 -8.00
CA ALA A 76 0.88 14.84 -7.65
C ALA A 76 -0.11 14.59 -8.84
N HIS A 77 -0.71 13.39 -8.92
CA HIS A 77 -1.67 13.02 -10.00
C HIS A 77 -2.87 12.21 -9.39
N ARG A 78 -4.16 12.56 -9.62
CA ARG A 78 -5.31 11.71 -9.15
C ARG A 78 -5.67 10.50 -10.08
N ALA A 79 -6.36 9.48 -9.53
CA ALA A 79 -6.90 8.35 -10.34
C ALA A 79 -8.38 7.90 -10.06
N ALA A 80 -8.99 7.25 -11.06
CA ALA A 80 -10.38 6.72 -10.99
C ALA A 80 -10.53 5.15 -10.99
N SER A 81 -9.93 4.44 -11.97
CA SER A 81 -9.97 2.93 -12.10
C SER A 81 -8.55 2.27 -12.04
N VAL A 82 -8.40 0.95 -12.30
CA VAL A 82 -7.07 0.28 -12.51
C VAL A 82 -6.22 0.94 -13.67
N GLU A 83 -6.73 0.98 -14.92
CA GLU A 83 -6.10 1.74 -16.04
C GLU A 83 -5.65 3.23 -15.80
N GLU A 84 -6.46 4.12 -15.17
CA GLU A 84 -6.02 5.51 -14.77
C GLU A 84 -4.66 5.61 -13.96
N ALA A 85 -4.39 4.71 -12.99
CA ALA A 85 -3.05 4.60 -12.33
C ALA A 85 -1.94 3.68 -12.98
N VAL A 86 -2.26 2.75 -13.90
CA VAL A 86 -1.24 2.00 -14.70
C VAL A 86 -0.51 2.88 -15.77
N ASP A 87 -1.24 3.59 -16.66
CA ASP A 87 -0.60 4.45 -17.71
C ASP A 87 0.30 5.62 -17.18
N ILE A 88 -0.05 6.33 -16.08
CA ILE A 88 0.93 7.18 -15.32
C ILE A 88 2.12 6.44 -14.62
N ALA A 89 1.99 5.23 -14.06
CA ALA A 89 3.16 4.39 -13.68
C ALA A 89 4.16 3.97 -14.84
N ALA A 90 3.63 3.58 -16.03
CA ALA A 90 4.44 3.44 -17.28
C ALA A 90 5.05 4.77 -17.88
N SER A 91 4.31 5.91 -17.86
CA SER A 91 4.91 7.26 -18.13
C SER A 91 5.84 7.90 -17.05
N LEU A 92 5.84 7.41 -15.80
CA LEU A 92 6.91 7.71 -14.80
C LEU A 92 8.15 6.71 -14.79
N ASP A 93 8.04 5.49 -15.38
CA ASP A 93 9.16 4.53 -15.62
C ASP A 93 9.55 3.67 -14.36
N ALA A 94 10.06 4.33 -13.30
CA ALA A 94 9.99 3.89 -11.87
C ALA A 94 9.89 2.38 -11.49
N GLU A 95 10.90 1.79 -10.83
CA GLU A 95 11.02 0.31 -10.53
C GLU A 95 9.68 -0.47 -10.22
N THR A 96 8.98 -0.13 -9.12
CA THR A 96 7.61 -0.63 -8.83
C THR A 96 6.73 0.40 -8.04
N ALA A 97 5.46 0.57 -8.46
CA ALA A 97 4.49 1.45 -7.75
C ALA A 97 3.71 0.72 -6.61
N TYR A 98 3.44 1.41 -5.49
CA TYR A 98 3.12 0.74 -4.19
C TYR A 98 1.74 1.20 -3.59
N VAL A 99 0.81 0.26 -3.36
CA VAL A 99 -0.57 0.56 -2.87
C VAL A 99 -0.59 0.51 -1.30
N ILE A 100 -0.61 1.69 -0.65
CA ILE A 100 -0.77 1.83 0.84
C ILE A 100 -2.09 1.22 1.46
N GLY A 101 -3.25 1.58 0.91
CA GLY A 101 -4.56 1.50 1.62
C GLY A 101 -5.31 2.88 1.78
N GLY A 102 -6.44 3.03 2.49
CA GLY A 102 -7.14 1.92 3.18
C GLY A 102 -7.98 0.97 2.29
N ALA A 103 -8.91 0.22 2.90
CA ALA A 103 -9.52 -0.98 2.27
C ALA A 103 -10.23 -0.87 0.88
N ALA A 104 -11.07 0.16 0.60
CA ALA A 104 -11.62 0.37 -0.77
C ALA A 104 -10.62 0.57 -1.97
N ILE A 105 -9.39 1.06 -1.70
CA ILE A 105 -8.28 1.09 -2.69
C ILE A 105 -7.60 -0.34 -2.87
N TYR A 106 -7.25 -1.03 -1.76
CA TYR A 106 -6.90 -2.49 -1.76
C TYR A 106 -7.84 -3.44 -2.58
N ALA A 107 -9.17 -3.42 -2.35
CA ALA A 107 -10.18 -4.17 -3.14
C ALA A 107 -10.13 -4.10 -4.71
N LEU A 108 -10.10 -2.90 -5.32
CA LEU A 108 -9.97 -2.78 -6.80
C LEU A 108 -8.58 -3.13 -7.42
N PHE A 109 -7.47 -2.85 -6.73
CA PHE A 109 -6.09 -3.16 -7.21
C PHE A 109 -5.58 -4.63 -7.05
N GLN A 110 -5.95 -5.38 -6.01
CA GLN A 110 -5.50 -6.79 -5.81
C GLN A 110 -5.61 -7.85 -6.99
N PRO A 111 -6.60 -7.88 -7.95
CA PRO A 111 -6.46 -8.69 -9.21
C PRO A 111 -5.32 -8.36 -10.24
N HIS A 112 -4.69 -7.17 -10.18
CA HIS A 112 -3.61 -6.74 -11.11
C HIS A 112 -2.16 -6.60 -10.50
N LEU A 113 -1.95 -6.68 -9.18
CA LEU A 113 -0.60 -6.59 -8.55
C LEU A 113 -0.02 -8.00 -8.27
N ASP A 114 1.06 -8.32 -8.99
CA ASP A 114 1.77 -9.62 -8.86
C ASP A 114 2.65 -9.85 -7.54
N ARG A 115 3.00 -8.79 -6.76
CA ARG A 115 3.63 -8.94 -5.41
C ARG A 115 2.76 -8.35 -4.22
N MET A 116 2.99 -8.79 -2.96
CA MET A 116 2.34 -8.20 -1.73
C MET A 116 3.38 -8.09 -0.56
N VAL A 117 3.43 -6.97 0.21
CA VAL A 117 4.51 -6.75 1.25
C VAL A 117 3.93 -6.09 2.56
N LEU A 118 3.23 -6.84 3.43
CA LEU A 118 2.64 -6.27 4.69
C LEU A 118 3.55 -6.38 5.95
N SER A 119 3.67 -5.27 6.68
CA SER A 119 4.30 -5.23 8.02
C SER A 119 3.23 -5.41 9.15
N ARG A 120 3.08 -6.63 9.69
CA ARG A 120 2.08 -6.90 10.75
C ARG A 120 2.59 -6.48 12.17
N VAL A 121 1.78 -5.81 12.99
CA VAL A 121 2.19 -5.31 14.33
C VAL A 121 1.48 -6.17 15.46
N PRO A 122 2.04 -7.30 16.01
CA PRO A 122 1.34 -8.13 17.02
C PRO A 122 1.39 -7.56 18.48
N GLY A 123 0.23 -7.47 19.11
CA GLY A 123 0.07 -6.70 20.40
C GLY A 123 -1.09 -5.67 20.47
N GLU A 124 -1.40 -5.00 19.35
CA GLU A 124 -2.58 -4.10 19.20
C GLU A 124 -4.00 -4.68 19.56
N TYR A 125 -5.01 -3.80 19.56
CA TYR A 125 -6.43 -4.18 19.86
C TYR A 125 -7.29 -4.47 18.57
N GLU A 126 -7.85 -3.43 17.88
CA GLU A 126 -8.74 -3.64 16.70
C GLU A 126 -8.84 -2.43 15.71
N GLY A 127 -9.42 -2.68 14.53
CA GLY A 127 -9.79 -1.62 13.57
C GLY A 127 -11.08 -1.79 12.73
N ASP A 128 -11.52 -0.61 12.30
CA ASP A 128 -12.63 -0.36 11.35
C ASP A 128 -12.64 -1.14 10.00
N THR A 129 -11.65 -0.92 9.12
CA THR A 129 -11.61 -1.56 7.77
C THR A 129 -11.11 -3.05 7.78
N TYR A 130 -11.47 -3.84 6.75
CA TYR A 130 -11.12 -5.31 6.68
C TYR A 130 -10.59 -5.76 5.28
N TYR A 131 -9.86 -6.90 5.25
CA TYR A 131 -9.48 -7.59 3.98
C TYR A 131 -10.70 -8.00 3.07
N PRO A 132 -10.82 -7.64 1.75
CA PRO A 132 -12.08 -7.86 0.98
C PRO A 132 -12.24 -9.32 0.45
N GLU A 133 -11.72 -9.61 -0.76
CA GLU A 133 -11.72 -10.97 -1.37
C GLU A 133 -10.28 -11.25 -1.93
N TRP A 134 -9.36 -11.60 -1.01
CA TRP A 134 -7.90 -11.79 -1.31
C TRP A 134 -7.53 -13.30 -1.49
N ASP A 135 -6.45 -13.58 -2.22
CA ASP A 135 -6.26 -14.89 -2.91
C ASP A 135 -5.68 -15.97 -1.91
N ALA A 136 -6.56 -16.63 -1.14
CA ALA A 136 -6.17 -17.37 0.10
C ALA A 136 -5.39 -18.72 0.00
N ALA A 137 -5.61 -19.58 -1.01
CA ALA A 137 -4.54 -20.52 -1.46
C ALA A 137 -3.53 -19.89 -2.48
N GLU A 138 -4.01 -19.15 -3.50
CA GLU A 138 -3.18 -18.59 -4.61
C GLU A 138 -2.36 -17.24 -4.38
N TRP A 139 -1.94 -16.94 -3.14
CA TRP A 139 -0.77 -16.07 -2.84
C TRP A 139 0.39 -16.97 -2.26
N GLU A 140 1.44 -17.24 -3.04
CA GLU A 140 2.66 -17.97 -2.54
C GLU A 140 3.59 -17.02 -1.70
N LEU A 141 4.21 -17.57 -0.64
CA LEU A 141 5.15 -16.80 0.24
C LEU A 141 6.64 -16.89 -0.28
N ASP A 142 7.33 -15.74 -0.38
CA ASP A 142 8.78 -15.67 -0.73
C ASP A 142 9.66 -15.67 0.57
N ALA A 143 9.67 -14.55 1.33
CA ALA A 143 10.50 -14.40 2.55
C ALA A 143 9.76 -13.66 3.72
N GLU A 144 9.42 -14.38 4.81
CA GLU A 144 9.06 -13.75 6.12
C GLU A 144 10.33 -13.35 6.95
N THR A 145 10.36 -12.09 7.44
CA THR A 145 11.47 -11.59 8.32
C THR A 145 10.89 -11.06 9.68
N ASP A 146 11.08 -11.84 10.75
CA ASP A 146 10.63 -11.49 12.13
C ASP A 146 11.48 -10.35 12.83
N HIS A 147 10.85 -9.61 13.75
CA HIS A 147 11.47 -8.44 14.45
C HIS A 147 10.90 -8.26 15.90
N GLU A 148 11.56 -7.42 16.71
CA GLU A 148 11.12 -7.02 18.08
C GLU A 148 9.68 -6.45 18.34
N GLY A 149 9.02 -5.79 17.35
CA GLY A 149 7.55 -5.58 17.39
C GLY A 149 6.82 -5.51 16.03
N PHE A 150 7.27 -6.27 15.02
CA PHE A 150 6.57 -6.44 13.72
C PHE A 150 7.05 -7.75 13.00
N THR A 151 6.25 -8.28 12.06
CA THR A 151 6.75 -9.25 11.04
C THR A 151 6.44 -8.74 9.59
N LEU A 152 7.49 -8.53 8.79
CA LEU A 152 7.35 -8.32 7.31
C LEU A 152 7.15 -9.71 6.61
N GLN A 153 6.10 -9.83 5.82
CA GLN A 153 5.88 -11.00 4.94
C GLN A 153 5.98 -10.54 3.45
N GLU A 154 7.02 -10.97 2.69
CA GLU A 154 7.11 -10.69 1.22
C GLU A 154 6.49 -11.87 0.38
N TRP A 155 5.61 -11.55 -0.58
CA TRP A 155 4.79 -12.57 -1.31
C TRP A 155 4.99 -12.46 -2.86
N VAL A 156 5.06 -13.62 -3.55
CA VAL A 156 5.28 -13.70 -5.04
C VAL A 156 4.05 -14.18 -5.93
N ARG A 157 2.85 -14.49 -5.37
CA ARG A 157 1.61 -14.87 -6.13
C ARG A 157 1.61 -16.32 -6.75
N SER A 158 0.49 -16.78 -7.32
CA SER A 158 0.36 -18.15 -7.92
C SER A 158 1.18 -18.38 -9.23
N ALA A 159 2.50 -18.49 -9.05
CA ALA A 159 3.46 -18.73 -10.15
C ALA A 159 3.73 -20.26 -10.39
N SER A 160 4.09 -21.04 -9.34
CA SER A 160 4.31 -22.51 -9.43
C SER A 160 5.54 -22.98 -10.31
N SER A 161 5.98 -24.24 -10.15
CA SER A 161 7.03 -24.85 -11.02
C SER A 161 6.62 -25.13 -12.52
N ARG A 162 5.44 -25.73 -12.77
CA ARG A 162 4.90 -25.91 -14.15
C ARG A 162 3.35 -25.92 -14.03
N MET A 1 9.05 -0.53 -13.14
CA MET A 1 7.58 -0.45 -13.42
C MET A 1 6.64 -1.60 -12.95
N GLU A 2 7.08 -2.62 -12.17
CA GLU A 2 6.15 -3.60 -11.51
C GLU A 2 5.23 -2.97 -10.38
N LEU A 3 4.32 -3.75 -9.80
CA LEU A 3 3.33 -3.26 -8.80
C LEU A 3 3.35 -4.11 -7.49
N VAL A 4 3.43 -3.46 -6.31
CA VAL A 4 3.63 -4.18 -5.00
C VAL A 4 2.87 -3.50 -3.80
N SER A 5 1.89 -4.18 -3.16
CA SER A 5 1.04 -3.56 -2.09
C SER A 5 1.54 -3.70 -0.62
N VAL A 6 1.31 -2.66 0.23
CA VAL A 6 2.14 -2.42 1.45
C VAL A 6 1.21 -2.01 2.65
N ALA A 7 0.80 -2.97 3.51
CA ALA A 7 -0.14 -2.73 4.65
C ALA A 7 0.50 -2.88 6.09
N ALA A 8 -0.22 -2.46 7.14
CA ALA A 8 0.18 -2.72 8.56
C ALA A 8 -0.99 -3.35 9.39
N LEU A 9 -0.94 -4.67 9.67
CA LEU A 9 -1.96 -5.38 10.49
C LEU A 9 -1.65 -5.27 12.01
N ALA A 10 -2.56 -4.69 12.81
CA ALA A 10 -2.52 -4.85 14.30
C ALA A 10 -3.30 -6.13 14.82
N GLU A 11 -3.02 -7.33 14.23
CA GLU A 11 -3.89 -8.54 14.30
C GLU A 11 -5.35 -8.44 13.70
N ASN A 12 -6.09 -7.36 13.98
CA ASN A 12 -7.55 -7.23 13.70
C ASN A 12 -7.99 -7.04 12.20
N ARG A 13 -7.43 -7.84 11.26
CA ARG A 13 -7.60 -7.74 9.78
C ARG A 13 -7.90 -6.34 9.12
N VAL A 14 -6.93 -5.41 9.24
CA VAL A 14 -7.06 -3.97 8.89
C VAL A 14 -5.89 -3.50 7.95
N ILE A 15 -6.22 -2.90 6.79
CA ILE A 15 -5.22 -2.16 5.95
C ILE A 15 -4.91 -0.72 6.54
N GLY A 16 -5.92 0.15 6.67
CA GLY A 16 -5.75 1.51 7.27
C GLY A 16 -7.08 2.21 7.61
N ARG A 17 -7.08 3.56 7.57
CA ARG A 17 -8.31 4.36 7.89
C ARG A 17 -8.44 5.71 7.06
N ASP A 18 -9.13 6.70 7.65
CA ASP A 18 -9.19 8.11 7.21
C ASP A 18 -8.16 9.04 7.97
N GLY A 19 -6.89 8.94 7.53
CA GLY A 19 -5.72 9.48 8.28
C GLY A 19 -4.89 8.33 8.87
N GLU A 20 -4.06 7.70 8.02
CA GLU A 20 -3.08 6.64 8.42
C GLU A 20 -3.62 5.38 9.21
N LEU A 21 -3.52 5.39 10.56
CA LEU A 21 -3.69 4.21 11.44
C LEU A 21 -4.09 4.64 12.91
N PRO A 22 -4.89 3.90 13.74
CA PRO A 22 -5.17 4.30 15.16
C PRO A 22 -4.12 3.98 16.29
N TRP A 23 -3.12 3.12 16.02
CA TRP A 23 -2.15 2.61 17.05
C TRP A 23 -0.75 3.38 17.05
N PRO A 24 0.23 3.20 18.01
CA PRO A 24 1.55 3.91 17.95
C PRO A 24 2.57 3.45 16.83
N SER A 25 2.91 4.38 15.93
CA SER A 25 3.85 4.14 14.79
C SER A 25 5.31 3.67 15.15
N ILE A 26 5.57 2.35 15.06
CA ILE A 26 6.82 1.70 15.57
C ILE A 26 8.05 1.90 14.59
N PRO A 27 9.19 2.61 14.92
CA PRO A 27 10.26 2.93 13.91
C PRO A 27 11.12 1.82 13.20
N ALA A 28 10.79 0.54 13.38
CA ALA A 28 11.19 -0.53 12.43
C ALA A 28 10.15 -0.87 11.32
N ASP A 29 8.80 -0.85 11.55
CA ASP A 29 7.77 -0.64 10.48
C ASP A 29 8.12 0.55 9.52
N LYS A 30 8.18 1.78 10.04
CA LYS A 30 8.54 2.98 9.20
C LYS A 30 10.08 3.15 8.84
N LYS A 31 10.95 2.14 9.06
CA LYS A 31 12.16 1.89 8.19
C LYS A 31 11.87 0.97 6.96
N GLN A 32 11.15 -0.15 7.12
CA GLN A 32 10.81 -1.09 6.01
C GLN A 32 9.76 -0.51 4.99
N TYR A 33 8.60 -0.06 5.51
CA TYR A 33 7.62 0.81 4.80
C TYR A 33 8.21 2.09 4.08
N ARG A 34 9.13 2.87 4.71
CA ARG A 34 9.84 4.02 4.04
C ARG A 34 11.33 3.76 3.55
N SER A 35 11.73 2.49 3.35
CA SER A 35 12.85 2.08 2.46
C SER A 35 12.40 1.27 1.19
N ARG A 36 11.24 0.60 1.19
CA ARG A 36 10.43 0.40 -0.05
C ARG A 36 9.95 1.76 -0.67
N VAL A 37 9.12 2.54 0.04
CA VAL A 37 8.69 3.91 -0.37
C VAL A 37 9.84 4.94 -0.05
N ALA A 38 10.85 5.15 -0.92
CA ALA A 38 12.01 6.04 -0.59
C ALA A 38 11.97 7.46 -1.24
N ASP A 39 12.24 7.57 -2.56
CA ASP A 39 12.04 8.82 -3.35
C ASP A 39 11.48 8.43 -4.78
N ASP A 40 10.32 7.74 -4.86
CA ASP A 40 9.75 7.20 -6.15
C ASP A 40 8.16 7.00 -6.05
N PRO A 41 7.32 6.94 -7.13
CA PRO A 41 5.84 7.10 -7.03
C PRO A 41 4.98 6.15 -6.13
N VAL A 42 4.09 6.75 -5.32
CA VAL A 42 3.34 6.05 -4.24
C VAL A 42 1.79 6.04 -4.52
N VAL A 43 1.19 4.85 -4.69
CA VAL A 43 -0.28 4.69 -4.86
C VAL A 43 -0.99 4.61 -3.47
N LEU A 44 -1.94 5.51 -3.19
CA LEU A 44 -2.65 5.54 -1.89
C LEU A 44 -4.14 5.98 -2.02
N GLY A 45 -4.95 5.70 -0.99
CA GLY A 45 -6.37 6.15 -0.97
C GLY A 45 -6.60 7.58 -0.44
N ARG A 46 -7.60 8.26 -1.02
CA ARG A 46 -8.04 9.60 -0.52
C ARG A 46 -8.52 9.71 0.98
N THR A 47 -8.92 8.62 1.65
CA THR A 47 -9.04 8.55 3.14
C THR A 47 -7.69 8.86 3.89
N THR A 48 -6.58 8.10 3.74
CA THR A 48 -5.22 8.48 4.28
C THR A 48 -4.56 9.84 3.78
N PHE A 49 -4.90 10.31 2.57
CA PHE A 49 -4.36 11.58 1.98
C PHE A 49 -4.52 12.93 2.78
N GLU A 50 -5.47 13.10 3.73
CA GLU A 50 -5.49 14.33 4.60
C GLU A 50 -4.43 14.42 5.76
N SER A 51 -3.79 13.32 6.19
CA SER A 51 -2.42 13.38 6.79
C SER A 51 -1.28 13.75 5.76
N MET A 52 -1.25 13.12 4.57
CA MET A 52 -0.14 13.27 3.58
C MET A 52 -0.16 14.59 2.68
N ARG A 53 -0.61 15.73 3.24
CA ARG A 53 -0.50 17.08 2.61
C ARG A 53 0.85 17.81 2.90
N ASP A 54 1.27 17.87 4.18
CA ASP A 54 2.47 18.61 4.65
C ASP A 54 3.87 17.93 4.35
N ASP A 55 4.00 16.58 4.45
CA ASP A 55 5.11 15.81 3.82
C ASP A 55 4.54 14.82 2.73
N LEU A 56 5.35 14.60 1.68
CA LEU A 56 5.05 13.67 0.56
C LEU A 56 5.92 12.37 0.72
N PRO A 57 5.39 11.13 1.01
CA PRO A 57 6.25 9.92 1.21
C PRO A 57 7.35 9.51 0.16
N GLY A 58 7.06 9.72 -1.12
CA GLY A 58 8.10 9.79 -2.19
C GLY A 58 7.66 10.59 -3.44
N SER A 59 8.39 10.41 -4.55
CA SER A 59 8.46 11.43 -5.64
C SER A 59 7.25 11.63 -6.61
N ALA A 60 6.17 10.81 -6.59
CA ALA A 60 4.85 11.22 -7.14
C ALA A 60 3.67 10.61 -6.31
N GLN A 61 2.89 11.45 -5.61
CA GLN A 61 1.73 10.98 -4.82
C GLN A 61 0.47 10.68 -5.70
N ILE A 62 0.30 9.40 -6.06
CA ILE A 62 -0.83 8.88 -6.87
C ILE A 62 -2.03 8.62 -5.89
N VAL A 63 -3.15 9.33 -6.06
CA VAL A 63 -4.27 9.36 -5.06
C VAL A 63 -5.63 8.91 -5.73
N MET A 64 -6.15 7.75 -5.30
CA MET A 64 -7.46 7.21 -5.76
C MET A 64 -8.72 7.96 -5.22
N SER A 65 -9.54 8.52 -6.13
CA SER A 65 -10.78 9.26 -5.76
C SER A 65 -11.87 9.14 -6.86
N ARG A 66 -13.01 8.47 -6.56
CA ARG A 66 -14.24 8.50 -7.43
C ARG A 66 -14.98 9.89 -7.66
N SER A 67 -14.36 11.03 -7.29
CA SER A 67 -14.80 12.41 -7.66
C SER A 67 -13.68 13.11 -8.48
N GLU A 68 -13.94 13.44 -9.76
CA GLU A 68 -12.90 14.04 -10.64
C GLU A 68 -12.79 15.61 -10.47
N ARG A 69 -11.81 16.02 -9.66
CA ARG A 69 -11.32 17.43 -9.59
C ARG A 69 -9.84 17.65 -10.07
N SER A 70 -8.94 16.66 -9.87
CA SER A 70 -7.47 16.86 -9.76
C SER A 70 -7.04 17.70 -8.50
N PHE A 71 -5.94 17.32 -7.85
CA PHE A 71 -5.45 18.01 -6.61
C PHE A 71 -4.24 18.93 -6.95
N SER A 72 -4.36 20.23 -6.67
CA SER A 72 -3.21 21.17 -6.73
C SER A 72 -2.21 20.98 -5.54
N VAL A 73 -1.18 20.16 -5.76
CA VAL A 73 0.02 20.06 -4.86
C VAL A 73 1.30 20.26 -5.79
N ASP A 74 2.46 19.69 -5.47
CA ASP A 74 3.70 19.85 -6.30
C ASP A 74 3.77 18.78 -7.44
N THR A 75 3.91 17.49 -7.11
CA THR A 75 3.85 16.35 -8.10
C THR A 75 2.81 15.23 -7.70
N ALA A 76 1.56 15.64 -7.38
CA ALA A 76 0.47 14.68 -7.05
C ALA A 76 -0.53 14.46 -8.25
N HIS A 77 -0.82 13.20 -8.58
CA HIS A 77 -1.80 12.84 -9.65
C HIS A 77 -3.02 12.05 -9.07
N ARG A 78 -4.23 12.27 -9.60
CA ARG A 78 -5.45 11.48 -9.22
C ARG A 78 -5.59 10.17 -10.09
N ALA A 79 -6.14 9.09 -9.49
CA ALA A 79 -6.58 7.87 -10.23
C ALA A 79 -8.09 7.49 -9.99
N ALA A 80 -8.70 6.73 -10.92
CA ALA A 80 -10.12 6.27 -10.82
C ALA A 80 -10.35 4.73 -11.04
N SER A 81 -9.80 4.10 -12.10
CA SER A 81 -9.73 2.62 -12.23
C SER A 81 -8.27 2.08 -12.03
N VAL A 82 -8.10 0.75 -12.10
CA VAL A 82 -6.74 0.11 -12.30
C VAL A 82 -5.86 0.80 -13.42
N GLU A 83 -6.36 0.93 -14.66
CA GLU A 83 -5.60 1.54 -15.79
C GLU A 83 -5.30 3.08 -15.81
N GLU A 84 -6.06 3.97 -15.11
CA GLU A 84 -5.56 5.34 -14.80
C GLU A 84 -4.19 5.37 -14.02
N ALA A 85 -4.06 4.63 -12.92
CA ALA A 85 -2.74 4.42 -12.24
C ALA A 85 -1.64 3.56 -12.97
N VAL A 86 -1.96 2.61 -13.86
CA VAL A 86 -0.94 1.94 -14.75
C VAL A 86 -0.33 2.90 -15.84
N ASP A 87 -1.13 3.61 -16.65
CA ASP A 87 -0.60 4.57 -17.67
C ASP A 87 0.29 5.76 -17.14
N ILE A 88 -0.01 6.39 -15.98
CA ILE A 88 0.97 7.26 -15.23
C ILE A 88 2.20 6.53 -14.59
N ALA A 89 2.11 5.30 -14.03
CA ALA A 89 3.32 4.51 -13.65
C ALA A 89 4.29 4.13 -14.83
N ALA A 90 3.77 3.67 -15.99
CA ALA A 90 4.53 3.60 -17.28
C ALA A 90 5.02 4.94 -17.93
N SER A 91 4.32 6.08 -17.74
CA SER A 91 4.84 7.45 -18.06
C SER A 91 5.93 8.03 -17.10
N LEU A 92 5.94 7.64 -15.82
CA LEU A 92 7.00 8.02 -14.83
C LEU A 92 8.31 7.11 -14.81
N ASP A 93 8.31 5.87 -15.36
CA ASP A 93 9.56 5.06 -15.62
C ASP A 93 10.20 4.27 -14.40
N ALA A 94 10.15 4.87 -13.19
CA ALA A 94 10.29 4.22 -11.84
C ALA A 94 10.55 2.69 -11.63
N GLU A 95 11.36 2.25 -10.64
CA GLU A 95 11.50 0.82 -10.26
C GLU A 95 10.18 0.03 -9.95
N THR A 96 9.32 0.49 -9.02
CA THR A 96 7.99 -0.14 -8.75
C THR A 96 6.99 0.82 -8.02
N ALA A 97 5.78 0.98 -8.58
CA ALA A 97 4.66 1.68 -7.89
C ALA A 97 4.03 0.80 -6.75
N TYR A 98 3.64 1.43 -5.65
CA TYR A 98 3.36 0.68 -4.39
C TYR A 98 2.07 1.13 -3.64
N VAL A 99 1.21 0.16 -3.31
CA VAL A 99 -0.21 0.42 -2.91
C VAL A 99 -0.36 0.39 -1.35
N ILE A 100 -0.45 1.57 -0.72
CA ILE A 100 -0.79 1.71 0.74
C ILE A 100 -2.24 1.17 1.08
N GLY A 101 -3.28 1.82 0.53
CA GLY A 101 -4.69 1.67 0.98
C GLY A 101 -5.19 2.62 2.11
N GLY A 102 -6.41 2.51 2.66
CA GLY A 102 -7.61 2.05 1.90
C GLY A 102 -7.83 0.57 1.55
N ALA A 103 -8.69 -0.17 2.28
CA ALA A 103 -9.21 -1.51 1.86
C ALA A 103 -9.80 -1.64 0.40
N ALA A 104 -10.84 -0.85 0.06
CA ALA A 104 -11.34 -0.74 -1.34
C ALA A 104 -10.36 -0.27 -2.48
N ILE A 105 -9.24 0.36 -2.10
CA ILE A 105 -8.05 0.58 -3.00
C ILE A 105 -7.17 -0.72 -3.17
N TYR A 106 -6.81 -1.41 -2.07
CA TYR A 106 -6.25 -2.81 -2.10
C TYR A 106 -7.09 -3.85 -2.96
N ALA A 107 -8.42 -3.93 -2.78
CA ALA A 107 -9.35 -4.79 -3.57
C ALA A 107 -9.23 -4.79 -5.13
N LEU A 108 -9.36 -3.61 -5.78
CA LEU A 108 -9.14 -3.47 -7.24
C LEU A 108 -7.70 -3.74 -7.77
N PHE A 109 -6.64 -3.42 -7.00
CA PHE A 109 -5.24 -3.69 -7.38
C PHE A 109 -4.69 -5.14 -7.16
N GLN A 110 -5.12 -5.88 -6.11
CA GLN A 110 -4.60 -7.25 -5.80
C GLN A 110 -4.63 -8.38 -6.92
N PRO A 111 -5.58 -8.49 -7.89
CA PRO A 111 -5.36 -9.25 -9.16
C PRO A 111 -4.19 -8.85 -10.12
N HIS A 112 -3.83 -7.56 -10.16
CA HIS A 112 -2.83 -6.99 -11.13
C HIS A 112 -1.39 -6.67 -10.56
N LEU A 113 -1.18 -6.59 -9.23
CA LEU A 113 0.17 -6.70 -8.61
C LEU A 113 0.65 -8.19 -8.48
N ASP A 114 1.94 -8.40 -8.79
CA ASP A 114 2.60 -9.74 -8.64
C ASP A 114 3.70 -9.84 -7.51
N ARG A 115 3.68 -8.92 -6.51
CA ARG A 115 4.30 -9.11 -5.17
C ARG A 115 3.39 -8.48 -4.03
N MET A 116 3.54 -8.92 -2.77
CA MET A 116 2.97 -8.20 -1.58
C MET A 116 4.06 -7.99 -0.48
N VAL A 117 4.08 -6.84 0.22
CA VAL A 117 5.08 -6.58 1.31
C VAL A 117 4.39 -5.95 2.58
N LEU A 118 3.55 -6.70 3.32
CA LEU A 118 2.88 -6.18 4.56
C LEU A 118 3.67 -6.47 5.88
N SER A 119 3.48 -5.58 6.86
CA SER A 119 4.07 -5.71 8.22
C SER A 119 3.01 -6.22 9.24
N ARG A 120 3.04 -7.52 9.61
CA ARG A 120 2.12 -8.09 10.62
C ARG A 120 2.67 -7.87 12.06
N VAL A 121 2.08 -6.94 12.81
CA VAL A 121 2.51 -6.58 14.19
C VAL A 121 1.98 -7.67 15.22
N PRO A 122 2.82 -8.44 15.97
CA PRO A 122 2.30 -9.39 17.01
C PRO A 122 1.83 -8.63 18.29
N GLY A 123 0.53 -8.31 18.38
CA GLY A 123 0.02 -7.32 19.38
C GLY A 123 -1.45 -6.88 19.18
N GLU A 124 -2.31 -7.22 20.15
CA GLU A 124 -3.79 -7.04 20.05
C GLU A 124 -4.28 -5.56 20.18
N TYR A 125 -4.81 -5.00 19.07
CA TYR A 125 -5.14 -3.54 18.95
C TYR A 125 -6.41 -3.25 18.06
N GLU A 126 -6.88 -1.99 18.06
CA GLU A 126 -8.09 -1.55 17.31
C GLU A 126 -7.96 -1.46 15.75
N GLY A 127 -9.06 -1.76 15.05
CA GLY A 127 -9.16 -1.58 13.57
C GLY A 127 -10.42 -0.83 13.06
N ASP A 128 -10.37 -0.49 11.78
CA ASP A 128 -11.42 0.29 11.07
C ASP A 128 -11.88 -0.57 9.81
N THR A 129 -11.42 -0.21 8.60
CA THR A 129 -11.67 -0.97 7.34
C THR A 129 -11.07 -2.42 7.32
N TYR A 130 -11.72 -3.35 6.59
CA TYR A 130 -11.37 -4.79 6.62
C TYR A 130 -10.70 -5.30 5.29
N TYR A 131 -9.97 -6.43 5.31
CA TYR A 131 -9.61 -7.17 4.05
C TYR A 131 -10.85 -7.57 3.16
N PRO A 132 -10.85 -7.50 1.80
CA PRO A 132 -12.01 -7.88 0.96
C PRO A 132 -11.89 -9.39 0.48
N GLU A 133 -11.59 -9.65 -0.80
CA GLU A 133 -11.47 -11.03 -1.36
C GLU A 133 -10.00 -11.38 -1.81
N TRP A 134 -9.04 -11.55 -0.86
CA TRP A 134 -7.61 -11.85 -1.16
C TRP A 134 -7.23 -13.38 -1.21
N ASP A 135 -6.16 -13.76 -1.92
CA ASP A 135 -5.94 -15.19 -2.34
C ASP A 135 -5.33 -16.11 -1.22
N ALA A 136 -6.15 -16.53 -0.22
CA ALA A 136 -5.66 -17.21 1.01
C ALA A 136 -4.86 -18.56 0.94
N ALA A 137 -5.04 -19.43 -0.08
CA ALA A 137 -4.00 -20.43 -0.45
C ALA A 137 -3.02 -20.01 -1.62
N GLU A 138 -3.49 -19.22 -2.59
CA GLU A 138 -2.71 -18.91 -3.84
C GLU A 138 -1.87 -17.56 -3.85
N TRP A 139 -1.51 -17.04 -2.67
CA TRP A 139 -0.31 -16.19 -2.47
C TRP A 139 0.89 -17.03 -1.88
N GLU A 140 1.93 -17.28 -2.69
CA GLU A 140 3.18 -17.95 -2.21
C GLU A 140 4.15 -16.98 -1.46
N LEU A 141 4.87 -17.50 -0.47
CA LEU A 141 5.73 -16.70 0.44
C LEU A 141 7.22 -16.65 -0.08
N ASP A 142 7.82 -15.45 -0.16
CA ASP A 142 9.27 -15.26 -0.49
C ASP A 142 10.15 -15.23 0.80
N ALA A 143 10.00 -14.20 1.66
CA ALA A 143 10.91 -13.96 2.80
C ALA A 143 10.19 -13.31 4.03
N GLU A 144 9.84 -14.11 5.05
CA GLU A 144 9.45 -13.58 6.39
C GLU A 144 10.69 -13.20 7.27
N THR A 145 10.71 -11.98 7.84
CA THR A 145 11.83 -11.48 8.70
C THR A 145 11.26 -11.01 10.09
N ASP A 146 11.41 -11.85 11.12
CA ASP A 146 10.97 -11.55 12.52
C ASP A 146 11.76 -10.41 13.25
N HIS A 147 11.05 -9.64 14.09
CA HIS A 147 11.63 -8.51 14.88
C HIS A 147 10.87 -8.25 16.24
N GLU A 148 11.57 -7.58 17.17
CA GLU A 148 10.99 -6.96 18.41
C GLU A 148 9.56 -6.30 18.46
N GLY A 149 9.07 -5.63 17.40
CA GLY A 149 7.63 -5.27 17.28
C GLY A 149 7.04 -5.11 15.86
N PHE A 150 7.49 -5.92 14.87
CA PHE A 150 6.87 -5.99 13.51
C PHE A 150 7.34 -7.30 12.76
N THR A 151 6.45 -7.98 12.03
CA THR A 151 6.83 -9.15 11.17
C THR A 151 6.69 -8.76 9.67
N LEU A 152 7.80 -8.52 8.94
CA LEU A 152 7.73 -8.29 7.46
C LEU A 152 7.62 -9.65 6.71
N GLN A 153 6.56 -9.81 5.91
CA GLN A 153 6.46 -10.90 4.90
C GLN A 153 6.57 -10.30 3.47
N GLU A 154 7.65 -10.63 2.74
CA GLU A 154 7.64 -10.55 1.25
C GLU A 154 6.92 -11.79 0.62
N TRP A 155 6.07 -11.54 -0.37
CA TRP A 155 5.24 -12.57 -1.05
C TRP A 155 5.41 -12.43 -2.60
N VAL A 156 5.34 -13.56 -3.32
CA VAL A 156 5.52 -13.61 -4.82
C VAL A 156 4.25 -14.02 -5.68
N ARG A 157 3.27 -14.78 -5.13
CA ARG A 157 2.09 -15.34 -5.88
C ARG A 157 2.28 -16.83 -6.34
N SER A 158 1.19 -17.59 -6.34
CA SER A 158 1.08 -18.90 -7.04
C SER A 158 1.51 -19.04 -8.55
N ALA A 159 1.72 -17.93 -9.30
CA ALA A 159 2.56 -17.89 -10.53
C ALA A 159 1.94 -18.49 -11.85
N SER A 160 1.60 -19.79 -11.89
CA SER A 160 0.75 -20.36 -12.96
C SER A 160 -0.36 -21.35 -12.43
N SER A 161 -1.20 -20.86 -11.49
CA SER A 161 -2.37 -21.62 -10.98
C SER A 161 -3.69 -21.16 -11.67
N ARG A 162 -4.18 -21.95 -12.65
CA ARG A 162 -5.50 -21.67 -13.30
C ARG A 162 -6.08 -23.03 -13.70
N MET A 1 8.89 0.10 -13.26
CA MET A 1 7.40 0.11 -13.44
C MET A 1 6.57 -1.21 -13.14
N GLU A 2 7.03 -2.15 -12.31
CA GLU A 2 6.14 -3.21 -11.70
C GLU A 2 5.23 -2.66 -10.53
N LEU A 3 4.38 -3.49 -9.89
CA LEU A 3 3.36 -3.03 -8.89
C LEU A 3 3.27 -3.91 -7.60
N VAL A 4 3.39 -3.31 -6.41
CA VAL A 4 3.48 -4.05 -5.12
C VAL A 4 2.51 -3.49 -4.00
N SER A 5 1.93 -4.35 -3.16
CA SER A 5 0.85 -3.97 -2.17
C SER A 5 1.40 -3.80 -0.72
N VAL A 6 1.30 -2.59 -0.12
CA VAL A 6 2.05 -2.23 1.13
C VAL A 6 1.03 -1.78 2.25
N ALA A 7 0.55 -2.76 3.03
CA ALA A 7 -0.31 -2.51 4.22
C ALA A 7 0.42 -2.79 5.58
N ALA A 8 -0.22 -2.46 6.72
CA ALA A 8 0.22 -2.96 8.06
C ALA A 8 -0.99 -3.44 8.93
N LEU A 9 -0.92 -4.65 9.51
CA LEU A 9 -2.04 -5.22 10.32
C LEU A 9 -1.85 -5.05 11.86
N ALA A 10 -2.95 -4.74 12.58
CA ALA A 10 -3.14 -5.23 13.97
C ALA A 10 -3.98 -6.58 14.01
N GLU A 11 -4.09 -7.25 15.18
CA GLU A 11 -4.91 -8.52 15.31
C GLU A 11 -6.48 -8.31 15.18
N ASN A 12 -6.91 -7.98 13.96
CA ASN A 12 -8.35 -7.91 13.57
C ASN A 12 -8.66 -8.14 12.05
N ARG A 13 -7.78 -8.73 11.22
CA ARG A 13 -7.91 -8.68 9.73
C ARG A 13 -8.00 -7.23 9.07
N VAL A 14 -7.43 -6.21 9.73
CA VAL A 14 -7.64 -4.76 9.43
C VAL A 14 -6.39 -4.19 8.68
N ILE A 15 -6.53 -3.68 7.45
CA ILE A 15 -5.44 -2.93 6.77
C ILE A 15 -5.36 -1.41 7.25
N GLY A 16 -4.71 -1.18 8.41
CA GLY A 16 -4.55 0.16 9.01
C GLY A 16 -5.60 0.53 10.08
N ARG A 17 -6.32 1.64 9.88
CA ARG A 17 -7.23 2.21 10.93
C ARG A 17 -8.38 3.23 10.52
N ASP A 18 -8.33 3.84 9.32
CA ASP A 18 -9.26 4.92 8.82
C ASP A 18 -8.50 5.63 7.62
N GLY A 19 -7.81 6.75 7.89
CA GLY A 19 -6.98 7.48 6.89
C GLY A 19 -5.90 8.38 7.50
N GLU A 20 -4.94 7.75 8.18
CA GLU A 20 -3.81 8.44 8.86
C GLU A 20 -2.59 7.47 9.07
N LEU A 21 -2.80 6.29 9.71
CA LEU A 21 -1.73 5.44 10.35
C LEU A 21 -0.85 6.13 11.47
N PRO A 22 -1.37 6.73 12.61
CA PRO A 22 -0.51 7.42 13.63
C PRO A 22 -0.19 6.52 14.86
N TRP A 23 0.58 5.43 14.66
CA TRP A 23 0.92 4.47 15.73
C TRP A 23 2.45 4.55 16.15
N PRO A 24 2.90 5.44 17.09
CA PRO A 24 4.31 5.47 17.57
C PRO A 24 4.67 4.36 18.62
N SER A 25 5.90 4.40 19.14
CA SER A 25 6.56 3.23 19.82
C SER A 25 7.10 2.08 18.88
N ILE A 26 6.45 1.77 17.75
CA ILE A 26 7.02 0.93 16.64
C ILE A 26 7.51 1.79 15.39
N PRO A 27 8.69 2.48 15.38
CA PRO A 27 9.30 2.99 14.12
C PRO A 27 9.96 1.93 13.15
N ALA A 28 9.99 0.63 13.50
CA ALA A 28 10.49 -0.47 12.64
C ALA A 28 9.55 -0.98 11.50
N ASP A 29 8.22 -1.10 11.72
CA ASP A 29 7.19 -0.90 10.64
C ASP A 29 7.55 0.25 9.64
N LYS A 30 7.64 1.49 10.13
CA LYS A 30 8.04 2.68 9.30
C LYS A 30 9.58 2.85 9.00
N LYS A 31 10.42 1.82 9.26
CA LYS A 31 11.69 1.57 8.54
C LYS A 31 11.56 0.62 7.33
N GLN A 32 10.65 -0.36 7.29
CA GLN A 32 10.35 -1.15 6.06
C GLN A 32 9.30 -0.47 5.12
N TYR A 33 8.17 0.00 5.67
CA TYR A 33 7.23 0.95 5.02
C TYR A 33 7.85 2.29 4.44
N ARG A 34 8.91 2.88 5.06
CA ARG A 34 9.74 3.94 4.39
C ARG A 34 11.23 3.54 4.05
N SER A 35 11.55 2.23 3.85
CA SER A 35 12.67 1.79 2.94
C SER A 35 12.15 1.27 1.56
N ARG A 36 11.01 0.54 1.50
CA ARG A 36 10.26 0.32 0.24
C ARG A 36 9.73 1.64 -0.42
N VAL A 37 9.01 2.49 0.34
CA VAL A 37 8.58 3.86 -0.10
C VAL A 37 9.69 4.90 0.29
N ALA A 38 10.67 5.17 -0.60
CA ALA A 38 11.80 6.09 -0.29
C ALA A 38 11.73 7.47 -1.05
N ASP A 39 12.27 7.57 -2.28
CA ASP A 39 12.11 8.78 -3.15
C ASP A 39 11.61 8.37 -4.59
N ASP A 40 10.47 7.67 -4.68
CA ASP A 40 9.92 7.15 -5.97
C ASP A 40 8.34 6.99 -5.87
N PRO A 41 7.51 7.04 -6.97
CA PRO A 41 6.02 7.15 -6.90
C PRO A 41 5.14 6.25 -5.96
N VAL A 42 4.37 6.91 -5.08
CA VAL A 42 3.48 6.25 -4.08
C VAL A 42 1.97 6.28 -4.51
N VAL A 43 1.30 5.11 -4.61
CA VAL A 43 -0.17 5.02 -4.88
C VAL A 43 -0.99 4.90 -3.56
N LEU A 44 -1.96 5.81 -3.34
CA LEU A 44 -2.74 5.86 -2.06
C LEU A 44 -4.21 6.35 -2.28
N GLY A 45 -4.99 6.45 -1.20
CA GLY A 45 -6.45 6.76 -1.28
C GLY A 45 -6.87 8.11 -0.68
N ARG A 46 -8.04 8.58 -1.14
CA ARG A 46 -8.58 9.91 -0.70
C ARG A 46 -9.14 10.07 0.77
N THR A 47 -9.01 9.09 1.68
CA THR A 47 -9.09 9.34 3.15
C THR A 47 -7.70 9.81 3.69
N THR A 48 -6.65 8.98 3.60
CA THR A 48 -5.25 9.35 4.03
C THR A 48 -4.55 10.63 3.44
N PHE A 49 -4.98 11.14 2.27
CA PHE A 49 -4.51 12.43 1.70
C PHE A 49 -4.68 13.72 2.57
N GLU A 50 -5.72 13.88 3.42
CA GLU A 50 -5.73 14.97 4.46
C GLU A 50 -4.59 14.87 5.55
N SER A 51 -4.04 13.68 5.88
CA SER A 51 -2.74 13.57 6.60
C SER A 51 -1.47 13.75 5.68
N MET A 52 -1.30 12.96 4.60
CA MET A 52 -0.10 13.04 3.70
C MET A 52 0.05 14.29 2.75
N ARG A 53 -0.85 15.30 2.81
CA ARG A 53 -0.71 16.56 2.01
C ARG A 53 0.55 17.48 2.30
N ASP A 54 1.04 17.59 3.55
CA ASP A 54 2.35 18.24 3.86
C ASP A 54 3.57 17.22 3.81
N ASP A 55 3.61 16.13 4.62
CA ASP A 55 4.62 15.03 4.46
C ASP A 55 4.28 14.13 3.22
N LEU A 56 4.92 14.44 2.08
CA LEU A 56 4.88 13.58 0.86
C LEU A 56 5.76 12.28 1.03
N PRO A 57 5.24 11.01 1.03
CA PRO A 57 6.09 9.80 1.29
C PRO A 57 7.24 9.43 0.29
N GLY A 58 7.02 9.65 -1.01
CA GLY A 58 8.11 9.66 -2.04
C GLY A 58 7.74 10.57 -3.24
N SER A 59 8.41 10.34 -4.38
CA SER A 59 8.49 11.37 -5.47
C SER A 59 7.30 11.54 -6.48
N ALA A 60 6.12 10.90 -6.29
CA ALA A 60 4.85 11.31 -6.94
C ALA A 60 3.63 10.80 -6.11
N GLN A 61 2.87 11.71 -5.47
CA GLN A 61 1.70 11.29 -4.63
C GLN A 61 0.41 11.00 -5.49
N ILE A 62 0.13 9.71 -5.72
CA ILE A 62 -0.94 9.27 -6.66
C ILE A 62 -2.25 9.00 -5.82
N VAL A 63 -3.20 9.95 -5.82
CA VAL A 63 -4.40 9.92 -4.92
C VAL A 63 -5.69 9.38 -5.66
N MET A 64 -6.14 8.16 -5.32
CA MET A 64 -7.39 7.59 -5.90
C MET A 64 -8.69 8.28 -5.37
N SER A 65 -9.50 8.85 -6.28
CA SER A 65 -10.66 9.73 -5.91
C SER A 65 -11.92 9.50 -6.81
N ARG A 66 -13.12 9.76 -6.25
CA ARG A 66 -14.40 9.41 -6.92
C ARG A 66 -14.94 10.57 -7.83
N SER A 67 -14.86 10.40 -9.16
CA SER A 67 -14.93 11.52 -10.17
C SER A 67 -13.60 12.34 -10.24
N GLU A 68 -13.24 12.93 -11.40
CA GLU A 68 -11.96 13.69 -11.53
C GLU A 68 -11.79 14.89 -10.53
N ARG A 69 -10.74 14.82 -9.70
CA ARG A 69 -10.20 16.00 -8.98
C ARG A 69 -8.65 16.01 -9.15
N SER A 70 -8.12 16.81 -10.10
CA SER A 70 -6.66 17.01 -10.24
C SER A 70 -6.12 18.09 -9.23
N PHE A 71 -5.44 17.65 -8.16
CA PHE A 71 -5.03 18.53 -7.03
C PHE A 71 -3.75 19.38 -7.36
N SER A 72 -3.76 20.67 -7.00
CA SER A 72 -2.55 21.54 -7.15
C SER A 72 -1.51 21.33 -6.00
N VAL A 73 -0.60 20.38 -6.21
CA VAL A 73 0.59 20.13 -5.34
C VAL A 73 1.85 20.04 -6.29
N ASP A 74 3.06 19.81 -5.75
CA ASP A 74 4.34 19.75 -6.51
C ASP A 74 4.39 18.68 -7.67
N THR A 75 4.29 17.38 -7.35
CA THR A 75 4.20 16.28 -8.37
C THR A 75 3.09 15.20 -8.07
N ALA A 76 1.89 15.65 -7.65
CA ALA A 76 0.74 14.76 -7.37
C ALA A 76 -0.20 14.52 -8.60
N HIS A 77 -0.79 13.30 -8.72
CA HIS A 77 -1.62 12.91 -9.90
C HIS A 77 -2.81 12.00 -9.42
N ARG A 78 -4.10 12.31 -9.67
CA ARG A 78 -5.22 11.42 -9.23
C ARG A 78 -5.46 10.13 -10.12
N ALA A 79 -6.28 9.18 -9.65
CA ALA A 79 -6.80 8.04 -10.48
C ALA A 79 -8.25 7.61 -10.08
N ALA A 80 -9.19 7.48 -11.04
CA ALA A 80 -10.52 6.85 -10.75
C ALA A 80 -10.71 5.32 -11.09
N SER A 81 -9.72 4.63 -11.68
CA SER A 81 -9.78 3.17 -12.02
C SER A 81 -8.43 2.40 -11.73
N VAL A 82 -8.33 1.12 -12.13
CA VAL A 82 -7.02 0.38 -12.24
C VAL A 82 -6.10 1.00 -13.36
N GLU A 83 -6.50 0.92 -14.64
CA GLU A 83 -5.72 1.46 -15.81
C GLU A 83 -5.23 2.95 -15.74
N GLU A 84 -6.03 3.92 -15.23
CA GLU A 84 -5.54 5.30 -14.89
C GLU A 84 -4.27 5.41 -13.97
N ALA A 85 -4.08 4.55 -12.96
CA ALA A 85 -2.80 4.43 -12.21
C ALA A 85 -1.66 3.54 -12.87
N VAL A 86 -1.98 2.61 -13.79
CA VAL A 86 -0.95 1.89 -14.62
C VAL A 86 -0.28 2.82 -15.69
N ASP A 87 -1.03 3.56 -16.52
CA ASP A 87 -0.47 4.54 -17.50
C ASP A 87 0.54 5.59 -16.92
N ILE A 88 0.23 6.28 -15.80
CA ILE A 88 1.23 7.12 -15.05
C ILE A 88 2.39 6.35 -14.33
N ALA A 89 2.25 5.12 -13.81
CA ALA A 89 3.42 4.28 -13.44
C ALA A 89 4.40 3.86 -14.61
N ALA A 90 3.89 3.57 -15.83
CA ALA A 90 4.72 3.50 -17.05
C ALA A 90 5.32 4.84 -17.62
N SER A 91 4.59 5.96 -17.56
CA SER A 91 5.14 7.30 -17.90
C SER A 91 6.07 8.02 -16.85
N LEU A 92 6.03 7.64 -15.55
CA LEU A 92 7.09 8.00 -14.55
C LEU A 92 8.34 7.04 -14.52
N ASP A 93 8.30 5.80 -15.07
CA ASP A 93 9.47 4.88 -15.28
C ASP A 93 9.91 4.06 -14.02
N ALA A 94 10.41 4.75 -12.98
CA ALA A 94 10.36 4.32 -11.54
C ALA A 94 10.38 2.80 -11.13
N GLU A 95 11.35 2.30 -10.34
CA GLU A 95 11.44 0.84 -9.95
C GLU A 95 10.09 0.04 -9.77
N THR A 96 9.30 0.36 -8.74
CA THR A 96 7.91 -0.15 -8.58
C THR A 96 6.99 0.89 -7.86
N ALA A 97 5.76 1.07 -8.37
CA ALA A 97 4.71 1.82 -7.64
C ALA A 97 4.00 0.95 -6.54
N TYR A 98 3.60 1.58 -5.43
CA TYR A 98 3.33 0.84 -4.15
C TYR A 98 1.99 1.28 -3.48
N VAL A 99 1.00 0.35 -3.40
CA VAL A 99 -0.39 0.65 -2.93
C VAL A 99 -0.49 0.67 -1.36
N ILE A 100 -0.69 1.87 -0.78
CA ILE A 100 -0.92 2.05 0.69
C ILE A 100 -2.34 1.52 1.15
N GLY A 101 -3.43 2.08 0.58
CA GLY A 101 -4.81 1.91 1.10
C GLY A 101 -5.27 2.90 2.21
N GLY A 102 -6.55 3.04 2.60
CA GLY A 102 -7.73 2.71 1.74
C GLY A 102 -8.14 1.24 1.51
N ALA A 103 -8.99 0.64 2.35
CA ALA A 103 -9.58 -0.71 2.10
C ALA A 103 -10.41 -0.92 0.77
N ALA A 104 -11.32 0.00 0.42
CA ALA A 104 -11.87 0.09 -0.96
C ALA A 104 -10.90 0.45 -2.15
N ILE A 105 -9.72 1.04 -1.86
CA ILE A 105 -8.59 1.17 -2.85
C ILE A 105 -7.79 -0.18 -3.02
N TYR A 106 -7.41 -0.88 -1.93
CA TYR A 106 -6.96 -2.30 -1.97
C TYR A 106 -7.93 -3.30 -2.71
N ALA A 107 -9.24 -3.30 -2.41
CA ALA A 107 -10.28 -4.08 -3.17
C ALA A 107 -10.18 -4.07 -4.73
N LEU A 108 -10.27 -2.88 -5.37
CA LEU A 108 -10.19 -2.78 -6.85
C LEU A 108 -8.79 -3.04 -7.50
N PHE A 109 -7.68 -2.73 -6.81
CA PHE A 109 -6.30 -3.08 -7.27
C PHE A 109 -5.80 -4.54 -7.00
N GLN A 110 -6.19 -5.26 -5.92
CA GLN A 110 -5.57 -6.59 -5.57
C GLN A 110 -5.51 -7.74 -6.66
N PRO A 111 -6.47 -7.96 -7.62
CA PRO A 111 -6.19 -8.72 -8.88
C PRO A 111 -5.08 -8.19 -9.89
N HIS A 112 -4.59 -6.96 -9.73
CA HIS A 112 -3.43 -6.39 -10.49
C HIS A 112 -2.22 -5.89 -9.59
N LEU A 113 -2.02 -6.29 -8.31
CA LEU A 113 -0.66 -6.29 -7.72
C LEU A 113 -0.10 -7.72 -7.87
N ASP A 114 0.91 -7.85 -8.72
CA ASP A 114 1.61 -9.15 -8.98
C ASP A 114 2.69 -9.54 -7.88
N ARG A 115 2.95 -8.66 -6.88
CA ARG A 115 3.77 -8.94 -5.66
C ARG A 115 3.10 -8.25 -4.37
N MET A 116 3.29 -8.77 -3.14
CA MET A 116 2.75 -8.14 -1.87
C MET A 116 3.89 -7.89 -0.83
N VAL A 117 3.80 -6.80 -0.03
CA VAL A 117 4.79 -6.49 1.06
C VAL A 117 4.10 -5.87 2.32
N LEU A 118 3.34 -6.67 3.10
CA LEU A 118 2.55 -6.16 4.27
C LEU A 118 3.23 -6.44 5.65
N SER A 119 3.28 -5.42 6.54
CA SER A 119 3.98 -5.50 7.86
C SER A 119 3.01 -5.75 9.06
N ARG A 120 2.91 -7.01 9.56
CA ARG A 120 2.00 -7.36 10.71
C ARG A 120 2.59 -6.93 12.09
N VAL A 121 1.82 -6.27 12.96
CA VAL A 121 2.32 -5.69 14.25
C VAL A 121 1.66 -6.49 15.45
N PRO A 122 2.30 -7.52 16.08
CA PRO A 122 1.62 -8.37 17.09
C PRO A 122 1.65 -7.82 18.55
N GLY A 123 0.47 -7.48 19.08
CA GLY A 123 0.34 -6.84 20.42
C GLY A 123 -0.98 -6.03 20.52
N GLU A 124 -1.00 -4.88 19.85
CA GLU A 124 -2.23 -4.07 19.65
C GLU A 124 -3.33 -4.74 18.73
N TYR A 125 -4.61 -4.46 19.03
CA TYR A 125 -5.77 -5.08 18.31
C TYR A 125 -6.41 -4.22 17.17
N GLU A 126 -6.70 -2.91 17.40
CA GLU A 126 -7.41 -2.01 16.45
C GLU A 126 -8.77 -2.56 15.86
N GLY A 127 -9.40 -1.84 14.92
CA GLY A 127 -10.60 -2.36 14.21
C GLY A 127 -11.59 -1.33 13.63
N ASP A 128 -11.26 -0.73 12.48
CA ASP A 128 -12.28 -0.16 11.57
C ASP A 128 -12.43 -1.12 10.33
N THR A 129 -11.77 -0.80 9.20
CA THR A 129 -11.90 -1.57 7.92
C THR A 129 -11.50 -3.10 7.98
N TYR A 130 -11.84 -3.87 6.94
CA TYR A 130 -11.46 -5.30 6.82
C TYR A 130 -10.84 -5.63 5.42
N TYR A 131 -10.16 -6.79 5.29
CA TYR A 131 -9.76 -7.34 3.97
C TYR A 131 -11.00 -7.70 3.05
N PRO A 132 -11.16 -7.24 1.77
CA PRO A 132 -12.35 -7.57 0.93
C PRO A 132 -12.42 -9.06 0.45
N GLU A 133 -11.90 -9.38 -0.73
CA GLU A 133 -11.80 -10.77 -1.26
C GLU A 133 -10.30 -11.13 -1.51
N TRP A 134 -9.58 -11.59 -0.46
CA TRP A 134 -8.11 -11.89 -0.54
C TRP A 134 -7.77 -13.42 -0.75
N ASP A 135 -6.75 -13.70 -1.59
CA ASP A 135 -6.55 -15.05 -2.20
C ASP A 135 -5.80 -16.05 -1.23
N ALA A 136 -6.52 -16.70 -0.31
CA ALA A 136 -5.90 -17.53 0.77
C ALA A 136 -5.15 -18.87 0.41
N ALA A 137 -5.42 -19.51 -0.74
CA ALA A 137 -4.45 -20.46 -1.35
C ALA A 137 -3.53 -19.86 -2.48
N GLU A 138 -4.04 -18.94 -3.31
CA GLU A 138 -3.36 -18.47 -4.57
C GLU A 138 -2.54 -17.11 -4.46
N TRP A 139 -2.20 -16.68 -3.23
CA TRP A 139 -0.97 -15.89 -2.95
C TRP A 139 0.19 -16.81 -2.42
N GLU A 140 1.33 -16.88 -3.14
CA GLU A 140 2.54 -17.61 -2.67
C GLU A 140 3.55 -16.70 -1.87
N LEU A 141 4.24 -17.30 -0.89
CA LEU A 141 5.22 -16.57 -0.02
C LEU A 141 6.67 -16.66 -0.59
N ASP A 142 7.30 -15.49 -0.76
CA ASP A 142 8.73 -15.35 -1.18
C ASP A 142 9.66 -15.33 0.08
N ALA A 143 9.63 -14.27 0.92
CA ALA A 143 10.52 -14.14 2.10
C ALA A 143 9.85 -13.47 3.34
N GLU A 144 9.52 -14.26 4.37
CA GLU A 144 9.13 -13.72 5.72
C GLU A 144 10.39 -13.33 6.57
N THR A 145 10.41 -12.09 7.12
CA THR A 145 11.48 -11.63 8.06
C THR A 145 10.87 -11.21 9.44
N ASP A 146 11.06 -12.08 10.43
CA ASP A 146 10.71 -11.81 11.85
C ASP A 146 11.57 -10.68 12.54
N HIS A 147 10.95 -10.01 13.53
CA HIS A 147 11.56 -8.88 14.28
C HIS A 147 10.97 -8.76 15.72
N GLU A 148 11.71 -8.03 16.58
CA GLU A 148 11.25 -7.60 17.94
C GLU A 148 9.84 -6.96 18.17
N GLY A 149 9.22 -6.33 17.16
CA GLY A 149 7.74 -6.16 17.12
C GLY A 149 7.09 -5.88 15.74
N PHE A 150 7.54 -6.58 14.68
CA PHE A 150 6.83 -6.57 13.36
C PHE A 150 7.23 -7.81 12.49
N THR A 151 6.29 -8.34 11.70
CA THR A 151 6.57 -9.42 10.70
C THR A 151 6.35 -8.84 9.26
N LEU A 152 7.44 -8.49 8.54
CA LEU A 152 7.39 -8.30 7.05
C LEU A 152 7.18 -9.66 6.34
N GLN A 153 6.13 -9.76 5.51
CA GLN A 153 6.02 -10.87 4.53
C GLN A 153 6.19 -10.30 3.09
N GLU A 154 7.20 -10.77 2.38
CA GLU A 154 7.28 -10.67 0.89
C GLU A 154 6.51 -11.84 0.19
N TRP A 155 5.63 -11.52 -0.77
CA TRP A 155 4.76 -12.51 -1.47
C TRP A 155 4.79 -12.32 -3.02
N VAL A 156 4.64 -13.41 -3.81
CA VAL A 156 4.78 -13.38 -5.30
C VAL A 156 3.52 -13.79 -6.18
N ARG A 157 2.38 -14.22 -5.59
CA ARG A 157 1.15 -14.67 -6.34
C ARG A 157 1.26 -16.10 -6.98
N SER A 158 0.21 -16.61 -7.64
CA SER A 158 0.15 -18.05 -8.05
C SER A 158 0.99 -18.43 -9.31
N ALA A 159 2.32 -18.55 -9.13
CA ALA A 159 3.27 -18.98 -10.17
C ALA A 159 3.60 -20.50 -10.25
N SER A 160 3.65 -21.29 -9.15
CA SER A 160 4.20 -22.68 -9.14
C SER A 160 3.22 -23.79 -9.70
N SER A 161 2.73 -23.59 -10.93
CA SER A 161 1.63 -24.42 -11.51
C SER A 161 2.12 -25.49 -12.55
N ARG A 162 2.78 -25.07 -13.65
CA ARG A 162 3.26 -26.00 -14.70
C ARG A 162 4.44 -25.31 -15.42
N MET A 1 9.22 -0.22 -12.77
CA MET A 1 7.83 -0.34 -13.33
C MET A 1 6.87 -1.44 -12.72
N GLU A 2 7.32 -2.45 -11.96
CA GLU A 2 6.41 -3.45 -11.29
C GLU A 2 5.43 -2.85 -10.21
N LEU A 3 4.50 -3.65 -9.65
CA LEU A 3 3.46 -3.17 -8.69
C LEU A 3 3.33 -4.09 -7.42
N VAL A 4 3.35 -3.49 -6.20
CA VAL A 4 3.42 -4.26 -4.92
C VAL A 4 2.43 -3.70 -3.83
N SER A 5 1.62 -4.54 -3.15
CA SER A 5 0.59 -4.07 -2.16
C SER A 5 1.12 -3.98 -0.70
N VAL A 6 0.93 -2.84 -0.01
CA VAL A 6 1.73 -2.50 1.22
C VAL A 6 0.75 -2.07 2.38
N ALA A 7 0.36 -3.00 3.27
CA ALA A 7 -0.59 -2.75 4.40
C ALA A 7 0.07 -2.94 5.81
N ALA A 8 -0.48 -2.31 6.86
CA ALA A 8 -0.08 -2.57 8.27
C ALA A 8 -1.28 -3.07 9.16
N LEU A 9 -1.07 -4.17 9.91
CA LEU A 9 -2.12 -4.74 10.82
C LEU A 9 -2.22 -4.02 12.20
N ALA A 10 -3.42 -4.05 12.82
CA ALA A 10 -3.63 -3.57 14.22
C ALA A 10 -4.21 -4.70 15.14
N GLU A 11 -5.54 -4.98 15.13
CA GLU A 11 -6.13 -6.20 15.79
C GLU A 11 -5.87 -7.49 14.93
N ASN A 12 -6.85 -7.91 14.13
CA ASN A 12 -6.80 -9.05 13.20
C ASN A 12 -7.57 -8.63 11.88
N ARG A 13 -7.31 -9.28 10.73
CA ARG A 13 -7.99 -8.97 9.42
C ARG A 13 -8.04 -7.46 8.86
N VAL A 14 -7.31 -6.50 9.43
CA VAL A 14 -7.53 -5.03 9.22
C VAL A 14 -6.42 -4.35 8.35
N ILE A 15 -6.82 -3.44 7.45
CA ILE A 15 -5.87 -2.55 6.71
C ILE A 15 -5.80 -1.15 7.43
N GLY A 16 -5.09 -1.09 8.57
CA GLY A 16 -4.90 0.16 9.38
C GLY A 16 -6.12 0.98 9.85
N ARG A 17 -6.04 2.29 9.61
CA ARG A 17 -7.16 3.25 9.85
C ARG A 17 -7.86 3.83 8.54
N ASP A 18 -7.89 3.04 7.46
CA ASP A 18 -8.14 3.45 6.05
C ASP A 18 -7.10 2.59 5.25
N GLY A 19 -5.84 3.07 5.10
CA GLY A 19 -4.71 2.30 4.50
C GLY A 19 -3.57 1.99 5.48
N GLU A 20 -2.64 2.95 5.68
CA GLU A 20 -1.50 2.77 6.61
C GLU A 20 -1.75 3.22 8.09
N LEU A 21 -0.74 2.99 8.94
CA LEU A 21 -0.74 3.44 10.36
C LEU A 21 0.38 4.51 10.59
N PRO A 22 0.19 5.84 10.38
CA PRO A 22 1.30 6.83 10.49
C PRO A 22 1.53 7.37 11.94
N TRP A 23 2.06 6.50 12.81
CA TRP A 23 2.00 6.68 14.29
C TRP A 23 3.35 6.40 15.04
N PRO A 24 3.63 6.97 16.26
CA PRO A 24 4.73 6.47 17.13
C PRO A 24 4.37 5.12 17.87
N SER A 25 5.11 4.77 18.95
CA SER A 25 5.06 3.40 19.57
C SER A 25 5.84 2.29 18.77
N ILE A 26 5.50 2.04 17.49
CA ILE A 26 6.30 1.16 16.58
C ILE A 26 6.96 1.95 15.37
N PRO A 27 8.13 2.68 15.52
CA PRO A 27 8.93 3.14 14.36
C PRO A 27 9.62 2.08 13.43
N ALA A 28 9.69 0.79 13.81
CA ALA A 28 10.35 -0.29 13.02
C ALA A 28 9.51 -0.86 11.82
N ASP A 29 8.20 -1.11 12.00
CA ASP A 29 7.17 -1.12 10.89
C ASP A 29 7.34 0.06 9.86
N LYS A 30 7.20 1.31 10.30
CA LYS A 30 7.58 2.52 9.51
C LYS A 30 9.12 2.71 9.17
N LYS A 31 10.02 1.77 9.52
CA LYS A 31 11.37 1.64 8.86
C LYS A 31 11.42 0.71 7.62
N GLN A 32 10.76 -0.45 7.60
CA GLN A 32 10.54 -1.22 6.35
C GLN A 32 9.52 -0.56 5.36
N TYR A 33 8.35 -0.10 5.85
CA TYR A 33 7.41 0.78 5.09
C TYR A 33 8.06 2.04 4.41
N ARG A 34 8.78 2.89 5.17
CA ARG A 34 9.65 3.96 4.60
C ARG A 34 11.18 3.55 4.46
N SER A 35 11.42 2.31 4.00
CA SER A 35 12.59 1.95 3.14
C SER A 35 12.13 1.30 1.78
N ARG A 36 11.00 0.56 1.73
CA ARG A 36 10.20 0.37 0.48
C ARG A 36 9.68 1.70 -0.15
N VAL A 37 8.89 2.50 0.58
CA VAL A 37 8.49 3.90 0.19
C VAL A 37 9.61 4.93 0.60
N ALA A 38 10.70 5.01 -0.18
CA ALA A 38 11.84 5.93 0.12
C ALA A 38 11.73 7.29 -0.62
N ASP A 39 12.12 7.38 -1.91
CA ASP A 39 11.97 8.60 -2.75
C ASP A 39 11.34 8.28 -4.17
N ASP A 40 10.28 7.43 -4.22
CA ASP A 40 9.74 6.88 -5.51
C ASP A 40 8.14 6.83 -5.50
N PRO A 41 7.39 6.93 -6.65
CA PRO A 41 5.89 7.02 -6.68
C PRO A 41 4.99 6.12 -5.79
N VAL A 42 4.09 6.75 -5.02
CA VAL A 42 3.27 6.11 -3.95
C VAL A 42 1.74 6.15 -4.29
N VAL A 43 1.05 4.99 -4.34
CA VAL A 43 -0.38 4.90 -4.78
C VAL A 43 -1.35 4.73 -3.56
N LEU A 44 -2.17 5.74 -3.24
CA LEU A 44 -3.07 5.71 -2.04
C LEU A 44 -4.47 6.34 -2.28
N GLY A 45 -5.40 6.16 -1.32
CA GLY A 45 -6.77 6.70 -1.42
C GLY A 45 -6.98 8.10 -0.82
N ARG A 46 -8.01 8.79 -1.32
CA ARG A 46 -8.31 10.19 -0.89
C ARG A 46 -8.90 10.40 0.56
N THR A 47 -9.27 9.37 1.34
CA THR A 47 -9.47 9.50 2.82
C THR A 47 -8.11 9.68 3.58
N THR A 48 -7.21 8.68 3.64
CA THR A 48 -5.82 8.84 4.21
C THR A 48 -4.92 10.03 3.71
N PHE A 49 -5.08 10.44 2.44
CA PHE A 49 -4.64 11.76 1.91
C PHE A 49 -5.01 13.06 2.71
N GLU A 50 -6.18 13.15 3.41
CA GLU A 50 -6.42 14.28 4.36
C GLU A 50 -5.31 14.50 5.46
N SER A 51 -4.61 13.46 5.93
CA SER A 51 -3.29 13.63 6.63
C SER A 51 -2.04 13.91 5.70
N MET A 52 -1.84 13.19 4.58
CA MET A 52 -0.66 13.38 3.65
C MET A 52 -0.59 14.71 2.76
N ARG A 53 -1.21 15.82 3.20
CA ARG A 53 -1.01 17.18 2.59
C ARG A 53 0.20 18.02 3.13
N ASP A 54 0.65 17.81 4.37
CA ASP A 54 1.77 18.57 5.01
C ASP A 54 3.22 18.01 4.67
N ASP A 55 3.42 16.68 4.65
CA ASP A 55 4.64 16.01 4.07
C ASP A 55 4.18 14.85 3.10
N LEU A 56 4.90 14.65 1.98
CA LEU A 56 4.59 13.56 1.00
C LEU A 56 5.48 12.29 1.30
N PRO A 57 4.94 11.04 1.53
CA PRO A 57 5.80 9.82 1.70
C PRO A 57 6.94 9.48 0.68
N GLY A 58 6.75 9.78 -0.61
CA GLY A 58 7.84 9.76 -1.63
C GLY A 58 7.56 10.65 -2.87
N SER A 59 8.38 10.51 -3.91
CA SER A 59 8.48 11.53 -5.00
C SER A 59 7.36 11.63 -6.09
N ALA A 60 6.27 10.83 -6.08
CA ALA A 60 5.00 11.21 -6.75
C ALA A 60 3.75 10.74 -5.94
N GLN A 61 3.01 11.67 -5.32
CA GLN A 61 1.79 11.34 -4.54
C GLN A 61 0.57 11.02 -5.45
N ILE A 62 0.32 9.72 -5.69
CA ILE A 62 -0.81 9.24 -6.54
C ILE A 62 -2.08 9.04 -5.63
N VAL A 63 -3.21 9.67 -5.98
CA VAL A 63 -4.40 9.84 -5.09
C VAL A 63 -5.74 9.37 -5.78
N MET A 64 -6.30 8.20 -5.39
CA MET A 64 -7.59 7.67 -5.93
C MET A 64 -8.86 8.43 -5.41
N SER A 65 -9.64 9.02 -6.33
CA SER A 65 -10.76 9.93 -6.00
C SER A 65 -11.99 9.76 -6.97
N ARG A 66 -13.21 9.58 -6.41
CA ARG A 66 -14.45 9.34 -7.21
C ARG A 66 -14.93 10.59 -8.04
N SER A 67 -14.75 10.55 -9.38
CA SER A 67 -14.86 11.73 -10.30
C SER A 67 -13.60 12.64 -10.28
N GLU A 68 -13.20 13.21 -11.45
CA GLU A 68 -11.98 14.05 -11.55
C GLU A 68 -12.02 15.37 -10.70
N ARG A 69 -11.13 15.45 -9.70
CA ARG A 69 -10.79 16.72 -9.01
C ARG A 69 -9.44 17.35 -9.46
N SER A 70 -8.34 16.56 -9.47
CA SER A 70 -6.95 17.06 -9.68
C SER A 70 -6.44 18.06 -8.58
N PHE A 71 -5.32 17.74 -7.94
CA PHE A 71 -4.83 18.47 -6.73
C PHE A 71 -3.61 19.36 -7.10
N SER A 72 -3.63 20.63 -6.66
CA SER A 72 -2.46 21.54 -6.78
C SER A 72 -1.36 21.24 -5.70
N VAL A 73 -0.43 20.35 -6.07
CA VAL A 73 0.80 20.05 -5.29
C VAL A 73 2.01 20.06 -6.32
N ASP A 74 3.24 19.79 -5.86
CA ASP A 74 4.47 19.81 -6.72
C ASP A 74 4.46 18.71 -7.84
N THR A 75 4.40 17.41 -7.47
CA THR A 75 4.20 16.29 -8.44
C THR A 75 3.16 15.22 -7.93
N ALA A 76 1.90 15.66 -7.73
CA ALA A 76 0.77 14.77 -7.40
C ALA A 76 -0.14 14.47 -8.64
N HIS A 77 -0.60 13.22 -8.77
CA HIS A 77 -1.51 12.80 -9.88
C HIS A 77 -2.74 12.05 -9.28
N ARG A 78 -3.99 12.43 -9.62
CA ARG A 78 -5.19 11.64 -9.20
C ARG A 78 -5.48 10.43 -10.16
N ALA A 79 -6.09 9.36 -9.65
CA ALA A 79 -6.59 8.22 -10.49
C ALA A 79 -8.12 7.93 -10.28
N ALA A 80 -8.80 7.33 -11.29
CA ALA A 80 -10.18 6.74 -11.13
C ALA A 80 -10.35 5.19 -11.30
N SER A 81 -9.67 4.56 -12.27
CA SER A 81 -9.69 3.08 -12.49
C SER A 81 -8.35 2.37 -12.07
N VAL A 82 -8.25 1.04 -12.29
CA VAL A 82 -6.95 0.30 -12.27
C VAL A 82 -5.91 0.85 -13.32
N GLU A 83 -6.25 0.76 -14.62
CA GLU A 83 -5.46 1.30 -15.76
C GLU A 83 -5.07 2.82 -15.73
N GLU A 84 -5.89 3.73 -15.17
CA GLU A 84 -5.46 5.11 -14.81
C GLU A 84 -4.17 5.24 -13.91
N ALA A 85 -4.04 4.45 -12.83
CA ALA A 85 -2.75 4.29 -12.10
C ALA A 85 -1.62 3.43 -12.80
N VAL A 86 -1.94 2.43 -13.62
CA VAL A 86 -0.93 1.71 -14.48
C VAL A 86 -0.26 2.62 -15.58
N ASP A 87 -1.01 3.43 -16.36
CA ASP A 87 -0.45 4.42 -17.34
C ASP A 87 0.64 5.41 -16.75
N ILE A 88 0.32 6.16 -15.68
CA ILE A 88 1.31 6.94 -14.89
C ILE A 88 2.46 6.14 -14.15
N ALA A 89 2.26 4.91 -13.62
CA ALA A 89 3.41 4.03 -13.23
C ALA A 89 4.38 3.52 -14.36
N ALA A 90 3.90 3.33 -15.59
CA ALA A 90 4.76 3.24 -16.80
C ALA A 90 5.41 4.60 -17.29
N SER A 91 4.66 5.72 -17.33
CA SER A 91 5.20 7.08 -17.70
C SER A 91 6.16 7.79 -16.68
N LEU A 92 6.08 7.47 -15.38
CA LEU A 92 7.11 7.86 -14.36
C LEU A 92 8.43 6.98 -14.25
N ASP A 93 8.49 5.78 -14.86
CA ASP A 93 9.73 4.94 -15.03
C ASP A 93 10.22 4.15 -13.77
N ALA A 94 10.49 4.86 -12.64
CA ALA A 94 10.56 4.34 -11.24
C ALA A 94 10.61 2.80 -10.89
N GLU A 95 11.48 2.36 -9.96
CA GLU A 95 11.63 0.89 -9.62
C GLU A 95 10.32 0.07 -9.39
N THR A 96 9.45 0.50 -8.46
CA THR A 96 8.06 -0.03 -8.33
C THR A 96 7.08 1.00 -7.68
N ALA A 97 5.87 1.14 -8.26
CA ALA A 97 4.74 1.78 -7.56
C ALA A 97 4.07 0.82 -6.51
N TYR A 98 3.55 1.39 -5.42
CA TYR A 98 3.17 0.60 -4.21
C TYR A 98 1.76 1.00 -3.67
N VAL A 99 0.79 0.06 -3.67
CA VAL A 99 -0.60 0.31 -3.17
C VAL A 99 -0.67 0.22 -1.62
N ILE A 100 -0.71 1.40 -0.99
CA ILE A 100 -1.05 1.58 0.46
C ILE A 100 -2.47 1.05 0.87
N GLY A 101 -3.51 1.38 0.07
CA GLY A 101 -4.91 1.48 0.54
C GLY A 101 -5.47 2.95 0.58
N GLY A 102 -6.70 3.21 1.03
CA GLY A 102 -7.41 2.31 1.97
C GLY A 102 -8.21 1.10 1.48
N ALA A 103 -9.05 0.55 2.36
CA ALA A 103 -9.75 -0.75 2.13
C ALA A 103 -10.65 -0.90 0.85
N ALA A 104 -11.43 0.13 0.45
CA ALA A 104 -11.99 0.25 -0.93
C ALA A 104 -10.99 0.37 -2.16
N ILE A 105 -9.78 0.87 -1.93
CA ILE A 105 -8.65 0.88 -2.92
C ILE A 105 -7.92 -0.52 -3.02
N TYR A 106 -7.54 -1.13 -1.88
CA TYR A 106 -7.15 -2.58 -1.82
C TYR A 106 -8.15 -3.57 -2.52
N ALA A 107 -9.47 -3.54 -2.23
CA ALA A 107 -10.52 -4.26 -3.01
C ALA A 107 -10.47 -4.14 -4.58
N LEU A 108 -10.46 -2.90 -5.13
CA LEU A 108 -10.37 -2.69 -6.61
C LEU A 108 -8.99 -3.02 -7.28
N PHE A 109 -7.85 -2.89 -6.57
CA PHE A 109 -6.50 -3.17 -7.11
C PHE A 109 -5.90 -4.60 -6.82
N GLN A 110 -6.22 -5.31 -5.73
CA GLN A 110 -5.59 -6.63 -5.37
C GLN A 110 -5.50 -7.77 -6.47
N PRO A 111 -6.47 -8.07 -7.40
CA PRO A 111 -6.17 -8.84 -8.65
C PRO A 111 -5.20 -8.22 -9.73
N HIS A 112 -4.64 -7.02 -9.50
CA HIS A 112 -3.51 -6.44 -10.27
C HIS A 112 -2.36 -5.81 -9.36
N LEU A 113 -2.05 -6.36 -8.17
CA LEU A 113 -0.69 -6.24 -7.57
C LEU A 113 -0.04 -7.64 -7.65
N ASP A 114 0.98 -7.83 -8.48
CA ASP A 114 1.67 -9.14 -8.60
C ASP A 114 2.82 -9.42 -7.54
N ARG A 115 3.05 -8.52 -6.56
CA ARG A 115 3.71 -8.84 -5.25
C ARG A 115 2.88 -8.29 -4.03
N MET A 116 3.15 -8.77 -2.79
CA MET A 116 2.61 -8.17 -1.53
C MET A 116 3.76 -7.96 -0.49
N VAL A 117 3.79 -6.79 0.18
CA VAL A 117 4.71 -6.51 1.34
C VAL A 117 3.92 -5.90 2.54
N LEU A 118 3.12 -6.74 3.25
CA LEU A 118 2.31 -6.29 4.42
C LEU A 118 3.02 -6.57 5.78
N SER A 119 3.19 -5.50 6.58
CA SER A 119 3.81 -5.55 7.92
C SER A 119 2.77 -5.99 9.01
N ARG A 120 3.03 -7.14 9.62
CA ARG A 120 2.12 -7.78 10.62
C ARG A 120 2.49 -7.27 12.04
N VAL A 121 1.77 -6.30 12.64
CA VAL A 121 2.16 -5.71 13.96
C VAL A 121 1.54 -6.56 15.14
N PRO A 122 2.27 -7.37 15.96
CA PRO A 122 1.64 -8.19 17.03
C PRO A 122 1.36 -7.43 18.37
N GLY A 123 0.22 -7.75 19.00
CA GLY A 123 -0.18 -7.16 20.30
C GLY A 123 -1.60 -6.55 20.32
N GLU A 124 -1.76 -5.43 21.04
CA GLU A 124 -3.09 -4.84 21.32
C GLU A 124 -3.22 -3.41 20.67
N TYR A 125 -3.56 -3.35 19.38
CA TYR A 125 -3.63 -2.08 18.59
C TYR A 125 -5.05 -1.83 17.96
N GLU A 126 -5.43 -0.54 17.86
CA GLU A 126 -6.79 -0.10 17.41
C GLU A 126 -7.01 -0.15 15.86
N GLY A 127 -8.20 -0.56 15.41
CA GLY A 127 -8.49 -0.72 13.96
C GLY A 127 -9.99 -0.81 13.56
N ASP A 128 -10.36 -0.08 12.50
CA ASP A 128 -11.75 -0.04 11.94
C ASP A 128 -12.02 -0.93 10.68
N THR A 129 -11.10 -0.94 9.69
CA THR A 129 -11.33 -1.58 8.35
C THR A 129 -11.23 -3.14 8.31
N TYR A 130 -11.65 -3.73 7.18
CA TYR A 130 -11.69 -5.21 6.98
C TYR A 130 -11.06 -5.63 5.63
N TYR A 131 -10.45 -6.84 5.58
CA TYR A 131 -10.07 -7.49 4.31
C TYR A 131 -11.29 -7.75 3.35
N PRO A 132 -11.31 -7.36 2.05
CA PRO A 132 -12.44 -7.66 1.13
C PRO A 132 -12.38 -9.15 0.62
N GLU A 133 -12.18 -9.39 -0.68
CA GLU A 133 -12.02 -10.74 -1.26
C GLU A 133 -10.53 -11.01 -1.68
N TRP A 134 -9.65 -11.33 -0.69
CA TRP A 134 -8.21 -11.64 -0.91
C TRP A 134 -7.92 -13.19 -1.05
N ASP A 135 -6.92 -13.56 -1.85
CA ASP A 135 -6.74 -14.98 -2.32
C ASP A 135 -6.03 -15.92 -1.29
N ALA A 136 -6.80 -16.49 -0.34
CA ALA A 136 -6.22 -17.36 0.74
C ALA A 136 -5.51 -18.72 0.39
N ALA A 137 -5.64 -19.27 -0.82
CA ALA A 137 -4.63 -20.20 -1.39
C ALA A 137 -3.82 -19.69 -2.63
N GLU A 138 -4.38 -18.79 -3.48
CA GLU A 138 -3.67 -18.27 -4.70
C GLU A 138 -2.82 -16.94 -4.49
N TRP A 139 -2.29 -16.74 -3.27
CA TRP A 139 -1.12 -15.87 -2.97
C TRP A 139 0.06 -16.78 -2.47
N GLU A 140 1.16 -16.90 -3.23
CA GLU A 140 2.37 -17.67 -2.79
C GLU A 140 3.35 -16.79 -1.93
N LEU A 141 3.97 -17.40 -0.91
CA LEU A 141 4.97 -16.73 -0.04
C LEU A 141 6.44 -16.85 -0.59
N ASP A 142 7.19 -15.74 -0.58
CA ASP A 142 8.64 -15.71 -0.94
C ASP A 142 9.55 -15.63 0.35
N ALA A 143 9.51 -14.51 1.11
CA ALA A 143 10.46 -14.25 2.23
C ALA A 143 9.79 -13.60 3.49
N GLU A 144 9.43 -14.41 4.52
CA GLU A 144 9.00 -13.88 5.85
C GLU A 144 10.21 -13.62 6.82
N THR A 145 10.23 -12.45 7.49
CA THR A 145 11.32 -12.03 8.41
C THR A 145 10.77 -11.56 9.81
N ASP A 146 11.00 -12.37 10.84
CA ASP A 146 10.65 -12.03 12.25
C ASP A 146 11.43 -10.81 12.87
N HIS A 147 10.72 -9.99 13.65
CA HIS A 147 11.30 -8.86 14.43
C HIS A 147 10.58 -8.68 15.79
N GLU A 148 11.28 -8.05 16.75
CA GLU A 148 10.73 -7.65 18.09
C GLU A 148 9.32 -6.97 18.22
N GLY A 149 8.84 -6.22 17.21
CA GLY A 149 7.37 -6.00 17.03
C GLY A 149 6.89 -5.72 15.60
N PHE A 150 7.30 -6.52 14.60
CA PHE A 150 6.64 -6.56 13.25
C PHE A 150 7.10 -7.83 12.46
N THR A 151 6.16 -8.53 11.81
CA THR A 151 6.49 -9.61 10.83
C THR A 151 6.32 -9.04 9.39
N LEU A 152 7.41 -8.67 8.69
CA LEU A 152 7.34 -8.44 7.21
C LEU A 152 7.28 -9.80 6.46
N GLN A 153 6.27 -9.95 5.61
CA GLN A 153 6.19 -11.07 4.64
C GLN A 153 6.23 -10.52 3.19
N GLU A 154 7.28 -10.90 2.42
CA GLU A 154 7.34 -10.69 0.94
C GLU A 154 6.61 -11.86 0.19
N TRP A 155 5.66 -11.52 -0.70
CA TRP A 155 4.83 -12.51 -1.47
C TRP A 155 4.87 -12.24 -3.01
N VAL A 156 4.41 -13.22 -3.81
CA VAL A 156 4.59 -13.21 -5.31
C VAL A 156 3.31 -13.55 -6.19
N ARG A 157 2.09 -13.71 -5.63
CA ARG A 157 0.88 -14.22 -6.37
C ARG A 157 0.96 -15.71 -6.84
N SER A 158 -0.19 -16.30 -7.20
CA SER A 158 -0.24 -17.62 -7.89
C SER A 158 0.53 -17.68 -9.25
N ALA A 159 1.68 -18.35 -9.24
CA ALA A 159 2.56 -18.46 -10.43
C ALA A 159 2.08 -19.45 -11.56
N SER A 160 1.46 -20.59 -11.23
CA SER A 160 0.85 -21.53 -12.23
C SER A 160 1.76 -22.18 -13.36
N SER A 161 3.09 -22.19 -13.16
CA SER A 161 4.08 -22.37 -14.25
C SER A 161 5.36 -23.12 -13.73
N ARG A 162 5.41 -24.46 -13.92
CA ARG A 162 6.46 -25.34 -13.30
C ARG A 162 7.02 -26.29 -14.38
N MET A 1 8.55 -0.07 -13.30
CA MET A 1 7.07 0.09 -13.29
C MET A 1 6.16 -1.08 -12.79
N GLU A 2 6.69 -2.13 -12.14
CA GLU A 2 5.84 -3.21 -11.53
C GLU A 2 5.00 -2.72 -10.28
N LEU A 3 3.88 -3.37 -9.94
CA LEU A 3 2.98 -2.90 -8.84
C LEU A 3 2.97 -3.84 -7.59
N VAL A 4 3.04 -3.25 -6.39
CA VAL A 4 3.08 -3.99 -5.08
C VAL A 4 2.01 -3.48 -4.05
N SER A 5 1.44 -4.38 -3.22
CA SER A 5 0.41 -4.03 -2.19
C SER A 5 1.05 -3.92 -0.76
N VAL A 6 1.12 -2.71 -0.17
CA VAL A 6 1.88 -2.44 1.11
C VAL A 6 0.87 -2.07 2.25
N ALA A 7 0.69 -2.97 3.22
CA ALA A 7 -0.22 -2.77 4.39
C ALA A 7 0.50 -2.94 5.77
N ALA A 8 -0.19 -2.61 6.88
CA ALA A 8 0.25 -3.01 8.24
C ALA A 8 -0.96 -3.54 9.08
N LEU A 9 -0.92 -4.82 9.46
CA LEU A 9 -1.99 -5.48 10.27
C LEU A 9 -1.81 -5.20 11.80
N ALA A 10 -2.93 -5.02 12.51
CA ALA A 10 -2.94 -4.97 14.00
C ALA A 10 -3.97 -5.98 14.61
N GLU A 11 -3.83 -7.29 14.31
CA GLU A 11 -4.72 -8.39 14.82
C GLU A 11 -6.28 -8.36 14.60
N ASN A 12 -6.85 -7.31 14.00
CA ASN A 12 -8.32 -7.18 13.80
C ASN A 12 -8.77 -7.03 12.30
N ARG A 13 -8.30 -7.96 11.42
CA ARG A 13 -8.64 -7.97 9.95
C ARG A 13 -8.61 -6.59 9.14
N VAL A 14 -7.59 -5.75 9.37
CA VAL A 14 -7.63 -4.30 9.00
C VAL A 14 -6.44 -3.85 8.07
N ILE A 15 -6.74 -3.25 6.90
CA ILE A 15 -5.72 -2.52 6.05
C ILE A 15 -5.51 -1.04 6.59
N GLY A 16 -5.07 -0.87 7.86
CA GLY A 16 -5.04 0.46 8.53
C GLY A 16 -6.37 1.18 8.86
N ARG A 17 -6.26 2.33 9.54
CA ARG A 17 -7.37 3.32 9.64
C ARG A 17 -7.27 4.32 8.44
N ASP A 18 -8.28 4.33 7.54
CA ASP A 18 -8.29 5.20 6.32
C ASP A 18 -7.30 4.79 5.14
N GLY A 19 -6.09 4.30 5.46
CA GLY A 19 -5.06 3.85 4.49
C GLY A 19 -3.77 3.36 5.19
N GLU A 20 -3.00 4.27 5.80
CA GLU A 20 -2.04 3.87 6.86
C GLU A 20 -2.46 4.34 8.29
N LEU A 21 -2.07 3.54 9.29
CA LEU A 21 -2.11 3.93 10.72
C LEU A 21 -0.74 4.59 11.16
N PRO A 22 -0.60 5.94 11.33
CA PRO A 22 0.70 6.57 11.70
C PRO A 22 0.98 6.62 13.25
N TRP A 23 1.40 5.49 13.86
CA TRP A 23 1.65 5.38 15.32
C TRP A 23 3.17 5.43 15.73
N PRO A 24 3.61 6.24 16.76
CA PRO A 24 4.93 6.04 17.40
C PRO A 24 5.00 4.78 18.34
N SER A 25 6.11 4.61 19.09
CA SER A 25 6.47 3.32 19.74
C SER A 25 7.18 2.28 18.80
N ILE A 26 6.69 2.02 17.56
CA ILE A 26 7.40 1.17 16.54
C ILE A 26 8.01 1.98 15.31
N PRO A 27 9.18 2.67 15.39
CA PRO A 27 9.96 3.10 14.19
C PRO A 27 10.46 2.02 13.16
N ALA A 28 10.44 0.72 13.49
CA ALA A 28 10.93 -0.38 12.63
C ALA A 28 9.97 -0.89 11.51
N ASP A 29 8.65 -1.07 11.78
CA ASP A 29 7.58 -0.98 10.75
C ASP A 29 7.75 0.24 9.78
N LYS A 30 7.73 1.48 10.30
CA LYS A 30 8.00 2.71 9.48
C LYS A 30 9.52 2.95 9.08
N LYS A 31 10.41 1.94 9.20
CA LYS A 31 11.64 1.77 8.38
C LYS A 31 11.49 0.81 7.16
N GLN A 32 10.76 -0.33 7.22
CA GLN A 32 10.42 -1.15 6.02
C GLN A 32 9.30 -0.54 5.12
N TYR A 33 8.16 -0.13 5.72
CA TYR A 33 7.18 0.84 5.10
C TYR A 33 7.83 2.11 4.42
N ARG A 34 8.83 2.75 5.08
CA ARG A 34 9.67 3.82 4.45
C ARG A 34 11.16 3.38 4.12
N SER A 35 11.31 2.20 3.50
CA SER A 35 12.45 1.83 2.60
C SER A 35 11.97 1.06 1.31
N ARG A 36 10.77 0.43 1.27
CA ARG A 36 9.89 0.47 0.06
C ARG A 36 9.53 1.93 -0.37
N VAL A 37 8.71 2.66 0.41
CA VAL A 37 8.30 4.07 0.07
C VAL A 37 9.44 5.08 0.46
N ALA A 38 10.44 5.28 -0.41
CA ALA A 38 11.61 6.16 -0.16
C ALA A 38 11.56 7.49 -1.00
N ASP A 39 12.08 7.51 -2.24
CA ASP A 39 11.94 8.67 -3.17
C ASP A 39 11.44 8.18 -4.59
N ASP A 40 10.25 7.55 -4.63
CA ASP A 40 9.62 7.06 -5.90
C ASP A 40 8.02 7.00 -5.75
N PRO A 41 7.16 6.81 -6.81
CA PRO A 41 5.69 7.04 -6.74
C PRO A 41 4.80 6.18 -5.79
N VAL A 42 3.93 6.84 -5.02
CA VAL A 42 3.12 6.22 -3.93
C VAL A 42 1.58 6.27 -4.25
N VAL A 43 0.93 5.10 -4.37
CA VAL A 43 -0.53 4.98 -4.66
C VAL A 43 -1.35 4.86 -3.33
N LEU A 44 -2.30 5.77 -3.09
CA LEU A 44 -3.17 5.74 -1.87
C LEU A 44 -4.59 6.35 -2.12
N GLY A 45 -5.49 6.30 -1.12
CA GLY A 45 -6.84 6.90 -1.21
C GLY A 45 -6.97 8.33 -0.64
N ARG A 46 -8.02 9.05 -1.09
CA ARG A 46 -8.31 10.43 -0.58
C ARG A 46 -8.57 10.61 0.97
N THR A 47 -9.11 9.62 1.67
CA THR A 47 -9.20 9.59 3.17
C THR A 47 -7.82 9.72 3.93
N THR A 48 -6.85 8.81 3.73
CA THR A 48 -5.44 8.97 4.25
C THR A 48 -4.63 10.22 3.74
N PHE A 49 -4.91 10.72 2.53
CA PHE A 49 -4.37 12.03 2.00
C PHE A 49 -4.61 13.34 2.85
N GLU A 50 -5.60 13.44 3.77
CA GLU A 50 -5.63 14.57 4.76
C GLU A 50 -4.60 14.56 5.95
N SER A 51 -3.95 13.42 6.27
CA SER A 51 -2.57 13.43 6.82
C SER A 51 -1.45 13.79 5.78
N MET A 52 -1.47 13.27 4.54
CA MET A 52 -0.47 13.62 3.47
C MET A 52 -0.72 15.01 2.75
N ARG A 53 -0.80 16.08 3.58
CA ARG A 53 -0.71 17.51 3.14
C ARG A 53 0.64 18.20 3.57
N ASP A 54 1.08 18.00 4.82
CA ASP A 54 2.33 18.60 5.39
C ASP A 54 3.70 18.04 4.85
N ASP A 55 3.79 16.71 4.61
CA ASP A 55 4.93 16.04 3.90
C ASP A 55 4.37 14.95 2.91
N LEU A 56 5.09 14.68 1.80
CA LEU A 56 4.74 13.57 0.86
C LEU A 56 5.61 12.28 1.15
N PRO A 57 5.07 11.04 1.36
CA PRO A 57 5.92 9.82 1.54
C PRO A 57 7.04 9.45 0.50
N GLY A 58 6.83 9.76 -0.78
CA GLY A 58 7.90 9.72 -1.82
C GLY A 58 7.59 10.62 -3.05
N SER A 59 8.35 10.42 -4.13
CA SER A 59 8.46 11.42 -5.23
C SER A 59 7.31 11.56 -6.29
N ALA A 60 6.18 10.83 -6.20
CA ALA A 60 4.92 11.21 -6.91
C ALA A 60 3.65 10.75 -6.12
N GLN A 61 2.88 11.69 -5.58
CA GLN A 61 1.66 11.39 -4.78
C GLN A 61 0.43 11.02 -5.66
N ILE A 62 0.21 9.70 -5.86
CA ILE A 62 -0.88 9.15 -6.69
C ILE A 62 -2.12 8.90 -5.74
N VAL A 63 -3.26 9.55 -6.02
CA VAL A 63 -4.38 9.63 -5.04
C VAL A 63 -5.78 9.28 -5.69
N MET A 64 -6.38 8.13 -5.33
CA MET A 64 -7.74 7.73 -5.79
C MET A 64 -8.91 8.64 -5.24
N SER A 65 -9.71 9.18 -6.16
CA SER A 65 -10.79 10.17 -5.85
C SER A 65 -12.01 10.02 -6.81
N ARG A 66 -13.24 10.02 -6.27
CA ARG A 66 -14.48 9.70 -7.05
C ARG A 66 -15.00 10.91 -7.92
N SER A 67 -14.82 10.82 -9.25
CA SER A 67 -15.00 11.95 -10.24
C SER A 67 -13.67 12.78 -10.43
N GLU A 68 -13.34 13.14 -11.69
CA GLU A 68 -12.18 14.04 -12.01
C GLU A 68 -12.08 15.36 -11.17
N ARG A 69 -10.90 15.64 -10.61
CA ARG A 69 -10.65 16.88 -9.83
C ARG A 69 -9.18 17.41 -9.87
N SER A 70 -8.18 16.52 -9.71
CA SER A 70 -6.75 16.90 -9.46
C SER A 70 -6.48 17.72 -8.15
N PHE A 71 -5.19 17.89 -7.80
CA PHE A 71 -4.75 18.56 -6.54
C PHE A 71 -3.56 19.54 -6.83
N SER A 72 -3.63 20.79 -6.32
CA SER A 72 -2.53 21.78 -6.45
C SER A 72 -1.37 21.53 -5.43
N VAL A 73 -0.41 20.70 -5.85
CA VAL A 73 0.80 20.32 -5.06
C VAL A 73 2.03 20.27 -6.07
N ASP A 74 3.24 19.94 -5.60
CA ASP A 74 4.49 19.91 -6.43
C ASP A 74 4.46 18.84 -7.60
N THR A 75 4.35 17.54 -7.28
CA THR A 75 4.17 16.45 -8.30
C THR A 75 3.08 15.39 -7.90
N ALA A 76 1.86 15.86 -7.59
CA ALA A 76 0.70 14.99 -7.28
C ALA A 76 -0.20 14.70 -8.52
N HIS A 77 -0.81 13.51 -8.57
CA HIS A 77 -1.74 13.10 -9.67
C HIS A 77 -2.96 12.34 -9.06
N ARG A 78 -4.21 12.67 -9.44
CA ARG A 78 -5.39 11.83 -9.04
C ARG A 78 -5.64 10.60 -9.99
N ALA A 79 -6.25 9.53 -9.44
CA ALA A 79 -6.67 8.32 -10.21
C ALA A 79 -8.20 7.96 -10.07
N ALA A 80 -8.76 7.32 -11.11
CA ALA A 80 -10.15 6.80 -11.18
C ALA A 80 -10.28 5.24 -11.19
N SER A 81 -9.47 4.53 -12.01
CA SER A 81 -9.59 3.06 -12.25
C SER A 81 -8.19 2.33 -12.27
N VAL A 82 -8.14 1.03 -12.64
CA VAL A 82 -6.87 0.22 -12.62
C VAL A 82 -5.86 0.70 -13.72
N GLU A 83 -6.16 0.51 -15.04
CA GLU A 83 -5.84 1.49 -16.14
C GLU A 83 -5.23 2.91 -15.78
N GLU A 84 -6.01 3.86 -15.22
CA GLU A 84 -5.50 5.21 -14.80
C GLU A 84 -4.17 5.27 -13.97
N ALA A 85 -4.06 4.54 -12.84
CA ALA A 85 -2.77 4.43 -12.09
C ALA A 85 -1.69 3.42 -12.61
N VAL A 86 -1.99 2.54 -13.58
CA VAL A 86 -0.96 1.83 -14.41
C VAL A 86 -0.29 2.80 -15.45
N ASP A 87 -1.04 3.50 -16.30
CA ASP A 87 -0.48 4.40 -17.36
C ASP A 87 0.44 5.58 -16.85
N ILE A 88 0.12 6.27 -15.72
CA ILE A 88 1.10 7.14 -15.00
C ILE A 88 2.32 6.41 -14.31
N ALA A 89 2.19 5.21 -13.71
CA ALA A 89 3.39 4.39 -13.35
C ALA A 89 4.35 3.94 -14.52
N ALA A 90 3.81 3.61 -15.71
CA ALA A 90 4.60 3.47 -16.96
C ALA A 90 5.20 4.80 -17.57
N SER A 91 4.47 5.93 -17.54
CA SER A 91 5.02 7.27 -17.90
C SER A 91 6.03 7.93 -16.89
N LEU A 92 5.95 7.64 -15.59
CA LEU A 92 7.02 7.94 -14.58
C LEU A 92 8.27 6.96 -14.52
N ASP A 93 8.18 5.75 -15.09
CA ASP A 93 9.27 4.75 -15.24
C ASP A 93 9.54 3.89 -13.95
N ALA A 94 10.21 4.46 -12.91
CA ALA A 94 10.14 4.03 -11.46
C ALA A 94 10.34 2.50 -11.10
N GLU A 95 11.26 2.06 -10.21
CA GLU A 95 11.48 0.59 -9.93
C GLU A 95 10.18 -0.30 -9.73
N THR A 96 9.44 -0.08 -8.63
CA THR A 96 8.08 -0.64 -8.41
C THR A 96 7.14 0.43 -7.71
N ALA A 97 5.97 0.72 -8.28
CA ALA A 97 4.94 1.59 -7.62
C ALA A 97 4.10 0.82 -6.54
N TYR A 98 3.66 1.52 -5.48
CA TYR A 98 3.23 0.85 -4.21
C TYR A 98 1.82 1.33 -3.70
N VAL A 99 0.84 0.41 -3.59
CA VAL A 99 -0.52 0.70 -3.03
C VAL A 99 -0.53 0.59 -1.49
N ILE A 100 -0.76 1.71 -0.79
CA ILE A 100 -0.96 1.73 0.69
C ILE A 100 -2.31 1.08 1.16
N GLY A 101 -3.43 1.60 0.64
CA GLY A 101 -4.75 1.53 1.32
C GLY A 101 -5.69 2.78 1.10
N GLY A 102 -6.93 2.83 1.60
CA GLY A 102 -7.53 1.80 2.47
C GLY A 102 -8.33 0.70 1.74
N ALA A 103 -9.29 0.07 2.44
CA ALA A 103 -9.99 -1.15 1.92
C ALA A 103 -10.66 -1.09 0.50
N ALA A 104 -11.47 -0.05 0.18
CA ALA A 104 -11.91 0.20 -1.23
C ALA A 104 -10.84 0.49 -2.34
N ILE A 105 -9.62 0.93 -1.97
CA ILE A 105 -8.45 1.04 -2.90
C ILE A 105 -7.71 -0.33 -3.10
N TYR A 106 -7.33 -1.01 -2.00
CA TYR A 106 -6.86 -2.42 -2.00
C TYR A 106 -7.79 -3.45 -2.74
N ALA A 107 -9.13 -3.44 -2.53
CA ALA A 107 -10.11 -4.26 -3.28
C ALA A 107 -10.08 -4.20 -4.85
N LEU A 108 -10.15 -3.01 -5.46
CA LEU A 108 -9.95 -2.85 -6.94
C LEU A 108 -8.52 -3.22 -7.49
N PHE A 109 -7.45 -2.96 -6.73
CA PHE A 109 -6.06 -3.28 -7.15
C PHE A 109 -5.53 -4.72 -6.89
N GLN A 110 -5.86 -5.42 -5.79
CA GLN A 110 -5.34 -6.80 -5.52
C GLN A 110 -5.46 -7.90 -6.68
N PRO A 111 -6.51 -8.02 -7.56
CA PRO A 111 -6.41 -8.81 -8.83
C PRO A 111 -5.44 -8.32 -9.98
N HIS A 112 -4.70 -7.22 -9.81
CA HIS A 112 -3.65 -6.73 -10.75
C HIS A 112 -2.28 -6.29 -10.11
N LEU A 113 -2.00 -6.52 -8.81
CA LEU A 113 -0.67 -6.21 -8.18
C LEU A 113 0.11 -7.53 -8.05
N ASP A 114 1.19 -7.67 -8.83
CA ASP A 114 1.88 -8.98 -8.94
C ASP A 114 2.97 -9.30 -7.83
N ARG A 115 3.23 -8.40 -6.86
CA ARG A 115 3.84 -8.77 -5.53
C ARG A 115 2.99 -8.23 -4.30
N MET A 116 3.23 -8.72 -3.08
CA MET A 116 2.58 -8.18 -1.82
C MET A 116 3.64 -7.96 -0.67
N VAL A 117 3.55 -6.89 0.13
CA VAL A 117 4.59 -6.55 1.17
C VAL A 117 3.95 -5.93 2.44
N LEU A 118 3.40 -6.74 3.36
CA LEU A 118 2.76 -6.23 4.61
C LEU A 118 3.62 -6.45 5.90
N SER A 119 3.67 -5.41 6.75
CA SER A 119 4.23 -5.49 8.11
C SER A 119 3.15 -6.01 9.11
N ARG A 120 3.20 -7.32 9.41
CA ARG A 120 2.24 -7.96 10.35
C ARG A 120 2.70 -7.76 11.82
N VAL A 121 2.06 -6.83 12.56
CA VAL A 121 2.46 -6.48 13.95
C VAL A 121 1.65 -7.39 14.96
N PRO A 122 2.24 -8.35 15.73
CA PRO A 122 1.46 -9.19 16.70
C PRO A 122 1.17 -8.49 18.08
N GLY A 123 -0.07 -8.60 18.57
CA GLY A 123 -0.50 -7.96 19.84
C GLY A 123 -1.95 -7.40 19.88
N GLU A 124 -2.53 -7.30 21.08
CA GLU A 124 -3.95 -6.87 21.29
C GLU A 124 -4.30 -5.42 20.77
N TYR A 125 -4.92 -5.33 19.58
CA TYR A 125 -5.23 -4.03 18.91
C TYR A 125 -6.64 -4.02 18.20
N GLU A 126 -7.19 -2.82 17.99
CA GLU A 126 -8.55 -2.61 17.39
C GLU A 126 -8.50 -2.23 15.86
N GLY A 127 -9.62 -1.74 15.30
CA GLY A 127 -9.71 -1.39 13.85
C GLY A 127 -11.04 -0.75 13.38
N ASP A 128 -11.03 -0.33 12.10
CA ASP A 128 -12.23 0.22 11.40
C ASP A 128 -12.44 -0.60 10.07
N THR A 129 -11.67 -0.27 9.01
CA THR A 129 -11.80 -0.92 7.67
C THR A 129 -11.52 -2.46 7.62
N TYR A 130 -12.27 -3.19 6.79
CA TYR A 130 -12.25 -4.69 6.78
C TYR A 130 -11.53 -5.25 5.49
N TYR A 131 -10.84 -6.40 5.60
CA TYR A 131 -10.26 -7.10 4.42
C TYR A 131 -11.31 -7.53 3.33
N PRO A 132 -11.17 -7.30 1.99
CA PRO A 132 -12.24 -7.59 0.99
C PRO A 132 -12.19 -9.10 0.56
N GLU A 133 -11.92 -9.39 -0.71
CA GLU A 133 -11.74 -10.78 -1.22
C GLU A 133 -10.26 -10.98 -1.67
N TRP A 134 -9.36 -11.25 -0.69
CA TRP A 134 -7.92 -11.53 -0.94
C TRP A 134 -7.61 -13.06 -1.05
N ASP A 135 -6.63 -13.42 -1.89
CA ASP A 135 -6.54 -14.78 -2.49
C ASP A 135 -5.81 -15.83 -1.56
N ALA A 136 -6.47 -16.28 -0.49
CA ALA A 136 -5.84 -17.15 0.57
C ALA A 136 -5.15 -18.51 0.22
N ALA A 137 -5.31 -19.08 -0.99
CA ALA A 137 -4.36 -20.08 -1.56
C ALA A 137 -3.48 -19.63 -2.78
N GLU A 138 -3.92 -18.67 -3.62
CA GLU A 138 -3.16 -18.22 -4.84
C GLU A 138 -2.24 -16.94 -4.66
N TRP A 139 -1.94 -16.54 -3.41
CA TRP A 139 -0.73 -15.76 -3.03
C TRP A 139 0.39 -16.71 -2.48
N GLU A 140 1.43 -17.01 -3.29
CA GLU A 140 2.67 -17.69 -2.77
C GLU A 140 3.58 -16.75 -1.92
N LEU A 141 4.31 -17.30 -0.95
CA LEU A 141 5.28 -16.55 -0.10
C LEU A 141 6.74 -16.62 -0.69
N ASP A 142 7.41 -15.46 -0.82
CA ASP A 142 8.85 -15.40 -1.21
C ASP A 142 9.79 -15.38 0.05
N ALA A 143 9.73 -14.31 0.88
CA ALA A 143 10.59 -14.13 2.06
C ALA A 143 9.83 -13.53 3.29
N GLU A 144 9.56 -14.32 4.34
CA GLU A 144 9.25 -13.78 5.69
C GLU A 144 10.55 -13.46 6.52
N THR A 145 10.62 -12.21 7.01
CA THR A 145 11.74 -11.71 7.86
C THR A 145 11.18 -11.25 9.26
N ASP A 146 11.43 -12.05 10.31
CA ASP A 146 11.02 -11.76 11.70
C ASP A 146 11.83 -10.60 12.41
N HIS A 147 11.17 -9.88 13.32
CA HIS A 147 11.78 -8.72 14.04
C HIS A 147 11.17 -8.56 15.49
N GLU A 148 11.87 -7.83 16.37
CA GLU A 148 11.43 -7.55 17.77
C GLU A 148 10.00 -6.95 18.07
N GLY A 149 9.43 -6.12 17.18
CA GLY A 149 7.98 -5.81 17.20
C GLY A 149 7.23 -5.68 15.84
N PHE A 150 7.59 -6.52 14.85
CA PHE A 150 6.84 -6.69 13.57
C PHE A 150 7.39 -7.96 12.80
N THR A 151 6.70 -8.42 11.75
CA THR A 151 7.31 -9.29 10.71
C THR A 151 6.92 -8.76 9.29
N LEU A 152 7.93 -8.47 8.44
CA LEU A 152 7.69 -8.27 6.98
C LEU A 152 7.55 -9.67 6.31
N GLN A 153 6.42 -9.90 5.64
CA GLN A 153 6.29 -11.01 4.66
C GLN A 153 6.21 -10.41 3.20
N GLU A 154 7.22 -10.75 2.38
CA GLU A 154 7.29 -10.40 0.93
C GLU A 154 6.73 -11.61 0.06
N TRP A 155 5.78 -11.34 -0.86
CA TRP A 155 4.94 -12.40 -1.53
C TRP A 155 4.98 -12.28 -3.10
N VAL A 156 4.84 -13.42 -3.81
CA VAL A 156 5.05 -13.47 -5.31
C VAL A 156 3.86 -14.04 -6.20
N ARG A 157 2.65 -14.34 -5.64
CA ARG A 157 1.43 -14.74 -6.44
C ARG A 157 1.46 -16.19 -7.05
N SER A 158 0.35 -16.67 -7.67
CA SER A 158 0.28 -18.05 -8.25
C SER A 158 1.11 -18.27 -9.56
N ALA A 159 2.43 -18.40 -9.35
CA ALA A 159 3.45 -18.61 -10.41
C ALA A 159 4.09 -20.05 -10.44
N SER A 160 4.31 -20.66 -9.26
CA SER A 160 4.77 -22.07 -9.13
C SER A 160 3.65 -23.09 -9.51
N SER A 161 3.63 -23.55 -10.78
CA SER A 161 2.47 -24.31 -11.32
C SER A 161 2.04 -25.65 -10.59
N ARG A 162 2.99 -26.52 -10.20
CA ARG A 162 2.71 -27.63 -9.25
C ARG A 162 4.06 -27.97 -8.56
N MET A 1 8.97 -0.11 -13.37
CA MET A 1 7.51 -0.20 -13.68
C MET A 1 6.63 -1.21 -12.88
N GLU A 2 7.19 -2.26 -12.26
CA GLU A 2 6.42 -3.32 -11.54
C GLU A 2 5.60 -2.82 -10.29
N LEU A 3 4.58 -3.57 -9.84
CA LEU A 3 3.63 -3.13 -8.77
C LEU A 3 3.66 -4.01 -7.47
N VAL A 4 3.60 -3.38 -6.28
CA VAL A 4 3.70 -4.09 -4.96
C VAL A 4 2.68 -3.54 -3.87
N SER A 5 2.17 -4.40 -2.97
CA SER A 5 1.09 -4.02 -1.99
C SER A 5 1.63 -3.79 -0.54
N VAL A 6 1.49 -2.60 0.06
CA VAL A 6 2.28 -2.20 1.29
C VAL A 6 1.30 -1.78 2.44
N ALA A 7 1.03 -2.71 3.37
CA ALA A 7 0.07 -2.50 4.49
C ALA A 7 0.67 -2.79 5.90
N ALA A 8 0.17 -2.08 6.93
CA ALA A 8 0.47 -2.41 8.36
C ALA A 8 -0.78 -3.04 9.05
N LEU A 9 -0.63 -4.23 9.63
CA LEU A 9 -1.70 -4.86 10.47
C LEU A 9 -1.73 -4.28 11.93
N ALA A 10 -2.80 -4.62 12.66
CA ALA A 10 -2.84 -4.53 14.15
C ALA A 10 -3.55 -5.76 14.81
N GLU A 11 -3.24 -7.01 14.39
CA GLU A 11 -4.03 -8.25 14.73
C GLU A 11 -5.55 -8.33 14.29
N ASN A 12 -6.23 -7.17 14.13
CA ASN A 12 -7.68 -7.06 13.76
C ASN A 12 -8.00 -7.09 12.22
N ARG A 13 -7.25 -7.86 11.39
CA ARG A 13 -7.38 -7.85 9.89
C ARG A 13 -7.57 -6.46 9.14
N VAL A 14 -6.76 -5.46 9.52
CA VAL A 14 -6.92 -4.03 9.10
C VAL A 14 -5.77 -3.55 8.14
N ILE A 15 -6.12 -2.94 6.99
CA ILE A 15 -5.12 -2.52 5.94
C ILE A 15 -5.34 -1.02 5.49
N GLY A 16 -5.10 -0.04 6.39
CA GLY A 16 -5.36 1.41 6.12
C GLY A 16 -6.84 1.84 6.26
N ARG A 17 -7.12 2.82 7.13
CA ARG A 17 -8.51 3.29 7.41
C ARG A 17 -8.84 4.72 6.84
N ASP A 18 -9.72 5.51 7.50
CA ASP A 18 -10.06 6.89 7.04
C ASP A 18 -8.88 7.90 7.27
N GLY A 19 -8.65 8.39 8.50
CA GLY A 19 -7.37 9.08 8.85
C GLY A 19 -6.27 8.11 9.31
N GLU A 20 -5.48 7.57 8.35
CA GLU A 20 -4.32 6.65 8.63
C GLU A 20 -4.62 5.34 9.45
N LEU A 21 -4.51 5.42 10.79
CA LEU A 21 -4.54 4.28 11.74
C LEU A 21 -4.84 4.84 13.18
N PRO A 22 -5.77 4.31 14.04
CA PRO A 22 -5.87 4.75 15.48
C PRO A 22 -4.68 4.37 16.44
N TRP A 23 -4.00 3.25 16.16
CA TRP A 23 -2.98 2.63 17.03
C TRP A 23 -1.55 3.31 17.03
N PRO A 24 -0.62 3.11 18.01
CA PRO A 24 0.69 3.82 18.03
C PRO A 24 1.73 3.30 16.95
N SER A 25 1.99 4.13 15.92
CA SER A 25 2.99 3.77 14.86
C SER A 25 4.45 3.53 15.39
N ILE A 26 4.89 2.27 15.37
CA ILE A 26 6.28 1.84 15.70
C ILE A 26 7.32 2.33 14.61
N PRO A 27 8.42 3.08 14.92
CA PRO A 27 9.51 3.37 13.93
C PRO A 27 10.21 2.23 13.14
N ALA A 28 10.18 0.97 13.61
CA ALA A 28 10.68 -0.21 12.86
C ALA A 28 9.81 -0.68 11.65
N ASP A 29 8.46 -0.77 11.79
CA ASP A 29 7.50 -0.70 10.64
C ASP A 29 7.84 0.44 9.62
N LYS A 30 7.85 1.70 10.07
CA LYS A 30 8.28 2.86 9.24
C LYS A 30 9.85 2.98 8.98
N LYS A 31 10.62 1.88 9.10
CA LYS A 31 11.91 1.68 8.37
C LYS A 31 11.79 0.79 7.07
N GLN A 32 11.06 -0.33 7.08
CA GLN A 32 10.67 -1.04 5.82
C GLN A 32 9.58 -0.31 4.97
N TYR A 33 8.49 0.16 5.60
CA TYR A 33 7.50 1.07 4.98
C TYR A 33 8.09 2.39 4.32
N ARG A 34 9.08 3.08 4.95
CA ARG A 34 9.88 4.15 4.26
C ARG A 34 11.35 3.73 3.82
N SER A 35 11.62 2.44 3.49
CA SER A 35 12.75 2.02 2.60
C SER A 35 12.32 1.28 1.29
N ARG A 36 11.15 0.59 1.20
CA ARG A 36 10.40 0.48 -0.08
C ARG A 36 9.95 1.90 -0.61
N VAL A 37 9.12 2.64 0.16
CA VAL A 37 8.72 4.04 -0.18
C VAL A 37 9.85 5.07 0.22
N ALA A 38 10.89 5.24 -0.61
CA ALA A 38 12.03 6.16 -0.34
C ALA A 38 11.92 7.54 -1.09
N ASP A 39 12.27 7.59 -2.39
CA ASP A 39 12.07 8.79 -3.25
C ASP A 39 11.51 8.38 -4.68
N ASP A 40 10.35 7.70 -4.73
CA ASP A 40 9.73 7.19 -6.01
C ASP A 40 8.13 7.09 -5.89
N PRO A 41 7.29 6.89 -6.97
CA PRO A 41 5.81 7.05 -6.93
C PRO A 41 4.95 6.15 -5.96
N VAL A 42 4.09 6.79 -5.17
CA VAL A 42 3.33 6.14 -4.06
C VAL A 42 1.77 6.16 -4.30
N VAL A 43 1.17 4.99 -4.55
CA VAL A 43 -0.29 4.81 -4.75
C VAL A 43 -1.04 4.73 -3.36
N LEU A 44 -1.92 5.68 -3.07
CA LEU A 44 -2.68 5.71 -1.80
C LEU A 44 -4.15 6.18 -2.00
N GLY A 45 -4.97 6.14 -0.94
CA GLY A 45 -6.36 6.62 -1.00
C GLY A 45 -6.57 8.11 -0.62
N ARG A 46 -7.60 8.70 -1.22
CA ARG A 46 -8.02 10.10 -0.91
C ARG A 46 -8.41 10.44 0.58
N THR A 47 -8.91 9.49 1.38
CA THR A 47 -9.02 9.63 2.87
C THR A 47 -7.66 9.89 3.61
N THR A 48 -6.71 8.93 3.59
CA THR A 48 -5.34 9.13 4.18
C THR A 48 -4.45 10.30 3.64
N PHE A 49 -4.66 10.77 2.40
CA PHE A 49 -4.19 12.09 1.87
C PHE A 49 -4.39 13.37 2.77
N GLU A 50 -5.50 13.49 3.51
CA GLU A 50 -5.67 14.60 4.52
C GLU A 50 -4.82 14.45 5.84
N SER A 51 -4.09 13.35 6.08
CA SER A 51 -2.70 13.44 6.65
C SER A 51 -1.61 13.75 5.56
N MET A 52 -1.40 12.84 4.57
CA MET A 52 -0.17 12.78 3.72
C MET A 52 0.12 13.94 2.69
N ARG A 53 -0.74 14.97 2.59
CA ARG A 53 -0.42 16.25 1.89
C ARG A 53 0.90 17.02 2.31
N ASP A 54 1.23 17.10 3.61
CA ASP A 54 2.34 17.96 4.14
C ASP A 54 3.70 17.21 4.47
N ASP A 55 3.72 15.91 4.81
CA ASP A 55 4.86 14.99 4.47
C ASP A 55 4.48 14.16 3.21
N LEU A 56 5.19 14.39 2.09
CA LEU A 56 5.11 13.52 0.88
C LEU A 56 6.05 12.27 1.05
N PRO A 57 5.58 10.99 1.16
CA PRO A 57 6.47 9.80 1.35
C PRO A 57 7.60 9.54 0.30
N GLY A 58 7.31 9.69 -0.99
CA GLY A 58 8.33 9.76 -2.06
C GLY A 58 7.93 10.68 -3.23
N SER A 59 8.56 10.49 -4.40
CA SER A 59 8.61 11.51 -5.47
C SER A 59 7.37 11.69 -6.43
N ALA A 60 6.27 10.91 -6.32
CA ALA A 60 4.98 11.23 -6.98
C ALA A 60 3.76 10.65 -6.22
N GLN A 61 2.94 11.50 -5.59
CA GLN A 61 1.76 11.04 -4.80
C GLN A 61 0.53 10.72 -5.71
N ILE A 62 0.36 9.44 -6.02
CA ILE A 62 -0.76 8.88 -6.82
C ILE A 62 -1.97 8.67 -5.85
N VAL A 63 -3.10 9.35 -6.06
CA VAL A 63 -4.21 9.43 -5.06
C VAL A 63 -5.60 9.03 -5.68
N MET A 64 -6.12 7.85 -5.30
CA MET A 64 -7.44 7.33 -5.79
C MET A 64 -8.69 8.16 -5.33
N SER A 65 -9.31 8.89 -6.27
CA SER A 65 -10.45 9.80 -6.00
C SER A 65 -11.59 9.57 -7.04
N ARG A 66 -12.67 8.89 -6.62
CA ARG A 66 -13.94 8.79 -7.43
C ARG A 66 -14.62 10.13 -7.93
N SER A 67 -14.38 11.27 -7.25
CA SER A 67 -14.52 12.60 -7.89
C SER A 67 -13.17 13.01 -8.58
N GLU A 68 -13.18 13.08 -9.92
CA GLU A 68 -11.99 13.38 -10.76
C GLU A 68 -11.30 14.81 -10.68
N ARG A 69 -11.47 15.57 -9.59
CA ARG A 69 -11.03 17.00 -9.46
C ARG A 69 -9.52 17.39 -9.69
N SER A 70 -8.58 16.43 -9.60
CA SER A 70 -7.11 16.68 -9.47
C SER A 70 -6.73 17.46 -8.16
N PHE A 71 -5.43 17.60 -7.90
CA PHE A 71 -4.90 18.13 -6.61
C PHE A 71 -3.71 19.10 -6.91
N SER A 72 -3.83 20.38 -6.53
CA SER A 72 -2.73 21.38 -6.67
C SER A 72 -1.62 21.27 -5.57
N VAL A 73 -0.79 20.23 -5.67
CA VAL A 73 0.45 20.05 -4.83
C VAL A 73 1.72 20.21 -5.78
N ASP A 74 2.91 19.76 -5.36
CA ASP A 74 4.16 19.85 -6.17
C ASP A 74 4.19 18.88 -7.42
N THR A 75 4.10 17.55 -7.22
CA THR A 75 3.97 16.53 -8.32
C THR A 75 2.93 15.38 -7.99
N ALA A 76 1.73 15.72 -7.46
CA ALA A 76 0.65 14.73 -7.22
C ALA A 76 -0.24 14.45 -8.49
N HIS A 77 -0.75 13.21 -8.63
CA HIS A 77 -1.73 12.84 -9.68
C HIS A 77 -2.95 12.08 -9.04
N ARG A 78 -4.18 12.31 -9.53
CA ARG A 78 -5.37 11.49 -9.16
C ARG A 78 -5.39 10.06 -9.82
N ALA A 79 -6.23 9.13 -9.31
CA ALA A 79 -6.60 7.88 -10.04
C ALA A 79 -8.10 7.44 -9.90
N ALA A 80 -8.64 6.79 -10.94
CA ALA A 80 -10.05 6.29 -10.99
C ALA A 80 -10.21 4.72 -10.94
N SER A 81 -9.65 3.98 -11.91
CA SER A 81 -9.67 2.49 -11.99
C SER A 81 -8.22 1.87 -11.89
N VAL A 82 -8.04 0.55 -12.12
CA VAL A 82 -6.66 -0.06 -12.30
C VAL A 82 -5.80 0.59 -13.46
N GLU A 83 -6.35 0.67 -14.69
CA GLU A 83 -5.77 1.43 -15.83
C GLU A 83 -5.33 2.93 -15.65
N GLU A 84 -6.03 3.80 -14.88
CA GLU A 84 -5.49 5.15 -14.52
C GLU A 84 -4.12 5.14 -13.75
N ALA A 85 -4.00 4.41 -12.62
CA ALA A 85 -2.69 4.23 -11.93
C ALA A 85 -1.63 3.24 -12.59
N VAL A 86 -2.00 2.33 -13.52
CA VAL A 86 -1.00 1.62 -14.39
C VAL A 86 -0.36 2.53 -15.50
N ASP A 87 -1.13 3.29 -16.31
CA ASP A 87 -0.60 4.21 -17.36
C ASP A 87 0.48 5.25 -16.86
N ILE A 88 0.17 6.06 -15.81
CA ILE A 88 1.17 6.89 -15.08
C ILE A 88 2.37 6.14 -14.38
N ALA A 89 2.25 4.93 -13.81
CA ALA A 89 3.43 4.10 -13.46
C ALA A 89 4.36 3.58 -14.63
N ALA A 90 3.83 3.32 -15.83
CA ALA A 90 4.61 3.24 -17.09
C ALA A 90 5.23 4.60 -17.60
N SER A 91 4.48 5.71 -17.63
CA SER A 91 5.03 7.07 -17.98
C SER A 91 5.97 7.77 -16.95
N LEU A 92 6.00 7.38 -15.67
CA LEU A 92 7.04 7.81 -14.68
C LEU A 92 8.35 6.92 -14.60
N ASP A 93 8.41 5.75 -15.27
CA ASP A 93 9.60 4.83 -15.32
C ASP A 93 9.77 3.98 -14.02
N ALA A 94 10.49 4.51 -13.00
CA ALA A 94 10.43 4.06 -11.57
C ALA A 94 10.76 2.57 -11.22
N GLU A 95 11.60 2.23 -10.23
CA GLU A 95 11.92 0.78 -9.89
C GLU A 95 10.66 -0.17 -9.70
N THR A 96 9.87 0.04 -8.62
CA THR A 96 8.53 -0.59 -8.42
C THR A 96 7.54 0.39 -7.72
N ALA A 97 6.37 0.68 -8.32
CA ALA A 97 5.30 1.48 -7.66
C ALA A 97 4.48 0.69 -6.57
N TYR A 98 3.86 1.39 -5.60
CA TYR A 98 3.44 0.74 -4.31
C TYR A 98 2.06 1.19 -3.73
N VAL A 99 1.15 0.23 -3.45
CA VAL A 99 -0.22 0.49 -2.91
C VAL A 99 -0.25 0.51 -1.35
N ILE A 100 -0.45 1.69 -0.74
CA ILE A 100 -0.66 1.83 0.75
C ILE A 100 -2.03 1.23 1.26
N GLY A 101 -3.17 1.74 0.75
CA GLY A 101 -4.51 1.62 1.40
C GLY A 101 -4.96 2.85 2.24
N GLY A 102 -6.18 2.94 2.78
CA GLY A 102 -7.43 2.65 2.03
C GLY A 102 -7.87 1.21 1.73
N ALA A 103 -8.67 0.56 2.59
CA ALA A 103 -9.25 -0.79 2.30
C ALA A 103 -10.03 -1.02 0.95
N ALA A 104 -11.02 -0.17 0.59
CA ALA A 104 -11.58 -0.15 -0.80
C ALA A 104 -10.62 0.22 -1.99
N ILE A 105 -9.49 0.89 -1.72
CA ILE A 105 -8.34 1.01 -2.68
C ILE A 105 -7.53 -0.34 -2.84
N TYR A 106 -7.12 -0.96 -1.72
CA TYR A 106 -6.58 -2.36 -1.69
C TYR A 106 -7.48 -3.45 -2.38
N ALA A 107 -8.80 -3.46 -2.14
CA ALA A 107 -9.80 -4.31 -2.85
C ALA A 107 -9.74 -4.39 -4.41
N LEU A 108 -9.87 -3.25 -5.13
CA LEU A 108 -9.76 -3.24 -6.62
C LEU A 108 -8.35 -3.53 -7.23
N PHE A 109 -7.26 -3.12 -6.56
CA PHE A 109 -5.87 -3.43 -7.00
C PHE A 109 -5.32 -4.88 -6.77
N GLN A 110 -5.67 -5.60 -5.69
CA GLN A 110 -5.14 -6.97 -5.41
C GLN A 110 -5.19 -8.09 -6.54
N PRO A 111 -6.18 -8.21 -7.48
CA PRO A 111 -5.97 -8.92 -8.78
C PRO A 111 -4.81 -8.48 -9.75
N HIS A 112 -4.24 -7.27 -9.58
CA HIS A 112 -3.07 -6.76 -10.34
C HIS A 112 -1.76 -6.45 -9.51
N LEU A 113 -1.67 -6.58 -8.17
CA LEU A 113 -0.33 -6.57 -7.48
C LEU A 113 0.38 -7.94 -7.71
N ASP A 114 1.46 -7.90 -8.47
CA ASP A 114 2.28 -9.11 -8.75
C ASP A 114 3.30 -9.46 -7.60
N ARG A 115 3.67 -8.53 -6.69
CA ARG A 115 4.32 -8.84 -5.38
C ARG A 115 3.50 -8.22 -4.17
N MET A 116 3.72 -8.68 -2.91
CA MET A 116 3.07 -8.11 -1.68
C MET A 116 4.15 -7.83 -0.58
N VAL A 117 4.21 -6.61 0.00
CA VAL A 117 5.12 -6.29 1.15
C VAL A 117 4.34 -5.72 2.38
N LEU A 118 3.57 -6.58 3.07
CA LEU A 118 2.85 -6.20 4.31
C LEU A 118 3.67 -6.50 5.62
N SER A 119 3.74 -5.48 6.49
CA SER A 119 4.24 -5.62 7.87
C SER A 119 3.12 -6.16 8.82
N ARG A 120 3.26 -7.40 9.33
CA ARG A 120 2.35 -7.91 10.39
C ARG A 120 2.81 -7.41 11.79
N VAL A 121 2.04 -6.53 12.46
CA VAL A 121 2.40 -5.97 13.81
C VAL A 121 1.70 -6.87 14.91
N PRO A 122 2.39 -7.73 15.71
CA PRO A 122 1.70 -8.68 16.64
C PRO A 122 1.38 -8.10 18.06
N GLY A 123 0.15 -8.30 18.55
CA GLY A 123 -0.13 -8.20 20.01
C GLY A 123 -1.57 -7.83 20.47
N GLU A 124 -1.79 -6.53 20.71
CA GLU A 124 -3.08 -5.98 21.25
C GLU A 124 -3.21 -4.50 20.73
N TYR A 125 -3.80 -4.32 19.53
CA TYR A 125 -3.83 -3.01 18.82
C TYR A 125 -5.23 -2.79 18.13
N GLU A 126 -5.67 -1.52 18.01
CA GLU A 126 -7.04 -1.17 17.49
C GLU A 126 -7.25 -1.35 15.93
N GLY A 127 -8.50 -1.23 15.45
CA GLY A 127 -8.86 -1.50 14.03
C GLY A 127 -10.25 -1.01 13.57
N ASP A 128 -10.32 -0.35 12.39
CA ASP A 128 -11.60 0.14 11.79
C ASP A 128 -11.98 -0.68 10.50
N THR A 129 -11.15 -0.60 9.44
CA THR A 129 -11.43 -1.22 8.11
C THR A 129 -10.94 -2.71 8.04
N TYR A 130 -11.49 -3.51 7.10
CA TYR A 130 -11.20 -4.97 7.04
C TYR A 130 -10.60 -5.42 5.67
N TYR A 131 -9.86 -6.54 5.68
CA TYR A 131 -9.46 -7.27 4.45
C TYR A 131 -10.68 -7.72 3.56
N PRO A 132 -10.77 -7.46 2.22
CA PRO A 132 -11.98 -7.78 1.42
C PRO A 132 -11.96 -9.27 0.91
N GLU A 133 -11.64 -9.51 -0.37
CA GLU A 133 -11.51 -10.87 -0.95
C GLU A 133 -10.07 -11.21 -1.46
N TRP A 134 -9.09 -11.30 -0.52
CA TRP A 134 -7.66 -11.56 -0.84
C TRP A 134 -7.29 -13.08 -1.04
N ASP A 135 -6.25 -13.37 -1.83
CA ASP A 135 -6.09 -14.69 -2.50
C ASP A 135 -5.42 -15.76 -1.56
N ALA A 136 -6.16 -16.28 -0.56
CA ALA A 136 -5.62 -17.05 0.58
C ALA A 136 -4.83 -18.39 0.33
N ALA A 137 -5.10 -19.16 -0.74
CA ALA A 137 -4.13 -20.16 -1.27
C ALA A 137 -3.20 -19.67 -2.45
N GLU A 138 -3.66 -18.74 -3.31
CA GLU A 138 -2.92 -18.29 -4.54
C GLU A 138 -2.10 -16.94 -4.42
N TRP A 139 -1.64 -16.63 -3.20
CA TRP A 139 -0.44 -15.80 -2.93
C TRP A 139 0.70 -16.75 -2.42
N GLU A 140 1.77 -16.92 -3.21
CA GLU A 140 2.97 -17.73 -2.78
C GLU A 140 4.02 -16.83 -2.03
N LEU A 141 4.60 -17.34 -0.92
CA LEU A 141 5.58 -16.59 -0.08
C LEU A 141 7.05 -16.68 -0.63
N ASP A 142 7.75 -15.54 -0.72
CA ASP A 142 9.21 -15.51 -1.06
C ASP A 142 10.09 -15.39 0.25
N ALA A 143 10.04 -14.25 0.98
CA ALA A 143 11.02 -13.95 2.06
C ALA A 143 10.37 -13.32 3.35
N GLU A 144 10.24 -14.09 4.44
CA GLU A 144 9.83 -13.56 5.78
C GLU A 144 11.06 -13.11 6.65
N THR A 145 11.02 -11.89 7.23
CA THR A 145 12.02 -11.42 8.26
C THR A 145 11.31 -10.96 9.57
N ASP A 146 11.48 -11.75 10.64
CA ASP A 146 10.99 -11.41 12.00
C ASP A 146 11.85 -10.30 12.74
N HIS A 147 11.20 -9.60 13.69
CA HIS A 147 11.82 -8.49 14.47
C HIS A 147 11.20 -8.37 15.90
N GLU A 148 11.81 -7.54 16.76
CA GLU A 148 11.23 -7.10 18.06
C GLU A 148 9.75 -6.55 18.15
N GLY A 149 9.15 -6.06 17.05
CA GLY A 149 7.67 -5.96 16.96
C GLY A 149 7.07 -5.71 15.55
N PHE A 150 7.58 -6.39 14.51
CA PHE A 150 6.95 -6.40 13.15
C PHE A 150 7.50 -7.60 12.29
N THR A 151 6.61 -8.42 11.72
CA THR A 151 7.00 -9.53 10.80
C THR A 151 6.83 -9.03 9.32
N LEU A 152 7.92 -8.60 8.65
CA LEU A 152 7.88 -8.32 7.17
C LEU A 152 7.79 -9.64 6.36
N GLN A 153 6.84 -9.69 5.42
CA GLN A 153 6.73 -10.81 4.43
C GLN A 153 6.77 -10.21 2.98
N GLU A 154 7.78 -10.54 2.16
CA GLU A 154 7.77 -10.27 0.69
C GLU A 154 7.11 -11.51 -0.05
N TRP A 155 5.97 -11.33 -0.73
CA TRP A 155 5.24 -12.43 -1.45
C TRP A 155 5.32 -12.25 -3.01
N VAL A 156 5.18 -13.34 -3.78
CA VAL A 156 5.35 -13.34 -5.28
C VAL A 156 4.08 -13.70 -6.16
N ARG A 157 2.99 -14.27 -5.58
CA ARG A 157 1.73 -14.66 -6.32
C ARG A 157 1.78 -16.04 -7.06
N SER A 158 0.61 -16.60 -7.47
CA SER A 158 0.50 -18.02 -7.94
C SER A 158 1.25 -18.36 -9.27
N ALA A 159 2.45 -18.94 -9.16
CA ALA A 159 3.29 -19.31 -10.33
C ALA A 159 2.95 -20.64 -11.06
N SER A 160 2.41 -21.67 -10.38
CA SER A 160 2.01 -22.97 -11.02
C SER A 160 0.57 -23.04 -11.66
N SER A 161 -0.04 -21.90 -12.04
CA SER A 161 -1.48 -21.81 -12.42
C SER A 161 -1.83 -22.33 -13.86
N ARG A 162 -1.86 -23.67 -14.02
CA ARG A 162 -2.04 -24.31 -15.34
C ARG A 162 -2.74 -25.66 -15.11
N MET A 1 9.88 -0.46 -13.06
CA MET A 1 8.43 -0.59 -13.45
C MET A 1 7.88 -2.04 -13.23
N GLU A 2 7.67 -2.40 -11.95
CA GLU A 2 6.73 -3.50 -11.51
C GLU A 2 5.60 -2.86 -10.59
N LEU A 3 4.86 -3.67 -9.79
CA LEU A 3 3.80 -3.14 -8.88
C LEU A 3 3.68 -3.97 -7.55
N VAL A 4 3.67 -3.30 -6.38
CA VAL A 4 3.74 -3.99 -5.05
C VAL A 4 2.71 -3.42 -3.99
N SER A 5 2.19 -4.28 -3.08
CA SER A 5 1.08 -3.91 -2.14
C SER A 5 1.57 -3.77 -0.66
N VAL A 6 1.36 -2.64 0.02
CA VAL A 6 2.11 -2.29 1.29
C VAL A 6 1.09 -1.90 2.43
N ALA A 7 0.74 -2.82 3.35
CA ALA A 7 -0.26 -2.57 4.43
C ALA A 7 0.27 -2.87 5.88
N ALA A 8 -0.36 -2.28 6.91
CA ALA A 8 -0.06 -2.57 8.34
C ALA A 8 -1.22 -3.38 9.04
N LEU A 9 -0.88 -4.51 9.70
CA LEU A 9 -1.88 -5.36 10.42
C LEU A 9 -1.73 -5.22 11.98
N ALA A 10 -2.86 -4.99 12.67
CA ALA A 10 -2.97 -5.21 14.15
C ALA A 10 -3.61 -6.59 14.50
N GLU A 11 -2.92 -7.72 14.20
CA GLU A 11 -3.45 -9.11 14.42
C GLU A 11 -4.69 -9.54 13.52
N ASN A 12 -5.79 -8.82 13.74
CA ASN A 12 -7.20 -9.25 13.56
C ASN A 12 -7.79 -9.12 12.10
N ARG A 13 -7.02 -9.46 11.04
CA ARG A 13 -7.36 -9.11 9.61
C ARG A 13 -7.94 -7.66 9.33
N VAL A 14 -7.24 -6.64 9.88
CA VAL A 14 -7.66 -5.21 9.88
C VAL A 14 -6.50 -4.34 9.29
N ILE A 15 -6.77 -3.57 8.22
CA ILE A 15 -5.76 -2.71 7.52
C ILE A 15 -6.17 -1.20 7.66
N GLY A 16 -5.39 -0.37 8.39
CA GLY A 16 -5.82 1.01 8.78
C GLY A 16 -5.70 2.14 7.74
N ARG A 17 -6.67 3.09 7.68
CA ARG A 17 -6.85 3.97 6.46
C ARG A 17 -7.74 5.29 6.52
N ASP A 18 -9.06 5.33 6.86
CA ASP A 18 -9.90 6.59 6.77
C ASP A 18 -9.38 7.80 7.65
N GLY A 19 -8.77 7.55 8.83
CA GLY A 19 -7.66 8.41 9.35
C GLY A 19 -6.27 7.77 9.69
N GLU A 20 -5.90 6.58 9.16
CA GLU A 20 -4.80 5.70 9.69
C GLU A 20 -4.90 5.28 11.20
N LEU A 21 -4.66 3.99 11.57
CA LEU A 21 -4.81 3.53 12.99
C LEU A 21 -3.84 4.23 14.02
N PRO A 22 -4.26 5.06 15.05
CA PRO A 22 -3.30 5.90 15.84
C PRO A 22 -2.33 5.21 16.87
N TRP A 23 -1.32 4.49 16.37
CA TRP A 23 -0.34 3.75 17.21
C TRP A 23 1.14 4.26 17.07
N PRO A 24 1.63 5.32 17.79
CA PRO A 24 3.09 5.59 17.90
C PRO A 24 3.85 4.61 18.87
N SER A 25 5.15 4.86 19.07
CA SER A 25 6.10 3.88 19.72
C SER A 25 6.62 2.66 18.87
N ILE A 26 6.12 2.41 17.65
CA ILE A 26 6.73 1.47 16.65
C ILE A 26 7.32 2.23 15.39
N PRO A 27 8.50 2.94 15.44
CA PRO A 27 9.26 3.32 14.20
C PRO A 27 9.88 2.20 13.31
N ALA A 28 9.88 0.92 13.73
CA ALA A 28 10.44 -0.21 12.93
C ALA A 28 9.57 -0.72 11.73
N ASP A 29 8.24 -0.90 11.90
CA ASP A 29 7.26 -0.88 10.76
C ASP A 29 7.49 0.28 9.75
N LYS A 30 7.39 1.56 10.18
CA LYS A 30 7.75 2.74 9.32
C LYS A 30 9.31 3.02 9.18
N LYS A 31 10.17 1.99 9.32
CA LYS A 31 11.47 1.88 8.62
C LYS A 31 11.44 1.00 7.33
N GLN A 32 10.87 -0.22 7.31
CA GLN A 32 10.61 -0.95 6.03
C GLN A 32 9.52 -0.26 5.14
N TYR A 33 8.35 0.06 5.71
CA TYR A 33 7.31 0.91 5.07
C TYR A 33 7.83 2.28 4.48
N ARG A 34 8.71 3.03 5.18
CA ARG A 34 9.51 4.13 4.57
C ARG A 34 11.05 3.80 4.32
N SER A 35 11.30 2.68 3.64
CA SER A 35 12.54 2.41 2.85
C SER A 35 12.22 1.65 1.51
N ARG A 36 11.13 0.86 1.38
CA ARG A 36 10.41 0.70 0.09
C ARG A 36 9.87 2.04 -0.50
N VAL A 37 8.94 2.71 0.20
CA VAL A 37 8.54 4.12 -0.11
C VAL A 37 9.68 5.10 0.36
N ALA A 38 10.69 5.38 -0.48
CA ALA A 38 11.80 6.31 -0.13
C ALA A 38 11.77 7.64 -0.94
N ASP A 39 12.15 7.61 -2.23
CA ASP A 39 12.13 8.81 -3.13
C ASP A 39 11.50 8.47 -4.55
N ASP A 40 10.42 7.65 -4.61
CA ASP A 40 9.83 7.15 -5.89
C ASP A 40 8.22 7.11 -5.85
N PRO A 41 7.46 6.90 -6.96
CA PRO A 41 5.97 6.99 -6.97
C PRO A 41 5.08 6.08 -6.06
N VAL A 42 4.06 6.67 -5.42
CA VAL A 42 3.31 6.04 -4.30
C VAL A 42 1.75 6.13 -4.49
N VAL A 43 1.11 4.96 -4.72
CA VAL A 43 -0.37 4.83 -4.92
C VAL A 43 -1.13 4.75 -3.56
N LEU A 44 -2.02 5.71 -3.28
CA LEU A 44 -2.97 5.62 -2.11
C LEU A 44 -4.40 6.14 -2.49
N GLY A 45 -5.32 6.26 -1.51
CA GLY A 45 -6.69 6.81 -1.75
C GLY A 45 -6.96 8.21 -1.21
N ARG A 46 -8.02 8.86 -1.71
CA ARG A 46 -8.38 10.27 -1.30
C ARG A 46 -8.90 10.56 0.18
N THR A 47 -8.87 9.58 1.10
CA THR A 47 -9.08 9.79 2.58
C THR A 47 -7.73 9.83 3.37
N THR A 48 -6.93 8.75 3.41
CA THR A 48 -5.48 8.81 3.79
C THR A 48 -4.60 9.99 3.20
N PHE A 49 -4.84 10.42 1.95
CA PHE A 49 -4.36 11.75 1.44
C PHE A 49 -4.71 13.05 2.27
N GLU A 50 -5.85 13.14 2.99
CA GLU A 50 -6.13 14.28 3.93
C GLU A 50 -5.12 14.48 5.12
N SER A 51 -4.49 13.39 5.65
CA SER A 51 -3.15 13.51 6.32
C SER A 51 -1.94 13.87 5.39
N MET A 52 -1.79 13.29 4.18
CA MET A 52 -0.69 13.67 3.23
C MET A 52 -0.98 15.03 2.46
N ARG A 53 -0.95 16.13 3.23
CA ARG A 53 -1.13 17.53 2.71
C ARG A 53 0.03 18.52 3.09
N ASP A 54 0.80 18.28 4.17
CA ASP A 54 2.07 18.97 4.47
C ASP A 54 3.30 18.33 3.70
N ASP A 55 3.72 17.09 4.04
CA ASP A 55 4.82 16.35 3.32
C ASP A 55 4.27 15.18 2.41
N LEU A 56 5.03 14.84 1.35
CA LEU A 56 4.72 13.68 0.45
C LEU A 56 5.64 12.43 0.77
N PRO A 57 5.13 11.20 1.12
CA PRO A 57 6.01 9.99 1.33
C PRO A 57 7.12 9.58 0.29
N GLY A 58 6.89 9.85 -0.99
CA GLY A 58 7.96 9.82 -2.03
C GLY A 58 7.63 10.71 -3.26
N SER A 59 8.49 10.63 -4.28
CA SER A 59 8.55 11.66 -5.36
C SER A 59 7.43 11.73 -6.46
N ALA A 60 6.38 10.87 -6.46
CA ALA A 60 5.11 11.15 -7.16
C ALA A 60 3.87 10.64 -6.37
N GLN A 61 3.13 11.56 -5.73
CA GLN A 61 1.91 11.21 -4.95
C GLN A 61 0.70 10.85 -5.88
N ILE A 62 0.49 9.53 -6.07
CA ILE A 62 -0.62 8.97 -6.87
C ILE A 62 -1.86 8.79 -5.91
N VAL A 63 -3.04 9.31 -6.31
CA VAL A 63 -4.23 9.42 -5.40
C VAL A 63 -5.53 8.96 -6.14
N MET A 64 -5.98 7.71 -5.89
CA MET A 64 -7.27 7.19 -6.38
C MET A 64 -8.53 7.94 -5.79
N SER A 65 -9.44 8.42 -6.66
CA SER A 65 -10.57 9.30 -6.24
C SER A 65 -11.91 8.99 -6.99
N ARG A 66 -12.92 8.43 -6.29
CA ARG A 66 -14.30 8.24 -6.86
C ARG A 66 -15.23 9.52 -6.92
N SER A 67 -14.88 10.65 -6.27
CA SER A 67 -15.35 12.01 -6.70
C SER A 67 -14.36 12.87 -7.56
N GLU A 68 -13.25 12.29 -8.07
CA GLU A 68 -12.53 12.76 -9.30
C GLU A 68 -12.09 14.26 -9.37
N ARG A 69 -11.25 14.71 -8.42
CA ARG A 69 -10.79 16.13 -8.35
C ARG A 69 -9.29 16.27 -8.73
N SER A 70 -8.98 17.13 -9.70
CA SER A 70 -7.58 17.55 -10.00
C SER A 70 -6.93 18.37 -8.84
N PHE A 71 -5.78 17.91 -8.33
CA PHE A 71 -5.10 18.54 -7.15
C PHE A 71 -3.98 19.55 -7.56
N SER A 72 -3.99 20.76 -6.98
CA SER A 72 -2.79 21.65 -6.96
C SER A 72 -1.79 21.21 -5.83
N VAL A 73 -0.71 20.53 -6.20
CA VAL A 73 0.48 20.28 -5.32
C VAL A 73 1.77 20.53 -6.23
N ASP A 74 2.95 19.99 -5.89
CA ASP A 74 4.15 20.00 -6.80
C ASP A 74 4.00 18.93 -7.98
N THR A 75 4.21 17.61 -7.73
CA THR A 75 4.08 16.52 -8.76
C THR A 75 3.04 15.38 -8.42
N ALA A 76 1.87 15.71 -7.85
CA ALA A 76 0.80 14.71 -7.58
C ALA A 76 -0.08 14.37 -8.83
N HIS A 77 -0.62 13.14 -8.91
CA HIS A 77 -1.52 12.72 -10.03
C HIS A 77 -2.73 11.91 -9.44
N ARG A 78 -3.98 12.17 -9.87
CA ARG A 78 -5.15 11.30 -9.50
C ARG A 78 -5.26 9.98 -10.35
N ALA A 79 -6.08 9.01 -9.90
CA ALA A 79 -6.56 7.89 -10.77
C ALA A 79 -8.05 7.45 -10.52
N ALA A 80 -8.64 6.81 -11.54
CA ALA A 80 -10.05 6.32 -11.51
C ALA A 80 -10.19 4.77 -11.65
N SER A 81 -9.62 4.16 -12.70
CA SER A 81 -9.52 2.69 -12.89
C SER A 81 -8.12 2.09 -12.51
N VAL A 82 -7.99 0.74 -12.53
CA VAL A 82 -6.66 0.04 -12.45
C VAL A 82 -5.63 0.54 -13.52
N GLU A 83 -6.00 0.50 -14.82
CA GLU A 83 -5.15 1.06 -15.92
C GLU A 83 -4.79 2.58 -15.91
N GLU A 84 -5.61 3.51 -15.33
CA GLU A 84 -5.14 4.91 -15.08
C GLU A 84 -3.84 5.04 -14.21
N ALA A 85 -3.73 4.37 -13.05
CA ALA A 85 -2.44 4.26 -12.31
C ALA A 85 -1.30 3.37 -12.96
N VAL A 86 -1.57 2.52 -13.96
CA VAL A 86 -0.52 1.82 -14.76
C VAL A 86 0.14 2.75 -15.83
N ASP A 87 -0.62 3.42 -16.71
CA ASP A 87 -0.06 4.38 -17.72
C ASP A 87 0.80 5.56 -17.15
N ILE A 88 0.42 6.22 -16.02
CA ILE A 88 1.35 7.10 -15.24
C ILE A 88 2.60 6.40 -14.58
N ALA A 89 2.52 5.16 -14.08
CA ALA A 89 3.76 4.38 -13.75
C ALA A 89 4.73 4.05 -14.95
N ALA A 90 4.20 3.58 -16.10
CA ALA A 90 4.94 3.60 -17.40
C ALA A 90 5.48 4.98 -17.93
N SER A 91 4.78 6.11 -17.68
CA SER A 91 5.29 7.49 -17.93
C SER A 91 6.35 8.05 -16.93
N LEU A 92 6.31 7.65 -15.65
CA LEU A 92 7.35 7.97 -14.62
C LEU A 92 8.61 7.02 -14.53
N ASP A 93 8.57 5.78 -15.09
CA ASP A 93 9.69 4.81 -15.11
C ASP A 93 9.90 4.08 -13.73
N ALA A 94 10.76 4.62 -12.86
CA ALA A 94 10.92 4.17 -11.44
C ALA A 94 11.43 2.70 -11.21
N GLU A 95 11.80 2.36 -9.96
CA GLU A 95 12.02 0.94 -9.56
C GLU A 95 10.67 0.14 -9.48
N THR A 96 9.77 0.49 -8.56
CA THR A 96 8.45 -0.18 -8.41
C THR A 96 7.39 0.80 -7.77
N ALA A 97 6.21 0.91 -8.39
CA ALA A 97 5.08 1.68 -7.79
C ALA A 97 4.36 0.89 -6.66
N TYR A 98 3.96 1.56 -5.56
CA TYR A 98 3.54 0.85 -4.32
C TYR A 98 2.10 1.27 -3.85
N VAL A 99 1.18 0.31 -3.72
CA VAL A 99 -0.20 0.55 -3.19
C VAL A 99 -0.20 0.50 -1.64
N ILE A 100 -0.33 1.66 -0.98
CA ILE A 100 -0.60 1.76 0.50
C ILE A 100 -1.98 1.12 0.89
N GLY A 101 -3.08 1.58 0.28
CA GLY A 101 -4.47 1.23 0.67
C GLY A 101 -5.42 2.47 0.82
N GLY A 102 -6.60 2.39 1.46
CA GLY A 102 -7.10 1.19 2.16
C GLY A 102 -8.16 0.39 1.39
N ALA A 103 -9.17 -0.14 2.08
CA ALA A 103 -10.09 -1.17 1.49
C ALA A 103 -11.18 -0.77 0.43
N ALA A 104 -11.15 0.44 -0.15
CA ALA A 104 -11.59 0.65 -1.57
C ALA A 104 -10.46 0.61 -2.65
N ILE A 105 -9.19 0.90 -2.31
CA ILE A 105 -8.02 0.86 -3.24
C ILE A 105 -7.34 -0.57 -3.24
N TYR A 106 -6.88 -1.05 -2.07
CA TYR A 106 -6.57 -2.50 -1.81
C TYR A 106 -7.71 -3.56 -2.15
N ALA A 107 -8.99 -3.15 -2.34
CA ALA A 107 -10.01 -3.99 -3.01
C ALA A 107 -9.85 -4.11 -4.56
N LEU A 108 -10.01 -3.02 -5.34
CA LEU A 108 -9.94 -3.08 -6.84
C LEU A 108 -8.54 -3.37 -7.48
N PHE A 109 -7.43 -2.97 -6.84
CA PHE A 109 -6.05 -3.22 -7.32
C PHE A 109 -5.46 -4.64 -7.02
N GLN A 110 -5.80 -5.32 -5.91
CA GLN A 110 -5.16 -6.62 -5.52
C GLN A 110 -5.20 -7.82 -6.57
N PRO A 111 -6.21 -8.04 -7.48
CA PRO A 111 -6.02 -8.86 -8.72
C PRO A 111 -4.99 -8.38 -9.82
N HIS A 112 -4.29 -7.26 -9.61
CA HIS A 112 -3.17 -6.78 -10.46
C HIS A 112 -1.83 -6.41 -9.70
N LEU A 113 -1.68 -6.47 -8.36
CA LEU A 113 -0.32 -6.44 -7.73
C LEU A 113 0.36 -7.83 -7.87
N ASP A 114 1.46 -7.88 -8.62
CA ASP A 114 2.26 -9.13 -8.77
C ASP A 114 3.25 -9.43 -7.57
N ARG A 115 3.53 -8.46 -6.68
CA ARG A 115 4.17 -8.72 -5.35
C ARG A 115 3.37 -8.10 -4.14
N MET A 116 3.62 -8.59 -2.91
CA MET A 116 3.03 -8.03 -1.66
C MET A 116 4.16 -7.76 -0.60
N VAL A 117 4.20 -6.57 0.01
CA VAL A 117 5.08 -6.27 1.19
C VAL A 117 4.24 -5.69 2.39
N LEU A 118 3.36 -6.48 3.01
CA LEU A 118 2.66 -6.08 4.26
C LEU A 118 3.55 -6.31 5.54
N SER A 119 3.69 -5.27 6.37
CA SER A 119 4.40 -5.39 7.68
C SER A 119 3.37 -5.80 8.79
N ARG A 120 3.42 -7.05 9.29
CA ARG A 120 2.46 -7.53 10.34
C ARG A 120 2.97 -7.17 11.76
N VAL A 121 2.17 -6.44 12.55
CA VAL A 121 2.56 -5.97 13.93
C VAL A 121 1.70 -6.77 14.99
N PRO A 122 2.15 -7.89 15.62
CA PRO A 122 1.36 -8.60 16.66
C PRO A 122 1.52 -8.01 18.11
N GLY A 123 0.41 -8.02 18.89
CA GLY A 123 0.38 -7.39 20.23
C GLY A 123 -0.92 -6.61 20.43
N GLU A 124 -0.95 -5.34 19.99
CA GLU A 124 -2.17 -4.50 20.04
C GLU A 124 -3.31 -4.94 19.04
N TYR A 125 -4.56 -4.82 19.51
CA TYR A 125 -5.79 -5.11 18.71
C TYR A 125 -6.54 -3.80 18.24
N GLU A 126 -7.57 -3.99 17.39
CA GLU A 126 -8.46 -2.89 16.89
C GLU A 126 -7.85 -1.96 15.76
N GLY A 127 -8.63 -0.99 15.25
CA GLY A 127 -8.17 -0.09 14.16
C GLY A 127 -9.30 0.59 13.37
N ASP A 128 -9.18 0.59 12.04
CA ASP A 128 -10.12 1.32 11.15
C ASP A 128 -11.03 0.36 10.29
N THR A 129 -10.50 -0.25 9.20
CA THR A 129 -11.31 -1.02 8.21
C THR A 129 -10.67 -2.42 7.93
N TYR A 130 -11.48 -3.41 7.52
CA TYR A 130 -11.00 -4.82 7.33
C TYR A 130 -10.35 -5.16 5.95
N TYR A 131 -9.69 -6.33 5.82
CA TYR A 131 -9.29 -6.90 4.50
C TYR A 131 -10.53 -7.24 3.56
N PRO A 132 -10.59 -6.92 2.22
CA PRO A 132 -11.83 -7.12 1.40
C PRO A 132 -12.03 -8.61 0.90
N GLU A 133 -11.38 -9.00 -0.22
CA GLU A 133 -11.53 -10.36 -0.80
C GLU A 133 -10.15 -10.89 -1.35
N TRP A 134 -9.15 -11.11 -0.45
CA TRP A 134 -7.74 -11.42 -0.83
C TRP A 134 -7.41 -12.96 -0.96
N ASP A 135 -6.41 -13.31 -1.77
CA ASP A 135 -6.27 -14.69 -2.32
C ASP A 135 -5.57 -15.67 -1.30
N ALA A 136 -6.37 -16.37 -0.48
CA ALA A 136 -5.83 -17.19 0.66
C ALA A 136 -5.08 -18.54 0.37
N ALA A 137 -5.32 -19.23 -0.76
CA ALA A 137 -4.34 -20.20 -1.32
C ALA A 137 -3.44 -19.66 -2.50
N GLU A 138 -3.93 -18.70 -3.31
CA GLU A 138 -3.26 -18.24 -4.56
C GLU A 138 -2.42 -16.90 -4.47
N TRP A 139 -1.93 -16.54 -3.26
CA TRP A 139 -0.73 -15.68 -3.06
C TRP A 139 0.47 -16.59 -2.59
N GLU A 140 1.53 -16.69 -3.39
CA GLU A 140 2.75 -17.48 -3.04
C GLU A 140 3.78 -16.63 -2.21
N LEU A 141 4.47 -17.25 -1.23
CA LEU A 141 5.47 -16.56 -0.36
C LEU A 141 6.93 -16.59 -0.97
N ASP A 142 7.60 -15.44 -0.97
CA ASP A 142 9.01 -15.27 -1.46
C ASP A 142 10.04 -15.29 -0.27
N ALA A 143 9.97 -14.33 0.67
CA ALA A 143 10.89 -14.25 1.84
C ALA A 143 10.21 -13.68 3.13
N GLU A 144 10.40 -14.29 4.31
CA GLU A 144 9.91 -13.72 5.62
C GLU A 144 11.09 -13.33 6.59
N THR A 145 10.92 -12.25 7.38
CA THR A 145 11.97 -11.69 8.29
C THR A 145 11.36 -11.22 9.65
N ASP A 146 11.53 -12.02 10.73
CA ASP A 146 11.09 -11.64 12.10
C ASP A 146 11.87 -10.45 12.78
N HIS A 147 11.16 -9.68 13.61
CA HIS A 147 11.75 -8.55 14.40
C HIS A 147 11.07 -8.40 15.80
N GLU A 148 11.73 -7.69 16.73
CA GLU A 148 11.19 -7.33 18.08
C GLU A 148 9.73 -6.75 18.27
N GLY A 149 9.18 -6.01 17.29
CA GLY A 149 7.70 -5.78 17.23
C GLY A 149 7.04 -5.72 15.82
N PHE A 150 7.52 -6.52 14.85
CA PHE A 150 6.88 -6.69 13.50
C PHE A 150 7.53 -7.89 12.71
N THR A 151 6.81 -8.50 11.75
CA THR A 151 7.45 -9.25 10.62
C THR A 151 7.25 -8.48 9.27
N LEU A 152 8.30 -8.42 8.43
CA LEU A 152 8.10 -8.23 6.96
C LEU A 152 8.00 -9.62 6.28
N GLN A 153 6.87 -9.85 5.61
CA GLN A 153 6.71 -10.94 4.61
C GLN A 153 6.64 -10.36 3.14
N GLU A 154 7.60 -10.78 2.28
CA GLU A 154 7.60 -10.55 0.81
C GLU A 154 6.88 -11.73 0.04
N TRP A 155 6.03 -11.41 -0.95
CA TRP A 155 5.18 -12.41 -1.68
C TRP A 155 5.20 -12.21 -3.24
N VAL A 156 4.79 -13.23 -4.03
CA VAL A 156 4.98 -13.25 -5.53
C VAL A 156 3.77 -13.71 -6.44
N ARG A 157 2.57 -14.03 -5.90
CA ARG A 157 1.36 -14.46 -6.69
C ARG A 157 1.33 -15.91 -7.27
N SER A 158 0.10 -16.40 -7.52
CA SER A 158 -0.20 -17.68 -8.22
C SER A 158 0.60 -18.07 -9.52
N ALA A 159 1.74 -18.74 -9.31
CA ALA A 159 2.55 -19.31 -10.41
C ALA A 159 2.05 -20.68 -10.98
N SER A 160 1.89 -21.74 -10.16
CA SER A 160 1.54 -23.10 -10.64
C SER A 160 0.00 -23.39 -10.54
N SER A 161 -0.74 -22.98 -11.58
CA SER A 161 -2.24 -23.14 -11.64
C SER A 161 -2.77 -24.62 -11.82
N ARG A 162 -2.37 -25.34 -12.89
CA ARG A 162 -2.67 -26.80 -13.01
C ARG A 162 -1.46 -27.46 -13.73
#